data_9CT6
#
_entry.id   9CT6
#
_cell.length_a   1.00
_cell.length_b   1.00
_cell.length_c   1.00
_cell.angle_alpha   90.00
_cell.angle_beta   90.00
_cell.angle_gamma   90.00
#
_symmetry.space_group_name_H-M   'P 1'
#
loop_
_entity.id
_entity.type
_entity.pdbx_description
1 polymer 'Stimulator of interferon genes protein'
2 non-polymer 1-[(2E)-4-{5-carbamoyl-2-[(1-ethyl-3-methyl-1H-pyrazole-5-carbonyl)amino]-7-methoxy-1H-1,3-benzimidazol-1-yl}but-2-en-1-yl]-2-[(1-ethyl-3-methyl-1H-pyrazole-5-carbonyl)amino]-7-[3-(morpholin-4-yl)propoxy]-1H-1,3-benzimidazole-5-carboxamide
3 non-polymer 1-[(2-chloro-6-fluorophenyl)methyl]-3,3-dimethyl-2-oxo-N-[(2,4,6-trifluorophenyl)methyl]-2,3-dihydro-1H-indole-6-carboxamide
#
_entity_poly.entity_id   1
_entity_poly.type   'polypeptide(L)'
_entity_poly.pdbx_seq_one_letter_code
;MPHSSLHPSIPCPRGHGAQKAALVLLSACLVTLWGLGEPPEHTLRYLVLHLASLQLGLLLNGVCSLAEELRHIHSRYRGS
YWRTVRACLGCPLRRGALLLLSIYFYYSLPNAVGPPFTWMLALLGLSQALNILLGLKGLAPAEISAVCEKGNFNVAHGLA
WSYYIGYLRLILPELQARIRTYNQHYNNLLRGAVSQRLYILLPLDCGVPDNLSMADPNIRFLDKLPQQTGDHAGIKDRVY
SNSIYELLENGQRAGTCVLEYATPLQTLFAMSQYSQAGFSREDRLEQAKLFCRTLEDILADAPESQNNCRLIAYQEPADD
SSFSLSQEVLRHLRQEEKEEVTVGGGSGGGSGGSAWSHPQFEK
;
_entity_poly.pdbx_strand_id   A,B,C,D,E,F,G,H,I,J,K,L
#
loop_
_chem_comp.id
_chem_comp.type
_chem_comp.name
_chem_comp.formula
9IM non-polymer 1-[(2-chloro-6-fluorophenyl)methyl]-3,3-dimethyl-2-oxo-N-[(2,4,6-trifluorophenyl)methyl]-2,3-dihydro-1H-indole-6-carboxamide 'C25 H19 Cl F4 N2 O2'
A1AZ0 non-polymer 1-[(2E)-4-{5-carbamoyl-2-[(1-ethyl-3-methyl-1H-pyrazole-5-carbonyl)amino]-7-methoxy-1H-1,3-benzimidazol-1-yl}but-2-en-1-yl]-2-[(1-ethyl-3-methyl-1H-pyrazole-5-carbonyl)amino]-7-[3-(morpholin-4-yl)propoxy]-1H-1,3-benzimidazole-5-carboxamide 'C42 H51 N13 O7'
#
# COMPACT_ATOMS: atom_id res chain seq x y z
N SER A 5 -10.73 -50.78 21.62
CA SER A 5 -11.86 -51.59 21.18
C SER A 5 -12.18 -51.34 19.71
N LEU A 6 -11.19 -50.84 18.98
CA LEU A 6 -11.37 -50.60 17.55
C LEU A 6 -11.61 -51.90 16.81
N HIS A 7 -10.87 -52.94 17.14
CA HIS A 7 -10.98 -54.25 16.51
C HIS A 7 -10.91 -55.31 17.59
N PRO A 8 -11.59 -56.45 17.40
CA PRO A 8 -11.50 -57.54 18.39
C PRO A 8 -10.11 -58.12 18.54
N SER A 9 -9.14 -57.73 17.71
CA SER A 9 -7.79 -58.27 17.73
C SER A 9 -6.76 -57.21 18.13
N ILE A 10 -7.08 -56.41 19.14
CA ILE A 10 -6.16 -55.43 19.70
C ILE A 10 -6.09 -55.67 21.20
N PRO A 11 -4.90 -55.83 21.78
CA PRO A 11 -4.81 -56.16 23.21
C PRO A 11 -5.16 -54.97 24.09
N CYS A 12 -5.51 -55.29 25.33
CA CYS A 12 -5.78 -54.33 26.38
C CYS A 12 -4.56 -54.17 27.28
N PRO A 13 -4.44 -53.04 27.98
CA PRO A 13 -3.31 -52.88 28.91
C PRO A 13 -3.32 -53.96 29.97
N ARG A 14 -2.11 -54.37 30.37
CA ARG A 14 -1.96 -55.44 31.33
C ARG A 14 -2.62 -55.07 32.66
N GLY A 15 -3.40 -55.98 33.21
CA GLY A 15 -4.10 -55.78 34.46
C GLY A 15 -3.31 -56.27 35.65
N HIS A 16 -4.04 -56.64 36.70
CA HIS A 16 -3.44 -57.15 37.93
C HIS A 16 -3.86 -58.60 38.19
N GLY A 17 -4.10 -59.36 37.12
CA GLY A 17 -4.46 -60.75 37.28
C GLY A 17 -3.37 -61.58 37.94
N ALA A 18 -2.12 -61.27 37.64
CA ALA A 18 -1.01 -61.99 38.26
C ALA A 18 -1.02 -61.82 39.77
N GLN A 19 -1.21 -60.59 40.24
CA GLN A 19 -1.24 -60.35 41.68
C GLN A 19 -2.43 -61.02 42.34
N LYS A 20 -3.60 -60.96 41.70
CA LYS A 20 -4.79 -61.58 42.27
C LYS A 20 -4.63 -63.09 42.37
N ALA A 21 -4.12 -63.72 41.30
CA ALA A 21 -3.91 -65.16 41.32
C ALA A 21 -2.83 -65.54 42.33
N ALA A 22 -1.79 -64.71 42.47
CA ALA A 22 -0.77 -64.97 43.46
C ALA A 22 -1.35 -64.91 44.86
N LEU A 23 -2.22 -63.94 45.13
CA LEU A 23 -2.85 -63.85 46.45
C LEU A 23 -3.75 -65.06 46.70
N VAL A 24 -4.52 -65.48 45.70
CA VAL A 24 -5.41 -66.63 45.87
C VAL A 24 -4.61 -67.90 46.15
N LEU A 25 -3.56 -68.12 45.36
CA LEU A 25 -2.74 -69.31 45.55
C LEU A 25 -1.96 -69.24 46.87
N LEU A 26 -1.60 -68.03 47.31
CA LEU A 26 -0.97 -67.88 48.61
C LEU A 26 -1.94 -68.23 49.74
N SER A 27 -3.20 -67.84 49.61
CA SER A 27 -4.20 -68.23 50.60
C SER A 27 -4.38 -69.75 50.61
N ALA A 28 -4.42 -70.38 49.44
CA ALA A 28 -4.53 -71.83 49.38
C ALA A 28 -3.31 -72.51 50.00
N CYS A 29 -2.12 -71.96 49.74
CA CYS A 29 -0.90 -72.51 50.32
C CYS A 29 -0.89 -72.35 51.84
N LEU A 30 -1.39 -71.22 52.34
CA LEU A 30 -1.50 -71.04 53.78
C LEU A 30 -2.46 -72.05 54.39
N VAL A 31 -3.58 -72.31 53.71
CA VAL A 31 -4.53 -73.32 54.18
C VAL A 31 -3.87 -74.69 54.23
N THR A 32 -3.12 -75.04 53.18
CA THR A 32 -2.43 -76.32 53.15
C THR A 32 -1.39 -76.42 54.26
N LEU A 33 -0.63 -75.34 54.50
CA LEU A 33 0.37 -75.35 55.55
C LEU A 33 -0.28 -75.51 56.93
N TRP A 34 -1.41 -74.84 57.15
CA TRP A 34 -2.11 -74.99 58.42
C TRP A 34 -2.66 -76.40 58.58
N GLY A 35 -3.14 -76.99 57.49
CA GLY A 35 -3.62 -78.37 57.56
C GLY A 35 -2.52 -79.35 57.87
N LEU A 36 -1.34 -79.18 57.27
CA LEU A 36 -0.21 -80.04 57.56
C LEU A 36 0.26 -79.89 59.01
N GLY A 37 0.27 -78.67 59.53
CA GLY A 37 0.66 -78.45 60.92
C GLY A 37 2.11 -78.75 61.23
N GLU A 38 3.01 -78.36 60.33
CA GLU A 38 4.43 -78.54 60.57
C GLU A 38 4.91 -77.57 61.64
N PRO A 39 6.03 -77.87 62.30
CA PRO A 39 6.59 -76.93 63.28
C PRO A 39 6.87 -75.57 62.66
N PRO A 40 6.25 -74.51 63.19
CA PRO A 40 6.40 -73.18 62.57
C PRO A 40 7.83 -72.65 62.55
N GLU A 41 8.66 -73.02 63.53
CA GLU A 41 10.00 -72.45 63.63
C GLU A 41 10.85 -72.82 62.44
N HIS A 42 10.81 -74.08 62.02
CA HIS A 42 11.59 -74.51 60.86
C HIS A 42 11.19 -73.76 59.60
N THR A 43 9.88 -73.64 59.37
CA THR A 43 9.39 -72.93 58.20
C THR A 43 9.79 -71.47 58.24
N LEU A 44 9.68 -70.83 59.39
CA LEU A 44 10.04 -69.41 59.51
C LEU A 44 11.51 -69.19 59.25
N ARG A 45 12.38 -70.00 59.87
CA ARG A 45 13.81 -69.82 59.68
C ARG A 45 14.21 -70.11 58.24
N TYR A 46 13.62 -71.15 57.64
CA TYR A 46 13.90 -71.46 56.24
C TYR A 46 13.47 -70.31 55.34
N LEU A 47 12.30 -69.72 55.59
CA LEU A 47 11.83 -68.59 54.80
C LEU A 47 12.77 -67.40 54.93
N VAL A 48 13.18 -67.09 56.15
CA VAL A 48 14.05 -65.94 56.38
C VAL A 48 15.38 -66.13 55.68
N LEU A 49 15.97 -67.32 55.82
CA LEU A 49 17.26 -67.58 55.20
C LEU A 49 17.15 -67.65 53.68
N HIS A 50 16.02 -68.15 53.16
CA HIS A 50 15.81 -68.18 51.71
C HIS A 50 15.72 -66.76 51.15
N LEU A 51 14.98 -65.89 51.82
CA LEU A 51 14.91 -64.50 51.39
C LEU A 51 16.28 -63.82 51.49
N ALA A 52 17.03 -64.12 52.55
CA ALA A 52 18.37 -63.56 52.69
C ALA A 52 19.28 -64.03 51.56
N SER A 53 19.21 -65.32 51.21
CA SER A 53 20.02 -65.84 50.11
C SER A 53 19.63 -65.20 48.79
N LEU A 54 18.33 -64.98 48.57
CA LEU A 54 17.90 -64.29 47.36
C LEU A 54 18.46 -62.87 47.31
N GLN A 55 18.43 -62.16 48.44
CA GLN A 55 18.99 -60.82 48.48
C GLN A 55 20.48 -60.82 48.18
N LEU A 56 21.21 -61.78 48.75
CA LEU A 56 22.65 -61.83 48.52
C LEU A 56 22.99 -62.20 47.08
N GLY A 57 22.20 -63.10 46.48
CA GLY A 57 22.38 -63.38 45.07
C GLY A 57 22.11 -62.18 44.19
N LEU A 58 21.06 -61.42 44.51
CA LEU A 58 20.82 -60.17 43.80
C LEU A 58 21.98 -59.21 43.99
N LEU A 59 22.56 -59.19 45.19
CA LEU A 59 23.71 -58.32 45.44
C LEU A 59 24.90 -58.68 44.57
N LEU A 60 25.22 -59.99 44.48
CA LEU A 60 26.36 -60.37 43.65
C LEU A 60 26.08 -60.16 42.17
N ASN A 61 24.83 -60.36 41.74
CA ASN A 61 24.46 -60.03 40.36
C ASN A 61 24.66 -58.54 40.09
N GLY A 62 24.27 -57.69 41.05
CA GLY A 62 24.49 -56.27 40.90
C GLY A 62 25.95 -55.89 40.87
N VAL A 63 26.78 -56.58 41.67
CA VAL A 63 28.21 -56.33 41.65
C VAL A 63 28.80 -56.70 40.29
N CYS A 64 28.38 -57.85 39.74
CA CYS A 64 28.86 -58.25 38.42
C CYS A 64 28.42 -57.24 37.36
N SER A 65 27.19 -56.74 37.47
CA SER A 65 26.73 -55.70 36.54
C SER A 65 27.55 -54.43 36.68
N LEU A 66 27.80 -54.00 37.91
CA LEU A 66 28.57 -52.78 38.15
C LEU A 66 29.99 -52.92 37.64
N ALA A 67 30.54 -54.13 37.64
CA ALA A 67 31.89 -54.32 37.14
C ALA A 67 32.02 -53.91 35.68
N GLU A 68 31.03 -54.27 34.86
CA GLU A 68 31.04 -53.79 33.48
C GLU A 68 30.58 -52.34 33.38
N GLU A 69 29.68 -51.91 34.27
CA GLU A 69 29.15 -50.55 34.18
C GLU A 69 30.19 -49.50 34.56
N LEU A 70 31.25 -49.89 35.27
CA LEU A 70 32.30 -48.93 35.61
C LEU A 70 32.90 -48.30 34.36
N ARG A 71 32.91 -49.02 33.24
CA ARG A 71 33.38 -48.46 31.97
C ARG A 71 32.32 -47.63 31.26
N HIS A 72 31.06 -47.72 31.69
CA HIS A 72 29.96 -46.97 31.08
C HIS A 72 29.60 -45.72 31.88
N ILE A 73 30.35 -45.40 32.93
CA ILE A 73 30.00 -44.27 33.78
C ILE A 73 30.11 -42.95 33.04
N HIS A 74 31.09 -42.82 32.15
CA HIS A 74 31.32 -41.56 31.45
C HIS A 74 30.27 -41.25 30.40
N SER A 75 29.48 -42.23 29.98
CA SER A 75 28.54 -42.03 28.88
C SER A 75 27.09 -42.21 29.28
N ARG A 76 26.73 -43.34 29.90
CA ARG A 76 25.33 -43.66 30.14
C ARG A 76 24.81 -43.17 31.48
N TYR A 77 25.68 -42.67 32.37
CA TYR A 77 25.22 -42.27 33.70
C TYR A 77 25.89 -40.98 34.15
N ARG A 78 26.18 -40.08 33.22
CA ARG A 78 26.65 -38.71 33.50
C ARG A 78 27.77 -38.66 34.53
N GLY A 79 28.60 -39.69 34.57
CA GLY A 79 29.80 -39.68 35.39
C GLY A 79 29.59 -39.60 36.89
N SER A 80 28.67 -40.40 37.43
CA SER A 80 28.46 -40.46 38.88
C SER A 80 28.36 -41.92 39.30
N TYR A 81 29.15 -42.30 40.31
CA TYR A 81 29.16 -43.67 40.79
C TYR A 81 27.83 -44.06 41.42
N TRP A 82 27.21 -43.15 42.18
CA TRP A 82 25.99 -43.48 42.89
C TRP A 82 24.83 -43.71 41.93
N ARG A 83 24.79 -42.96 40.82
CA ARG A 83 23.76 -43.22 39.80
C ARG A 83 23.89 -44.63 39.25
N THR A 84 25.11 -45.04 38.93
CA THR A 84 25.33 -46.39 38.41
C THR A 84 24.98 -47.45 39.44
N VAL A 85 25.34 -47.22 40.71
CA VAL A 85 25.02 -48.18 41.76
C VAL A 85 23.52 -48.32 41.92
N ARG A 86 22.80 -47.20 41.90
CA ARG A 86 21.35 -47.24 42.01
C ARG A 86 20.74 -47.96 40.81
N ALA A 87 21.28 -47.72 39.61
CA ALA A 87 20.75 -48.38 38.43
C ALA A 87 21.00 -49.89 38.44
N CYS A 88 22.11 -50.31 39.03
CA CYS A 88 22.46 -51.74 39.01
C CYS A 88 21.86 -52.54 40.15
N LEU A 89 21.79 -51.97 41.35
CA LEU A 89 21.35 -52.70 42.54
C LEU A 89 20.02 -52.21 43.07
N GLY A 90 19.23 -51.53 42.24
CA GLY A 90 17.96 -50.99 42.72
C GLY A 90 18.17 -49.81 43.65
N CYS A 91 17.21 -49.60 44.54
CA CYS A 91 17.32 -48.50 45.49
C CYS A 91 18.52 -48.73 46.40
N PRO A 92 19.46 -47.78 46.48
CA PRO A 92 20.70 -48.05 47.23
C PRO A 92 20.47 -48.27 48.71
N LEU A 93 19.73 -47.37 49.37
CA LEU A 93 19.57 -47.45 50.81
C LEU A 93 18.62 -48.58 51.22
N ARG A 94 17.55 -48.77 50.46
CA ARG A 94 16.62 -49.87 50.74
C ARG A 94 17.32 -51.23 50.55
N ARG A 95 18.08 -51.38 49.46
CA ARG A 95 18.82 -52.61 49.25
C ARG A 95 19.89 -52.79 50.31
N GLY A 96 20.50 -51.70 50.76
CA GLY A 96 21.47 -51.80 51.85
C GLY A 96 20.84 -52.30 53.14
N ALA A 97 19.65 -51.78 53.46
CA ALA A 97 18.95 -52.25 54.65
C ALA A 97 18.59 -53.73 54.53
N LEU A 98 18.09 -54.15 53.36
CA LEU A 98 17.75 -55.56 53.17
C LEU A 98 18.99 -56.43 53.24
N LEU A 99 20.10 -55.98 52.67
CA LEU A 99 21.34 -56.73 52.72
C LEU A 99 21.86 -56.87 54.14
N LEU A 100 21.77 -55.79 54.93
CA LEU A 100 22.21 -55.86 56.32
C LEU A 100 21.33 -56.80 57.13
N LEU A 101 20.02 -56.79 56.89
CA LEU A 101 19.15 -57.76 57.52
C LEU A 101 19.52 -59.18 57.12
N SER A 102 19.83 -59.38 55.84
CA SER A 102 20.25 -60.70 55.37
C SER A 102 21.54 -61.14 56.06
N ILE A 103 22.49 -60.23 56.19
CA ILE A 103 23.75 -60.55 56.86
C ILE A 103 23.50 -60.94 58.31
N TYR A 104 22.68 -60.17 59.01
CA TYR A 104 22.40 -60.48 60.41
C TYR A 104 21.70 -61.82 60.56
N PHE A 105 20.70 -62.10 59.72
CA PHE A 105 19.92 -63.32 59.86
C PHE A 105 20.57 -64.53 59.19
N TYR A 106 21.67 -64.35 58.49
CA TYR A 106 22.42 -65.47 57.93
C TYR A 106 23.66 -65.81 58.76
N TYR A 107 24.35 -64.78 59.27
CA TYR A 107 25.55 -65.01 60.09
C TYR A 107 25.20 -65.48 61.49
N SER A 108 24.07 -65.03 62.05
CA SER A 108 23.68 -65.37 63.41
C SER A 108 22.71 -66.53 63.48
N LEU A 109 21.84 -66.69 62.48
CA LEU A 109 20.91 -67.81 62.46
C LEU A 109 21.43 -68.90 61.53
N PRO A 110 21.83 -70.06 62.05
CA PRO A 110 22.33 -71.13 61.17
C PRO A 110 21.22 -71.72 60.29
N ASN A 111 21.58 -72.67 59.43
CA ASN A 111 20.62 -73.28 58.52
C ASN A 111 20.91 -74.76 58.42
N ALA A 112 19.89 -75.59 58.63
CA ALA A 112 20.05 -77.02 58.44
C ALA A 112 20.39 -77.35 56.99
N VAL A 113 19.71 -76.69 56.04
CA VAL A 113 20.10 -76.74 54.65
C VAL A 113 20.60 -75.36 54.22
N GLY A 114 21.90 -75.14 54.36
CA GLY A 114 22.50 -73.86 54.09
C GLY A 114 24.00 -73.88 54.26
N PRO A 115 24.72 -73.35 53.26
CA PRO A 115 26.18 -73.39 53.32
C PRO A 115 26.71 -72.48 54.41
N PRO A 116 27.88 -72.80 54.98
CA PRO A 116 28.53 -71.85 55.89
C PRO A 116 28.94 -70.58 55.16
N PHE A 117 29.26 -69.55 55.95
CA PHE A 117 29.41 -68.21 55.40
C PHE A 117 30.41 -68.16 54.25
N THR A 118 31.62 -68.69 54.46
CA THR A 118 32.60 -68.72 53.37
C THR A 118 32.14 -69.63 52.23
N TRP A 119 31.59 -70.80 52.56
CA TRP A 119 31.11 -71.69 51.53
C TRP A 119 29.83 -71.15 50.89
N MET A 120 29.03 -70.39 51.64
CA MET A 120 27.90 -69.69 51.05
C MET A 120 28.37 -68.69 50.00
N LEU A 121 29.39 -67.89 50.33
CA LEU A 121 29.91 -66.93 49.37
C LEU A 121 30.46 -67.63 48.14
N ALA A 122 31.22 -68.72 48.36
CA ALA A 122 31.79 -69.45 47.23
C ALA A 122 30.69 -70.01 46.31
N LEU A 123 29.70 -70.69 46.89
CA LEU A 123 28.64 -71.28 46.09
C LEU A 123 27.78 -70.22 45.41
N LEU A 124 27.50 -69.11 46.09
CA LEU A 124 26.68 -68.06 45.49
C LEU A 124 27.43 -67.39 44.34
N GLY A 125 28.74 -67.18 44.49
CA GLY A 125 29.52 -66.67 43.37
C GLY A 125 29.54 -67.65 42.21
N LEU A 126 29.67 -68.94 42.50
CA LEU A 126 29.64 -69.95 41.44
C LEU A 126 28.31 -69.93 40.71
N SER A 127 27.20 -69.88 41.46
CA SER A 127 25.88 -69.86 40.85
C SER A 127 25.65 -68.60 40.02
N GLN A 128 26.09 -67.45 40.54
CA GLN A 128 25.94 -66.21 39.78
C GLN A 128 26.75 -66.23 38.50
N ALA A 129 27.99 -66.75 38.57
CA ALA A 129 28.81 -66.86 37.37
C ALA A 129 28.17 -67.79 36.35
N LEU A 130 27.65 -68.92 36.81
CA LEU A 130 27.00 -69.86 35.89
C LEU A 130 25.76 -69.23 35.25
N ASN A 131 24.96 -68.52 36.05
CA ASN A 131 23.75 -67.89 35.51
C ASN A 131 24.10 -66.80 34.51
N ILE A 132 25.15 -66.03 34.77
CA ILE A 132 25.54 -64.97 33.85
C ILE A 132 26.10 -65.55 32.56
N LEU A 133 26.96 -66.57 32.67
CA LEU A 133 27.59 -67.13 31.48
C LEU A 133 26.59 -67.89 30.61
N LEU A 134 25.78 -68.75 31.22
CA LEU A 134 24.84 -69.57 30.47
C LEU A 134 23.51 -68.87 30.21
N GLY A 135 23.27 -67.71 30.81
CA GLY A 135 22.00 -67.02 30.62
C GLY A 135 20.81 -67.79 31.13
N LEU A 136 20.97 -68.54 32.23
CA LEU A 136 19.87 -69.31 32.76
C LEU A 136 18.75 -68.43 33.30
N LYS A 137 19.11 -67.32 33.95
CA LYS A 137 18.13 -66.40 34.51
C LYS A 137 17.67 -65.39 33.45
N GLY A 138 17.07 -65.93 32.40
CA GLY A 138 16.54 -65.13 31.31
C GLY A 138 15.06 -64.87 31.48
N LEU A 139 14.64 -63.66 31.13
CA LEU A 139 13.24 -63.27 31.26
C LEU A 139 12.39 -63.94 30.19
N ALA A 140 11.29 -64.52 30.61
CA ALA A 140 10.34 -65.06 29.64
C ALA A 140 9.73 -63.90 28.84
N PRO A 141 9.40 -64.10 27.57
CA PRO A 141 8.91 -62.99 26.74
C PRO A 141 7.64 -62.34 27.27
N ALA A 142 6.81 -63.05 28.06
CA ALA A 142 5.67 -62.40 28.67
C ALA A 142 6.10 -61.31 29.65
N GLU A 143 7.09 -61.61 30.48
CA GLU A 143 7.60 -60.59 31.41
C GLU A 143 8.31 -59.48 30.66
N ILE A 144 8.98 -59.81 29.55
CA ILE A 144 9.61 -58.78 28.72
C ILE A 144 8.54 -57.82 28.19
N SER A 145 7.44 -58.36 27.69
CA SER A 145 6.36 -57.52 27.18
C SER A 145 5.72 -56.71 28.30
N ALA A 146 5.57 -57.30 29.48
CA ALA A 146 5.00 -56.56 30.61
C ALA A 146 5.89 -55.39 31.00
N VAL A 147 7.19 -55.62 31.07
CA VAL A 147 8.12 -54.54 31.41
C VAL A 147 8.12 -53.48 30.31
N CYS A 148 8.07 -53.90 29.04
CA CYS A 148 8.06 -52.94 27.94
C CYS A 148 6.81 -52.08 27.97
N GLU A 149 5.66 -52.67 28.26
CA GLU A 149 4.40 -51.93 28.28
C GLU A 149 4.16 -51.19 29.59
N LYS A 150 4.95 -51.47 30.62
CA LYS A 150 4.82 -50.73 31.88
C LYS A 150 5.59 -49.43 31.84
N GLY A 151 6.84 -49.48 31.39
CA GLY A 151 7.67 -48.30 31.21
C GLY A 151 7.64 -47.71 29.81
N ASN A 152 6.74 -48.17 28.95
CA ASN A 152 6.60 -47.69 27.58
C ASN A 152 7.89 -47.90 26.79
N PHE A 153 8.42 -49.12 26.85
CA PHE A 153 9.59 -49.51 26.08
C PHE A 153 9.17 -50.25 24.81
N ASN A 154 8.56 -49.50 23.90
CA ASN A 154 8.13 -50.07 22.63
C ASN A 154 8.29 -49.04 21.52
N VAL A 155 8.66 -49.52 20.33
CA VAL A 155 8.76 -48.64 19.17
C VAL A 155 7.38 -48.14 18.76
N ALA A 156 6.33 -48.89 19.10
CA ALA A 156 4.97 -48.46 18.78
C ALA A 156 4.61 -47.18 19.53
N HIS A 157 5.03 -47.07 20.79
CA HIS A 157 4.79 -45.84 21.54
C HIS A 157 5.38 -44.64 20.83
N GLY A 158 6.65 -44.76 20.39
CA GLY A 158 7.28 -43.67 19.67
C GLY A 158 6.60 -43.37 18.35
N LEU A 159 6.24 -44.41 17.60
CA LEU A 159 5.60 -44.18 16.31
C LEU A 159 4.26 -43.49 16.48
N ALA A 160 3.46 -43.92 17.46
CA ALA A 160 2.14 -43.34 17.66
C ALA A 160 2.24 -41.89 18.12
N TRP A 161 3.12 -41.62 19.07
CA TRP A 161 3.25 -40.24 19.53
C TRP A 161 3.84 -39.33 18.45
N SER A 162 4.77 -39.84 17.66
CA SER A 162 5.31 -39.04 16.56
C SER A 162 4.23 -38.75 15.54
N TYR A 163 3.40 -39.75 15.23
CA TYR A 163 2.31 -39.54 14.29
C TYR A 163 1.31 -38.53 14.80
N TYR A 164 1.06 -38.52 16.11
CA TYR A 164 0.13 -37.53 16.67
C TYR A 164 0.73 -36.14 16.67
N ILE A 165 1.99 -36.01 17.10
CA ILE A 165 2.58 -34.68 17.26
C ILE A 165 2.86 -34.03 15.92
N GLY A 166 3.41 -34.78 14.98
CA GLY A 166 3.90 -34.19 13.75
C GLY A 166 2.86 -33.94 12.66
N TYR A 167 1.88 -34.82 12.55
CA TYR A 167 0.93 -34.77 11.44
C TYR A 167 -0.50 -34.46 11.91
N LEU A 168 -1.05 -35.27 12.80
CA LEU A 168 -2.46 -35.12 13.16
C LEU A 168 -2.71 -33.82 13.91
N ARG A 169 -1.83 -33.47 14.85
CA ARG A 169 -2.04 -32.27 15.65
C ARG A 169 -1.98 -31.00 14.83
N LEU A 170 -1.48 -31.08 13.60
CA LEU A 170 -1.35 -29.91 12.75
C LEU A 170 -2.41 -29.84 11.65
N ILE A 171 -3.13 -30.93 11.37
CA ILE A 171 -4.15 -30.93 10.33
C ILE A 171 -5.55 -31.09 10.88
N LEU A 172 -5.73 -31.72 12.04
CA LEU A 172 -7.07 -31.89 12.59
C LEU A 172 -7.80 -30.56 12.83
N PRO A 173 -7.16 -29.49 13.34
CA PRO A 173 -7.91 -28.23 13.51
C PRO A 173 -8.44 -27.66 12.20
N GLU A 174 -7.57 -27.43 11.22
CA GLU A 174 -7.98 -26.76 9.99
C GLU A 174 -8.78 -27.64 9.05
N LEU A 175 -8.81 -28.96 9.28
CA LEU A 175 -9.52 -29.85 8.38
C LEU A 175 -11.03 -29.60 8.41
N GLN A 176 -11.59 -29.31 9.59
CA GLN A 176 -13.02 -29.02 9.67
C GLN A 176 -13.37 -27.79 8.86
N ALA A 177 -12.57 -26.73 8.99
CA ALA A 177 -12.81 -25.51 8.22
C ALA A 177 -12.67 -25.77 6.73
N ARG A 178 -11.65 -26.56 6.34
CA ARG A 178 -11.46 -26.86 4.92
C ARG A 178 -12.61 -27.65 4.35
N ILE A 179 -13.10 -28.64 5.10
CA ILE A 179 -14.24 -29.43 4.64
C ILE A 179 -15.48 -28.58 4.52
N ARG A 180 -15.71 -27.69 5.50
CA ARG A 180 -16.86 -26.79 5.43
C ARG A 180 -16.78 -25.89 4.21
N THR A 181 -15.61 -25.33 3.94
CA THR A 181 -15.44 -24.47 2.76
C THR A 181 -15.67 -25.24 1.46
N TYR A 182 -15.08 -26.44 1.36
CA TYR A 182 -15.24 -27.24 0.15
C TYR A 182 -16.67 -27.66 -0.07
N ASN A 183 -17.42 -27.89 1.02
CA ASN A 183 -18.85 -28.20 0.89
C ASN A 183 -19.63 -26.96 0.47
N GLN A 184 -19.24 -25.79 0.98
CA GLN A 184 -19.97 -24.57 0.64
C GLN A 184 -19.82 -24.20 -0.83
N HIS A 185 -18.59 -24.28 -1.38
CA HIS A 185 -18.42 -23.94 -2.79
C HIS A 185 -19.16 -24.90 -3.71
N TYR A 186 -18.98 -26.20 -3.51
CA TYR A 186 -19.51 -27.21 -4.42
C TYR A 186 -20.76 -27.82 -3.82
N ASN A 187 -21.90 -27.57 -4.46
CA ASN A 187 -23.17 -28.17 -4.07
C ASN A 187 -23.45 -29.42 -4.91
N ASN A 188 -22.51 -30.36 -4.85
CA ASN A 188 -22.61 -31.60 -5.61
C ASN A 188 -21.82 -32.71 -4.94
N GLY A 192 -24.41 -33.71 -3.30
CA GLY A 192 -24.33 -34.32 -1.98
C GLY A 192 -23.52 -33.50 -1.00
N ALA A 193 -23.12 -34.12 0.10
CA ALA A 193 -22.33 -33.46 1.14
C ALA A 193 -21.17 -34.35 1.53
N VAL A 194 -20.07 -33.71 1.93
CA VAL A 194 -18.86 -34.40 2.35
C VAL A 194 -18.79 -34.39 3.87
N SER A 195 -18.46 -35.55 4.45
CA SER A 195 -18.41 -35.67 5.90
C SER A 195 -17.27 -34.83 6.47
N GLN A 196 -17.43 -34.41 7.73
CA GLN A 196 -16.51 -33.51 8.39
C GLN A 196 -15.51 -34.23 9.28
N ARG A 197 -15.21 -35.49 8.98
CA ARG A 197 -14.32 -36.29 9.82
C ARG A 197 -13.27 -36.98 8.96
N LEU A 198 -12.02 -36.95 9.40
CA LEU A 198 -10.95 -37.71 8.77
C LEU A 198 -10.99 -39.14 9.28
N TYR A 199 -11.17 -40.10 8.36
CA TYR A 199 -11.23 -41.51 8.72
C TYR A 199 -9.87 -42.14 8.44
N ILE A 200 -9.10 -42.36 9.50
CA ILE A 200 -7.76 -42.92 9.37
C ILE A 200 -7.88 -44.44 9.34
N LEU A 201 -7.42 -45.04 8.25
CA LEU A 201 -7.49 -46.48 8.11
C LEU A 201 -6.24 -47.13 8.68
N LEU A 202 -6.43 -48.16 9.50
CA LEU A 202 -5.35 -48.89 10.15
C LEU A 202 -5.39 -50.33 9.67
N PRO A 203 -4.63 -50.67 8.63
CA PRO A 203 -4.49 -52.07 8.21
C PRO A 203 -3.58 -52.83 9.17
N LEU A 204 -4.17 -53.70 9.98
CA LEU A 204 -3.39 -54.40 11.00
C LEU A 204 -2.37 -55.36 10.40
N ASP A 205 -2.57 -55.76 9.14
CA ASP A 205 -1.61 -56.64 8.48
C ASP A 205 -0.41 -55.89 7.91
N CYS A 206 -0.39 -54.56 8.03
CA CYS A 206 0.68 -53.70 7.52
C CYS A 206 0.82 -53.79 6.00
N GLY A 207 -0.25 -54.19 5.31
CA GLY A 207 -0.26 -54.15 3.86
C GLY A 207 -0.73 -52.79 3.37
N VAL A 208 0.20 -51.94 2.98
CA VAL A 208 -0.10 -50.55 2.66
C VAL A 208 0.18 -50.28 1.19
N PRO A 209 -0.82 -50.36 0.32
CA PRO A 209 -0.61 -49.98 -1.08
C PRO A 209 -0.53 -48.47 -1.23
N ASP A 210 0.10 -48.04 -2.33
CA ASP A 210 0.20 -46.61 -2.62
C ASP A 210 -1.17 -46.00 -2.87
N ASN A 211 -2.04 -46.71 -3.59
CA ASN A 211 -3.35 -46.21 -3.97
C ASN A 211 -4.43 -46.99 -3.22
N LEU A 212 -5.29 -46.26 -2.50
CA LEU A 212 -6.43 -46.85 -1.81
C LEU A 212 -7.61 -47.09 -2.73
N SER A 213 -7.62 -46.48 -3.92
CA SER A 213 -8.73 -46.68 -4.84
C SER A 213 -8.80 -48.12 -5.34
N MET A 214 -7.65 -48.80 -5.41
CA MET A 214 -7.60 -50.18 -5.88
C MET A 214 -7.75 -51.20 -4.75
N ALA A 215 -7.85 -50.76 -3.50
CA ALA A 215 -8.05 -51.69 -2.40
C ALA A 215 -9.38 -52.41 -2.52
N ASP A 216 -10.44 -51.67 -2.89
CA ASP A 216 -11.76 -52.24 -3.11
C ASP A 216 -12.45 -51.41 -4.18
N PRO A 217 -13.15 -52.04 -5.12
CA PRO A 217 -13.78 -51.27 -6.21
C PRO A 217 -14.77 -50.23 -5.73
N ASN A 218 -15.44 -50.46 -4.59
CA ASN A 218 -16.45 -49.52 -4.12
C ASN A 218 -15.83 -48.20 -3.68
N ILE A 219 -14.65 -48.23 -3.07
CA ILE A 219 -13.96 -47.02 -2.68
C ILE A 219 -13.26 -46.44 -3.91
N ARG A 220 -13.55 -45.19 -4.23
CA ARG A 220 -12.96 -44.56 -5.41
C ARG A 220 -12.61 -43.11 -5.11
N PHE A 221 -11.40 -42.71 -5.52
CA PHE A 221 -10.96 -41.33 -5.35
C PHE A 221 -11.87 -40.38 -6.11
N LEU A 222 -12.23 -39.27 -5.48
CA LEU A 222 -13.14 -38.30 -6.08
C LEU A 222 -12.50 -36.97 -6.38
N ASP A 223 -11.76 -36.39 -5.44
CA ASP A 223 -11.17 -35.08 -5.59
C ASP A 223 -10.19 -34.85 -4.46
N LYS A 224 -9.14 -34.08 -4.73
CA LYS A 224 -8.23 -33.66 -3.68
C LYS A 224 -8.83 -32.44 -2.99
N LEU A 225 -8.78 -32.44 -1.66
CA LEU A 225 -9.46 -31.40 -0.91
C LEU A 225 -8.61 -30.13 -0.92
N PRO A 226 -9.15 -29.00 -1.38
CA PRO A 226 -8.33 -27.78 -1.47
C PRO A 226 -7.88 -27.28 -0.12
N GLN A 227 -6.71 -26.66 -0.10
CA GLN A 227 -6.13 -26.13 1.14
C GLN A 227 -6.90 -24.90 1.60
N ARG A 238 2.99 -26.35 5.14
CA ARG A 238 1.55 -26.44 5.34
C ARG A 238 0.86 -27.02 4.10
N VAL A 239 1.65 -27.67 3.24
CA VAL A 239 1.12 -28.27 2.03
C VAL A 239 0.60 -29.66 2.35
N TYR A 240 -0.65 -29.74 2.78
CA TYR A 240 -1.28 -31.02 3.11
C TYR A 240 -2.28 -31.36 2.00
N SER A 241 -1.99 -32.45 1.28
CA SER A 241 -2.82 -32.90 0.18
C SER A 241 -3.65 -34.08 0.64
N ASN A 242 -4.96 -33.86 0.80
CA ASN A 242 -5.90 -34.89 1.22
C ASN A 242 -6.80 -35.23 0.05
N SER A 243 -6.83 -36.50 -0.33
CA SER A 243 -7.68 -36.98 -1.41
C SER A 243 -8.91 -37.63 -0.80
N ILE A 244 -10.09 -37.11 -1.12
CA ILE A 244 -11.34 -37.63 -0.57
C ILE A 244 -11.78 -38.80 -1.43
N TYR A 245 -12.41 -39.79 -0.80
CA TYR A 245 -12.87 -40.98 -1.48
C TYR A 245 -14.37 -41.12 -1.29
N GLU A 246 -15.06 -41.45 -2.37
CA GLU A 246 -16.49 -41.74 -2.33
C GLU A 246 -16.72 -43.24 -2.37
N LEU A 247 -17.77 -43.67 -1.69
CA LEU A 247 -18.07 -45.07 -1.46
C LEU A 247 -19.22 -45.48 -2.36
N LEU A 248 -19.05 -46.60 -3.06
CA LEU A 248 -20.04 -47.09 -4.02
C LEU A 248 -20.90 -48.15 -3.35
N GLU A 249 -22.22 -47.95 -3.39
CA GLU A 249 -23.20 -48.91 -2.90
C GLU A 249 -23.89 -49.52 -4.11
N ASN A 250 -23.40 -50.68 -4.53
CA ASN A 250 -23.87 -51.34 -5.76
C ASN A 250 -23.76 -50.41 -6.96
N GLY A 251 -22.66 -49.65 -7.01
CA GLY A 251 -22.44 -48.70 -8.08
C GLY A 251 -23.05 -47.33 -7.86
N GLN A 252 -23.70 -47.10 -6.72
CA GLN A 252 -24.33 -45.83 -6.42
C GLN A 252 -23.52 -45.06 -5.39
N ARG A 253 -23.47 -43.75 -5.55
CA ARG A 253 -22.70 -42.89 -4.64
C ARG A 253 -23.45 -42.78 -3.32
N ALA A 254 -23.10 -43.63 -2.36
CA ALA A 254 -23.72 -43.57 -1.04
C ALA A 254 -23.23 -42.35 -0.26
N GLY A 255 -21.94 -42.07 -0.32
CA GLY A 255 -21.39 -40.94 0.41
C GLY A 255 -19.93 -40.77 0.09
N THR A 256 -19.28 -39.85 0.80
CA THR A 256 -17.87 -39.59 0.60
C THR A 256 -17.25 -39.12 1.90
N CYS A 257 -15.94 -39.33 2.02
CA CYS A 257 -15.23 -38.96 3.24
C CYS A 257 -13.76 -38.75 2.91
N VAL A 258 -13.10 -37.97 3.76
CA VAL A 258 -11.65 -37.74 3.63
C VAL A 258 -10.96 -38.95 4.25
N LEU A 259 -10.49 -39.87 3.41
CA LEU A 259 -9.99 -41.16 3.84
C LEU A 259 -8.51 -41.28 3.50
N GLU A 260 -7.74 -41.87 4.41
CA GLU A 260 -6.31 -42.03 4.22
C GLU A 260 -5.79 -43.18 5.07
N TYR A 261 -4.61 -43.65 4.72
CA TYR A 261 -3.91 -44.67 5.50
C TYR A 261 -3.16 -44.04 6.66
N ALA A 262 -2.47 -44.90 7.42
CA ALA A 262 -1.57 -44.49 8.49
C ALA A 262 -0.14 -44.82 8.04
N THR A 263 0.62 -43.79 7.69
CA THR A 263 1.99 -43.98 7.23
C THR A 263 2.89 -44.74 8.21
N PRO A 264 2.79 -44.56 9.54
CA PRO A 264 3.65 -45.35 10.42
C PRO A 264 3.47 -46.85 10.26
N LEU A 265 2.29 -47.34 9.87
CA LEU A 265 2.12 -48.76 9.61
C LEU A 265 2.96 -49.18 8.40
N GLN A 266 2.99 -48.35 7.36
CA GLN A 266 3.85 -48.62 6.22
C GLN A 266 5.32 -48.63 6.63
N THR A 267 5.70 -47.70 7.51
CA THR A 267 7.08 -47.69 8.00
C THR A 267 7.38 -48.92 8.84
N LEU A 268 6.40 -49.42 9.59
CA LEU A 268 6.57 -50.66 10.34
C LEU A 268 6.80 -51.84 9.41
N PHE A 269 6.02 -51.91 8.33
CA PHE A 269 6.22 -52.98 7.35
C PHE A 269 7.59 -52.89 6.70
N ALA A 270 8.01 -51.67 6.34
CA ALA A 270 9.34 -51.51 5.75
C ALA A 270 10.45 -51.84 6.75
N MET A 271 10.24 -51.54 8.03
CA MET A 271 11.17 -51.95 9.07
C MET A 271 11.28 -53.47 9.13
N SER A 272 10.14 -54.15 9.06
CA SER A 272 10.15 -55.61 9.07
C SER A 272 10.84 -56.17 7.84
N GLN A 273 10.74 -55.49 6.70
CA GLN A 273 11.38 -55.97 5.48
C GLN A 273 12.90 -56.02 5.64
N TYR A 274 13.48 -54.99 6.24
CA TYR A 274 14.93 -54.88 6.32
C TYR A 274 15.49 -55.87 7.33
N SER A 275 16.81 -56.06 7.26
CA SER A 275 17.53 -56.95 8.16
C SER A 275 18.39 -56.19 9.17
N GLN A 276 18.43 -54.87 9.11
CA GLN A 276 19.16 -54.06 10.07
C GLN A 276 18.28 -53.58 11.22
N ALA A 277 17.02 -54.00 11.27
CA ALA A 277 16.09 -53.55 12.29
C ALA A 277 15.85 -54.58 13.38
N GLY A 278 16.13 -55.86 13.12
CA GLY A 278 15.79 -56.89 14.10
C GLY A 278 14.32 -56.91 14.44
N PHE A 279 13.46 -56.85 13.42
CA PHE A 279 12.04 -56.60 13.59
C PHE A 279 11.27 -57.68 12.83
N SER A 280 10.96 -58.78 13.53
CA SER A 280 10.32 -59.92 12.91
C SER A 280 8.85 -59.62 12.61
N ARG A 281 8.23 -60.52 11.83
CA ARG A 281 6.84 -60.33 11.44
C ARG A 281 5.91 -60.40 12.65
N GLU A 282 6.17 -61.34 13.57
CA GLU A 282 5.39 -61.39 14.81
C GLU A 282 5.57 -60.12 15.62
N ASP A 283 6.81 -59.66 15.75
CA ASP A 283 7.07 -58.39 16.43
C ASP A 283 6.42 -57.24 15.69
N ARG A 284 6.42 -57.29 14.35
CA ARG A 284 5.77 -56.23 13.58
C ARG A 284 4.28 -56.17 13.89
N LEU A 285 3.62 -57.33 13.95
CA LEU A 285 2.19 -57.35 14.25
C LEU A 285 1.92 -56.87 15.67
N GLU A 286 2.76 -57.29 16.63
CA GLU A 286 2.59 -56.84 18.01
C GLU A 286 2.71 -55.32 18.10
N GLN A 287 3.75 -54.76 17.48
CA GLN A 287 3.93 -53.31 17.51
C GLN A 287 2.85 -52.59 16.73
N ALA A 288 2.30 -53.21 15.67
CA ALA A 288 1.20 -52.59 14.94
C ALA A 288 -0.04 -52.49 15.81
N LYS A 289 -0.36 -53.56 16.54
CA LYS A 289 -1.52 -53.50 17.43
C LYS A 289 -1.29 -52.48 18.55
N LEU A 290 -0.08 -52.43 19.10
CA LEU A 290 0.21 -51.47 20.15
C LEU A 290 0.12 -50.03 19.61
N PHE A 291 0.59 -49.82 18.37
CA PHE A 291 0.39 -48.54 17.67
C PHE A 291 -1.08 -48.17 17.57
N CYS A 292 -1.92 -49.11 17.12
CA CYS A 292 -3.32 -48.77 16.95
C CYS A 292 -3.97 -48.41 18.27
N ARG A 293 -3.68 -49.17 19.32
CA ARG A 293 -4.28 -48.86 20.62
C ARG A 293 -3.74 -47.55 21.20
N THR A 294 -2.43 -47.30 21.06
CA THR A 294 -1.85 -46.07 21.58
C THR A 294 -2.42 -44.85 20.87
N LEU A 295 -2.56 -44.93 19.54
CA LEU A 295 -3.15 -43.82 18.81
C LEU A 295 -4.61 -43.62 19.21
N GLU A 296 -5.33 -44.73 19.41
CA GLU A 296 -6.70 -44.63 19.92
C GLU A 296 -6.74 -43.84 21.22
N ASP A 297 -5.89 -44.20 22.18
CA ASP A 297 -5.89 -43.53 23.48
C ASP A 297 -5.53 -42.05 23.32
N ILE A 298 -4.49 -41.76 22.54
CA ILE A 298 -4.03 -40.38 22.40
C ILE A 298 -5.10 -39.52 21.75
N LEU A 299 -5.73 -40.01 20.69
CA LEU A 299 -6.78 -39.24 20.04
C LEU A 299 -8.02 -39.13 20.91
N ALA A 300 -8.30 -40.13 21.75
CA ALA A 300 -9.41 -40.02 22.68
C ALA A 300 -9.16 -38.92 23.70
N ASP A 301 -7.94 -38.81 24.19
CA ASP A 301 -7.61 -37.77 25.16
C ASP A 301 -7.05 -36.50 24.53
N ALA A 302 -6.95 -36.44 23.21
CA ALA A 302 -6.40 -35.26 22.55
C ALA A 302 -7.35 -34.07 22.67
N PRO A 303 -6.81 -32.85 22.74
CA PRO A 303 -7.68 -31.67 22.76
C PRO A 303 -8.19 -31.30 21.37
N GLU A 304 -7.36 -31.50 20.35
CA GLU A 304 -7.79 -31.20 18.99
C GLU A 304 -8.79 -32.22 18.47
N SER A 305 -8.65 -33.48 18.86
CA SER A 305 -9.50 -34.55 18.35
C SER A 305 -10.77 -34.68 19.18
N GLN A 306 -11.59 -33.62 19.11
CA GLN A 306 -12.92 -33.62 19.73
C GLN A 306 -13.93 -34.00 18.64
N ASN A 307 -14.06 -35.31 18.42
CA ASN A 307 -14.90 -35.87 17.35
C ASN A 307 -14.47 -35.34 15.99
N ASN A 308 -13.17 -35.06 15.82
CA ASN A 308 -12.66 -34.56 14.56
C ASN A 308 -12.12 -35.66 13.66
N CYS A 309 -11.55 -36.73 14.24
CA CYS A 309 -10.99 -37.82 13.48
C CYS A 309 -11.52 -39.15 14.04
N ARG A 310 -11.74 -40.10 13.14
CA ARG A 310 -12.23 -41.42 13.50
C ARG A 310 -11.28 -42.47 12.96
N LEU A 311 -10.93 -43.45 13.79
CA LEU A 311 -10.01 -44.51 13.40
C LEU A 311 -10.80 -45.75 13.00
N ILE A 312 -10.46 -46.31 11.85
CA ILE A 312 -11.08 -47.52 11.33
C ILE A 312 -9.96 -48.55 11.22
N ALA A 313 -9.86 -49.43 12.22
CA ALA A 313 -8.81 -50.45 12.25
C ALA A 313 -9.37 -51.78 11.78
N TYR A 314 -8.73 -52.38 10.78
CA TYR A 314 -9.19 -53.64 10.24
C TYR A 314 -7.99 -54.53 9.95
N GLN A 315 -8.20 -55.84 10.15
CA GLN A 315 -7.22 -56.86 9.80
C GLN A 315 -7.76 -57.68 8.65
N GLU A 316 -6.98 -57.81 7.59
CA GLU A 316 -7.45 -58.53 6.41
C GLU A 316 -7.52 -60.02 6.69
N PRO A 317 -8.67 -60.68 6.53
CA PRO A 317 -8.83 -62.11 6.79
C PRO A 317 -8.31 -62.97 5.63
N PHE A 323 -14.65 -59.69 3.64
CA PHE A 323 -14.45 -58.36 4.18
C PHE A 323 -14.56 -57.29 3.10
N SER A 324 -15.41 -56.30 3.34
CA SER A 324 -15.58 -55.17 2.43
C SER A 324 -15.31 -53.89 3.19
N LEU A 325 -14.35 -53.10 2.68
CA LEU A 325 -13.95 -51.88 3.38
C LEU A 325 -15.03 -50.80 3.30
N SER A 326 -15.72 -50.71 2.15
CA SER A 326 -16.73 -49.68 1.97
C SER A 326 -17.87 -49.83 2.96
N GLN A 327 -18.29 -51.07 3.22
CA GLN A 327 -19.37 -51.28 4.18
C GLN A 327 -18.95 -50.85 5.58
N GLU A 328 -17.71 -51.13 5.97
CA GLU A 328 -17.22 -50.70 7.28
C GLU A 328 -17.18 -49.17 7.37
N VAL A 329 -16.65 -48.52 6.34
CA VAL A 329 -16.56 -47.07 6.36
C VAL A 329 -17.95 -46.45 6.40
N LEU A 330 -18.91 -47.05 5.69
CA LEU A 330 -20.28 -46.53 5.69
C LEU A 330 -20.95 -46.74 7.04
N ARG A 331 -20.78 -47.93 7.64
CA ARG A 331 -21.40 -48.17 8.94
C ARG A 331 -20.80 -47.29 10.01
N HIS A 332 -19.53 -46.88 9.85
CA HIS A 332 -18.98 -45.86 10.73
C HIS A 332 -19.51 -44.48 10.40
N LEU A 333 -19.81 -44.22 9.11
CA LEU A 333 -20.38 -42.95 8.72
C LEU A 333 -21.77 -42.76 9.32
N SER B 5 32.60 -42.15 19.99
CA SER B 5 32.74 -42.11 18.54
C SER B 5 32.09 -40.87 17.96
N LEU B 6 30.77 -40.91 17.82
CA LEU B 6 30.04 -39.75 17.31
C LEU B 6 30.12 -38.57 18.26
N HIS B 7 30.20 -38.84 19.56
CA HIS B 7 30.32 -37.81 20.58
C HIS B 7 30.92 -38.44 21.82
N PRO B 8 31.62 -37.68 22.66
CA PRO B 8 32.16 -38.27 23.89
C PRO B 8 31.10 -38.86 24.81
N SER B 9 29.88 -38.33 24.80
CA SER B 9 28.83 -38.77 25.70
C SER B 9 27.92 -39.84 25.10
N ILE B 10 28.14 -40.22 23.85
CA ILE B 10 27.29 -41.25 23.24
C ILE B 10 27.61 -42.60 23.87
N PRO B 11 26.63 -43.32 24.42
CA PRO B 11 26.90 -44.63 25.01
C PRO B 11 27.22 -45.65 23.93
N CYS B 12 28.43 -46.19 23.97
CA CYS B 12 28.82 -47.21 23.02
C CYS B 12 28.00 -48.48 23.24
N PRO B 13 27.85 -49.31 22.20
CA PRO B 13 27.10 -50.56 22.37
C PRO B 13 27.70 -51.41 23.48
N ARG B 14 26.82 -52.08 24.22
CA ARG B 14 27.23 -52.83 25.40
C ARG B 14 28.23 -53.92 25.03
N GLY B 15 29.34 -53.96 25.76
CA GLY B 15 30.36 -54.96 25.56
C GLY B 15 30.12 -56.19 26.42
N HIS B 16 31.10 -57.10 26.40
CA HIS B 16 31.06 -58.31 27.20
C HIS B 16 31.71 -58.14 28.56
N GLY B 17 31.69 -56.92 29.11
CA GLY B 17 32.27 -56.70 30.42
C GLY B 17 31.62 -57.52 31.51
N ALA B 18 30.31 -57.74 31.41
CA ALA B 18 29.64 -58.61 32.36
C ALA B 18 30.18 -60.04 32.28
N GLN B 19 30.42 -60.53 31.07
CA GLN B 19 31.02 -61.85 30.90
C GLN B 19 32.45 -61.88 31.44
N LYS B 20 33.21 -60.79 31.23
CA LYS B 20 34.56 -60.72 31.77
C LYS B 20 34.55 -60.79 33.30
N ALA B 21 33.65 -60.03 33.94
CA ALA B 21 33.52 -60.07 35.38
C ALA B 21 33.06 -61.44 35.86
N ALA B 22 32.17 -62.09 35.11
CA ALA B 22 31.74 -63.43 35.46
C ALA B 22 32.91 -64.41 35.41
N LEU B 23 33.76 -64.30 34.38
CA LEU B 23 34.93 -65.16 34.29
C LEU B 23 35.90 -64.92 35.43
N VAL B 24 36.12 -63.64 35.79
CA VAL B 24 37.03 -63.32 36.89
C VAL B 24 36.50 -63.88 38.20
N LEU B 25 35.21 -63.67 38.46
CA LEU B 25 34.60 -64.19 39.68
C LEU B 25 34.57 -65.72 39.68
N LEU B 26 34.46 -66.35 38.51
CA LEU B 26 34.50 -67.80 38.43
C LEU B 26 35.89 -68.32 38.74
N SER B 27 36.93 -67.63 38.27
CA SER B 27 38.29 -68.01 38.64
C SER B 27 38.52 -67.87 40.15
N ALA B 28 38.02 -66.77 40.73
CA ALA B 28 38.13 -66.61 42.18
C ALA B 28 37.36 -67.70 42.91
N CYS B 29 36.19 -68.08 42.38
CA CYS B 29 35.40 -69.15 42.98
C CYS B 29 36.13 -70.48 42.89
N LEU B 30 36.79 -70.76 41.77
CA LEU B 30 37.60 -71.97 41.65
C LEU B 30 38.72 -71.97 42.70
N VAL B 31 39.37 -70.82 42.87
CA VAL B 31 40.44 -70.72 43.86
C VAL B 31 39.91 -71.01 45.27
N THR B 32 38.78 -70.41 45.62
CA THR B 32 38.27 -70.57 46.98
C THR B 32 37.66 -71.95 47.20
N LEU B 33 37.12 -72.58 46.15
CA LEU B 33 36.65 -73.97 46.27
C LEU B 33 37.83 -74.92 46.45
N TRP B 34 38.94 -74.67 45.76
CA TRP B 34 40.14 -75.46 46.00
C TRP B 34 40.63 -75.26 47.43
N GLY B 35 40.60 -74.01 47.92
CA GLY B 35 41.08 -73.74 49.27
C GLY B 35 40.22 -74.38 50.35
N LEU B 36 38.90 -74.30 50.21
CA LEU B 36 38.01 -74.76 51.27
C LEU B 36 38.12 -76.26 51.49
N GLY B 37 38.18 -77.04 50.43
CA GLY B 37 38.37 -78.47 50.55
C GLY B 37 37.19 -79.24 51.10
N GLU B 38 36.10 -79.31 50.34
CA GLU B 38 34.94 -80.11 50.68
C GLU B 38 34.67 -81.12 49.56
N PRO B 39 34.16 -82.30 49.89
CA PRO B 39 33.80 -83.28 48.84
C PRO B 39 32.88 -82.67 47.81
N PRO B 40 33.15 -82.90 46.52
CA PRO B 40 32.38 -82.20 45.47
C PRO B 40 30.97 -82.75 45.28
N GLU B 41 30.65 -83.93 45.82
CA GLU B 41 29.29 -84.45 45.68
C GLU B 41 28.28 -83.55 46.37
N HIS B 42 28.60 -83.07 47.58
CA HIS B 42 27.71 -82.16 48.28
C HIS B 42 27.55 -80.86 47.50
N THR B 43 28.65 -80.32 46.97
CA THR B 43 28.58 -79.10 46.19
C THR B 43 27.68 -79.27 44.97
N LEU B 44 27.87 -80.37 44.24
CA LEU B 44 27.06 -80.61 43.04
C LEU B 44 25.59 -80.79 43.39
N ARG B 45 25.30 -81.54 44.47
CA ARG B 45 23.91 -81.75 44.85
C ARG B 45 23.25 -80.44 45.28
N TYR B 46 23.96 -79.62 46.05
CA TYR B 46 23.38 -78.35 46.50
C TYR B 46 23.20 -77.40 45.34
N LEU B 47 24.13 -77.39 44.38
CA LEU B 47 23.94 -76.57 43.18
C LEU B 47 22.73 -77.03 42.39
N VAL B 48 22.56 -78.35 42.24
CA VAL B 48 21.40 -78.87 41.52
C VAL B 48 20.12 -78.49 42.24
N LEU B 49 20.12 -78.55 43.57
CA LEU B 49 18.93 -78.16 44.33
C LEU B 49 18.65 -76.67 44.18
N HIS B 50 19.69 -75.84 44.14
CA HIS B 50 19.51 -74.40 43.92
C HIS B 50 18.88 -74.13 42.56
N LEU B 51 19.38 -74.81 41.52
CA LEU B 51 18.78 -74.66 40.19
C LEU B 51 17.35 -75.18 40.17
N ALA B 52 17.07 -76.25 40.91
CA ALA B 52 15.69 -76.75 40.98
C ALA B 52 14.77 -75.74 41.65
N SER B 53 15.24 -75.10 42.73
CA SER B 53 14.46 -74.07 43.38
C SER B 53 14.22 -72.88 42.45
N LEU B 54 15.25 -72.50 41.69
CA LEU B 54 15.08 -71.43 40.71
C LEU B 54 14.04 -71.81 39.66
N GLN B 55 14.09 -73.05 39.18
CA GLN B 55 13.11 -73.51 38.19
C GLN B 55 11.71 -73.50 38.76
N LEU B 56 11.54 -73.94 40.01
CA LEU B 56 10.21 -73.92 40.62
C LEU B 56 9.70 -72.50 40.81
N GLY B 57 10.56 -71.58 41.23
CA GLY B 57 10.14 -70.19 41.35
C GLY B 57 9.75 -69.60 40.01
N LEU B 58 10.53 -69.90 38.96
CA LEU B 58 10.18 -69.44 37.62
C LEU B 58 8.86 -70.05 37.18
N LEU B 59 8.61 -71.31 37.52
CA LEU B 59 7.35 -71.95 37.17
C LEU B 59 6.17 -71.27 37.86
N LEU B 60 6.34 -70.92 39.14
CA LEU B 60 5.27 -70.23 39.86
C LEU B 60 5.02 -68.84 39.26
N ASN B 61 6.08 -68.10 38.94
CA ASN B 61 5.91 -66.81 38.30
C ASN B 61 5.23 -66.95 36.96
N GLY B 62 5.59 -67.98 36.19
CA GLY B 62 4.92 -68.22 34.93
C GLY B 62 3.47 -68.61 35.09
N VAL B 63 3.13 -69.34 36.15
CA VAL B 63 1.74 -69.67 36.44
C VAL B 63 0.94 -68.40 36.69
N CYS B 64 1.49 -67.50 37.51
CA CYS B 64 0.82 -66.24 37.76
C CYS B 64 0.68 -65.42 36.48
N SER B 65 1.74 -65.38 35.66
CA SER B 65 1.68 -64.64 34.41
C SER B 65 0.65 -65.23 33.45
N LEU B 66 0.54 -66.56 33.42
CA LEU B 66 -0.48 -67.20 32.59
C LEU B 66 -1.88 -66.88 33.09
N ALA B 67 -2.06 -66.84 34.41
CA ALA B 67 -3.33 -66.40 34.96
C ALA B 67 -3.65 -64.98 34.52
N GLU B 68 -2.62 -64.13 34.42
CA GLU B 68 -2.81 -62.78 33.90
C GLU B 68 -3.20 -62.81 32.43
N GLU B 69 -2.52 -63.63 31.63
CA GLU B 69 -2.74 -63.70 30.18
C GLU B 69 -3.99 -64.47 29.80
N LEU B 70 -4.70 -65.06 30.78
CA LEU B 70 -5.98 -65.70 30.47
C LEU B 70 -6.91 -64.75 29.74
N ARG B 71 -6.90 -63.47 30.10
CA ARG B 71 -7.74 -62.47 29.46
C ARG B 71 -7.06 -61.78 28.29
N HIS B 72 -5.81 -62.14 27.97
CA HIS B 72 -5.11 -61.58 26.83
C HIS B 72 -4.94 -62.56 25.68
N ILE B 73 -5.15 -63.85 25.92
CA ILE B 73 -4.81 -64.88 24.93
C ILE B 73 -5.50 -64.63 23.60
N HIS B 74 -6.74 -64.13 23.64
CA HIS B 74 -7.51 -63.98 22.40
C HIS B 74 -7.07 -62.81 21.55
N SER B 75 -6.17 -61.95 22.04
CA SER B 75 -5.68 -60.83 21.25
C SER B 75 -4.16 -60.81 21.10
N ARG B 76 -3.40 -61.15 22.14
CA ARG B 76 -1.96 -61.18 22.07
C ARG B 76 -1.42 -62.45 21.43
N TYR B 77 -2.25 -63.48 21.30
CA TYR B 77 -1.80 -64.75 20.73
C TYR B 77 -2.81 -65.35 19.75
N ARG B 78 -3.85 -64.59 19.36
CA ARG B 78 -4.90 -65.07 18.46
C ARG B 78 -5.58 -66.32 19.02
N GLY B 79 -5.77 -66.35 20.33
CA GLY B 79 -6.47 -67.44 20.98
C GLY B 79 -5.79 -68.79 20.88
N SER B 80 -4.48 -68.83 21.07
CA SER B 80 -3.72 -70.08 21.04
C SER B 80 -2.97 -70.23 22.36
N TYR B 81 -3.22 -71.34 23.06
CA TYR B 81 -2.60 -71.56 24.36
C TYR B 81 -1.10 -71.82 24.23
N TRP B 82 -0.67 -72.37 23.09
CA TRP B 82 0.75 -72.65 22.90
C TRP B 82 1.58 -71.37 22.93
N ARG B 83 1.10 -70.32 22.25
CA ARG B 83 1.82 -69.05 22.26
C ARG B 83 1.82 -68.44 23.65
N THR B 84 0.72 -68.55 24.39
CA THR B 84 0.67 -68.04 25.75
C THR B 84 1.70 -68.74 26.64
N VAL B 85 1.76 -70.07 26.55
CA VAL B 85 2.72 -70.83 27.35
C VAL B 85 4.15 -70.48 26.95
N ARG B 86 4.40 -70.34 25.65
CA ARG B 86 5.74 -69.96 25.19
C ARG B 86 6.13 -68.57 25.69
N ALA B 87 5.19 -67.63 25.67
CA ALA B 87 5.48 -66.29 26.17
C ALA B 87 5.76 -66.31 27.67
N CYS B 88 4.97 -67.06 28.43
CA CYS B 88 5.11 -67.07 29.88
C CYS B 88 6.25 -67.96 30.36
N LEU B 89 6.82 -68.81 29.50
CA LEU B 89 7.85 -69.73 29.94
C LEU B 89 9.00 -69.86 28.94
N GLY B 90 9.17 -68.89 28.03
CA GLY B 90 10.27 -68.98 27.09
C GLY B 90 10.08 -70.11 26.09
N CYS B 91 11.20 -70.64 25.62
CA CYS B 91 11.17 -71.72 24.64
C CYS B 91 10.44 -72.93 25.22
N PRO B 92 9.47 -73.51 24.50
CA PRO B 92 8.67 -74.61 25.08
C PRO B 92 9.50 -75.84 25.41
N LEU B 93 10.20 -76.38 24.41
CA LEU B 93 10.92 -77.63 24.60
C LEU B 93 12.04 -77.49 25.62
N ARG B 94 12.85 -76.42 25.49
CA ARG B 94 13.99 -76.24 26.38
C ARG B 94 13.56 -76.02 27.82
N ARG B 95 12.59 -75.13 28.03
CA ARG B 95 12.13 -74.86 29.40
C ARG B 95 11.42 -76.08 29.98
N GLY B 96 10.65 -76.80 29.16
CA GLY B 96 10.00 -78.01 29.64
C GLY B 96 11.00 -79.07 30.07
N ALA B 97 12.05 -79.27 29.26
CA ALA B 97 13.09 -80.22 29.62
C ALA B 97 13.80 -79.80 30.90
N LEU B 98 14.11 -78.49 31.03
CA LEU B 98 14.77 -78.02 32.24
C LEU B 98 13.90 -78.22 33.47
N LEU B 99 12.60 -77.90 33.36
CA LEU B 99 11.69 -78.07 34.49
C LEU B 99 11.55 -79.54 34.88
N LEU B 100 11.42 -80.43 33.88
CA LEU B 100 11.30 -81.85 34.18
C LEU B 100 12.57 -82.38 34.83
N LEU B 101 13.75 -81.96 34.33
CA LEU B 101 15.00 -82.41 34.94
C LEU B 101 15.12 -81.91 36.37
N SER B 102 14.76 -80.64 36.61
CA SER B 102 14.82 -80.10 37.96
C SER B 102 13.86 -80.83 38.90
N ILE B 103 12.65 -81.12 38.42
CA ILE B 103 11.68 -81.84 39.23
C ILE B 103 12.18 -83.24 39.56
N TYR B 104 12.75 -83.94 38.56
CA TYR B 104 13.27 -85.27 38.79
C TYR B 104 14.41 -85.25 39.80
N PHE B 105 15.33 -84.29 39.68
CA PHE B 105 16.44 -84.20 40.62
C PHE B 105 15.95 -83.87 42.02
N TYR B 106 14.98 -82.96 42.14
CA TYR B 106 14.46 -82.61 43.45
C TYR B 106 13.73 -83.78 44.10
N TYR B 107 12.99 -84.55 43.29
CA TYR B 107 12.31 -85.73 43.82
C TYR B 107 13.29 -86.81 44.22
N SER B 108 14.37 -86.98 43.46
CA SER B 108 15.34 -88.04 43.74
C SER B 108 16.29 -87.64 44.87
N LEU B 109 16.97 -86.51 44.71
CA LEU B 109 17.93 -86.07 45.72
C LEU B 109 17.20 -85.75 47.02
N PRO B 110 17.68 -86.24 48.17
CA PRO B 110 17.05 -85.99 49.47
C PRO B 110 17.29 -84.57 49.97
N PRO B 116 11.89 -83.88 53.91
CA PRO B 116 10.63 -83.26 53.49
C PRO B 116 10.63 -82.89 52.01
N PHE B 117 9.53 -83.20 51.32
CA PHE B 117 9.41 -82.93 49.89
C PHE B 117 8.28 -81.98 49.55
N THR B 118 7.14 -82.09 50.21
CA THR B 118 5.99 -81.25 49.92
C THR B 118 5.93 -79.99 50.77
N TRP B 119 6.35 -80.07 52.04
CA TRP B 119 6.37 -78.88 52.89
C TRP B 119 7.34 -77.83 52.36
N MET B 120 8.53 -78.27 51.92
CA MET B 120 9.47 -77.34 51.32
C MET B 120 8.89 -76.73 50.05
N LEU B 121 8.18 -77.52 49.25
CA LEU B 121 7.55 -77.00 48.04
C LEU B 121 6.51 -75.94 48.37
N ALA B 122 5.69 -76.18 49.40
CA ALA B 122 4.68 -75.20 49.79
C ALA B 122 5.32 -73.93 50.31
N LEU B 123 6.38 -74.05 51.11
CA LEU B 123 7.08 -72.87 51.60
C LEU B 123 7.70 -72.08 50.45
N LEU B 124 8.28 -72.78 49.48
CA LEU B 124 8.84 -72.11 48.30
C LEU B 124 7.76 -71.40 47.51
N GLY B 125 6.59 -72.03 47.36
CA GLY B 125 5.49 -71.37 46.68
C GLY B 125 5.03 -70.11 47.40
N LEU B 126 4.92 -70.19 48.73
CA LEU B 126 4.53 -69.01 49.49
C LEU B 126 5.56 -67.89 49.36
N SER B 127 6.85 -68.25 49.39
CA SER B 127 7.91 -67.25 49.24
C SER B 127 7.84 -66.60 47.86
N GLN B 128 7.62 -67.40 46.81
CA GLN B 128 7.54 -66.85 45.47
C GLN B 128 6.33 -65.94 45.31
N ALA B 129 5.18 -66.34 45.89
CA ALA B 129 4.00 -65.48 45.83
C ALA B 129 4.23 -64.17 46.58
N LEU B 130 4.88 -64.23 47.73
CA LEU B 130 5.19 -63.00 48.47
C LEU B 130 6.11 -62.10 47.66
N ASN B 131 7.12 -62.68 47.01
CA ASN B 131 8.01 -61.90 46.16
C ASN B 131 7.24 -61.29 44.99
N ILE B 132 6.25 -62.02 44.46
CA ILE B 132 5.46 -61.51 43.35
C ILE B 132 4.63 -60.31 43.78
N LEU B 133 3.99 -60.41 44.95
CA LEU B 133 3.09 -59.33 45.38
C LEU B 133 3.86 -58.09 45.78
N LEU B 134 4.75 -58.20 46.77
CA LEU B 134 5.46 -57.03 47.28
C LEU B 134 6.38 -56.43 46.20
N GLY B 135 7.22 -57.26 45.60
CA GLY B 135 8.12 -56.79 44.56
C GLY B 135 9.57 -56.72 44.97
N LEU B 136 10.00 -57.65 45.83
CA LEU B 136 11.40 -57.68 46.23
C LEU B 136 12.32 -57.98 45.05
N LYS B 137 11.89 -58.89 44.17
CA LYS B 137 12.67 -59.27 42.99
C LYS B 137 12.49 -58.25 41.87
N GLY B 138 12.78 -57.00 42.21
CA GLY B 138 12.64 -55.93 41.23
C GLY B 138 13.71 -55.97 40.17
N LEU B 139 13.34 -55.54 38.97
CA LEU B 139 14.27 -55.47 37.86
C LEU B 139 15.02 -54.15 37.89
N ALA B 140 16.34 -54.21 38.06
CA ALA B 140 17.14 -53.01 38.14
C ALA B 140 17.08 -52.24 36.82
N PRO B 141 17.11 -50.91 36.87
CA PRO B 141 17.05 -50.13 35.61
C PRO B 141 18.16 -50.45 34.64
N ALA B 142 19.37 -50.76 35.14
CA ALA B 142 20.46 -51.11 34.24
C ALA B 142 20.15 -52.39 33.46
N GLU B 143 19.62 -53.40 34.14
CA GLU B 143 19.27 -54.64 33.44
C GLU B 143 18.09 -54.42 32.49
N ILE B 144 17.15 -53.57 32.88
CA ILE B 144 16.03 -53.25 31.98
C ILE B 144 16.55 -52.61 30.71
N SER B 145 17.46 -51.63 30.85
CA SER B 145 18.03 -50.97 29.68
C SER B 145 18.82 -51.95 28.83
N ALA B 146 19.59 -52.84 29.47
CA ALA B 146 20.37 -53.81 28.72
C ALA B 146 19.48 -54.74 27.92
N VAL B 147 18.42 -55.26 28.55
CA VAL B 147 17.52 -56.18 27.86
C VAL B 147 16.79 -55.47 26.72
N CYS B 148 16.33 -54.25 26.96
CA CYS B 148 15.62 -53.51 25.92
C CYS B 148 16.55 -53.21 24.75
N GLU B 149 17.79 -52.83 25.02
CA GLU B 149 18.75 -52.56 23.95
C GLU B 149 19.08 -53.82 23.17
N LYS B 150 19.26 -54.95 23.86
CA LYS B 150 19.56 -56.20 23.15
C LYS B 150 18.38 -56.64 22.29
N GLY B 151 17.16 -56.53 22.80
CA GLY B 151 15.97 -56.90 22.07
C GLY B 151 15.39 -55.82 21.19
N ASN B 152 16.01 -54.64 21.14
CA ASN B 152 15.52 -53.51 20.35
C ASN B 152 14.08 -53.16 20.71
N PHE B 153 13.83 -52.99 22.00
CA PHE B 153 12.53 -52.57 22.52
C PHE B 153 12.58 -51.12 23.00
N ASN B 154 13.29 -50.26 22.28
CA ASN B 154 13.49 -48.88 22.68
C ASN B 154 12.77 -47.93 21.73
N VAL B 155 12.23 -46.85 22.28
CA VAL B 155 11.44 -45.90 21.49
C VAL B 155 12.30 -45.25 20.41
N ALA B 156 13.53 -44.87 20.77
CA ALA B 156 14.40 -44.18 19.83
C ALA B 156 14.70 -45.03 18.61
N HIS B 157 14.76 -46.35 18.78
CA HIS B 157 14.97 -47.24 17.63
C HIS B 157 13.86 -47.06 16.60
N GLY B 158 12.61 -47.13 17.05
CA GLY B 158 11.50 -46.91 16.14
C GLY B 158 11.49 -45.52 15.54
N LEU B 159 11.77 -44.51 16.36
CA LEU B 159 11.77 -43.14 15.85
C LEU B 159 12.83 -42.95 14.77
N ALA B 160 14.03 -43.48 14.98
CA ALA B 160 15.10 -43.31 14.00
C ALA B 160 14.82 -44.11 12.74
N TRP B 161 14.31 -45.34 12.87
CA TRP B 161 14.01 -46.11 11.68
C TRP B 161 12.90 -45.46 10.87
N SER B 162 11.90 -44.87 11.53
CA SER B 162 10.87 -44.14 10.82
C SER B 162 11.45 -42.90 10.14
N TYR B 163 12.35 -42.18 10.83
CA TYR B 163 12.97 -41.02 10.23
C TYR B 163 13.76 -41.39 8.99
N TYR B 164 14.42 -42.55 9.01
CA TYR B 164 15.13 -43.02 7.82
C TYR B 164 14.15 -43.37 6.70
N ILE B 165 13.19 -44.26 7.00
CA ILE B 165 12.32 -44.80 5.96
C ILE B 165 11.45 -43.71 5.34
N GLY B 166 11.08 -42.70 6.12
CA GLY B 166 10.15 -41.71 5.64
C GLY B 166 10.78 -40.50 4.98
N TYR B 167 11.88 -40.00 5.53
CA TYR B 167 12.47 -38.74 5.07
C TYR B 167 13.82 -38.94 4.40
N LEU B 168 14.79 -39.55 5.08
CA LEU B 168 16.14 -39.64 4.54
C LEU B 168 16.18 -40.46 3.27
N ARG B 169 15.55 -41.63 3.28
CA ARG B 169 15.57 -42.51 2.12
C ARG B 169 14.90 -41.88 0.90
N LEU B 170 14.04 -40.88 1.11
CA LEU B 170 13.32 -40.24 0.03
C LEU B 170 14.00 -38.97 -0.50
N ILE B 171 14.87 -38.34 0.29
CA ILE B 171 15.48 -37.08 -0.13
C ILE B 171 16.97 -37.20 -0.39
N LEU B 172 17.67 -38.17 0.19
CA LEU B 172 19.11 -38.27 -0.04
C LEU B 172 19.48 -38.44 -1.51
N PRO B 173 18.82 -39.28 -2.31
CA PRO B 173 19.21 -39.39 -3.73
C PRO B 173 19.12 -38.08 -4.49
N GLU B 174 18.11 -37.25 -4.21
CA GLU B 174 17.89 -36.04 -4.98
C GLU B 174 18.53 -34.80 -4.35
N LEU B 175 18.99 -34.90 -3.11
CA LEU B 175 19.58 -33.75 -2.43
C LEU B 175 20.85 -33.29 -3.13
N GLN B 176 21.69 -34.24 -3.54
CA GLN B 176 22.93 -33.86 -4.23
C GLN B 176 22.64 -33.15 -5.54
N ALA B 177 21.65 -33.62 -6.29
CA ALA B 177 21.29 -32.97 -7.54
C ALA B 177 20.76 -31.56 -7.30
N ARG B 178 19.90 -31.39 -6.29
CA ARG B 178 19.37 -30.06 -5.99
C ARG B 178 20.49 -29.12 -5.54
N ILE B 179 21.41 -29.62 -4.71
CA ILE B 179 22.53 -28.81 -4.25
C ILE B 179 23.40 -28.40 -5.43
N ARG B 180 23.67 -29.33 -6.35
CA ARG B 180 24.47 -29.01 -7.52
C ARG B 180 23.79 -27.98 -8.40
N THR B 181 22.47 -28.10 -8.58
CA THR B 181 21.74 -27.10 -9.36
C THR B 181 21.84 -25.72 -8.71
N TYR B 182 21.65 -25.66 -7.40
CA TYR B 182 21.80 -24.37 -6.71
C TYR B 182 23.22 -23.84 -6.82
N ASN B 183 24.21 -24.72 -6.81
CA ASN B 183 25.60 -24.30 -6.95
C ASN B 183 25.86 -23.70 -8.33
N GLN B 184 25.31 -24.31 -9.37
CA GLN B 184 25.36 -23.66 -10.68
C GLN B 184 24.58 -22.35 -10.71
N HIS B 185 23.54 -22.22 -9.89
CA HIS B 185 22.78 -20.97 -9.86
C HIS B 185 23.60 -19.81 -9.30
N TYR B 186 24.41 -20.04 -8.28
CA TYR B 186 25.09 -18.98 -7.56
C TYR B 186 26.61 -19.10 -7.70
N ASN B 187 27.29 -17.97 -7.66
CA ASN B 187 28.73 -17.92 -7.73
C ASN B 187 29.24 -16.91 -6.71
N ASN B 188 30.57 -16.87 -6.55
CA ASN B 188 31.20 -15.96 -5.59
C ASN B 188 30.93 -14.50 -5.93
N GLY B 192 30.85 -18.24 -3.05
CA GLY B 192 29.45 -18.55 -2.81
C GLY B 192 29.06 -19.95 -3.22
N ALA B 193 29.73 -20.93 -2.64
CA ALA B 193 29.48 -22.35 -2.93
C ALA B 193 28.99 -23.04 -1.67
N VAL B 194 28.15 -24.06 -1.87
CA VAL B 194 27.59 -24.83 -0.76
C VAL B 194 28.09 -26.26 -0.83
N SER B 195 28.14 -26.91 0.32
CA SER B 195 28.61 -28.29 0.39
C SER B 195 27.53 -29.25 -0.11
N GLN B 196 27.97 -30.44 -0.50
CA GLN B 196 27.09 -31.47 -1.04
C GLN B 196 26.67 -32.49 0.02
N ARG B 197 26.59 -32.07 1.27
CA ARG B 197 26.19 -32.95 2.37
C ARG B 197 25.05 -32.33 3.15
N LEU B 198 24.26 -33.19 3.78
CA LEU B 198 23.18 -32.76 4.67
C LEU B 198 23.68 -32.86 6.11
N TYR B 199 23.60 -31.75 6.83
CA TYR B 199 24.07 -31.68 8.21
C TYR B 199 22.84 -31.71 9.12
N ILE B 200 22.48 -32.91 9.55
CA ILE B 200 21.33 -33.11 10.43
C ILE B 200 21.78 -32.85 11.86
N LEU B 201 21.38 -31.71 12.41
CA LEU B 201 21.79 -31.34 13.77
C LEU B 201 21.10 -32.22 14.79
N LEU B 202 21.87 -32.69 15.78
CA LEU B 202 21.37 -33.64 16.79
C LEU B 202 21.70 -33.11 18.17
N PRO B 203 21.01 -32.06 18.62
CA PRO B 203 21.23 -31.58 19.99
C PRO B 203 20.72 -32.59 21.00
N LEU B 204 21.62 -33.02 21.91
CA LEU B 204 21.25 -34.06 22.87
C LEU B 204 20.15 -33.59 23.81
N ASP B 205 20.13 -32.31 24.18
CA ASP B 205 19.09 -31.78 25.05
C ASP B 205 17.72 -31.77 24.39
N CYS B 206 17.66 -31.99 23.07
CA CYS B 206 16.42 -32.06 22.29
C CYS B 206 15.66 -30.75 22.27
N GLY B 207 16.25 -29.66 22.74
CA GLY B 207 15.62 -28.36 22.62
C GLY B 207 16.01 -27.69 21.33
N VAL B 208 15.15 -27.79 20.33
CA VAL B 208 15.40 -27.24 18.99
C VAL B 208 14.56 -25.97 18.84
N PRO B 209 15.17 -24.82 18.58
CA PRO B 209 14.38 -23.62 18.27
C PRO B 209 13.69 -23.77 16.91
N ASP B 210 12.80 -22.82 16.64
CA ASP B 210 12.11 -22.81 15.36
C ASP B 210 13.07 -22.56 14.21
N ASN B 211 14.05 -21.68 14.41
CA ASN B 211 15.00 -21.32 13.37
C ASN B 211 16.42 -21.40 13.92
N LEU B 212 17.38 -21.53 12.99
CA LEU B 212 18.79 -21.54 13.36
C LEU B 212 19.25 -20.21 13.94
N SER B 213 18.60 -19.11 13.53
CA SER B 213 19.02 -17.79 13.99
C SER B 213 18.83 -17.64 15.49
N MET B 214 17.71 -18.14 16.03
CA MET B 214 17.47 -18.03 17.46
C MET B 214 18.48 -18.84 18.25
N ALA B 215 18.85 -20.03 17.78
CA ALA B 215 19.79 -20.88 18.50
C ALA B 215 21.16 -20.23 18.59
N ASP B 216 21.63 -19.65 17.50
CA ASP B 216 22.98 -19.09 17.47
C ASP B 216 23.05 -17.93 16.48
N PRO B 217 23.41 -16.72 16.94
CA PRO B 217 23.57 -15.60 16.00
C PRO B 217 24.72 -15.79 15.03
N ASN B 218 25.66 -16.70 15.30
CA ASN B 218 26.76 -16.96 14.39
C ASN B 218 26.32 -17.73 13.15
N ILE B 219 25.09 -18.19 13.09
CA ILE B 219 24.55 -18.88 11.92
C ILE B 219 23.41 -18.04 11.37
N ARG B 220 23.48 -17.72 10.07
CA ARG B 220 22.49 -16.89 9.41
C ARG B 220 21.81 -17.70 8.32
N PHE B 221 20.53 -17.38 8.07
CA PHE B 221 19.80 -17.98 6.97
C PHE B 221 20.20 -17.33 5.66
N LEU B 222 20.42 -18.15 4.63
CA LEU B 222 20.84 -17.65 3.33
C LEU B 222 19.74 -17.80 2.28
N ASP B 223 19.24 -19.01 2.06
CA ASP B 223 18.27 -19.23 0.99
C ASP B 223 17.56 -20.55 1.22
N LYS B 224 16.63 -20.87 0.32
CA LYS B 224 15.89 -22.12 0.35
C LYS B 224 16.21 -22.92 -0.90
N LEU B 225 16.53 -24.19 -0.72
CA LEU B 225 16.89 -25.04 -1.85
C LEU B 225 15.70 -25.23 -2.78
N PRO B 226 15.89 -25.06 -4.09
CA PRO B 226 14.80 -25.32 -5.02
C PRO B 226 14.37 -26.78 -5.00
N GLN B 227 13.08 -26.99 -5.21
CA GLN B 227 12.51 -28.34 -5.16
C GLN B 227 12.12 -28.82 -6.55
N ARG B 238 5.12 -35.04 -3.48
CA ARG B 238 5.11 -34.14 -2.32
C ARG B 238 6.30 -33.18 -2.39
N VAL B 239 6.18 -32.04 -1.73
CA VAL B 239 7.19 -30.99 -1.77
C VAL B 239 8.12 -31.13 -0.57
N TYR B 240 9.42 -31.10 -0.84
CA TYR B 240 10.45 -31.13 0.20
C TYR B 240 11.19 -29.80 0.20
N SER B 241 11.24 -29.15 1.35
CA SER B 241 11.87 -27.85 1.50
C SER B 241 13.07 -27.96 2.44
N ASN B 242 14.22 -27.50 1.98
CA ASN B 242 15.43 -27.45 2.78
C ASN B 242 16.06 -26.08 2.66
N SER B 243 16.66 -25.60 3.74
CA SER B 243 17.21 -24.25 3.82
C SER B 243 18.73 -24.30 3.94
N ILE B 244 19.40 -23.48 3.14
CA ILE B 244 20.85 -23.33 3.20
C ILE B 244 21.16 -22.09 4.01
N TYR B 245 22.08 -22.21 4.96
CA TYR B 245 22.38 -21.18 5.94
C TYR B 245 23.79 -20.67 5.78
N GLU B 246 23.99 -19.40 6.14
CA GLU B 246 25.33 -18.83 6.24
C GLU B 246 26.00 -19.24 7.55
N LEU B 247 27.30 -19.46 7.49
CA LEU B 247 28.11 -19.84 8.65
C LEU B 247 29.08 -18.70 8.92
N LEU B 248 28.68 -17.78 9.78
CA LEU B 248 29.52 -16.66 10.14
C LEU B 248 30.63 -17.08 11.10
N GLU B 249 31.72 -16.32 11.07
CA GLU B 249 32.85 -16.53 11.97
C GLU B 249 33.64 -15.24 11.99
N ASN B 250 33.74 -14.59 13.16
CA ASN B 250 34.41 -13.31 13.31
C ASN B 250 33.82 -12.26 12.37
N GLY B 251 32.55 -12.41 12.01
CA GLY B 251 31.89 -11.49 11.11
C GLY B 251 32.07 -11.77 9.63
N GLN B 252 32.76 -12.86 9.27
CA GLN B 252 32.99 -13.21 7.87
C GLN B 252 32.42 -14.60 7.60
N ARG B 253 31.83 -14.78 6.43
CA ARG B 253 31.31 -16.09 6.06
C ARG B 253 32.45 -17.07 5.88
N ALA B 254 32.22 -18.32 6.29
CA ALA B 254 33.23 -19.36 6.16
C ALA B 254 32.71 -20.67 5.58
N GLY B 255 31.40 -20.82 5.44
CA GLY B 255 30.85 -22.03 4.86
C GLY B 255 29.37 -21.91 4.66
N THR B 256 28.84 -22.75 3.79
CA THR B 256 27.40 -22.81 3.52
C THR B 256 27.01 -24.27 3.35
N CYS B 257 26.09 -24.73 4.19
CA CYS B 257 25.63 -26.11 4.13
C CYS B 257 24.16 -26.17 4.50
N VAL B 258 23.51 -27.26 4.09
CA VAL B 258 22.10 -27.45 4.36
C VAL B 258 21.94 -27.89 5.81
N LEU B 259 21.30 -27.07 6.62
CA LEU B 259 21.03 -27.36 8.03
C LEU B 259 19.56 -27.68 8.21
N GLU B 260 19.28 -28.80 8.86
CA GLU B 260 17.91 -29.27 9.03
C GLU B 260 17.85 -30.07 10.32
N TYR B 261 17.16 -29.54 11.33
CA TYR B 261 17.08 -30.19 12.63
C TYR B 261 16.50 -31.60 12.49
N ALA B 262 16.93 -32.48 13.38
CA ALA B 262 16.34 -33.82 13.48
C ALA B 262 15.01 -33.68 14.18
N THR B 263 13.93 -33.65 13.41
CA THR B 263 12.59 -33.51 13.99
C THR B 263 12.22 -34.62 14.97
N PRO B 264 12.73 -35.86 14.87
CA PRO B 264 12.44 -36.83 15.94
C PRO B 264 12.87 -36.37 17.33
N LEU B 265 13.95 -35.61 17.45
CA LEU B 265 14.31 -35.09 18.77
C LEU B 265 13.28 -34.08 19.26
N GLN B 266 12.76 -33.24 18.37
CA GLN B 266 11.68 -32.34 18.74
C GLN B 266 10.46 -33.12 19.19
N THR B 267 10.15 -34.21 18.49
CA THR B 267 9.03 -35.06 18.89
C THR B 267 9.29 -35.70 20.24
N LEU B 268 10.53 -36.10 20.52
CA LEU B 268 10.87 -36.64 21.83
C LEU B 268 10.66 -35.61 22.93
N PHE B 269 11.07 -34.37 22.67
CA PHE B 269 10.86 -33.30 23.65
C PHE B 269 9.37 -33.09 23.91
N ALA B 270 8.58 -33.07 22.83
CA ALA B 270 7.13 -32.89 23.00
C ALA B 270 6.50 -34.09 23.69
N MET B 271 7.06 -35.28 23.49
CA MET B 271 6.59 -36.46 24.20
C MET B 271 6.85 -36.34 25.70
N SER B 272 8.06 -35.91 26.06
CA SER B 272 8.38 -35.73 27.47
C SER B 272 7.56 -34.60 28.09
N GLN B 273 7.14 -33.62 27.28
CA GLN B 273 6.33 -32.53 27.81
C GLN B 273 4.96 -33.01 28.25
N TYR B 274 4.28 -33.78 27.41
CA TYR B 274 2.93 -34.23 27.73
C TYR B 274 2.96 -35.36 28.76
N SER B 275 1.89 -35.46 29.53
CA SER B 275 1.80 -36.42 30.63
C SER B 275 1.31 -37.79 30.19
N GLN B 276 0.56 -37.88 29.09
CA GLN B 276 0.02 -39.17 28.66
C GLN B 276 1.10 -40.08 28.10
N ALA B 277 2.26 -39.56 27.76
CA ALA B 277 3.32 -40.37 27.15
C ALA B 277 4.04 -41.26 28.16
N GLY B 278 3.89 -41.00 29.46
CA GLY B 278 4.65 -41.76 30.44
C GLY B 278 6.14 -41.68 30.22
N PHE B 279 6.64 -40.48 29.90
CA PHE B 279 7.98 -40.30 29.37
C PHE B 279 8.68 -39.23 30.20
N SER B 280 9.75 -39.61 30.89
CA SER B 280 10.44 -38.72 31.81
C SER B 280 11.51 -37.91 31.06
N ARG B 281 12.37 -37.22 31.81
CA ARG B 281 13.43 -36.42 31.22
C ARG B 281 14.72 -37.21 31.06
N GLU B 282 15.08 -38.03 32.06
CA GLU B 282 16.20 -38.94 31.89
C GLU B 282 15.93 -39.93 30.77
N ASP B 283 14.69 -40.40 30.67
CA ASP B 283 14.30 -41.23 29.53
C ASP B 283 14.48 -40.46 28.23
N ARG B 284 14.13 -39.17 28.22
CA ARG B 284 14.29 -38.37 27.01
C ARG B 284 15.75 -38.27 26.60
N LEU B 285 16.64 -38.03 27.57
CA LEU B 285 18.06 -37.93 27.25
C LEU B 285 18.62 -39.26 26.76
N GLU B 286 18.26 -40.36 27.44
CA GLU B 286 18.74 -41.68 27.04
C GLU B 286 18.25 -42.04 25.65
N GLN B 287 16.98 -41.73 25.34
CA GLN B 287 16.47 -42.01 24.01
C GLN B 287 17.08 -41.10 22.96
N ALA B 288 17.43 -39.86 23.32
CA ALA B 288 18.15 -39.02 22.37
C ALA B 288 19.50 -39.64 22.01
N LYS B 289 20.23 -40.10 23.02
CA LYS B 289 21.52 -40.75 22.76
C LYS B 289 21.35 -42.01 21.92
N LEU B 290 20.35 -42.84 22.28
CA LEU B 290 20.13 -44.06 21.53
C LEU B 290 19.70 -43.77 20.10
N PHE B 291 18.90 -42.72 19.91
CA PHE B 291 18.48 -42.32 18.57
C PHE B 291 19.67 -41.92 17.72
N CYS B 292 20.58 -41.12 18.29
CA CYS B 292 21.77 -40.74 17.54
C CYS B 292 22.61 -41.97 17.18
N ARG B 293 22.80 -42.88 18.14
CA ARG B 293 23.64 -44.05 17.87
C ARG B 293 23.01 -44.95 16.82
N THR B 294 21.69 -45.19 16.89
CA THR B 294 21.05 -46.07 15.92
C THR B 294 20.91 -45.41 14.56
N LEU B 295 20.81 -44.08 14.52
CA LEU B 295 20.86 -43.39 13.23
C LEU B 295 22.23 -43.53 12.60
N GLU B 296 23.29 -43.46 13.42
CA GLU B 296 24.64 -43.73 12.91
C GLU B 296 24.73 -45.14 12.36
N ASP B 297 24.17 -46.12 13.09
CA ASP B 297 24.21 -47.50 12.63
C ASP B 297 23.44 -47.68 11.33
N ILE B 298 22.29 -47.01 11.21
CA ILE B 298 21.48 -47.11 9.99
C ILE B 298 22.25 -46.52 8.81
N LEU B 299 22.82 -45.32 8.99
CA LEU B 299 23.46 -44.62 7.89
C LEU B 299 24.85 -45.16 7.56
N ALA B 300 25.45 -45.97 8.43
CA ALA B 300 26.75 -46.55 8.11
C ALA B 300 26.67 -47.47 6.91
N ASP B 301 25.63 -48.29 6.84
CA ASP B 301 25.47 -49.27 5.75
C ASP B 301 24.30 -48.93 4.83
N ALA B 302 23.76 -47.72 4.91
CA ALA B 302 22.64 -47.35 4.07
C ALA B 302 23.12 -47.07 2.65
N PRO B 303 22.53 -47.68 1.63
CA PRO B 303 22.94 -47.36 0.24
C PRO B 303 22.75 -45.90 -0.11
N GLU B 304 21.69 -45.26 0.39
CA GLU B 304 21.46 -43.86 0.12
C GLU B 304 22.43 -42.95 0.88
N SER B 305 23.14 -43.48 1.87
CA SER B 305 24.13 -42.71 2.63
C SER B 305 25.50 -43.02 2.07
N GLN B 306 26.08 -42.07 1.34
CA GLN B 306 27.40 -42.18 0.74
C GLN B 306 28.26 -40.99 1.14
N ASN B 307 28.28 -40.73 2.45
CA ASN B 307 28.94 -39.56 3.05
C ASN B 307 28.30 -38.25 2.57
N ASN B 308 27.07 -38.32 2.09
CA ASN B 308 26.30 -37.14 1.74
C ASN B 308 25.40 -36.66 2.88
N CYS B 309 25.49 -37.29 4.04
CA CYS B 309 24.70 -36.91 5.21
C CYS B 309 25.57 -37.11 6.44
N ARG B 310 25.98 -36.00 7.06
CA ARG B 310 26.83 -36.03 8.25
C ARG B 310 26.03 -35.47 9.43
N LEU B 311 26.03 -36.21 10.54
CA LEU B 311 25.22 -35.87 11.70
C LEU B 311 26.06 -35.13 12.72
N ILE B 312 25.52 -34.02 13.23
CA ILE B 312 26.17 -33.20 14.23
C ILE B 312 25.47 -33.43 15.56
N ALA B 313 26.17 -34.03 16.52
CA ALA B 313 25.65 -34.26 17.85
C ALA B 313 26.45 -33.46 18.85
N TYR B 314 25.75 -32.78 19.77
CA TYR B 314 26.40 -31.90 20.73
C TYR B 314 25.48 -31.70 21.92
N GLN B 315 26.06 -31.23 23.02
CA GLN B 315 25.30 -30.94 24.23
C GLN B 315 25.98 -29.79 24.96
N GLU B 316 25.27 -28.67 25.10
CA GLU B 316 25.82 -27.52 25.78
C GLU B 316 25.98 -27.82 27.28
N PRO B 317 27.19 -27.70 27.83
CA PRO B 317 27.43 -27.94 29.27
C PRO B 317 27.15 -26.71 30.12
N PHE B 323 29.44 -22.60 24.85
CA PHE B 323 29.41 -23.47 23.68
C PHE B 323 28.85 -22.76 22.46
N SER B 324 29.46 -22.98 21.30
CA SER B 324 29.04 -22.37 20.05
C SER B 324 28.80 -23.46 19.03
N LEU B 325 27.61 -23.46 18.43
CA LEU B 325 27.28 -24.47 17.43
C LEU B 325 28.00 -24.21 16.11
N SER B 326 28.24 -22.93 15.78
CA SER B 326 28.88 -22.60 14.51
C SER B 326 30.29 -23.18 14.43
N GLN B 327 31.03 -23.15 15.53
CA GLN B 327 32.36 -23.75 15.55
C GLN B 327 32.29 -25.25 15.29
N GLU B 328 31.29 -25.92 15.89
CA GLU B 328 31.11 -27.34 15.67
C GLU B 328 30.79 -27.64 14.21
N VAL B 329 29.95 -26.81 13.59
CA VAL B 329 29.61 -27.01 12.18
C VAL B 329 30.83 -26.79 11.29
N LEU B 330 31.59 -25.73 11.56
CA LEU B 330 32.76 -25.43 10.73
C LEU B 330 33.84 -26.49 10.89
N ARG B 331 33.97 -27.07 12.08
CA ARG B 331 34.95 -28.14 12.28
C ARG B 331 34.67 -29.33 11.37
N HIS B 332 33.40 -29.53 11.00
CA HIS B 332 33.05 -30.58 10.05
C HIS B 332 33.40 -30.22 8.61
N LEU B 333 33.74 -28.96 8.35
CA LEU B 333 34.11 -28.54 7.00
C LEU B 333 35.58 -28.10 6.96
N SER C 5 17.54 -21.91 43.70
CA SER C 5 18.74 -21.14 44.01
C SER C 5 18.54 -19.66 43.72
N LEU C 6 17.28 -19.26 43.53
CA LEU C 6 16.98 -17.87 43.24
C LEU C 6 17.32 -16.97 44.42
N HIS C 7 17.04 -17.42 45.64
CA HIS C 7 17.25 -16.65 46.84
C HIS C 7 17.88 -17.54 47.90
N PRO C 8 18.69 -16.98 48.80
CA PRO C 8 19.26 -17.79 49.88
C PRO C 8 18.21 -18.36 50.82
N SER C 9 17.01 -17.78 50.86
CA SER C 9 15.96 -18.24 51.76
C SER C 9 14.97 -19.21 51.10
N ILE C 10 15.01 -19.34 49.78
CA ILE C 10 14.11 -20.26 49.08
C ILE C 10 14.52 -21.68 49.43
N PRO C 11 13.60 -22.51 49.95
CA PRO C 11 13.98 -23.86 50.37
C PRO C 11 14.39 -24.72 49.20
N CYS C 12 15.33 -25.62 49.46
CA CYS C 12 15.68 -26.62 48.46
C CYS C 12 14.68 -27.77 48.51
N PRO C 13 14.52 -28.50 47.40
CA PRO C 13 13.73 -29.73 47.45
C PRO C 13 14.32 -30.70 48.46
N ARG C 14 13.44 -31.42 49.16
CA ARG C 14 13.86 -32.26 50.26
C ARG C 14 14.85 -33.32 49.80
N GLY C 15 15.96 -33.43 50.53
CA GLY C 15 16.98 -34.41 50.23
C GLY C 15 16.68 -35.76 50.87
N HIS C 16 17.68 -36.64 50.79
CA HIS C 16 17.57 -37.98 51.34
C HIS C 16 18.13 -38.08 52.75
N GLY C 17 18.09 -36.99 53.52
CA GLY C 17 18.64 -37.01 54.87
C GLY C 17 17.91 -37.97 55.79
N ALA C 18 16.60 -38.10 55.62
CA ALA C 18 15.83 -39.02 56.47
C ALA C 18 16.28 -40.45 56.27
N GLN C 19 16.47 -40.88 55.02
CA GLN C 19 16.93 -42.23 54.76
C GLN C 19 18.36 -42.44 55.24
N LYS C 20 19.21 -41.42 55.12
CA LYS C 20 20.56 -41.51 55.66
C LYS C 20 20.54 -41.71 57.17
N ALA C 21 19.69 -40.95 57.86
CA ALA C 21 19.55 -41.10 59.30
C ALA C 21 19.02 -42.49 59.65
N ALA C 22 18.07 -42.99 58.85
CA ALA C 22 17.55 -44.33 59.09
C ALA C 22 18.63 -45.39 58.93
N LEU C 23 19.48 -45.26 57.91
CA LEU C 23 20.58 -46.21 57.74
C LEU C 23 21.57 -46.12 58.88
N VAL C 24 21.86 -44.90 59.35
CA VAL C 24 22.75 -44.73 60.50
C VAL C 24 22.18 -45.42 61.72
N LEU C 25 20.88 -45.23 61.97
CA LEU C 25 20.23 -45.87 63.10
C LEU C 25 20.25 -47.38 62.98
N LEU C 26 20.03 -47.89 61.76
CA LEU C 26 20.04 -49.34 61.56
C LEU C 26 21.43 -49.91 61.78
N SER C 27 22.47 -49.20 61.34
CA SER C 27 23.84 -49.65 61.60
C SER C 27 24.15 -49.65 63.09
N ALA C 28 23.72 -48.60 63.80
CA ALA C 28 23.93 -48.56 65.24
C ALA C 28 23.19 -49.70 65.94
N CYS C 29 21.96 -49.98 65.51
CA CYS C 29 21.19 -51.06 66.11
C CYS C 29 21.83 -52.41 65.83
N LEU C 30 22.37 -52.62 64.63
CA LEU C 30 23.07 -53.86 64.33
C LEU C 30 24.31 -54.00 65.19
N VAL C 31 25.05 -52.91 65.38
CA VAL C 31 26.22 -52.95 66.25
C VAL C 31 25.82 -53.33 67.67
N THR C 32 24.75 -52.72 68.18
CA THR C 32 24.27 -53.02 69.52
C THR C 32 23.84 -54.48 69.65
N LEU C 33 23.09 -54.98 68.65
CA LEU C 33 22.62 -56.36 68.70
C LEU C 33 23.77 -57.35 68.65
N TRP C 34 24.78 -57.08 67.82
CA TRP C 34 25.93 -57.98 67.76
C TRP C 34 26.76 -57.91 69.03
N GLY C 35 26.82 -56.73 69.66
CA GLY C 35 27.50 -56.63 70.95
C GLY C 35 26.80 -57.40 72.05
N LEU C 36 25.47 -57.29 72.12
CA LEU C 36 24.73 -58.00 73.16
C LEU C 36 24.71 -59.51 72.89
N GLY C 37 24.50 -59.90 71.64
CA GLY C 37 24.48 -61.31 71.30
C GLY C 37 23.31 -62.08 71.87
N GLU C 38 22.12 -61.48 71.89
CA GLU C 38 20.93 -62.17 72.34
C GLU C 38 20.52 -63.23 71.31
N PRO C 39 19.74 -64.24 71.72
CA PRO C 39 19.25 -65.24 70.76
C PRO C 39 18.56 -64.59 69.58
N PRO C 40 19.12 -64.72 68.38
CA PRO C 40 18.55 -64.03 67.21
C PRO C 40 17.13 -64.45 66.88
N GLU C 41 16.76 -65.70 67.17
CA GLU C 41 15.42 -66.17 66.85
C GLU C 41 14.38 -65.42 67.69
N HIS C 42 14.71 -65.12 68.94
CA HIS C 42 13.83 -64.29 69.76
C HIS C 42 13.68 -62.89 69.18
N THR C 43 14.79 -62.31 68.70
CA THR C 43 14.71 -60.99 68.07
C THR C 43 13.82 -61.02 66.84
N LEU C 44 13.95 -62.06 66.02
CA LEU C 44 13.09 -62.20 64.85
C LEU C 44 11.63 -62.31 65.25
N ARG C 45 11.34 -63.12 66.28
CA ARG C 45 9.97 -63.24 66.77
C ARG C 45 9.42 -61.89 67.20
N TYR C 46 10.20 -61.15 67.99
CA TYR C 46 9.73 -59.88 68.53
C TYR C 46 9.50 -58.87 67.42
N LEU C 47 10.42 -58.78 66.45
CA LEU C 47 10.25 -57.83 65.36
C LEU C 47 9.04 -58.18 64.50
N VAL C 48 8.86 -59.47 64.20
CA VAL C 48 7.71 -59.88 63.40
C VAL C 48 6.41 -59.59 64.12
N LEU C 49 6.36 -59.87 65.44
CA LEU C 49 5.15 -59.58 66.20
C LEU C 49 4.87 -58.09 66.26
N HIS C 50 5.90 -57.28 66.43
CA HIS C 50 5.73 -55.82 66.46
C HIS C 50 5.18 -55.33 65.13
N LEU C 51 5.74 -55.82 64.01
CA LEU C 51 5.26 -55.40 62.70
C LEU C 51 3.83 -55.86 62.47
N ALA C 52 3.49 -57.07 62.94
CA ALA C 52 2.12 -57.55 62.80
C ALA C 52 1.15 -56.67 63.58
N SER C 53 1.51 -56.30 64.81
CA SER C 53 0.66 -55.42 65.60
C SER C 53 0.48 -54.08 64.92
N LEU C 54 1.58 -53.51 64.40
CA LEU C 54 1.49 -52.22 63.71
C LEU C 54 0.60 -52.31 62.47
N GLN C 55 0.75 -53.39 61.69
CA GLN C 55 -0.05 -53.55 60.48
C GLN C 55 -1.53 -53.70 60.82
N LEU C 56 -1.86 -54.48 61.86
CA LEU C 56 -3.25 -54.63 62.23
C LEU C 56 -3.82 -53.33 62.79
N GLY C 57 -3.00 -52.54 63.48
CA GLY C 57 -3.45 -51.23 63.93
C GLY C 57 -3.74 -50.30 62.77
N LEU C 58 -2.87 -50.32 61.74
CA LEU C 58 -3.14 -49.55 60.54
C LEU C 58 -4.41 -50.02 59.85
N LEU C 59 -4.65 -51.33 59.87
CA LEU C 59 -5.90 -51.86 59.32
C LEU C 59 -7.11 -51.31 60.06
N LEU C 60 -7.04 -51.28 61.40
CA LEU C 60 -8.15 -50.76 62.19
C LEU C 60 -8.36 -49.27 61.92
N ASN C 61 -7.28 -48.51 61.81
CA ASN C 61 -7.40 -47.09 61.49
C ASN C 61 -8.03 -46.89 60.11
N GLY C 62 -7.63 -47.71 59.14
CA GLY C 62 -8.23 -47.62 57.81
C GLY C 62 -9.70 -47.98 57.82
N VAL C 63 -10.08 -48.96 58.64
CA VAL C 63 -11.49 -49.31 58.77
C VAL C 63 -12.27 -48.15 59.38
N CYS C 64 -11.71 -47.50 60.39
CA CYS C 64 -12.37 -46.35 60.99
C CYS C 64 -12.52 -45.22 59.97
N SER C 65 -11.50 -45.00 59.15
CA SER C 65 -11.61 -43.98 58.09
C SER C 65 -12.66 -44.37 57.06
N LEU C 66 -12.71 -45.65 56.69
CA LEU C 66 -13.73 -46.12 55.74
C LEU C 66 -15.14 -45.92 56.29
N ALA C 67 -15.30 -46.03 57.61
CA ALA C 67 -16.62 -45.87 58.21
C ALA C 67 -17.22 -44.51 57.88
N GLU C 68 -16.39 -43.48 57.75
CA GLU C 68 -16.89 -42.18 57.32
C GLU C 68 -16.78 -41.97 55.82
N GLU C 69 -15.81 -42.62 55.17
CA GLU C 69 -15.65 -42.45 53.73
C GLU C 69 -16.72 -43.16 52.92
N LEU C 70 -17.48 -44.07 53.53
CA LEU C 70 -18.56 -44.74 52.82
C LEU C 70 -19.64 -43.79 52.34
N ARG C 71 -19.79 -42.63 52.99
CA ARG C 71 -20.83 -41.67 52.62
C ARG C 71 -20.40 -40.69 51.54
N HIS C 72 -19.12 -40.72 51.14
CA HIS C 72 -18.63 -39.89 50.05
C HIS C 72 -18.49 -40.65 48.75
N ILE C 73 -18.96 -41.90 48.70
CA ILE C 73 -18.67 -42.77 47.56
C ILE C 73 -19.37 -42.28 46.29
N HIS C 74 -20.56 -41.67 46.43
CA HIS C 74 -21.29 -41.24 45.24
C HIS C 74 -20.62 -40.05 44.56
N SER C 75 -20.00 -39.15 45.34
CA SER C 75 -19.46 -37.91 44.80
C SER C 75 -17.95 -37.88 44.70
N ARG C 76 -17.24 -38.76 45.42
CA ARG C 76 -15.78 -38.73 45.43
C ARG C 76 -15.13 -39.97 44.82
N TYR C 77 -15.79 -41.13 44.88
CA TYR C 77 -15.21 -42.37 44.40
C TYR C 77 -16.05 -42.98 43.28
N ARG C 78 -16.76 -42.14 42.53
CA ARG C 78 -17.59 -42.53 41.38
C ARG C 78 -18.45 -43.76 41.67
N GLY C 79 -18.86 -43.92 42.92
CA GLY C 79 -19.75 -45.00 43.31
C GLY C 79 -19.17 -46.39 43.16
N SER C 80 -17.89 -46.57 43.46
CA SER C 80 -17.24 -47.87 43.41
C SER C 80 -16.58 -48.14 44.75
N TYR C 81 -16.94 -49.25 45.39
CA TYR C 81 -16.39 -49.56 46.71
C TYR C 81 -14.89 -49.88 46.63
N TRP C 82 -14.43 -50.42 45.49
CA TRP C 82 -13.02 -50.73 45.35
C TRP C 82 -12.18 -49.47 45.43
N ARG C 83 -12.65 -48.38 44.81
CA ARG C 83 -11.93 -47.11 44.90
C ARG C 83 -11.85 -46.61 46.34
N THR C 84 -12.95 -46.72 47.08
CA THR C 84 -12.96 -46.28 48.47
C THR C 84 -11.99 -47.11 49.31
N VAL C 85 -11.99 -48.43 49.12
CA VAL C 85 -11.07 -49.29 49.87
C VAL C 85 -9.63 -48.99 49.51
N ARG C 86 -9.36 -48.74 48.22
CA ARG C 86 -8.01 -48.42 47.80
C ARG C 86 -7.54 -47.09 48.40
N ALA C 87 -8.43 -46.10 48.47
CA ALA C 87 -8.04 -44.81 49.00
C ALA C 87 -7.91 -44.83 50.52
N CYS C 88 -8.66 -45.70 51.20
CA CYS C 88 -8.62 -45.76 52.65
C CYS C 88 -7.55 -46.69 53.20
N LEU C 89 -7.16 -47.72 52.45
CA LEU C 89 -6.22 -48.72 52.95
C LEU C 89 -5.04 -48.95 52.01
N GLY C 90 -4.80 -48.03 51.08
CA GLY C 90 -3.73 -48.28 50.13
C GLY C 90 -4.11 -49.38 49.15
N CYS C 91 -3.09 -49.95 48.52
CA CYS C 91 -3.31 -51.03 47.58
C CYS C 91 -3.97 -52.20 48.29
N PRO C 92 -5.06 -52.76 47.76
CA PRO C 92 -5.79 -53.81 48.48
C PRO C 92 -5.01 -55.10 48.64
N LEU C 93 -4.44 -55.62 47.54
CA LEU C 93 -3.79 -56.92 47.59
C LEU C 93 -2.54 -56.90 48.46
N ARG C 94 -1.74 -55.83 48.38
CA ARG C 94 -0.53 -55.75 49.20
C ARG C 94 -0.86 -55.76 50.69
N ARG C 95 -1.84 -54.94 51.09
CA ARG C 95 -2.22 -54.89 52.49
C ARG C 95 -2.89 -56.18 52.94
N GLY C 96 -3.66 -56.82 52.07
CA GLY C 96 -4.24 -58.11 52.41
C GLY C 96 -3.17 -59.17 52.64
N ALA C 97 -2.13 -59.17 51.79
CA ALA C 97 -1.03 -60.09 51.99
C ALA C 97 -0.31 -59.80 53.30
N LEU C 98 -0.10 -58.52 53.61
CA LEU C 98 0.55 -58.17 54.87
C LEU C 98 -0.29 -58.61 56.07
N LEU C 99 -1.60 -58.43 55.99
CA LEU C 99 -2.49 -58.86 57.07
C LEU C 99 -2.47 -60.36 57.24
N LEU C 100 -2.50 -61.11 56.13
CA LEU C 100 -2.42 -62.57 56.22
C LEU C 100 -1.09 -63.01 56.81
N LEU C 101 0.00 -62.34 56.43
CA LEU C 101 1.29 -62.62 57.04
C LEU C 101 1.25 -62.37 58.54
N SER C 102 0.66 -61.26 58.96
CA SER C 102 0.57 -60.94 60.38
C SER C 102 -0.22 -62.01 61.13
N ILE C 103 -1.36 -62.41 60.59
CA ILE C 103 -2.20 -63.40 61.25
C ILE C 103 -1.48 -64.74 61.35
N TYR C 104 -0.87 -65.17 60.24
CA TYR C 104 -0.18 -66.46 60.24
C TYR C 104 1.02 -66.45 61.18
N PHE C 105 1.78 -65.37 61.20
CA PHE C 105 2.94 -65.29 62.08
C PHE C 105 2.52 -65.28 63.54
N TYR C 106 1.48 -64.50 63.88
CA TYR C 106 1.03 -64.46 65.27
C TYR C 106 0.47 -65.81 65.71
N TYR C 107 -0.30 -66.47 64.84
CA TYR C 107 -0.90 -67.75 65.19
C TYR C 107 0.11 -68.89 65.20
N SER C 108 1.25 -68.73 64.52
CA SER C 108 2.30 -69.74 64.50
C SER C 108 3.39 -69.45 65.53
N LEU C 109 3.94 -68.25 65.51
CA LEU C 109 4.96 -67.87 66.47
C LEU C 109 4.34 -67.62 67.83
N PRO C 110 4.75 -68.32 68.88
CA PRO C 110 4.31 -67.96 70.22
C PRO C 110 4.84 -66.59 70.61
N ASN C 111 4.06 -65.87 71.39
CA ASN C 111 4.43 -64.53 71.84
C ASN C 111 4.99 -64.63 73.25
N ALA C 112 6.32 -64.55 73.36
CA ALA C 112 6.96 -64.61 74.67
C ALA C 112 6.54 -63.43 75.54
N VAL C 113 6.49 -62.24 74.97
CA VAL C 113 5.98 -61.05 75.65
C VAL C 113 4.83 -60.51 74.81
N GLY C 114 3.62 -60.93 75.15
CA GLY C 114 2.45 -60.53 74.41
C GLY C 114 1.20 -61.30 74.81
N PRO C 115 0.04 -60.73 74.50
CA PRO C 115 -1.23 -61.35 74.89
C PRO C 115 -1.57 -62.50 73.96
N PRO C 116 -2.62 -63.28 74.28
CA PRO C 116 -3.18 -64.22 73.30
C PRO C 116 -3.83 -63.49 72.13
N PHE C 117 -4.39 -64.24 71.18
CA PHE C 117 -4.90 -63.63 69.95
C PHE C 117 -6.04 -62.66 70.24
N THR C 118 -7.06 -63.12 70.98
CA THR C 118 -8.21 -62.26 71.27
C THR C 118 -7.83 -61.10 72.17
N TRP C 119 -6.98 -61.34 73.18
CA TRP C 119 -6.54 -60.27 74.05
C TRP C 119 -5.71 -59.25 73.29
N MET C 120 -4.81 -59.71 72.42
CA MET C 120 -4.01 -58.79 71.62
C MET C 120 -4.89 -57.95 70.70
N LEU C 121 -5.88 -58.59 70.07
CA LEU C 121 -6.78 -57.84 69.20
C LEU C 121 -7.57 -56.80 69.98
N ALA C 122 -8.06 -57.17 71.17
CA ALA C 122 -8.81 -56.23 71.98
C ALA C 122 -7.95 -55.05 72.42
N LEU C 123 -6.73 -55.34 72.87
CA LEU C 123 -5.82 -54.26 73.28
C LEU C 123 -5.47 -53.35 72.12
N LEU C 124 -5.24 -53.93 70.94
CA LEU C 124 -4.93 -53.11 69.78
C LEU C 124 -6.11 -52.22 69.39
N GLY C 125 -7.33 -52.76 69.43
CA GLY C 125 -8.50 -51.95 69.15
C GLY C 125 -8.65 -50.81 70.15
N LEU C 126 -8.43 -51.10 71.43
CA LEU C 126 -8.52 -50.06 72.45
C LEU C 126 -7.47 -48.98 72.22
N SER C 127 -6.24 -49.38 71.88
CA SER C 127 -5.18 -48.40 71.62
C SER C 127 -5.49 -47.56 70.40
N GLN C 128 -6.04 -48.19 69.35
CA GLN C 128 -6.42 -47.43 68.16
C GLN C 128 -7.51 -46.43 68.47
N ALA C 129 -8.51 -46.84 69.25
CA ALA C 129 -9.58 -45.90 69.63
C ALA C 129 -9.02 -44.76 70.47
N LEU C 130 -8.13 -45.05 71.40
CA LEU C 130 -7.52 -44.00 72.21
C LEU C 130 -6.72 -43.02 71.35
N ASN C 131 -5.95 -43.54 70.39
CA ASN C 131 -5.15 -42.67 69.54
C ASN C 131 -6.03 -41.84 68.62
N ILE C 132 -7.16 -42.39 68.17
CA ILE C 132 -8.07 -41.62 67.32
C ILE C 132 -8.73 -40.51 68.12
N LEU C 133 -9.23 -40.83 69.32
CA LEU C 133 -9.99 -39.85 70.09
C LEU C 133 -9.07 -38.76 70.67
N LEU C 134 -7.95 -39.16 71.27
CA LEU C 134 -7.07 -38.20 71.93
C LEU C 134 -6.14 -37.48 70.98
N GLY C 135 -6.07 -37.90 69.70
CA GLY C 135 -5.12 -37.30 68.80
C GLY C 135 -3.68 -37.59 69.12
N LEU C 136 -3.41 -38.66 69.88
CA LEU C 136 -2.04 -39.01 70.21
C LEU C 136 -1.22 -39.34 68.97
N LYS C 137 -1.82 -40.06 68.03
CA LYS C 137 -1.19 -40.35 66.74
C LYS C 137 -1.30 -39.09 65.87
N GLY C 138 -0.53 -38.08 66.25
CA GLY C 138 -0.54 -36.80 65.58
C GLY C 138 0.49 -36.71 64.49
N LEU C 139 0.19 -35.90 63.48
CA LEU C 139 1.07 -35.69 62.34
C LEU C 139 1.93 -34.45 62.58
N ALA C 140 3.24 -34.63 62.56
CA ALA C 140 4.15 -33.50 62.73
C ALA C 140 4.07 -32.58 61.51
N PRO C 141 4.16 -31.26 61.72
CA PRO C 141 4.08 -30.33 60.58
C PRO C 141 5.16 -30.55 59.55
N ALA C 142 6.35 -30.99 59.96
CA ALA C 142 7.42 -31.25 59.00
C ALA C 142 7.02 -32.35 58.03
N GLU C 143 6.52 -33.47 58.55
CA GLU C 143 6.07 -34.55 57.68
C GLU C 143 4.83 -34.15 56.89
N ILE C 144 3.95 -33.34 57.46
CA ILE C 144 2.79 -32.85 56.72
C ILE C 144 3.24 -32.06 55.50
N SER C 145 4.17 -31.13 55.69
CA SER C 145 4.68 -30.34 54.57
C SER C 145 5.41 -31.22 53.57
N ALA C 146 6.18 -32.20 54.05
CA ALA C 146 6.90 -33.10 53.15
C ALA C 146 5.94 -33.88 52.27
N VAL C 147 4.87 -34.42 52.87
CA VAL C 147 3.91 -35.20 52.11
C VAL C 147 3.14 -34.32 51.14
N CYS C 148 2.74 -33.12 51.58
CA CYS C 148 1.99 -32.21 50.71
C CYS C 148 2.83 -31.78 49.51
N GLU C 149 4.11 -31.50 49.74
CA GLU C 149 4.97 -31.08 48.65
C GLU C 149 5.32 -32.23 47.72
N LYS C 150 5.53 -33.43 48.27
CA LYS C 150 5.86 -34.58 47.44
C LYS C 150 4.72 -34.94 46.50
N GLY C 151 3.49 -34.93 47.01
CA GLY C 151 2.32 -35.22 46.22
C GLY C 151 1.70 -34.02 45.53
N ASN C 152 2.30 -32.84 45.68
CA ASN C 152 1.82 -31.60 45.07
C ASN C 152 0.37 -31.30 45.50
N PHE C 153 0.24 -31.06 46.80
CA PHE C 153 -1.02 -30.68 47.42
C PHE C 153 -0.94 -29.30 48.07
N ASN C 154 -0.30 -28.35 47.38
CA ASN C 154 -0.14 -27.00 47.90
C ASN C 154 -0.75 -25.99 46.96
N VAL C 155 -1.31 -24.92 47.54
CA VAL C 155 -1.97 -23.89 46.73
C VAL C 155 -0.95 -23.16 45.86
N ALA C 156 0.31 -23.09 46.31
CA ALA C 156 1.33 -22.37 45.56
C ALA C 156 1.60 -23.04 44.21
N HIS C 157 1.62 -24.37 44.19
CA HIS C 157 1.82 -25.09 42.93
C HIS C 157 0.72 -24.77 41.93
N GLY C 158 -0.53 -24.80 42.39
CA GLY C 158 -1.64 -24.46 41.51
C GLY C 158 -1.58 -23.04 41.01
N LEU C 159 -1.25 -22.09 41.90
CA LEU C 159 -1.15 -20.70 41.49
C LEU C 159 -0.04 -20.49 40.47
N ALA C 160 1.11 -21.14 40.67
CA ALA C 160 2.22 -21.01 39.73
C ALA C 160 1.85 -21.58 38.37
N TRP C 161 1.21 -22.75 38.36
CA TRP C 161 0.83 -23.34 37.08
C TRP C 161 -0.26 -22.53 36.38
N SER C 162 -1.19 -21.96 37.13
CA SER C 162 -2.19 -21.08 36.52
C SER C 162 -1.54 -19.83 35.94
N TYR C 163 -0.59 -19.25 36.67
CA TYR C 163 0.11 -18.08 36.17
C TYR C 163 0.87 -18.39 34.89
N TYR C 164 1.47 -19.59 34.82
CA TYR C 164 2.14 -20.00 33.58
C TYR C 164 1.14 -20.18 32.45
N ILE C 165 0.14 -21.03 32.65
CA ILE C 165 -0.74 -21.44 31.56
C ILE C 165 -1.53 -20.25 31.03
N GLY C 166 -2.11 -19.45 31.93
CA GLY C 166 -3.00 -18.39 31.50
C GLY C 166 -2.28 -17.22 30.85
N TYR C 167 -1.14 -16.81 31.41
CA TYR C 167 -0.50 -15.56 31.04
C TYR C 167 0.84 -15.76 30.35
N LEU C 168 1.79 -16.45 31.00
CA LEU C 168 3.17 -16.47 30.51
C LEU C 168 3.26 -17.15 29.15
N ARG C 169 2.66 -18.33 29.01
CA ARG C 169 2.75 -19.07 27.77
C ARG C 169 2.12 -18.32 26.60
N LEU C 170 1.16 -17.43 26.87
CA LEU C 170 0.50 -16.70 25.81
C LEU C 170 1.33 -15.53 25.29
N ILE C 171 2.12 -14.89 26.16
CA ILE C 171 2.75 -13.63 25.80
C ILE C 171 4.24 -13.78 25.54
N LEU C 172 4.88 -14.78 26.15
CA LEU C 172 6.31 -14.97 25.94
C LEU C 172 6.69 -15.20 24.48
N PRO C 173 5.98 -16.01 23.68
CA PRO C 173 6.40 -16.19 22.28
C PRO C 173 6.45 -14.90 21.47
N GLU C 174 5.55 -13.95 21.72
CA GLU C 174 5.52 -12.71 20.96
C GLU C 174 6.14 -11.53 21.71
N LEU C 175 6.54 -11.73 22.97
CA LEU C 175 7.18 -10.65 23.71
C LEU C 175 8.51 -10.25 23.08
N GLN C 176 9.26 -11.21 22.56
CA GLN C 176 10.53 -10.91 21.90
C GLN C 176 10.30 -10.01 20.68
N ALA C 177 9.32 -10.36 19.84
CA ALA C 177 9.04 -9.55 18.67
C ALA C 177 8.53 -8.17 19.06
N ARG C 178 7.68 -8.09 20.08
CA ARG C 178 7.16 -6.80 20.52
C ARG C 178 8.29 -5.90 21.04
N ILE C 179 9.21 -6.46 21.84
CA ILE C 179 10.33 -5.68 22.35
C ILE C 179 11.25 -5.26 21.22
N ARG C 180 11.48 -6.15 20.24
CA ARG C 180 12.30 -5.78 19.09
C ARG C 180 11.69 -4.63 18.32
N THR C 181 10.37 -4.68 18.11
CA THR C 181 9.69 -3.59 17.41
C THR C 181 9.79 -2.29 18.20
N TYR C 182 9.60 -2.34 19.51
CA TYR C 182 9.71 -1.14 20.32
C TYR C 182 11.12 -0.56 20.28
N ASN C 183 12.14 -1.42 20.36
CA ASN C 183 13.52 -0.94 20.33
C ASN C 183 13.86 -0.35 18.96
N GLN C 184 13.31 -0.93 17.88
CA GLN C 184 13.49 -0.35 16.57
C GLN C 184 12.83 1.02 16.49
N HIS C 185 11.67 1.18 17.11
CA HIS C 185 11.00 2.48 17.14
C HIS C 185 11.82 3.49 17.93
N TYR C 186 12.10 3.19 19.20
CA TYR C 186 12.85 4.09 20.07
C TYR C 186 14.30 3.65 20.14
N ASN C 187 15.18 4.40 19.49
CA ASN C 187 16.61 4.08 19.49
C ASN C 187 17.42 5.29 19.94
N ASN C 188 18.74 5.20 19.85
CA ASN C 188 19.60 6.32 20.23
C ASN C 188 20.85 6.36 19.34
N GLY C 192 18.94 4.42 24.35
CA GLY C 192 19.58 3.12 24.32
C GLY C 192 18.69 2.01 23.80
N ALA C 193 18.65 0.89 24.52
CA ALA C 193 17.85 -0.25 24.13
C ALA C 193 17.31 -0.94 25.37
N VAL C 194 16.22 -1.70 25.19
CA VAL C 194 15.54 -2.37 26.27
C VAL C 194 15.83 -3.86 26.18
N SER C 195 16.13 -4.47 27.33
CA SER C 195 16.41 -5.91 27.36
C SER C 195 15.19 -6.70 26.91
N GLN C 196 15.44 -7.76 26.16
CA GLN C 196 14.38 -8.53 25.51
C GLN C 196 13.76 -9.58 26.41
N ARG C 197 14.22 -9.72 27.65
CA ARG C 197 13.74 -10.74 28.56
C ARG C 197 12.74 -10.14 29.54
N LEU C 198 11.63 -10.83 29.73
CA LEU C 198 10.66 -10.43 30.74
C LEU C 198 11.26 -10.57 32.14
N TYR C 199 10.89 -9.66 33.02
CA TYR C 199 11.34 -9.68 34.41
C TYR C 199 10.12 -9.68 35.31
N ILE C 200 10.01 -10.69 36.17
CA ILE C 200 8.87 -10.86 37.05
C ILE C 200 9.32 -10.65 38.49
N LEU C 201 8.74 -9.66 39.15
CA LEU C 201 9.07 -9.40 40.54
C LEU C 201 8.50 -10.48 41.45
N LEU C 202 9.19 -10.74 42.56
CA LEU C 202 8.78 -11.75 43.53
C LEU C 202 9.22 -11.28 44.92
N PRO C 203 8.46 -10.37 45.53
CA PRO C 203 8.74 -9.98 46.91
C PRO C 203 8.28 -11.08 47.87
N LEU C 204 9.23 -11.64 48.62
CA LEU C 204 8.89 -12.70 49.56
C LEU C 204 7.94 -12.22 50.65
N ASP C 205 7.91 -10.90 50.90
CA ASP C 205 6.94 -10.32 51.82
C ASP C 205 5.59 -10.07 51.16
N CYS C 206 5.46 -10.39 49.87
CA CYS C 206 4.21 -10.28 49.12
C CYS C 206 3.70 -8.84 49.03
N GLY C 207 4.57 -7.87 49.25
CA GLY C 207 4.19 -6.48 49.11
C GLY C 207 4.19 -6.02 47.66
N VAL C 208 3.02 -5.80 47.10
CA VAL C 208 2.90 -5.40 45.70
C VAL C 208 2.20 -4.05 45.62
N PRO C 209 2.95 -2.95 45.63
CA PRO C 209 2.32 -1.64 45.45
C PRO C 209 1.76 -1.48 44.03
N ASP C 210 0.71 -0.67 43.92
CA ASP C 210 0.10 -0.42 42.62
C ASP C 210 1.08 0.26 41.68
N ASN C 211 1.84 1.23 42.19
CA ASN C 211 2.86 1.92 41.40
C ASN C 211 4.23 1.34 41.74
N LEU C 212 4.93 0.87 40.71
CA LEU C 212 6.25 0.28 40.93
C LEU C 212 7.27 1.31 41.39
N SER C 213 7.15 2.55 40.93
CA SER C 213 8.10 3.58 41.32
C SER C 213 7.97 3.95 42.80
N MET C 214 6.79 3.73 43.40
CA MET C 214 6.60 4.04 44.80
C MET C 214 7.45 3.14 45.71
N ALA C 215 7.60 1.87 45.33
CA ALA C 215 8.43 0.97 46.14
C ALA C 215 9.88 1.43 46.15
N ASP C 216 10.38 1.88 45.00
CA ASP C 216 11.74 2.39 44.92
C ASP C 216 11.84 3.42 43.81
N PRO C 217 12.22 4.66 44.11
CA PRO C 217 12.22 5.71 43.08
C PRO C 217 13.19 5.45 41.93
N ASN C 218 14.20 4.61 42.14
CA ASN C 218 15.17 4.37 41.06
C ASN C 218 14.52 3.67 39.88
N ILE C 219 13.55 2.80 40.14
CA ILE C 219 12.79 2.15 39.07
C ILE C 219 11.69 3.11 38.63
N ARG C 220 11.76 3.57 37.39
CA ARG C 220 10.77 4.53 36.89
C ARG C 220 10.22 4.07 35.55
N PHE C 221 8.91 4.28 35.37
CA PHE C 221 8.21 3.88 34.16
C PHE C 221 8.73 4.67 32.97
N LEU C 222 8.82 4.00 31.81
CA LEU C 222 9.33 4.62 30.59
C LEU C 222 8.25 4.74 29.52
N ASP C 223 7.64 3.62 29.12
CA ASP C 223 6.65 3.65 28.06
C ASP C 223 5.80 2.37 28.15
N LYS C 224 4.57 2.48 27.65
CA LYS C 224 3.71 1.31 27.52
C LYS C 224 4.12 0.52 26.30
N LEU C 225 4.43 -0.76 26.49
CA LEU C 225 4.97 -1.57 25.41
C LEU C 225 3.88 -1.87 24.40
N PRO C 226 4.13 -1.72 23.10
CA PRO C 226 3.07 -1.92 22.11
C PRO C 226 2.58 -3.36 22.06
N GLN C 227 1.30 -3.51 21.74
CA GLN C 227 0.69 -4.83 21.64
C GLN C 227 0.86 -5.41 20.25
N ARG C 238 -5.62 -11.24 24.30
CA ARG C 238 -6.43 -10.05 24.02
C ARG C 238 -5.58 -8.80 24.00
N VAL C 239 -5.62 -8.04 25.09
CA VAL C 239 -4.84 -6.82 25.23
C VAL C 239 -3.91 -6.99 26.42
N TYR C 240 -2.60 -6.94 26.16
CA TYR C 240 -1.59 -7.13 27.20
C TYR C 240 -0.88 -5.80 27.41
N SER C 241 -1.12 -5.18 28.57
CA SER C 241 -0.50 -3.91 28.92
C SER C 241 0.67 -4.19 29.85
N ASN C 242 1.87 -4.20 29.28
CA ASN C 242 3.10 -4.43 30.02
C ASN C 242 3.90 -3.13 30.06
N SER C 243 4.26 -2.69 31.26
CA SER C 243 4.96 -1.44 31.46
C SER C 243 6.46 -1.69 31.59
N ILE C 244 7.25 -0.95 30.82
CA ILE C 244 8.70 -1.07 30.87
C ILE C 244 9.25 -0.02 31.83
N TYR C 245 10.33 -0.38 32.52
CA TYR C 245 10.90 0.48 33.53
C TYR C 245 12.41 0.57 33.35
N GLU C 246 12.96 1.74 33.65
CA GLU C 246 14.39 1.98 33.62
C GLU C 246 14.88 2.22 35.05
N LEU C 247 16.10 1.79 35.32
CA LEU C 247 16.66 1.75 36.67
C LEU C 247 17.65 2.88 36.84
N LEU C 248 17.51 3.63 37.92
CA LEU C 248 18.39 4.77 38.19
C LEU C 248 19.57 4.34 39.04
N GLU C 249 20.78 4.68 38.58
CA GLU C 249 22.02 4.37 39.28
C GLU C 249 22.73 5.68 39.58
N ASN C 250 22.76 6.05 40.86
CA ASN C 250 23.40 7.29 41.31
C ASN C 250 22.82 8.51 40.60
N GLY C 251 21.51 8.47 40.33
CA GLY C 251 20.82 9.57 39.69
C GLY C 251 20.73 9.48 38.18
N GLN C 252 21.48 8.59 37.55
CA GLN C 252 21.46 8.41 36.10
C GLN C 252 21.09 6.98 35.76
N ARG C 253 20.26 6.81 34.73
CA ARG C 253 19.83 5.48 34.34
C ARG C 253 21.01 4.67 33.80
N ALA C 254 21.08 3.41 34.21
CA ALA C 254 22.11 2.49 33.74
C ALA C 254 21.57 1.31 32.96
N GLY C 255 20.30 0.95 33.15
CA GLY C 255 19.69 -0.12 32.40
C GLY C 255 18.19 0.06 32.35
N THR C 256 17.54 -0.72 31.48
CA THR C 256 16.09 -0.68 31.36
C THR C 256 15.62 -2.05 30.90
N CYS C 257 14.39 -2.40 31.28
CA CYS C 257 13.85 -3.72 30.97
C CYS C 257 12.35 -3.70 31.22
N VAL C 258 11.69 -4.74 30.71
CA VAL C 258 10.27 -4.95 30.98
C VAL C 258 10.13 -5.58 32.36
N LEU C 259 9.56 -4.82 33.30
CA LEU C 259 9.44 -5.27 34.69
C LEU C 259 7.99 -5.19 35.11
N GLU C 260 7.44 -6.30 35.56
CA GLU C 260 6.07 -6.35 36.06
C GLU C 260 6.04 -7.16 37.35
N TYR C 261 4.99 -6.93 38.14
CA TYR C 261 4.81 -7.65 39.39
C TYR C 261 4.13 -8.99 39.13
N ALA C 262 4.29 -9.90 40.10
CA ALA C 262 3.67 -11.21 40.03
C ALA C 262 2.30 -11.12 40.68
N THR C 263 1.25 -11.06 39.85
CA THR C 263 -0.11 -11.01 40.37
C THR C 263 -0.47 -12.18 41.29
N PRO C 264 -0.02 -13.42 41.07
CA PRO C 264 -0.37 -14.49 42.02
C PRO C 264 0.08 -14.22 43.44
N LEU C 265 1.22 -13.54 43.63
CA LEU C 265 1.62 -13.18 44.99
C LEU C 265 0.66 -12.17 45.60
N GLN C 266 0.16 -11.24 44.77
CA GLN C 266 -0.86 -10.31 45.24
C GLN C 266 -2.13 -11.05 45.65
N THR C 267 -2.53 -12.04 44.86
CA THR C 267 -3.69 -12.85 45.22
C THR C 267 -3.43 -13.64 46.49
N LEU C 268 -2.20 -14.11 46.69
CA LEU C 268 -1.85 -14.80 47.94
C LEU C 268 -1.99 -13.86 49.13
N PHE C 269 -1.51 -12.63 49.01
CA PHE C 269 -1.65 -11.66 50.08
C PHE C 269 -3.11 -11.36 50.36
N ALA C 270 -3.91 -11.21 49.30
CA ALA C 270 -5.34 -10.97 49.49
C ALA C 270 -6.03 -12.15 50.16
N MET C 271 -5.60 -13.37 49.83
CA MET C 271 -6.10 -14.55 50.51
C MET C 271 -5.76 -14.50 52.00
N SER C 272 -4.54 -14.09 52.32
CA SER C 272 -4.13 -13.99 53.72
C SER C 272 -4.91 -12.89 54.45
N GLN C 273 -5.31 -11.84 53.74
CA GLN C 273 -6.06 -10.76 54.39
C GLN C 273 -7.41 -11.24 54.89
N TYR C 274 -8.12 -12.05 54.09
CA TYR C 274 -9.46 -12.46 54.46
C TYR C 274 -9.42 -13.55 55.54
N SER C 275 -10.55 -13.69 56.24
CA SER C 275 -10.65 -14.58 57.39
C SER C 275 -11.40 -15.88 57.08
N GLN C 276 -11.75 -16.12 55.81
CA GLN C 276 -12.41 -17.36 55.43
C GLN C 276 -11.49 -18.33 54.69
N ALA C 277 -10.32 -17.88 54.26
CA ALA C 277 -9.40 -18.76 53.56
C ALA C 277 -8.63 -19.69 54.47
N GLY C 278 -8.62 -19.42 55.78
CA GLY C 278 -7.86 -20.22 56.72
C GLY C 278 -6.39 -20.26 56.34
N PHE C 279 -5.86 -19.09 55.98
CA PHE C 279 -4.58 -18.98 55.28
C PHE C 279 -3.73 -17.92 56.00
N SER C 280 -2.87 -18.36 56.89
CA SER C 280 -2.16 -17.46 57.80
C SER C 280 -0.98 -16.78 57.09
N ARG C 281 -0.25 -15.96 57.86
CA ARG C 281 0.89 -15.23 57.30
C ARG C 281 2.09 -16.14 57.08
N GLU C 282 2.37 -17.05 58.03
CA GLU C 282 3.43 -18.02 57.82
C GLU C 282 3.10 -18.92 56.64
N ASP C 283 1.83 -19.33 56.51
CA ASP C 283 1.40 -20.07 55.33
C ASP C 283 1.63 -19.26 54.08
N ARG C 284 1.37 -17.94 54.13
CA ARG C 284 1.59 -17.10 52.97
C ARG C 284 3.07 -17.07 52.60
N LEU C 285 3.96 -17.04 53.59
CA LEU C 285 5.39 -17.08 53.31
C LEU C 285 5.78 -18.40 52.67
N GLU C 286 5.27 -19.51 53.21
CA GLU C 286 5.58 -20.82 52.63
C GLU C 286 5.12 -20.90 51.19
N GLN C 287 3.90 -20.45 50.91
CA GLN C 287 3.39 -20.53 49.56
C GLN C 287 4.07 -19.54 48.62
N ALA C 288 4.55 -18.40 49.13
CA ALA C 288 5.34 -17.50 48.30
C ALA C 288 6.63 -18.17 47.87
N LYS C 289 7.34 -18.78 48.82
CA LYS C 289 8.59 -19.47 48.47
C LYS C 289 8.32 -20.61 47.49
N LEU C 290 7.25 -21.37 47.74
CA LEU C 290 6.95 -22.51 46.87
C LEU C 290 6.53 -22.05 45.48
N PHE C 291 5.79 -20.94 45.40
CA PHE C 291 5.44 -20.38 44.09
C PHE C 291 6.70 -19.96 43.34
N CYS C 292 7.63 -19.32 44.04
CA CYS C 292 8.88 -18.93 43.38
C CYS C 292 9.61 -20.16 42.84
N ARG C 293 9.71 -21.21 43.65
CA ARG C 293 10.44 -22.40 43.21
C ARG C 293 9.71 -23.11 42.06
N THR C 294 8.39 -23.24 42.14
CA THR C 294 7.63 -23.90 41.10
C THR C 294 7.73 -23.14 39.78
N LEU C 295 7.61 -21.81 39.82
CA LEU C 295 7.77 -21.02 38.61
C LEU C 295 9.20 -21.12 38.09
N GLU C 296 10.19 -21.20 38.97
CA GLU C 296 11.56 -21.43 38.54
C GLU C 296 11.67 -22.72 37.72
N ASP C 297 11.12 -23.82 38.25
CA ASP C 297 11.21 -25.10 37.55
C ASP C 297 10.45 -25.04 36.21
N ILE C 298 9.24 -24.48 36.23
CA ILE C 298 8.44 -24.41 35.01
C ILE C 298 9.16 -23.64 33.93
N LEU C 299 9.65 -22.43 34.26
CA LEU C 299 10.36 -21.63 33.28
C LEU C 299 11.74 -22.19 32.95
N ALA C 300 12.26 -23.09 33.78
CA ALA C 300 13.50 -23.77 33.43
C ALA C 300 13.27 -24.80 32.34
N ASP C 301 12.17 -25.57 32.43
CA ASP C 301 11.94 -26.63 31.47
C ASP C 301 10.99 -26.25 30.34
N ALA C 302 10.25 -25.15 30.45
CA ALA C 302 9.28 -24.81 29.42
C ALA C 302 9.98 -24.41 28.13
N PRO C 303 9.35 -24.66 26.97
CA PRO C 303 9.94 -24.23 25.70
C PRO C 303 9.75 -22.74 25.46
N GLU C 304 8.63 -22.19 25.95
CA GLU C 304 8.36 -20.76 25.78
C GLU C 304 9.35 -19.90 26.55
N SER C 305 9.98 -20.44 27.59
CA SER C 305 10.98 -19.70 28.35
C SER C 305 12.38 -20.05 27.84
N GLN C 306 12.61 -19.68 26.58
CA GLN C 306 13.90 -19.88 25.92
C GLN C 306 14.83 -18.73 26.30
N ASN C 307 15.29 -18.75 27.56
CA ASN C 307 16.06 -17.66 28.14
C ASN C 307 15.32 -16.33 27.97
N ASN C 308 13.99 -16.39 28.12
CA ASN C 308 13.12 -15.27 27.81
C ASN C 308 12.54 -14.60 29.05
N CYS C 309 12.56 -15.26 30.20
CA CYS C 309 11.98 -14.71 31.42
C CYS C 309 12.91 -14.97 32.59
N ARG C 310 13.00 -13.99 33.49
CA ARG C 310 13.76 -14.14 34.72
C ARG C 310 12.98 -13.55 35.88
N LEU C 311 13.17 -14.13 37.05
CA LEU C 311 12.42 -13.78 38.25
C LEU C 311 13.33 -13.08 39.24
N ILE C 312 12.94 -11.88 39.67
CA ILE C 312 13.67 -11.12 40.67
C ILE C 312 12.99 -11.41 42.00
N ALA C 313 13.44 -12.45 42.69
CA ALA C 313 12.90 -12.84 43.98
C ALA C 313 13.75 -12.25 45.09
N TYR C 314 13.12 -11.55 46.02
CA TYR C 314 13.86 -10.85 47.06
C TYR C 314 12.99 -10.75 48.31
N GLN C 315 13.59 -10.20 49.37
CA GLN C 315 12.90 -9.97 50.64
C GLN C 315 13.62 -8.86 51.39
N GLU C 316 12.85 -7.90 51.89
CA GLU C 316 13.43 -6.81 52.69
C GLU C 316 13.37 -7.18 54.17
N PRO C 317 14.51 -7.29 54.86
CA PRO C 317 14.54 -7.66 56.28
C PRO C 317 14.20 -6.48 57.19
N PHE C 323 19.25 -1.57 51.52
CA PHE C 323 18.70 -2.45 50.51
C PHE C 323 17.96 -1.68 49.44
N SER C 324 18.14 -2.07 48.17
CA SER C 324 17.45 -1.44 47.07
C SER C 324 17.18 -2.47 45.99
N LEU C 325 15.94 -2.49 45.50
CA LEU C 325 15.55 -3.45 44.46
C LEU C 325 16.25 -3.15 43.14
N SER C 326 16.47 -1.86 42.85
CA SER C 326 17.04 -1.47 41.55
C SER C 326 18.44 -2.02 41.38
N GLN C 327 19.25 -2.03 42.44
CA GLN C 327 20.59 -2.59 42.35
C GLN C 327 20.53 -4.09 42.03
N GLU C 328 19.61 -4.81 42.65
CA GLU C 328 19.46 -6.22 42.37
C GLU C 328 19.03 -6.48 40.93
N VAL C 329 18.08 -5.68 40.42
CA VAL C 329 17.65 -5.86 39.04
C VAL C 329 18.79 -5.52 38.09
N LEU C 330 19.59 -4.51 38.42
CA LEU C 330 20.74 -4.17 37.58
C LEU C 330 21.76 -5.29 37.57
N ARG C 331 22.06 -5.88 38.74
CA ARG C 331 23.01 -6.98 38.78
C ARG C 331 22.47 -8.21 38.06
N HIS C 332 21.14 -8.37 38.03
CA HIS C 332 20.55 -9.40 37.18
C HIS C 332 20.77 -9.08 35.71
N LEU C 333 20.64 -7.80 35.34
CA LEU C 333 20.79 -7.39 33.94
C LEU C 333 22.23 -7.58 33.46
N SER D 5 -25.33 -28.77 46.88
CA SER D 5 -26.51 -28.52 46.04
C SER D 5 -26.10 -28.09 44.64
N LEU D 6 -24.82 -27.79 44.46
CA LEU D 6 -24.32 -27.40 43.14
C LEU D 6 -24.47 -28.54 42.14
N HIS D 7 -24.18 -29.77 42.56
CA HIS D 7 -24.29 -30.94 41.71
C HIS D 7 -24.27 -32.17 42.60
N PRO D 8 -24.97 -33.24 42.24
CA PRO D 8 -24.95 -34.45 43.09
C PRO D 8 -23.57 -35.06 43.23
N SER D 9 -22.66 -34.82 42.30
CA SER D 9 -21.32 -35.42 42.34
C SER D 9 -20.29 -34.52 43.02
N ILE D 10 -20.69 -33.36 43.52
CA ILE D 10 -19.75 -32.51 44.26
C ILE D 10 -19.64 -33.02 45.70
N PRO D 11 -18.45 -33.28 46.20
CA PRO D 11 -18.31 -33.86 47.54
C PRO D 11 -18.53 -32.83 48.63
N CYS D 12 -19.19 -33.27 49.70
CA CYS D 12 -19.39 -32.43 50.88
C CYS D 12 -18.15 -32.48 51.78
N PRO D 13 -17.94 -31.47 52.61
CA PRO D 13 -16.84 -31.52 53.57
C PRO D 13 -16.97 -32.72 54.50
N ARG D 14 -15.83 -33.27 54.88
CA ARG D 14 -15.82 -34.49 55.69
C ARG D 14 -16.54 -34.27 57.02
N GLY D 15 -17.28 -35.28 57.45
CA GLY D 15 -18.01 -35.20 58.70
C GLY D 15 -17.23 -35.75 59.86
N HIS D 16 -17.89 -36.52 60.73
CA HIS D 16 -17.25 -37.10 61.90
C HIS D 16 -17.66 -38.55 62.07
N GLY D 17 -17.69 -39.30 60.98
CA GLY D 17 -17.96 -40.73 61.07
C GLY D 17 -16.80 -41.50 61.63
N ALA D 18 -15.58 -40.95 61.54
CA ALA D 18 -14.43 -41.58 62.17
C ALA D 18 -14.58 -41.58 63.69
N GLN D 19 -15.13 -40.52 64.25
CA GLN D 19 -15.40 -40.48 65.69
C GLN D 19 -16.45 -41.51 66.08
N LYS D 20 -17.47 -41.68 65.23
CA LYS D 20 -18.47 -42.71 65.49
C LYS D 20 -17.85 -44.10 65.46
N ALA D 21 -16.97 -44.35 64.48
CA ALA D 21 -16.29 -45.63 64.41
C ALA D 21 -15.40 -45.85 65.64
N ALA D 22 -14.73 -44.80 66.10
CA ALA D 22 -13.90 -44.90 67.29
C ALA D 22 -14.76 -45.23 68.51
N LEU D 23 -15.92 -44.59 68.64
CA LEU D 23 -16.82 -44.90 69.75
C LEU D 23 -17.31 -46.34 69.69
N VAL D 24 -17.66 -46.81 68.49
CA VAL D 24 -18.12 -48.19 68.34
C VAL D 24 -17.01 -49.17 68.71
N LEU D 25 -15.78 -48.90 68.24
CA LEU D 25 -14.65 -49.76 68.55
C LEU D 25 -14.35 -49.76 70.04
N LEU D 26 -14.45 -48.59 70.69
CA LEU D 26 -14.22 -48.50 72.12
C LEU D 26 -15.26 -49.32 72.88
N SER D 27 -16.53 -49.21 72.48
CA SER D 27 -17.57 -50.00 73.12
C SER D 27 -17.33 -51.50 72.94
N ALA D 28 -16.96 -51.91 71.73
CA ALA D 28 -16.68 -53.32 71.48
C ALA D 28 -15.49 -53.81 72.30
N CYS D 29 -14.45 -52.99 72.40
CA CYS D 29 -13.28 -53.37 73.21
C CYS D 29 -13.64 -53.49 74.67
N LEU D 30 -14.44 -52.56 75.20
CA LEU D 30 -14.87 -52.67 76.59
C LEU D 30 -15.70 -53.94 76.80
N VAL D 31 -16.60 -54.24 75.87
CA VAL D 31 -17.44 -55.43 75.98
C VAL D 31 -16.58 -56.69 75.99
N THR D 32 -15.60 -56.77 75.09
CA THR D 32 -14.79 -57.98 75.02
C THR D 32 -13.82 -58.09 76.20
N LEU D 33 -13.33 -56.96 76.72
CA LEU D 33 -12.53 -57.01 77.95
C LEU D 33 -13.37 -57.51 79.12
N TRP D 34 -14.62 -57.06 79.21
CA TRP D 34 -15.51 -57.59 80.24
C TRP D 34 -15.76 -59.09 80.04
N GLY D 35 -15.95 -59.51 78.79
CA GLY D 35 -16.23 -60.90 78.53
C GLY D 35 -15.07 -61.82 78.84
N LEU D 36 -13.85 -61.40 78.52
CA LEU D 36 -12.68 -62.24 78.79
C LEU D 36 -12.50 -62.46 80.29
N GLY D 37 -12.65 -61.41 81.09
CA GLY D 37 -12.57 -61.54 82.53
C GLY D 37 -11.19 -61.94 83.03
N GLU D 38 -10.22 -61.05 82.83
CA GLU D 38 -8.83 -61.27 83.21
C GLU D 38 -8.34 -60.07 84.02
N PRO D 39 -7.42 -60.26 84.96
CA PRO D 39 -6.99 -59.16 85.83
C PRO D 39 -6.52 -57.96 85.03
N PRO D 40 -6.90 -56.74 85.45
CA PRO D 40 -6.61 -55.55 84.66
C PRO D 40 -5.23 -54.98 84.86
N GLU D 41 -4.44 -55.47 85.81
CA GLU D 41 -3.08 -54.98 85.98
C GLU D 41 -2.24 -55.29 84.74
N HIS D 42 -2.36 -56.52 84.23
CA HIS D 42 -1.63 -56.89 83.02
C HIS D 42 -2.13 -56.09 81.82
N THR D 43 -3.44 -55.85 81.74
CA THR D 43 -3.98 -55.03 80.65
C THR D 43 -3.42 -53.62 80.69
N LEU D 44 -3.39 -53.01 81.87
CA LEU D 44 -2.84 -51.66 82.00
C LEU D 44 -1.35 -51.63 81.67
N ARG D 45 -0.60 -52.64 82.13
CA ARG D 45 0.82 -52.69 81.82
C ARG D 45 1.05 -52.83 80.32
N TYR D 46 0.27 -53.68 79.66
CA TYR D 46 0.39 -53.85 78.21
C TYR D 46 0.08 -52.55 77.49
N LEU D 47 -1.00 -51.88 77.88
CA LEU D 47 -1.37 -50.62 77.22
C LEU D 47 -0.30 -49.55 77.42
N VAL D 48 0.22 -49.43 78.65
CA VAL D 48 1.24 -48.43 78.93
C VAL D 48 2.52 -48.73 78.16
N LEU D 49 2.91 -50.00 78.10
CA LEU D 49 4.13 -50.35 77.36
C LEU D 49 3.95 -50.13 75.86
N HIS D 50 2.77 -50.43 75.33
CA HIS D 50 2.51 -50.17 73.92
C HIS D 50 2.58 -48.67 73.62
N LEU D 51 1.97 -47.85 74.50
CA LEU D 51 2.02 -46.41 74.30
C LEU D 51 3.46 -45.89 74.41
N ALA D 52 4.24 -46.44 75.34
CA ALA D 52 5.63 -46.03 75.48
C ALA D 52 6.44 -46.41 74.25
N SER D 53 6.19 -47.60 73.69
CA SER D 53 6.87 -48.01 72.47
C SER D 53 6.52 -47.09 71.31
N LEU D 54 5.23 -46.73 71.19
CA LEU D 54 4.82 -45.80 70.14
C LEU D 54 5.47 -44.43 70.33
N GLN D 55 5.55 -43.95 71.56
CA GLN D 55 6.16 -42.64 71.81
C GLN D 55 7.66 -42.67 71.52
N LEU D 56 8.35 -43.75 71.87
CA LEU D 56 9.77 -43.84 71.56
C LEU D 56 10.00 -43.96 70.06
N GLY D 57 9.12 -44.67 69.37
CA GLY D 57 9.20 -44.71 67.91
C GLY D 57 8.99 -43.34 67.30
N LEU D 58 8.05 -42.57 67.85
CA LEU D 58 7.86 -41.20 67.40
C LEU D 58 9.11 -40.36 67.68
N LEU D 59 9.75 -40.58 68.83
CA LEU D 59 10.98 -39.86 69.15
C LEU D 59 12.07 -40.16 68.15
N LEU D 60 12.25 -41.44 67.79
CA LEU D 60 13.29 -41.80 66.83
C LEU D 60 12.97 -41.29 65.43
N ASN D 61 11.68 -41.32 65.06
CA ASN D 61 11.27 -40.75 63.78
C ASN D 61 11.55 -39.25 63.75
N GLY D 62 11.29 -38.56 64.87
CA GLY D 62 11.63 -37.15 64.96
C GLY D 62 13.12 -36.90 64.89
N VAL D 63 13.92 -37.79 65.48
CA VAL D 63 15.37 -37.65 65.40
C VAL D 63 15.84 -37.77 63.95
N CYS D 64 15.32 -38.76 63.23
CA CYS D 64 15.66 -38.90 61.82
C CYS D 64 15.19 -37.70 61.02
N SER D 65 13.99 -37.19 61.32
CA SER D 65 13.49 -36.00 60.64
C SER D 65 14.38 -34.79 60.92
N LEU D 66 14.86 -34.67 62.16
CA LEU D 66 15.77 -33.57 62.48
C LEU D 66 17.09 -33.70 61.73
N ALA D 67 17.60 -34.92 61.61
CA ALA D 67 18.80 -35.12 60.81
C ALA D 67 18.56 -34.74 59.35
N GLU D 68 17.35 -34.98 58.85
CA GLU D 68 16.98 -34.52 57.52
C GLU D 68 16.94 -32.99 57.46
N GLU D 69 16.37 -32.35 58.48
CA GLU D 69 16.14 -30.91 58.50
C GLU D 69 17.35 -30.11 58.93
N LEU D 70 18.47 -30.74 59.27
CA LEU D 70 19.67 -29.98 59.61
C LEU D 70 20.12 -29.06 58.47
N ARG D 71 19.72 -29.34 57.24
CA ARG D 71 20.01 -28.46 56.13
C ARG D 71 18.88 -27.50 55.80
N HIS D 72 17.63 -27.91 56.02
CA HIS D 72 16.48 -27.04 55.78
C HIS D 72 16.24 -26.06 56.92
N ILE D 73 17.01 -26.16 58.00
CA ILE D 73 16.82 -25.27 59.14
C ILE D 73 17.00 -23.81 58.74
N HIS D 74 17.96 -23.54 57.86
CA HIS D 74 18.25 -22.16 57.45
C HIS D 74 17.35 -21.68 56.31
N SER D 75 16.45 -22.52 55.80
CA SER D 75 15.60 -22.16 54.68
C SER D 75 14.12 -22.14 55.05
N ARG D 76 13.60 -23.22 55.63
CA ARG D 76 12.17 -23.33 55.92
C ARG D 76 11.79 -22.76 57.27
N TYR D 77 12.74 -22.39 58.13
CA TYR D 77 12.40 -22.04 59.51
C TYR D 77 13.17 -20.82 60.00
N ARG D 78 13.46 -19.88 59.11
CA ARG D 78 14.11 -18.61 59.46
C ARG D 78 15.47 -18.79 60.10
N GLY D 79 16.11 -19.94 59.90
CA GLY D 79 17.38 -20.21 60.53
C GLY D 79 17.31 -20.30 62.04
N SER D 80 16.22 -20.82 62.58
CA SER D 80 16.02 -20.96 64.02
C SER D 80 15.91 -22.43 64.37
N TYR D 81 16.68 -22.85 65.39
CA TYR D 81 16.66 -24.24 65.80
C TYR D 81 15.33 -24.63 66.43
N TRP D 82 14.71 -23.70 67.16
CA TRP D 82 13.48 -24.02 67.88
C TRP D 82 12.36 -24.41 66.92
N ARG D 83 12.22 -23.67 65.81
CA ARG D 83 11.17 -23.98 64.85
C ARG D 83 11.40 -25.35 64.21
N THR D 84 12.65 -25.67 63.88
CA THR D 84 12.95 -26.98 63.30
C THR D 84 12.64 -28.10 64.28
N VAL D 85 13.01 -27.92 65.55
CA VAL D 85 12.72 -28.94 66.57
C VAL D 85 11.22 -29.10 66.74
N ARG D 86 10.49 -28.00 66.77
CA ARG D 86 9.03 -28.06 66.89
C ARG D 86 8.41 -28.78 65.70
N ALA D 87 8.89 -28.48 64.49
CA ALA D 87 8.35 -29.13 63.30
C ALA D 87 8.62 -30.63 63.33
N CYS D 88 9.82 -31.03 63.77
CA CYS D 88 10.16 -32.44 63.79
C CYS D 88 9.41 -33.20 64.88
N LEU D 89 9.25 -32.61 66.06
CA LEU D 89 8.68 -33.32 67.21
C LEU D 89 7.38 -32.68 67.70
N GLY D 90 6.65 -32.01 66.80
CA GLY D 90 5.36 -31.47 67.20
C GLY D 90 5.48 -30.36 68.23
N CYS D 91 4.42 -30.19 69.01
CA CYS D 91 4.41 -29.17 70.04
C CYS D 91 5.52 -29.45 71.05
N PRO D 92 6.38 -28.47 71.34
CA PRO D 92 7.54 -28.75 72.20
C PRO D 92 7.16 -29.20 73.60
N LEU D 93 6.36 -28.39 74.29
CA LEU D 93 6.03 -28.69 75.69
C LEU D 93 5.25 -29.99 75.81
N ARG D 94 4.16 -30.12 75.05
CA ARG D 94 3.28 -31.27 75.21
C ARG D 94 3.97 -32.56 74.79
N ARG D 95 4.64 -32.56 73.63
CA ARG D 95 5.31 -33.78 73.18
C ARG D 95 6.50 -34.12 74.07
N GLY D 96 7.21 -33.10 74.58
CA GLY D 96 8.28 -33.37 75.52
C GLY D 96 7.78 -34.00 76.80
N ALA D 97 6.67 -33.48 77.34
CA ALA D 97 6.08 -34.08 78.53
C ALA D 97 5.61 -35.50 78.28
N LEU D 98 5.00 -35.73 77.11
CA LEU D 98 4.54 -37.07 76.77
C LEU D 98 5.72 -38.05 76.65
N LEU D 99 6.80 -37.62 76.01
CA LEU D 99 7.98 -38.46 75.88
C LEU D 99 8.61 -38.75 77.23
N LEU D 100 8.69 -37.74 78.11
CA LEU D 100 9.25 -37.96 79.43
C LEU D 100 8.39 -38.94 80.24
N LEU D 101 7.06 -38.79 80.15
CA LEU D 101 6.18 -39.72 80.85
C LEU D 101 6.31 -41.14 80.30
N SER D 102 6.42 -41.27 78.98
CA SER D 102 6.60 -42.59 78.39
C SER D 102 7.93 -43.21 78.81
N ILE D 103 8.99 -42.40 78.87
CA ILE D 103 10.29 -42.90 79.30
C ILE D 103 10.21 -43.38 80.75
N TYR D 104 9.58 -42.60 81.62
CA TYR D 104 9.44 -42.99 83.01
C TYR D 104 8.61 -44.26 83.15
N PHE D 105 7.53 -44.37 82.38
CA PHE D 105 6.68 -45.56 82.45
C PHE D 105 7.42 -46.80 81.96
N TYR D 106 8.21 -46.66 80.89
CA TYR D 106 9.00 -47.78 80.40
C TYR D 106 10.06 -48.19 81.42
N TYR D 107 10.69 -47.21 82.07
CA TYR D 107 11.69 -47.52 83.09
C TYR D 107 11.06 -48.20 84.30
N SER D 108 9.84 -47.80 84.67
CA SER D 108 9.21 -48.34 85.85
C SER D 108 8.80 -49.80 85.67
N LEU D 109 8.15 -50.11 84.55
CA LEU D 109 7.68 -51.47 84.32
C LEU D 109 8.85 -52.39 84.01
N PRO D 110 8.78 -53.65 84.48
CA PRO D 110 9.84 -54.64 84.23
C PRO D 110 9.85 -55.14 82.79
N PRO D 116 15.19 -58.18 80.00
CA PRO D 116 15.79 -57.41 78.90
C PRO D 116 15.24 -55.99 78.83
N PHE D 117 16.11 -55.00 78.96
CA PHE D 117 15.70 -53.59 78.91
C PHE D 117 16.28 -52.86 77.71
N THR D 118 17.61 -52.88 77.54
CA THR D 118 18.21 -52.15 76.43
C THR D 118 18.06 -52.87 75.10
N TRP D 119 17.98 -54.22 75.13
CA TRP D 119 17.79 -54.96 73.89
C TRP D 119 16.45 -54.64 73.25
N MET D 120 15.42 -54.46 74.07
CA MET D 120 14.11 -54.07 73.54
C MET D 120 14.18 -52.70 72.87
N LEU D 121 14.90 -51.75 73.47
CA LEU D 121 15.05 -50.43 72.86
C LEU D 121 15.86 -50.52 71.57
N ALA D 122 16.86 -51.40 71.52
CA ALA D 122 17.61 -51.60 70.27
C ALA D 122 16.70 -52.17 69.19
N LEU D 123 15.84 -53.12 69.55
CA LEU D 123 14.87 -53.64 68.58
C LEU D 123 13.92 -52.56 68.11
N LEU D 124 13.48 -51.69 69.02
CA LEU D 124 12.62 -50.57 68.65
C LEU D 124 13.32 -49.65 67.68
N GLY D 125 14.60 -49.36 67.93
CA GLY D 125 15.35 -48.52 67.01
C GLY D 125 15.50 -49.15 65.63
N LEU D 126 15.79 -50.45 65.60
CA LEU D 126 15.89 -51.14 64.32
C LEU D 126 14.56 -51.13 63.58
N SER D 127 13.46 -51.33 64.29
CA SER D 127 12.14 -51.28 63.66
C SER D 127 11.86 -49.89 63.10
N GLN D 128 12.20 -48.84 63.86
CA GLN D 128 12.01 -47.48 63.37
C GLN D 128 12.84 -47.23 62.11
N ALA D 129 14.09 -47.69 62.12
CA ALA D 129 14.95 -47.50 60.94
C ALA D 129 14.37 -48.24 59.73
N LEU D 130 13.89 -49.46 59.93
CA LEU D 130 13.29 -50.20 58.83
C LEU D 130 12.04 -49.52 58.30
N ASN D 131 11.18 -49.03 59.20
CA ASN D 131 9.93 -48.41 58.77
C ASN D 131 10.17 -47.08 58.08
N ILE D 132 11.21 -46.34 58.47
CA ILE D 132 11.60 -45.17 57.70
C ILE D 132 12.17 -45.58 56.35
N LEU D 133 12.92 -46.68 56.32
CA LEU D 133 13.56 -47.13 55.08
C LEU D 133 12.56 -47.81 54.15
N LEU D 134 11.97 -48.92 54.59
CA LEU D 134 11.03 -49.65 53.73
C LEU D 134 9.73 -48.87 53.54
N GLY D 135 9.19 -48.31 54.62
CA GLY D 135 7.98 -47.53 54.53
C GLY D 135 6.71 -48.32 54.80
N LEU D 136 6.76 -49.22 55.78
CA LEU D 136 5.57 -50.00 56.13
C LEU D 136 4.46 -49.10 56.66
N LYS D 137 4.81 -48.15 57.52
CA LYS D 137 3.82 -47.23 58.10
C LYS D 137 3.50 -46.13 57.09
N GLY D 138 2.77 -46.53 56.04
CA GLY D 138 2.40 -45.62 54.98
C GLY D 138 1.10 -44.89 55.25
N LEU D 139 1.07 -43.62 54.85
CA LEU D 139 -0.13 -42.81 55.03
C LEU D 139 -1.25 -43.29 54.12
N ALA D 140 -2.46 -43.33 54.65
CA ALA D 140 -3.62 -43.66 53.84
C ALA D 140 -3.99 -42.45 52.97
N PRO D 141 -4.17 -42.65 51.66
CA PRO D 141 -4.54 -41.51 50.80
C PRO D 141 -5.81 -40.79 51.25
N ALA D 142 -6.78 -41.52 51.79
CA ALA D 142 -7.96 -40.87 52.35
C ALA D 142 -7.60 -39.97 53.51
N GLU D 143 -6.69 -40.43 54.38
CA GLU D 143 -6.21 -39.58 55.47
C GLU D 143 -5.46 -38.37 54.94
N ILE D 144 -4.70 -38.55 53.85
CA ILE D 144 -3.99 -37.43 53.25
C ILE D 144 -4.98 -36.40 52.74
N SER D 145 -6.06 -36.85 52.08
CA SER D 145 -7.08 -35.93 51.60
C SER D 145 -7.77 -35.22 52.76
N ALA D 146 -8.03 -35.95 53.85
CA ALA D 146 -8.65 -35.33 55.02
C ALA D 146 -7.75 -34.25 55.61
N VAL D 147 -6.45 -34.53 55.72
CA VAL D 147 -5.52 -33.54 56.24
C VAL D 147 -5.45 -32.33 55.31
N CYS D 148 -5.46 -32.57 54.00
CA CYS D 148 -5.44 -31.47 53.04
C CYS D 148 -6.68 -30.59 53.18
N GLU D 149 -7.85 -31.20 53.33
CA GLU D 149 -9.08 -30.43 53.51
C GLU D 149 -9.05 -29.63 54.81
N LYS D 150 -8.59 -30.26 55.90
CA LYS D 150 -8.59 -29.57 57.19
C LYS D 150 -7.55 -28.48 57.25
N GLY D 151 -6.47 -28.59 56.47
CA GLY D 151 -5.46 -27.57 56.40
C GLY D 151 -5.50 -26.69 55.18
N ASN D 152 -6.51 -26.85 54.32
CA ASN D 152 -6.64 -26.09 53.08
C ASN D 152 -5.41 -26.25 52.19
N PHE D 153 -4.87 -27.47 52.15
CA PHE D 153 -3.73 -27.79 51.29
C PHE D 153 -4.24 -28.44 50.00
N ASN D 154 -4.79 -27.60 49.13
CA ASN D 154 -5.33 -28.08 47.86
C ASN D 154 -5.07 -27.06 46.77
N VAL D 155 -4.78 -27.55 45.57
CA VAL D 155 -4.63 -26.67 44.41
C VAL D 155 -5.95 -25.96 44.12
N ALA D 156 -7.07 -26.64 44.33
CA ALA D 156 -8.38 -26.05 44.07
C ALA D 156 -8.62 -24.82 44.92
N HIS D 157 -8.18 -24.85 46.17
CA HIS D 157 -8.35 -23.70 47.05
C HIS D 157 -7.71 -22.45 46.45
N GLY D 158 -6.43 -22.55 46.09
CA GLY D 158 -5.75 -21.41 45.48
C GLY D 158 -6.36 -21.00 44.17
N LEU D 159 -6.72 -21.97 43.33
CA LEU D 159 -7.29 -21.65 42.03
C LEU D 159 -8.60 -20.88 42.18
N ALA D 160 -9.48 -21.35 43.07
CA ALA D 160 -10.77 -20.69 43.25
C ALA D 160 -10.61 -19.32 43.87
N TRP D 161 -9.74 -19.19 44.87
CA TRP D 161 -9.56 -17.88 45.47
C TRP D 161 -8.97 -16.89 44.47
N SER D 162 -8.03 -17.33 43.64
CA SER D 162 -7.49 -16.46 42.60
C SER D 162 -8.58 -16.07 41.60
N TYR D 163 -9.40 -17.04 41.19
CA TYR D 163 -10.45 -16.74 40.22
C TYR D 163 -11.45 -15.75 40.78
N TYR D 164 -11.82 -15.89 42.05
CA TYR D 164 -12.78 -14.98 42.66
C TYR D 164 -12.19 -13.58 42.84
N ILE D 165 -10.96 -13.50 43.37
CA ILE D 165 -10.39 -12.20 43.70
C ILE D 165 -10.01 -11.44 42.43
N GLY D 166 -9.38 -12.12 41.48
CA GLY D 166 -8.81 -11.43 40.33
C GLY D 166 -9.77 -11.11 39.21
N TYR D 167 -10.76 -11.96 38.97
CA TYR D 167 -11.66 -11.80 37.83
C TYR D 167 -13.09 -11.48 38.24
N LEU D 168 -13.71 -12.32 39.08
CA LEU D 168 -15.12 -12.12 39.39
C LEU D 168 -15.34 -10.85 40.20
N ARG D 169 -14.51 -10.60 41.21
CA ARG D 169 -14.69 -9.43 42.05
C ARG D 169 -14.47 -8.13 41.30
N LEU D 170 -13.82 -8.17 40.13
CA LEU D 170 -13.54 -6.96 39.36
C LEU D 170 -14.59 -6.67 38.30
N ILE D 171 -15.51 -7.59 38.03
CA ILE D 171 -16.50 -7.36 36.98
C ILE D 171 -17.92 -7.48 37.52
N LEU D 172 -18.09 -8.25 38.60
CA LEU D 172 -19.44 -8.46 39.14
C LEU D 172 -20.11 -7.17 39.60
N PRO D 173 -19.45 -6.27 40.36
CA PRO D 173 -20.15 -5.06 40.80
C PRO D 173 -20.69 -4.19 39.66
N GLU D 174 -19.97 -4.12 38.54
CA GLU D 174 -20.39 -3.29 37.42
C GLU D 174 -21.11 -4.08 36.33
N LEU D 175 -21.16 -5.40 36.43
CA LEU D 175 -21.85 -6.20 35.41
C LEU D 175 -23.34 -5.92 35.41
N GLN D 176 -23.95 -5.75 36.58
CA GLN D 176 -25.37 -5.44 36.63
C GLN D 176 -25.66 -4.08 35.99
N ALA D 177 -24.79 -3.09 36.24
CA ALA D 177 -24.98 -1.78 35.63
C ALA D 177 -24.83 -1.86 34.11
N ARG D 178 -23.83 -2.59 33.63
CA ARG D 178 -23.67 -2.75 32.18
C ARG D 178 -24.87 -3.47 31.57
N ILE D 179 -25.39 -4.49 32.25
CA ILE D 179 -26.55 -5.21 31.76
C ILE D 179 -27.77 -4.30 31.70
N ARG D 180 -27.97 -3.47 32.72
CA ARG D 180 -29.08 -2.53 32.72
C ARG D 180 -28.94 -1.51 31.60
N THR D 181 -27.71 -1.01 31.38
CA THR D 181 -27.48 -0.06 30.29
C THR D 181 -27.81 -0.69 28.95
N TYR D 182 -27.37 -1.93 28.73
CA TYR D 182 -27.69 -2.63 27.49
C TYR D 182 -29.20 -2.85 27.36
N ASN D 183 -29.86 -3.20 28.47
CA ASN D 183 -31.30 -3.47 28.44
C ASN D 183 -32.09 -2.23 28.06
N GLN D 184 -31.73 -1.07 28.64
CA GLN D 184 -32.36 0.17 28.21
C GLN D 184 -32.00 0.51 26.78
N HIS D 185 -30.77 0.20 26.37
CA HIS D 185 -30.35 0.49 25.00
C HIS D 185 -31.03 -0.42 23.99
N TYR D 186 -31.27 -1.67 24.37
CA TYR D 186 -31.79 -2.68 23.45
C TYR D 186 -33.30 -2.83 23.64
N ASN D 187 -34.04 -2.70 22.54
CA ASN D 187 -35.50 -2.76 22.57
C ASN D 187 -36.09 -3.89 21.74
N ASN D 188 -35.47 -4.25 20.62
CA ASN D 188 -35.99 -5.31 19.76
C ASN D 188 -35.29 -6.63 20.04
N GLY D 192 -36.00 -9.10 23.58
CA GLY D 192 -35.39 -9.98 24.56
C GLY D 192 -34.42 -9.27 25.48
N ALA D 193 -34.72 -9.29 26.77
CA ALA D 193 -33.90 -8.65 27.79
C ALA D 193 -33.05 -9.70 28.50
N VAL D 194 -31.77 -9.43 28.64
CA VAL D 194 -30.86 -10.36 29.29
C VAL D 194 -31.02 -10.27 30.80
N SER D 195 -30.77 -11.37 31.48
CA SER D 195 -30.92 -11.41 32.94
C SER D 195 -29.82 -10.59 33.61
N GLN D 196 -30.08 -10.18 34.85
CA GLN D 196 -29.14 -9.41 35.63
C GLN D 196 -28.10 -10.28 36.36
N ARG D 197 -28.09 -11.58 36.09
CA ARG D 197 -27.19 -12.51 36.75
C ARG D 197 -26.16 -13.05 35.76
N LEU D 198 -24.94 -13.26 36.23
CA LEU D 198 -23.88 -13.88 35.43
C LEU D 198 -23.96 -15.39 35.59
N TYR D 199 -24.19 -16.09 34.49
CA TYR D 199 -24.36 -17.53 34.51
C TYR D 199 -23.02 -18.16 34.09
N ILE D 200 -22.28 -18.64 35.08
CA ILE D 200 -20.95 -19.21 34.87
C ILE D 200 -21.08 -20.71 34.73
N LEU D 201 -20.52 -21.26 33.65
CA LEU D 201 -20.58 -22.68 33.39
C LEU D 201 -19.36 -23.38 33.97
N LEU D 202 -19.58 -24.53 34.61
CA LEU D 202 -18.53 -25.29 35.28
C LEU D 202 -18.56 -26.72 34.76
N PRO D 203 -17.93 -26.98 33.61
CA PRO D 203 -17.88 -28.36 33.10
C PRO D 203 -17.05 -29.24 34.01
N LEU D 204 -17.70 -30.22 34.63
CA LEU D 204 -17.03 -31.07 35.62
C LEU D 204 -15.89 -31.86 34.97
N ASP D 205 -16.08 -32.31 33.73
CA ASP D 205 -15.03 -33.02 33.01
C ASP D 205 -13.86 -32.12 32.61
N CYS D 206 -14.00 -30.80 32.80
CA CYS D 206 -12.95 -29.81 32.54
C CYS D 206 -12.59 -29.73 31.06
N GLY D 207 -13.43 -30.25 30.18
CA GLY D 207 -13.22 -30.06 28.76
C GLY D 207 -14.00 -28.86 28.26
N VAL D 208 -13.33 -27.71 28.16
CA VAL D 208 -13.98 -26.46 27.79
C VAL D 208 -13.85 -26.28 26.27
N PRO D 209 -14.95 -26.13 25.53
CA PRO D 209 -14.83 -25.77 24.12
C PRO D 209 -14.35 -24.34 23.96
N ASP D 210 -13.81 -24.06 22.77
CA ASP D 210 -13.41 -22.69 22.47
C ASP D 210 -14.60 -21.75 22.44
N ASN D 211 -15.74 -22.23 21.95
CA ASN D 211 -16.97 -21.44 21.89
C ASN D 211 -18.15 -22.31 22.32
N LEU D 212 -19.21 -21.64 22.79
CA LEU D 212 -20.40 -22.36 23.22
C LEU D 212 -21.09 -23.07 22.07
N SER D 213 -20.97 -22.55 20.86
CA SER D 213 -21.65 -23.15 19.71
C SER D 213 -21.13 -24.56 19.44
N MET D 214 -19.82 -24.77 19.61
CA MET D 214 -19.26 -26.10 19.41
C MET D 214 -19.76 -27.10 20.44
N ALA D 215 -20.00 -26.66 21.67
CA ALA D 215 -20.48 -27.56 22.71
C ALA D 215 -21.85 -28.12 22.36
N ASP D 216 -22.75 -27.27 21.84
CA ASP D 216 -24.09 -27.69 21.50
C ASP D 216 -24.64 -26.77 20.41
N PRO D 217 -25.28 -27.32 19.38
CA PRO D 217 -25.86 -26.45 18.34
C PRO D 217 -27.17 -25.79 18.76
N ASN D 218 -27.72 -26.15 19.92
CA ASN D 218 -28.95 -25.55 20.41
C ASN D 218 -28.73 -24.19 21.05
N ILE D 219 -27.49 -23.74 21.19
CA ILE D 219 -27.15 -22.45 21.76
C ILE D 219 -26.41 -21.65 20.71
N ARG D 220 -26.84 -20.41 20.49
CA ARG D 220 -26.27 -19.54 19.47
C ARG D 220 -25.72 -18.28 20.10
N PHE D 221 -24.64 -17.77 19.52
CA PHE D 221 -24.03 -16.53 19.99
C PHE D 221 -24.87 -15.34 19.54
N LEU D 222 -25.19 -14.45 20.48
CA LEU D 222 -26.09 -13.34 20.21
C LEU D 222 -25.35 -12.00 20.10
N ASP D 223 -24.60 -11.60 21.13
CA ASP D 223 -24.05 -10.25 21.14
C ASP D 223 -22.90 -10.18 22.13
N LYS D 224 -22.20 -9.04 22.08
CA LYS D 224 -21.10 -8.74 22.98
C LYS D 224 -21.47 -7.53 23.83
N LEU D 225 -21.40 -7.69 25.15
CA LEU D 225 -21.69 -6.58 26.05
C LEU D 225 -20.61 -5.51 25.92
N PRO D 226 -20.98 -4.24 26.05
CA PRO D 226 -19.97 -3.17 26.01
C PRO D 226 -18.93 -3.35 27.11
N GLN D 227 -17.70 -2.98 26.77
CA GLN D 227 -16.56 -3.14 27.67
C GLN D 227 -16.73 -2.33 28.96
N ARG D 238 -9.44 -3.36 34.03
CA ARG D 238 -9.37 -3.22 32.59
C ARG D 238 -10.76 -3.32 31.97
N VAL D 239 -10.82 -3.54 30.66
CA VAL D 239 -12.08 -3.67 29.94
C VAL D 239 -12.27 -5.14 29.57
N TYR D 240 -13.38 -5.71 30.01
CA TYR D 240 -13.63 -7.14 29.89
C TYR D 240 -14.67 -7.40 28.80
N SER D 241 -14.36 -8.32 27.89
CA SER D 241 -15.22 -8.63 26.77
C SER D 241 -16.13 -9.80 27.14
N ASN D 242 -17.34 -9.47 27.59
CA ASN D 242 -18.33 -10.49 27.93
C ASN D 242 -19.09 -10.92 26.67
N SER D 243 -19.90 -11.96 26.83
CA SER D 243 -20.67 -12.51 25.71
C SER D 243 -22.06 -12.89 26.17
N ILE D 244 -23.05 -12.62 25.32
CA ILE D 244 -24.44 -13.00 25.56
C ILE D 244 -24.88 -13.92 24.44
N TYR D 245 -25.44 -15.07 24.80
CA TYR D 245 -25.80 -16.11 23.85
C TYR D 245 -27.31 -16.28 23.78
N GLU D 246 -27.80 -16.57 22.58
CA GLU D 246 -29.21 -16.91 22.41
C GLU D 246 -29.47 -18.29 22.97
N LEU D 247 -30.59 -18.43 23.68
CA LEU D 247 -30.99 -19.70 24.29
C LEU D 247 -32.16 -20.26 23.47
N LEU D 248 -31.83 -21.06 22.47
CA LEU D 248 -32.85 -21.64 21.61
C LEU D 248 -33.43 -22.90 22.22
N GLU D 249 -34.77 -22.96 22.26
CA GLU D 249 -35.52 -24.15 22.64
C GLU D 249 -36.51 -24.42 21.52
N ASN D 250 -36.42 -25.61 20.92
CA ASN D 250 -37.26 -25.99 19.78
C ASN D 250 -37.14 -24.96 18.65
N GLY D 251 -35.99 -24.31 18.54
CA GLY D 251 -35.76 -23.33 17.50
C GLY D 251 -36.27 -21.95 17.80
N GLN D 252 -36.76 -21.69 19.00
CA GLN D 252 -37.27 -20.37 19.38
C GLN D 252 -36.55 -19.88 20.62
N ARG D 253 -36.24 -18.58 20.65
CA ARG D 253 -35.53 -18.02 21.79
C ARG D 253 -36.42 -18.07 23.03
N ALA D 254 -35.90 -18.65 24.10
CA ALA D 254 -36.64 -18.75 25.35
C ALA D 254 -36.15 -17.77 26.41
N GLY D 255 -34.89 -17.34 26.32
CA GLY D 255 -34.34 -16.39 27.28
C GLY D 255 -32.97 -15.96 26.84
N THR D 256 -32.44 -14.96 27.53
CA THR D 256 -31.10 -14.45 27.27
C THR D 256 -30.36 -14.24 28.58
N CYS D 257 -29.09 -14.63 28.60
CA CYS D 257 -28.26 -14.52 29.79
C CYS D 257 -26.80 -14.43 29.35
N VAL D 258 -25.95 -14.03 30.29
CA VAL D 258 -24.53 -13.85 30.03
C VAL D 258 -23.81 -15.15 30.42
N LEU D 259 -23.47 -15.95 29.41
CA LEU D 259 -22.73 -17.19 29.63
C LEU D 259 -21.24 -16.93 29.52
N GLU D 260 -20.47 -17.54 30.41
CA GLU D 260 -19.04 -17.28 30.48
C GLU D 260 -18.36 -18.44 31.21
N TYR D 261 -17.48 -19.16 30.51
CA TYR D 261 -16.78 -20.29 31.11
C TYR D 261 -15.86 -19.86 32.23
N ALA D 262 -15.55 -20.82 33.11
CA ALA D 262 -14.53 -20.64 34.13
C ALA D 262 -13.21 -21.16 33.60
N THR D 263 -12.26 -20.25 33.41
CA THR D 263 -10.93 -20.58 32.90
C THR D 263 -10.08 -21.43 33.85
N PRO D 264 -10.29 -21.40 35.18
CA PRO D 264 -9.53 -22.34 36.02
C PRO D 264 -9.73 -23.80 35.65
N LEU D 265 -10.90 -24.17 35.13
CA LEU D 265 -11.10 -25.55 34.70
C LEU D 265 -10.23 -25.88 33.48
N GLN D 266 -10.11 -24.92 32.55
CA GLN D 266 -9.18 -25.10 31.44
C GLN D 266 -7.74 -25.20 31.93
N THR D 267 -7.38 -24.39 32.93
CA THR D 267 -6.04 -24.47 33.50
C THR D 267 -5.80 -25.83 34.14
N LEU D 268 -6.80 -26.37 34.84
CA LEU D 268 -6.68 -27.70 35.43
C LEU D 268 -6.51 -28.77 34.36
N PHE D 269 -7.27 -28.68 33.27
CA PHE D 269 -7.15 -29.64 32.19
C PHE D 269 -5.76 -29.58 31.55
N ALA D 270 -5.26 -28.36 31.31
CA ALA D 270 -3.91 -28.23 30.75
C ALA D 270 -2.84 -28.70 31.72
N MET D 271 -3.04 -28.49 33.03
CA MET D 271 -2.12 -29.04 34.02
C MET D 271 -2.09 -30.55 33.95
N SER D 272 -3.26 -31.18 33.83
CA SER D 272 -3.31 -32.63 33.68
C SER D 272 -2.64 -33.08 32.39
N GLN D 273 -2.71 -32.25 31.34
CA GLN D 273 -2.07 -32.59 30.08
C GLN D 273 -0.55 -32.66 30.22
N TYR D 274 0.05 -31.72 30.95
CA TYR D 274 1.49 -31.62 31.02
C TYR D 274 2.07 -32.63 32.01
N SER D 275 3.28 -33.10 31.70
CA SER D 275 3.98 -34.08 32.53
C SER D 275 4.76 -33.44 33.66
N GLN D 276 4.98 -32.12 33.63
CA GLN D 276 5.71 -31.44 34.69
C GLN D 276 4.83 -31.10 35.89
N ALA D 277 3.52 -31.30 35.79
CA ALA D 277 2.62 -30.94 36.86
C ALA D 277 2.49 -32.01 37.93
N GLY D 278 2.73 -33.27 37.60
CA GLY D 278 2.49 -34.35 38.53
C GLY D 278 1.05 -34.35 38.98
N PHE D 279 0.14 -34.21 38.01
CA PHE D 279 -1.27 -33.90 38.29
C PHE D 279 -2.11 -34.80 37.39
N SER D 280 -2.50 -35.95 37.92
CA SER D 280 -3.17 -36.97 37.14
C SER D 280 -4.62 -36.61 36.88
N ARG D 281 -5.26 -37.39 36.01
CA ARG D 281 -6.65 -37.13 35.64
C ARG D 281 -7.59 -37.32 36.82
N GLU D 282 -7.36 -38.34 37.65
CA GLU D 282 -8.15 -38.48 38.87
C GLU D 282 -7.94 -37.29 39.78
N ASP D 283 -6.68 -36.85 39.93
CA ASP D 283 -6.41 -35.65 40.70
C ASP D 283 -7.05 -34.43 40.05
N ARG D 284 -7.06 -34.37 38.72
CA ARG D 284 -7.70 -33.26 38.04
C ARG D 284 -9.19 -33.20 38.35
N LEU D 285 -9.86 -34.35 38.32
CA LEU D 285 -11.29 -34.39 38.62
C LEU D 285 -11.55 -34.01 40.08
N GLU D 286 -10.74 -34.54 41.00
CA GLU D 286 -10.93 -34.23 42.41
C GLU D 286 -10.74 -32.74 42.68
N GLN D 287 -9.69 -32.15 42.11
CA GLN D 287 -9.44 -30.73 42.32
C GLN D 287 -10.49 -29.88 41.62
N ALA D 288 -11.03 -30.33 40.49
CA ALA D 288 -12.11 -29.58 39.86
C ALA D 288 -13.36 -29.57 40.74
N LYS D 289 -13.70 -30.72 41.32
CA LYS D 289 -14.84 -30.78 42.23
C LYS D 289 -14.63 -29.89 43.45
N LEU D 290 -13.43 -29.96 44.04
CA LEU D 290 -13.14 -29.09 45.18
C LEU D 290 -13.19 -27.63 44.80
N PHE D 291 -12.69 -27.29 43.60
CA PHE D 291 -12.72 -25.90 43.14
C PHE D 291 -14.14 -25.40 43.00
N CYS D 292 -15.02 -26.19 42.40
CA CYS D 292 -16.41 -25.78 42.28
C CYS D 292 -17.06 -25.62 43.65
N ARG D 293 -16.80 -26.55 44.56
CA ARG D 293 -17.41 -26.47 45.90
C ARG D 293 -16.93 -25.23 46.64
N THR D 294 -15.64 -24.94 46.60
CA THR D 294 -15.13 -23.79 47.35
C THR D 294 -15.48 -22.47 46.64
N LEU D 295 -15.65 -22.48 45.32
CA LEU D 295 -16.18 -21.29 44.66
C LEU D 295 -17.61 -21.02 45.10
N GLU D 296 -18.43 -22.07 45.21
CA GLU D 296 -19.77 -21.91 45.76
C GLU D 296 -19.71 -21.35 47.18
N ASP D 297 -18.82 -21.90 48.00
CA ASP D 297 -18.70 -21.43 49.38
C ASP D 297 -18.28 -19.96 49.45
N ILE D 298 -17.33 -19.56 48.62
CA ILE D 298 -16.85 -18.18 48.62
C ILE D 298 -17.95 -17.24 48.15
N LEU D 299 -18.64 -17.60 47.06
CA LEU D 299 -19.67 -16.72 46.52
C LEU D 299 -20.91 -16.67 47.41
N ALA D 300 -21.12 -17.69 48.25
CA ALA D 300 -22.25 -17.65 49.18
C ALA D 300 -22.10 -16.52 50.20
N ASP D 301 -20.88 -16.32 50.70
CA ASP D 301 -20.61 -15.29 51.69
C ASP D 301 -19.87 -14.10 51.11
N ALA D 302 -19.81 -13.98 49.80
CA ALA D 302 -19.06 -12.88 49.17
C ALA D 302 -19.84 -11.58 49.31
N PRO D 303 -19.24 -10.53 49.89
CA PRO D 303 -19.94 -9.24 49.97
C PRO D 303 -20.28 -8.66 48.61
N GLU D 304 -19.43 -8.88 47.60
CA GLU D 304 -19.66 -8.34 46.27
C GLU D 304 -20.68 -9.14 45.46
N SER D 305 -21.03 -10.35 45.90
CA SER D 305 -22.01 -11.16 45.21
C SER D 305 -23.40 -10.86 45.78
N GLN D 306 -24.25 -10.26 44.94
CA GLN D 306 -25.60 -9.86 45.33
C GLN D 306 -26.61 -10.43 44.34
N ASN D 307 -26.50 -11.75 44.08
CA ASN D 307 -27.38 -12.47 43.17
C ASN D 307 -27.24 -11.97 41.73
N ASN D 308 -26.07 -11.42 41.40
CA ASN D 308 -25.75 -11.04 40.03
C ASN D 308 -24.85 -12.08 39.35
N CYS D 309 -24.60 -13.21 40.00
CA CYS D 309 -23.78 -14.27 39.44
C CYS D 309 -24.37 -15.61 39.82
N ARG D 310 -24.51 -16.50 38.84
CA ARG D 310 -25.06 -17.83 39.05
C ARG D 310 -24.09 -18.87 38.51
N LEU D 311 -23.93 -19.97 39.25
CA LEU D 311 -23.01 -21.04 38.87
C LEU D 311 -23.79 -22.22 38.33
N ILE D 312 -23.44 -22.66 37.13
CA ILE D 312 -24.06 -23.81 36.49
C ILE D 312 -22.97 -24.87 36.31
N ALA D 313 -23.15 -26.01 36.97
CA ALA D 313 -22.21 -27.11 36.88
C ALA D 313 -22.91 -28.32 36.27
N TYR D 314 -22.27 -28.93 35.26
CA TYR D 314 -22.85 -30.07 34.58
C TYR D 314 -21.74 -31.01 34.16
N GLN D 315 -21.99 -32.31 34.28
CA GLN D 315 -21.05 -33.35 33.87
C GLN D 315 -21.63 -34.09 32.67
N GLU D 316 -20.87 -34.13 31.58
CA GLU D 316 -21.34 -34.81 30.38
C GLU D 316 -21.29 -36.32 30.58
N PRO D 317 -22.41 -37.04 30.41
CA PRO D 317 -22.45 -38.49 30.59
C PRO D 317 -21.70 -39.24 29.49
N PHE D 323 -26.39 -34.96 26.53
CA PHE D 323 -26.73 -33.87 27.43
C PHE D 323 -27.16 -32.63 26.64
N SER D 324 -28.10 -31.88 27.20
CA SER D 324 -28.62 -30.66 26.60
C SER D 324 -28.29 -29.49 27.52
N LEU D 325 -27.32 -28.66 27.10
CA LEU D 325 -26.89 -27.55 27.94
C LEU D 325 -27.97 -26.47 28.01
N SER D 326 -28.68 -26.24 26.90
CA SER D 326 -29.69 -25.20 26.89
C SER D 326 -30.81 -25.49 27.87
N GLN D 327 -31.22 -26.76 27.98
CA GLN D 327 -32.24 -27.13 28.95
C GLN D 327 -31.77 -26.85 30.37
N GLU D 328 -30.50 -27.17 30.66
CA GLU D 328 -29.97 -26.91 32.00
C GLU D 328 -29.95 -25.41 32.30
N VAL D 329 -29.53 -24.59 31.32
CA VAL D 329 -29.49 -23.15 31.54
C VAL D 329 -30.90 -22.60 31.76
N LEU D 330 -31.87 -23.06 30.96
CA LEU D 330 -33.23 -22.59 31.12
C LEU D 330 -33.86 -23.05 32.43
N ARG D 331 -33.44 -24.21 32.94
CA ARG D 331 -33.99 -24.70 34.19
C ARG D 331 -33.67 -23.76 35.35
N HIS D 332 -32.45 -23.21 35.38
CA HIS D 332 -32.06 -22.28 36.42
C HIS D 332 -32.79 -20.95 36.33
N LEU D 333 -33.39 -20.64 35.18
CA LEU D 333 -34.14 -19.40 35.02
C LEU D 333 -35.53 -19.49 35.66
N SER E 5 -12.38 -6.40 -34.67
CA SER E 5 -13.82 -6.55 -34.52
C SER E 5 -14.18 -6.99 -33.10
N LEU E 6 -13.32 -6.61 -32.15
CA LEU E 6 -13.58 -6.96 -30.75
C LEU E 6 -14.86 -6.30 -30.25
N HIS E 7 -15.07 -5.04 -30.60
CA HIS E 7 -16.19 -4.24 -30.14
C HIS E 7 -16.71 -3.41 -31.30
N PRO E 8 -18.00 -3.07 -31.29
CA PRO E 8 -18.51 -2.14 -32.32
C PRO E 8 -17.89 -0.76 -32.23
N SER E 9 -17.29 -0.39 -31.10
CA SER E 9 -16.70 0.93 -30.94
C SER E 9 -15.25 1.01 -31.41
N ILE E 10 -14.54 -0.12 -31.45
CA ILE E 10 -13.13 -0.08 -31.85
C ILE E 10 -13.05 0.26 -33.34
N PRO E 11 -12.29 1.29 -33.73
CA PRO E 11 -12.24 1.66 -35.14
C PRO E 11 -11.54 0.61 -35.98
N CYS E 12 -11.97 0.51 -37.22
CA CYS E 12 -11.31 -0.35 -38.20
C CYS E 12 -10.23 0.43 -38.93
N PRO E 13 -9.24 -0.26 -39.50
CA PRO E 13 -8.23 0.44 -40.31
C PRO E 13 -8.89 1.19 -41.46
N ARG E 14 -8.35 2.37 -41.76
CA ARG E 14 -8.95 3.25 -42.75
C ARG E 14 -8.98 2.60 -44.12
N GLY E 15 -10.14 2.70 -44.79
CA GLY E 15 -10.26 2.28 -46.16
C GLY E 15 -9.84 3.36 -47.14
N HIS E 16 -10.04 3.06 -48.42
CA HIS E 16 -9.71 3.99 -49.50
C HIS E 16 -10.91 4.80 -49.95
N GLY E 17 -11.86 5.06 -49.04
CA GLY E 17 -13.02 5.86 -49.40
C GLY E 17 -12.67 7.28 -49.80
N ALA E 18 -11.62 7.85 -49.19
CA ALA E 18 -11.20 9.19 -49.56
C ALA E 18 -10.73 9.23 -51.01
N GLN E 19 -9.97 8.23 -51.45
CA GLN E 19 -9.53 8.18 -52.84
C GLN E 19 -10.70 7.92 -53.78
N LYS E 20 -11.68 7.13 -53.36
CA LYS E 20 -12.88 6.94 -54.18
C LYS E 20 -13.64 8.25 -54.36
N ALA E 21 -13.78 9.02 -53.28
CA ALA E 21 -14.43 10.33 -53.37
C ALA E 21 -13.62 11.27 -54.25
N ALA E 22 -12.29 11.20 -54.16
CA ALA E 22 -11.45 12.03 -55.03
C ALA E 22 -11.64 11.66 -56.49
N LEU E 23 -11.75 10.36 -56.79
CA LEU E 23 -11.99 9.94 -58.17
C LEU E 23 -13.36 10.41 -58.66
N VAL E 24 -14.37 10.33 -57.80
CA VAL E 24 -15.70 10.83 -58.16
C VAL E 24 -15.65 12.32 -58.44
N LEU E 25 -14.95 13.08 -57.59
CA LEU E 25 -14.81 14.51 -57.80
C LEU E 25 -14.06 14.81 -59.09
N LEU E 26 -13.03 14.03 -59.41
CA LEU E 26 -12.31 14.22 -60.66
C LEU E 26 -13.20 13.97 -61.86
N SER E 27 -14.03 12.92 -61.80
CA SER E 27 -14.94 12.65 -62.91
C SER E 27 -15.96 13.78 -63.07
N ALA E 28 -16.50 14.27 -61.95
CA ALA E 28 -17.46 15.36 -62.01
C ALA E 28 -16.82 16.63 -62.57
N CYS E 29 -15.59 16.92 -62.15
CA CYS E 29 -14.89 18.10 -62.63
C CYS E 29 -14.57 17.99 -64.11
N LEU E 30 -14.19 16.79 -64.58
CA LEU E 30 -13.95 16.59 -66.00
C LEU E 30 -15.23 16.79 -66.80
N VAL E 31 -16.36 16.27 -66.29
CA VAL E 31 -17.63 16.46 -66.97
C VAL E 31 -17.98 17.94 -67.05
N THR E 32 -17.79 18.66 -65.94
CA THR E 32 -18.08 20.10 -65.93
C THR E 32 -17.18 20.86 -66.90
N LEU E 33 -15.88 20.51 -66.93
CA LEU E 33 -14.95 21.18 -67.83
C LEU E 33 -15.34 20.94 -69.29
N TRP E 34 -15.72 19.70 -69.63
CA TRP E 34 -16.15 19.42 -70.99
C TRP E 34 -17.45 20.14 -71.32
N GLY E 35 -18.35 20.28 -70.34
CA GLY E 35 -19.58 21.01 -70.58
C GLY E 35 -19.34 22.50 -70.83
N LEU E 36 -18.40 23.09 -70.09
CA LEU E 36 -18.09 24.49 -70.30
C LEU E 36 -17.53 24.74 -71.70
N GLY E 37 -16.67 23.85 -72.18
CA GLY E 37 -16.11 23.99 -73.51
C GLY E 37 -14.96 24.97 -73.62
N GLU E 38 -14.32 25.31 -72.52
CA GLU E 38 -13.18 26.23 -72.56
C GLU E 38 -12.00 25.55 -73.27
N PRO E 39 -11.10 26.34 -73.85
CA PRO E 39 -9.93 25.77 -74.52
C PRO E 39 -9.10 24.93 -73.57
N PRO E 40 -8.86 23.66 -73.89
CA PRO E 40 -8.11 22.79 -72.97
C PRO E 40 -6.69 23.24 -72.72
N GLU E 41 -6.10 24.01 -73.65
CA GLU E 41 -4.73 24.48 -73.44
C GLU E 41 -4.64 25.38 -72.21
N HIS E 42 -5.64 26.26 -72.02
CA HIS E 42 -5.67 27.10 -70.83
C HIS E 42 -5.77 26.26 -69.58
N THR E 43 -6.60 25.21 -69.62
CA THR E 43 -6.74 24.32 -68.47
C THR E 43 -5.41 23.65 -68.13
N LEU E 44 -4.72 23.13 -69.15
CA LEU E 44 -3.44 22.46 -68.93
C LEU E 44 -2.42 23.44 -68.36
N ARG E 45 -2.34 24.63 -68.94
CA ARG E 45 -1.36 25.62 -68.49
C ARG E 45 -1.65 26.03 -67.05
N TYR E 46 -2.91 26.28 -66.72
CA TYR E 46 -3.26 26.70 -65.36
C TYR E 46 -2.98 25.60 -64.35
N LEU E 47 -3.32 24.35 -64.68
CA LEU E 47 -3.05 23.24 -63.78
C LEU E 47 -1.55 23.08 -63.55
N VAL E 48 -0.76 23.15 -64.62
CA VAL E 48 0.69 23.00 -64.49
C VAL E 48 1.27 24.13 -63.64
N LEU E 49 0.79 25.36 -63.86
CA LEU E 49 1.31 26.49 -63.09
C LEU E 49 0.91 26.39 -61.62
N HIS E 50 -0.31 25.93 -61.34
CA HIS E 50 -0.73 25.76 -59.95
C HIS E 50 0.11 24.69 -59.26
N LEU E 51 0.36 23.57 -59.94
CA LEU E 51 1.21 22.54 -59.37
C LEU E 51 2.63 23.05 -59.16
N ALA E 52 3.12 23.87 -60.09
CA ALA E 52 4.45 24.47 -59.93
C ALA E 52 4.50 25.38 -58.71
N SER E 53 3.46 26.18 -58.51
CA SER E 53 3.40 27.05 -57.34
C SER E 53 3.39 26.22 -56.05
N LEU E 54 2.62 25.14 -56.03
CA LEU E 54 2.60 24.28 -54.85
C LEU E 54 3.97 23.66 -54.59
N GLN E 55 4.65 23.21 -55.65
CA GLN E 55 5.98 22.63 -55.49
C GLN E 55 6.96 23.64 -54.96
N LEU E 56 6.90 24.88 -55.46
CA LEU E 56 7.82 25.91 -54.97
C LEU E 56 7.52 26.29 -53.52
N GLY E 57 6.24 26.31 -53.15
CA GLY E 57 5.90 26.53 -51.75
C GLY E 57 6.42 25.43 -50.85
N LEU E 58 6.31 24.18 -51.31
CA LEU E 58 6.89 23.05 -50.56
C LEU E 58 8.40 23.20 -50.46
N LEU E 59 9.04 23.69 -51.52
CA LEU E 59 10.48 23.94 -51.47
C LEU E 59 10.83 24.97 -50.41
N LEU E 60 10.07 26.06 -50.35
CA LEU E 60 10.32 27.08 -49.34
C LEU E 60 10.12 26.52 -47.93
N ASN E 61 9.05 25.75 -47.73
CA ASN E 61 8.80 25.15 -46.43
C ASN E 61 9.93 24.18 -46.05
N GLY E 62 10.42 23.42 -47.03
CA GLY E 62 11.53 22.53 -46.77
C GLY E 62 12.82 23.27 -46.44
N VAL E 63 13.03 24.43 -47.06
CA VAL E 63 14.18 25.25 -46.72
C VAL E 63 14.08 25.74 -45.28
N CYS E 64 12.89 26.17 -44.87
CA CYS E 64 12.68 26.58 -43.48
C CYS E 64 12.91 25.41 -42.53
N SER E 65 12.42 24.23 -42.90
CA SER E 65 12.64 23.03 -42.08
C SER E 65 14.12 22.70 -41.97
N LEU E 66 14.87 22.85 -43.06
CA LEU E 66 16.32 22.69 -43.01
C LEU E 66 16.95 23.70 -42.06
N ALA E 67 16.49 24.94 -42.11
CA ALA E 67 17.00 25.97 -41.21
C ALA E 67 16.76 25.62 -39.75
N GLU E 68 15.60 25.08 -39.41
CA GLU E 68 15.35 24.68 -38.04
C GLU E 68 16.03 23.36 -37.66
N GLU E 69 16.31 22.49 -38.62
CA GLU E 69 16.90 21.19 -38.33
C GLU E 69 18.42 21.22 -38.30
N LEU E 70 19.05 22.28 -38.84
CA LEU E 70 20.51 22.32 -38.88
C LEU E 70 21.12 22.27 -37.48
N ARG E 71 20.36 22.61 -36.46
CA ARG E 71 20.84 22.52 -35.08
C ARG E 71 20.61 21.17 -34.45
N HIS E 72 19.99 20.23 -35.17
CA HIS E 72 19.84 18.85 -34.72
C HIS E 72 20.64 17.87 -35.57
N ILE E 73 21.57 18.35 -36.39
CA ILE E 73 22.25 17.49 -37.34
C ILE E 73 23.18 16.50 -36.63
N HIS E 74 23.84 16.93 -35.55
CA HIS E 74 24.79 16.06 -34.88
C HIS E 74 24.12 15.06 -33.95
N SER E 75 22.83 15.21 -33.68
CA SER E 75 22.11 14.31 -32.78
C SER E 75 21.04 13.52 -33.50
N ARG E 76 20.10 14.18 -34.18
CA ARG E 76 19.00 13.51 -34.84
C ARG E 76 19.30 13.05 -36.25
N TYR E 77 20.46 13.43 -36.81
CA TYR E 77 20.76 13.08 -38.19
C TYR E 77 22.19 12.59 -38.37
N ARG E 78 22.84 12.13 -37.30
CA ARG E 78 24.19 11.54 -37.33
C ARG E 78 25.18 12.39 -38.12
N GLY E 79 24.95 13.69 -38.17
CA GLY E 79 25.85 14.59 -38.86
C GLY E 79 25.90 14.41 -40.37
N SER E 80 24.74 14.21 -41.00
CA SER E 80 24.66 14.08 -42.45
C SER E 80 23.67 15.10 -42.98
N TYR E 81 24.10 15.93 -43.93
CA TYR E 81 23.20 16.93 -44.50
C TYR E 81 22.20 16.30 -45.46
N TRP E 82 22.60 15.23 -46.15
CA TRP E 82 21.68 14.56 -47.07
C TRP E 82 20.47 13.99 -46.34
N ARG E 83 20.69 13.43 -45.14
CA ARG E 83 19.57 12.94 -44.35
C ARG E 83 18.61 14.07 -43.98
N THR E 84 19.16 15.23 -43.60
CA THR E 84 18.31 16.35 -43.23
C THR E 84 17.52 16.85 -44.43
N VAL E 85 18.15 16.95 -45.60
CA VAL E 85 17.44 17.39 -46.80
C VAL E 85 16.36 16.38 -47.18
N ARG E 86 16.66 15.08 -47.04
CA ARG E 86 15.66 14.06 -47.33
C ARG E 86 14.48 14.17 -46.39
N ALA E 87 14.73 14.40 -45.09
CA ALA E 87 13.64 14.53 -44.14
C ALA E 87 12.83 15.80 -44.39
N CYS E 88 13.47 16.86 -44.86
CA CYS E 88 12.77 18.13 -45.05
C CYS E 88 12.01 18.19 -46.36
N LEU E 89 12.46 17.46 -47.40
CA LEU E 89 11.86 17.58 -48.72
C LEU E 89 11.49 16.22 -49.32
N GLY E 90 11.35 15.19 -48.48
CA GLY E 90 11.01 13.88 -49.02
C GLY E 90 12.15 13.30 -49.85
N CYS E 91 11.78 12.59 -50.90
CA CYS E 91 12.77 12.02 -51.80
C CYS E 91 13.54 13.16 -52.47
N PRO E 92 14.87 13.21 -52.35
CA PRO E 92 15.62 14.36 -52.87
C PRO E 92 15.57 14.48 -54.38
N LEU E 93 15.86 13.38 -55.08
CA LEU E 93 15.95 13.43 -56.53
C LEU E 93 14.59 13.69 -57.17
N ARG E 94 13.54 13.04 -56.68
CA ARG E 94 12.21 13.27 -57.22
C ARG E 94 11.76 14.70 -56.96
N ARG E 95 12.02 15.22 -55.76
CA ARG E 95 11.68 16.60 -55.43
C ARG E 95 12.42 17.57 -56.33
N GLY E 96 13.72 17.32 -56.58
CA GLY E 96 14.48 18.18 -57.47
C GLY E 96 13.97 18.13 -58.90
N ALA E 97 13.58 16.95 -59.36
CA ALA E 97 13.00 16.84 -60.70
C ALA E 97 11.71 17.62 -60.81
N LEU E 98 10.84 17.52 -59.80
CA LEU E 98 9.60 18.28 -59.81
C LEU E 98 9.86 19.78 -59.77
N LEU E 99 10.84 20.20 -58.98
CA LEU E 99 11.19 21.62 -58.91
C LEU E 99 11.71 22.14 -60.24
N LEU E 100 12.57 21.35 -60.91
CA LEU E 100 13.07 21.75 -62.22
C LEU E 100 11.95 21.81 -63.24
N LEU E 101 11.01 20.86 -63.18
CA LEU E 101 9.84 20.93 -64.04
C LEU E 101 9.05 22.21 -63.79
N SER E 102 8.87 22.57 -62.52
CA SER E 102 8.16 23.80 -62.18
C SER E 102 8.86 25.02 -62.73
N ILE E 103 10.20 25.07 -62.57
CA ILE E 103 10.97 26.22 -63.04
C ILE E 103 10.87 26.33 -64.56
N TYR E 104 11.01 25.21 -65.27
CA TYR E 104 10.92 25.25 -66.72
C TYR E 104 9.53 25.66 -67.19
N PHE E 105 8.49 25.14 -66.54
CA PHE E 105 7.12 25.42 -66.96
C PHE E 105 6.63 26.79 -66.51
N TYR E 106 7.35 27.46 -65.62
CA TYR E 106 6.97 28.82 -65.25
C TYR E 106 7.79 29.89 -65.95
N TYR E 107 9.11 29.70 -66.06
CA TYR E 107 9.99 30.77 -66.52
C TYR E 107 9.82 31.11 -68.00
N SER E 108 9.13 30.27 -68.77
CA SER E 108 9.01 30.53 -70.20
C SER E 108 7.57 30.48 -70.69
N LEU E 109 6.73 29.69 -70.03
CA LEU E 109 5.35 29.55 -70.46
C LEU E 109 4.57 30.84 -70.23
N PRO E 110 3.64 31.18 -71.12
CA PRO E 110 2.79 32.34 -70.90
C PRO E 110 1.82 32.09 -69.75
N ASN E 111 1.35 33.18 -69.16
CA ASN E 111 0.44 33.10 -68.01
C ASN E 111 -0.47 34.31 -68.03
N ALA E 112 -1.74 34.09 -68.40
CA ALA E 112 -2.72 35.17 -68.34
C ALA E 112 -2.92 35.66 -66.92
N VAL E 113 -3.02 34.73 -65.96
CA VAL E 113 -3.10 35.09 -64.56
C VAL E 113 -1.86 34.58 -63.83
N GLY E 114 -0.86 35.44 -63.69
CA GLY E 114 0.39 35.07 -63.08
C GLY E 114 1.41 36.19 -63.05
N PRO E 115 2.09 36.35 -61.93
CA PRO E 115 3.09 37.41 -61.80
C PRO E 115 4.34 37.07 -62.58
N PRO E 116 5.26 38.05 -62.76
CA PRO E 116 6.57 37.72 -63.32
C PRO E 116 7.38 36.85 -62.37
N PHE E 117 8.60 36.47 -62.79
CA PHE E 117 9.38 35.53 -61.99
C PHE E 117 9.69 36.08 -60.60
N THR E 118 10.24 37.29 -60.52
CA THR E 118 10.64 37.83 -59.23
C THR E 118 9.41 38.23 -58.40
N TRP E 119 8.39 38.79 -59.05
CA TRP E 119 7.18 39.19 -58.32
C TRP E 119 6.45 37.97 -57.77
N MET E 120 6.33 36.91 -58.57
CA MET E 120 5.71 35.68 -58.08
C MET E 120 6.55 35.05 -56.97
N LEU E 121 7.87 35.08 -57.11
CA LEU E 121 8.74 34.55 -56.06
C LEU E 121 8.52 35.30 -54.75
N ALA E 122 8.46 36.63 -54.82
CA ALA E 122 8.23 37.42 -53.61
C ALA E 122 6.86 37.14 -53.01
N LEU E 123 5.83 37.05 -53.86
CA LEU E 123 4.48 36.79 -53.35
C LEU E 123 4.38 35.43 -52.69
N LEU E 124 4.97 34.40 -53.32
CA LEU E 124 4.93 33.07 -52.74
C LEU E 124 5.72 32.99 -51.44
N GLY E 125 6.88 33.66 -51.39
CA GLY E 125 7.63 33.73 -50.15
C GLY E 125 6.85 34.42 -49.05
N LEU E 126 6.16 35.51 -49.38
CA LEU E 126 5.32 36.20 -48.40
C LEU E 126 4.22 35.29 -47.89
N SER E 127 3.55 34.56 -48.80
CA SER E 127 2.48 33.67 -48.38
C SER E 127 3.01 32.55 -47.49
N GLN E 128 4.16 31.97 -47.85
CA GLN E 128 4.74 30.90 -47.05
C GLN E 128 5.14 31.41 -45.67
N ALA E 129 5.75 32.61 -45.60
CA ALA E 129 6.15 33.18 -44.33
C ALA E 129 4.93 33.47 -43.45
N LEU E 130 3.87 34.02 -44.05
CA LEU E 130 2.65 34.26 -43.28
C LEU E 130 2.05 32.96 -42.75
N ASN E 131 2.01 31.93 -43.59
CA ASN E 131 1.48 30.64 -43.14
C ASN E 131 2.32 30.05 -42.01
N ILE E 132 3.64 30.17 -42.11
CA ILE E 132 4.52 29.62 -41.08
C ILE E 132 4.36 30.38 -39.78
N LEU E 133 4.39 31.72 -39.84
CA LEU E 133 4.41 32.50 -38.61
C LEU E 133 3.05 32.53 -37.93
N LEU E 134 1.97 32.68 -38.70
CA LEU E 134 0.64 32.75 -38.12
C LEU E 134 0.07 31.38 -37.75
N GLY E 135 0.67 30.30 -38.26
CA GLY E 135 0.07 28.99 -38.06
C GLY E 135 -1.21 28.78 -38.82
N LEU E 136 -1.46 29.58 -39.85
CA LEU E 136 -2.69 29.45 -40.62
C LEU E 136 -2.76 28.12 -41.34
N LYS E 137 -1.64 27.66 -41.89
CA LYS E 137 -1.59 26.38 -42.59
C LYS E 137 -1.61 25.24 -41.57
N GLY E 138 -2.75 25.11 -40.91
CA GLY E 138 -2.92 24.10 -39.88
C GLY E 138 -3.22 22.72 -40.45
N LEU E 139 -3.25 21.74 -39.57
CA LEU E 139 -3.53 20.35 -39.91
C LEU E 139 -4.81 19.91 -39.23
N ALA E 140 -5.76 19.45 -40.02
CA ALA E 140 -7.01 18.95 -39.45
C ALA E 140 -6.74 17.67 -38.66
N PRO E 141 -7.41 17.49 -37.51
CA PRO E 141 -7.11 16.32 -36.68
C PRO E 141 -7.37 14.99 -37.36
N ALA E 142 -8.27 14.95 -38.34
CA ALA E 142 -8.53 13.69 -39.03
C ALA E 142 -7.30 13.19 -39.78
N GLU E 143 -6.65 14.08 -40.53
CA GLU E 143 -5.42 13.69 -41.22
C GLU E 143 -4.28 13.45 -40.23
N ILE E 144 -4.27 14.15 -39.10
CA ILE E 144 -3.26 13.87 -38.06
C ILE E 144 -3.41 12.44 -37.57
N SER E 145 -4.64 12.02 -37.25
CA SER E 145 -4.87 10.66 -36.80
C SER E 145 -4.55 9.66 -37.90
N ALA E 146 -4.91 9.98 -39.15
CA ALA E 146 -4.64 9.07 -40.26
C ALA E 146 -3.13 8.86 -40.45
N VAL E 147 -2.36 9.95 -40.37
CA VAL E 147 -0.91 9.83 -40.55
C VAL E 147 -0.27 9.10 -39.37
N CYS E 148 -0.75 9.38 -38.15
CA CYS E 148 -0.22 8.68 -36.99
C CYS E 148 -0.49 7.19 -37.07
N GLU E 149 -1.70 6.81 -37.50
CA GLU E 149 -2.05 5.39 -37.62
C GLU E 149 -1.32 4.73 -38.77
N LYS E 150 -1.08 5.47 -39.86
CA LYS E 150 -0.43 4.88 -41.02
C LYS E 150 1.06 4.65 -40.78
N GLY E 151 1.72 5.62 -40.16
CA GLY E 151 3.14 5.51 -39.83
C GLY E 151 3.44 4.92 -38.47
N ASN E 152 2.42 4.41 -37.77
CA ASN E 152 2.59 3.83 -36.43
C ASN E 152 3.20 4.85 -35.47
N PHE E 153 2.75 6.09 -35.55
CA PHE E 153 3.20 7.16 -34.65
C PHE E 153 2.19 7.33 -33.53
N ASN E 154 2.21 6.40 -32.58
CA ASN E 154 1.29 6.44 -31.46
C ASN E 154 1.98 5.86 -30.23
N VAL E 155 1.30 5.95 -29.09
CA VAL E 155 1.79 5.40 -27.84
C VAL E 155 1.14 4.04 -27.61
N ALA E 156 -0.08 3.87 -28.16
CA ALA E 156 -0.77 2.59 -28.05
C ALA E 156 -0.01 1.49 -28.76
N HIS E 157 0.56 1.80 -29.92
CA HIS E 157 1.39 0.83 -30.64
C HIS E 157 2.54 0.37 -29.77
N GLY E 158 3.24 1.31 -29.14
CA GLY E 158 4.36 0.94 -28.30
C GLY E 158 3.94 0.10 -27.10
N LEU E 159 2.86 0.51 -26.43
CA LEU E 159 2.40 -0.25 -25.27
C LEU E 159 1.97 -1.65 -25.66
N ALA E 160 1.25 -1.80 -26.77
CA ALA E 160 0.81 -3.12 -27.21
C ALA E 160 1.99 -4.00 -27.57
N TRP E 161 2.96 -3.46 -28.31
CA TRP E 161 4.09 -4.28 -28.72
C TRP E 161 4.97 -4.65 -27.54
N SER E 162 5.15 -3.74 -26.58
CA SER E 162 5.89 -4.08 -25.38
C SER E 162 5.16 -5.14 -24.55
N TYR E 163 3.82 -5.03 -24.47
CA TYR E 163 3.04 -6.03 -23.75
C TYR E 163 3.21 -7.40 -24.38
N TYR E 164 3.20 -7.47 -25.71
CA TYR E 164 3.40 -8.75 -26.37
C TYR E 164 4.82 -9.27 -26.15
N ILE E 165 5.83 -8.42 -26.41
CA ILE E 165 7.21 -8.90 -26.44
C ILE E 165 7.70 -9.27 -25.05
N GLY E 166 7.37 -8.46 -24.05
CA GLY E 166 7.91 -8.66 -22.73
C GLY E 166 7.20 -9.69 -21.87
N TYR E 167 5.87 -9.77 -21.98
CA TYR E 167 5.09 -10.61 -21.09
C TYR E 167 4.38 -11.74 -21.82
N LEU E 168 3.56 -11.43 -22.84
CA LEU E 168 2.73 -12.45 -23.46
C LEU E 168 3.59 -13.51 -24.17
N ARG E 169 4.60 -13.06 -24.92
CA ARG E 169 5.45 -13.99 -25.64
C ARG E 169 6.22 -14.91 -24.71
N LEU E 170 6.42 -14.49 -23.46
CA LEU E 170 7.19 -15.29 -22.50
C LEU E 170 6.33 -16.30 -21.75
N ILE E 171 5.02 -16.09 -21.65
CA ILE E 171 4.18 -16.96 -20.85
C ILE E 171 3.25 -17.82 -21.70
N LEU E 172 2.87 -17.38 -22.91
CA LEU E 172 1.94 -18.17 -23.71
C LEU E 172 2.41 -19.59 -23.99
N PRO E 173 3.68 -19.86 -24.31
CA PRO E 173 4.07 -21.27 -24.50
C PRO E 173 3.91 -22.11 -23.23
N GLU E 174 4.46 -21.67 -22.11
CA GLU E 174 4.40 -22.47 -20.88
C GLU E 174 3.00 -22.51 -20.28
N LEU E 175 2.10 -21.62 -20.72
CA LEU E 175 0.77 -21.57 -20.14
C LEU E 175 0.00 -22.84 -20.40
N GLN E 176 0.12 -23.42 -21.60
CA GLN E 176 -0.58 -24.65 -21.91
C GLN E 176 -0.16 -25.78 -20.99
N ALA E 177 1.16 -25.96 -20.81
CA ALA E 177 1.65 -27.02 -19.94
C ALA E 177 1.25 -26.79 -18.49
N ARG E 178 1.33 -25.54 -18.03
CA ARG E 178 0.97 -25.25 -16.64
C ARG E 178 -0.52 -25.49 -16.39
N ILE E 179 -1.38 -25.07 -17.33
CA ILE E 179 -2.81 -25.31 -17.18
C ILE E 179 -3.11 -26.81 -17.24
N ARG E 180 -2.39 -27.55 -18.09
CA ARG E 180 -2.59 -28.99 -18.14
C ARG E 180 -2.21 -29.64 -16.81
N THR E 181 -1.10 -29.20 -16.20
CA THR E 181 -0.71 -29.73 -14.90
C THR E 181 -1.76 -29.41 -13.85
N TYR E 182 -2.25 -28.17 -13.83
CA TYR E 182 -3.26 -27.80 -12.85
C TYR E 182 -4.54 -28.60 -13.03
N ASN E 183 -4.95 -28.83 -14.28
CA ASN E 183 -6.14 -29.64 -14.54
C ASN E 183 -5.93 -31.09 -14.16
N GLN E 184 -4.73 -31.63 -14.39
CA GLN E 184 -4.43 -33.00 -14.00
C GLN E 184 -4.37 -33.17 -12.48
N HIS E 185 -4.05 -32.11 -11.75
CA HIS E 185 -4.09 -32.19 -10.29
C HIS E 185 -5.50 -32.25 -9.74
N TYR E 186 -6.52 -31.91 -10.53
CA TYR E 186 -7.90 -31.91 -10.05
C TYR E 186 -8.80 -32.67 -11.01
N ASN E 187 -10.11 -32.60 -10.79
CA ASN E 187 -11.08 -33.22 -11.69
C ASN E 187 -12.43 -32.56 -11.46
N ASN E 188 -13.45 -33.07 -12.15
CA ASN E 188 -14.83 -32.59 -12.03
C ASN E 188 -14.94 -31.09 -12.28
N GLY E 192 -14.95 -27.91 -12.32
CA GLY E 192 -14.87 -27.92 -13.76
C GLY E 192 -13.45 -28.05 -14.29
N ALA E 193 -13.29 -27.81 -15.58
CA ALA E 193 -11.99 -27.89 -16.24
C ALA E 193 -11.57 -26.48 -16.67
N VAL E 194 -10.36 -26.07 -16.29
CA VAL E 194 -9.87 -24.75 -16.62
C VAL E 194 -9.57 -24.69 -18.12
N SER E 195 -10.04 -23.63 -18.77
CA SER E 195 -9.77 -23.46 -20.19
C SER E 195 -8.28 -23.21 -20.43
N GLN E 196 -7.76 -23.78 -21.51
CA GLN E 196 -6.35 -23.69 -21.83
C GLN E 196 -5.99 -22.39 -22.56
N ARG E 197 -6.84 -21.37 -22.49
CA ARG E 197 -6.58 -20.10 -23.15
C ARG E 197 -6.55 -18.99 -22.11
N LEU E 198 -5.49 -18.18 -22.15
CA LEU E 198 -5.46 -16.97 -21.33
C LEU E 198 -6.54 -16.02 -21.78
N TYR E 199 -7.11 -15.29 -20.82
CA TYR E 199 -8.16 -14.31 -21.10
C TYR E 199 -7.69 -12.96 -20.60
N ILE E 200 -7.56 -11.99 -21.51
CA ILE E 200 -7.07 -10.66 -21.18
C ILE E 200 -8.25 -9.70 -21.25
N LEU E 201 -8.60 -9.11 -20.11
CA LEU E 201 -9.72 -8.20 -20.04
C LEU E 201 -9.30 -6.81 -20.50
N LEU E 202 -10.11 -6.19 -21.34
CA LEU E 202 -9.82 -4.89 -21.95
C LEU E 202 -10.95 -3.92 -21.66
N PRO E 203 -10.92 -3.24 -20.51
CA PRO E 203 -11.89 -2.17 -20.26
C PRO E 203 -11.56 -0.95 -21.09
N LEU E 204 -12.42 -0.65 -22.06
CA LEU E 204 -12.16 0.46 -22.98
C LEU E 204 -12.12 1.80 -22.24
N ASP E 205 -12.89 1.93 -21.16
CA ASP E 205 -12.90 3.16 -20.36
C ASP E 205 -11.66 3.30 -19.49
N CYS E 206 -10.69 2.40 -19.64
CA CYS E 206 -9.44 2.42 -18.87
C CYS E 206 -9.69 2.33 -17.38
N GLY E 207 -10.80 1.70 -17.00
CA GLY E 207 -11.08 1.46 -15.59
C GLY E 207 -10.47 0.16 -15.12
N VAL E 208 -9.31 0.25 -14.48
CA VAL E 208 -8.54 -0.94 -14.12
C VAL E 208 -8.38 -0.97 -12.61
N PRO E 209 -9.30 -1.62 -11.89
CA PRO E 209 -9.11 -1.79 -10.44
C PRO E 209 -7.94 -2.71 -10.14
N ASP E 210 -7.37 -2.53 -8.94
CA ASP E 210 -6.26 -3.38 -8.52
C ASP E 210 -6.71 -4.83 -8.39
N ASN E 211 -7.90 -5.07 -7.88
CA ASN E 211 -8.44 -6.41 -7.71
C ASN E 211 -9.52 -6.68 -8.74
N LEU E 212 -9.48 -7.87 -9.34
CA LEU E 212 -10.48 -8.26 -10.33
C LEU E 212 -11.84 -8.55 -9.70
N SER E 213 -11.88 -9.04 -8.46
CA SER E 213 -13.17 -9.37 -7.85
C SER E 213 -14.03 -8.14 -7.63
N MET E 214 -13.42 -6.97 -7.48
CA MET E 214 -14.19 -5.75 -7.24
C MET E 214 -14.93 -5.26 -8.47
N ALA E 215 -14.49 -5.67 -9.67
CA ALA E 215 -15.20 -5.26 -10.89
C ALA E 215 -16.60 -5.84 -10.92
N ASP E 216 -16.75 -7.11 -10.53
CA ASP E 216 -18.05 -7.75 -10.45
C ASP E 216 -17.98 -8.90 -9.46
N PRO E 217 -18.95 -9.05 -8.56
CA PRO E 217 -18.89 -10.12 -7.56
C PRO E 217 -18.93 -11.52 -8.16
N ASN E 218 -19.41 -11.67 -9.40
CA ASN E 218 -19.49 -13.00 -9.99
C ASN E 218 -18.12 -13.61 -10.23
N ILE E 219 -17.12 -12.77 -10.50
CA ILE E 219 -15.75 -13.26 -10.69
C ILE E 219 -15.13 -13.53 -9.33
N ARG E 220 -14.67 -14.77 -9.13
CA ARG E 220 -14.07 -15.15 -7.85
C ARG E 220 -12.70 -15.79 -8.10
N PHE E 221 -11.70 -15.31 -7.37
CA PHE E 221 -10.34 -15.81 -7.51
C PHE E 221 -10.23 -17.19 -6.86
N LEU E 222 -9.93 -18.21 -7.67
CA LEU E 222 -9.91 -19.58 -7.15
C LEU E 222 -8.57 -19.89 -6.49
N ASP E 223 -7.48 -19.85 -7.26
CA ASP E 223 -6.17 -20.23 -6.78
C ASP E 223 -5.12 -19.76 -7.76
N LYS E 224 -3.96 -19.36 -7.23
CA LYS E 224 -2.87 -18.94 -8.10
C LYS E 224 -2.30 -20.14 -8.84
N LEU E 225 -2.15 -20.00 -10.14
CA LEU E 225 -1.74 -21.12 -10.97
C LEU E 225 -0.26 -21.43 -10.74
N PRO E 226 0.10 -22.70 -10.61
CA PRO E 226 1.49 -23.04 -10.26
C PRO E 226 2.47 -22.71 -11.38
N GLN E 227 3.72 -22.52 -10.98
CA GLN E 227 4.78 -22.21 -11.94
C GLN E 227 5.49 -23.48 -12.40
N ARG E 238 11.61 -17.49 -15.34
CA ARG E 238 11.51 -16.58 -14.21
C ARG E 238 10.21 -16.78 -13.45
N VAL E 239 9.94 -15.91 -12.48
CA VAL E 239 8.80 -16.08 -11.59
C VAL E 239 7.58 -15.41 -12.18
N TYR E 240 6.47 -16.15 -12.26
CA TYR E 240 5.20 -15.61 -12.73
C TYR E 240 4.13 -15.97 -11.70
N SER E 241 3.06 -15.17 -11.69
CA SER E 241 1.95 -15.43 -10.76
C SER E 241 0.65 -15.14 -11.52
N ASN E 242 0.09 -16.20 -12.13
CA ASN E 242 -1.18 -16.11 -12.83
C ASN E 242 -2.28 -16.66 -11.93
N SER E 243 -3.28 -15.83 -11.64
CA SER E 243 -4.39 -16.22 -10.79
C SER E 243 -5.58 -16.61 -11.66
N ILE E 244 -6.12 -17.79 -11.43
CA ILE E 244 -7.29 -18.25 -12.17
C ILE E 244 -8.54 -17.77 -11.45
N TYR E 245 -9.55 -17.41 -12.23
CA TYR E 245 -10.81 -16.92 -11.68
C TYR E 245 -11.95 -17.73 -12.27
N GLU E 246 -12.98 -17.95 -11.48
CA GLU E 246 -14.18 -18.64 -11.91
C GLU E 246 -15.34 -17.66 -11.97
N LEU E 247 -16.31 -17.98 -12.82
CA LEU E 247 -17.41 -17.10 -13.18
C LEU E 247 -18.71 -17.66 -12.62
N LEU E 248 -19.45 -16.82 -11.89
CA LEU E 248 -20.67 -17.25 -11.24
C LEU E 248 -21.87 -17.02 -12.16
N GLU E 249 -22.68 -18.07 -12.33
CA GLU E 249 -23.91 -18.01 -13.12
C GLU E 249 -25.07 -18.30 -12.18
N ASN E 250 -25.73 -17.24 -11.70
CA ASN E 250 -26.84 -17.34 -10.76
C ASN E 250 -26.42 -18.13 -9.51
N GLY E 251 -25.22 -17.86 -9.01
CA GLY E 251 -24.71 -18.51 -7.82
C GLY E 251 -23.94 -19.79 -8.06
N GLN E 252 -23.83 -20.23 -9.31
CA GLN E 252 -23.10 -21.45 -9.64
C GLN E 252 -22.03 -21.14 -10.68
N ARG E 253 -20.88 -21.80 -10.55
CA ARG E 253 -19.75 -21.57 -11.44
C ARG E 253 -20.01 -22.25 -12.78
N ALA E 254 -20.18 -21.46 -13.83
CA ALA E 254 -20.37 -21.99 -15.18
C ALA E 254 -19.09 -22.00 -16.00
N GLY E 255 -17.97 -21.58 -15.42
CA GLY E 255 -16.71 -21.60 -16.14
C GLY E 255 -15.59 -21.11 -15.24
N THR E 256 -14.37 -21.44 -15.65
CA THR E 256 -13.17 -21.00 -14.95
C THR E 256 -12.05 -20.85 -15.95
N CYS E 257 -11.24 -19.80 -15.78
CA CYS E 257 -10.17 -19.51 -16.73
C CYS E 257 -9.16 -18.60 -16.08
N VAL E 258 -7.99 -18.50 -16.71
CA VAL E 258 -6.93 -17.61 -16.23
C VAL E 258 -7.25 -16.21 -16.69
N LEU E 259 -7.96 -15.45 -15.86
CA LEU E 259 -8.47 -14.14 -16.22
C LEU E 259 -7.63 -13.06 -15.55
N GLU E 260 -7.23 -12.06 -16.32
CA GLU E 260 -6.43 -10.96 -15.78
C GLU E 260 -6.60 -9.73 -16.67
N TYR E 261 -6.29 -8.57 -16.10
CA TYR E 261 -6.34 -7.31 -16.81
C TYR E 261 -5.13 -7.14 -17.73
N ALA E 262 -5.23 -6.16 -18.62
CA ALA E 262 -4.12 -5.74 -19.46
C ALA E 262 -3.47 -4.53 -18.79
N THR E 263 -2.25 -4.72 -18.29
CA THR E 263 -1.55 -3.63 -17.62
C THR E 263 -1.29 -2.41 -18.50
N PRO E 264 -1.14 -2.52 -19.83
CA PRO E 264 -1.01 -1.27 -20.62
C PRO E 264 -2.17 -0.31 -20.47
N LEU E 265 -3.39 -0.81 -20.29
CA LEU E 265 -4.52 0.11 -20.05
C LEU E 265 -4.36 0.82 -18.72
N GLN E 266 -3.91 0.12 -17.69
CA GLN E 266 -3.64 0.76 -16.40
C GLN E 266 -2.56 1.82 -16.54
N THR E 267 -1.50 1.52 -17.28
CA THR E 267 -0.45 2.52 -17.51
C THR E 267 -0.98 3.70 -18.32
N LEU E 268 -1.90 3.46 -19.26
CA LEU E 268 -2.51 4.56 -19.99
C LEU E 268 -3.34 5.45 -19.07
N PHE E 269 -4.09 4.84 -18.16
CA PHE E 269 -4.87 5.63 -17.20
C PHE E 269 -3.96 6.44 -16.30
N ALA E 270 -2.87 5.84 -15.82
CA ALA E 270 -1.92 6.59 -15.00
C ALA E 270 -1.23 7.70 -15.80
N MET E 271 -1.01 7.47 -17.09
CA MET E 271 -0.48 8.51 -17.96
C MET E 271 -1.45 9.68 -18.05
N SER E 272 -2.74 9.38 -18.22
CA SER E 272 -3.74 10.43 -18.32
C SER E 272 -3.89 11.19 -17.00
N GLN E 273 -3.73 10.50 -15.87
CA GLN E 273 -3.87 11.16 -14.57
C GLN E 273 -2.81 12.24 -14.38
N TYR E 274 -1.57 11.96 -14.76
CA TYR E 274 -0.50 12.93 -14.59
C TYR E 274 -0.60 14.04 -15.63
N SER E 275 0.14 15.12 -15.39
CA SER E 275 0.10 16.29 -16.25
C SER E 275 1.34 16.44 -17.13
N GLN E 276 2.46 15.82 -16.76
CA GLN E 276 3.65 15.87 -17.61
C GLN E 276 3.49 15.03 -18.86
N ALA E 277 2.56 14.07 -18.87
CA ALA E 277 2.38 13.20 -20.02
C ALA E 277 1.62 13.88 -21.16
N GLY E 278 0.89 14.96 -20.87
CA GLY E 278 0.11 15.61 -21.90
C GLY E 278 -0.90 14.68 -22.55
N PHE E 279 -1.65 13.93 -21.75
CA PHE E 279 -2.49 12.85 -22.22
C PHE E 279 -3.92 13.09 -21.72
N SER E 280 -4.74 13.67 -22.59
CA SER E 280 -6.12 14.02 -22.23
C SER E 280 -6.99 12.76 -22.19
N ARG E 281 -8.25 12.94 -21.80
CA ARG E 281 -9.18 11.82 -21.74
C ARG E 281 -9.53 11.32 -23.13
N GLU E 282 -9.75 12.24 -24.08
CA GLU E 282 -10.03 11.84 -25.45
C GLU E 282 -8.88 11.05 -26.04
N ASP E 283 -7.65 11.54 -25.84
CA ASP E 283 -6.48 10.80 -26.31
C ASP E 283 -6.38 9.45 -25.62
N ARG E 284 -6.71 9.39 -24.33
CA ARG E 284 -6.67 8.11 -23.62
C ARG E 284 -7.64 7.11 -24.23
N LEU E 285 -8.86 7.56 -24.55
CA LEU E 285 -9.83 6.65 -25.17
C LEU E 285 -9.36 6.20 -26.55
N GLU E 286 -8.86 7.13 -27.36
CA GLU E 286 -8.39 6.77 -28.70
C GLU E 286 -7.25 5.77 -28.62
N GLN E 287 -6.29 5.99 -27.71
CA GLN E 287 -5.17 5.08 -27.60
C GLN E 287 -5.57 3.76 -26.97
N ALA E 288 -6.59 3.74 -26.10
CA ALA E 288 -7.09 2.47 -25.60
C ALA E 288 -7.66 1.64 -26.73
N LYS E 289 -8.47 2.26 -27.61
CA LYS E 289 -9.01 1.54 -28.74
C LYS E 289 -7.90 1.06 -29.67
N LEU E 290 -6.92 1.92 -29.94
CA LEU E 290 -5.81 1.55 -30.82
C LEU E 290 -5.00 0.40 -30.22
N PHE E 291 -4.77 0.44 -28.91
CA PHE E 291 -4.02 -0.63 -28.26
C PHE E 291 -4.78 -1.95 -28.33
N CYS E 292 -6.10 -1.92 -28.12
CA CYS E 292 -6.87 -3.15 -28.26
C CYS E 292 -6.79 -3.71 -29.66
N ARG E 293 -6.92 -2.85 -30.67
CA ARG E 293 -6.84 -3.34 -32.05
C ARG E 293 -5.45 -3.88 -32.38
N THR E 294 -4.40 -3.19 -31.93
CA THR E 294 -3.03 -3.65 -32.20
C THR E 294 -2.76 -4.98 -31.52
N LEU E 295 -3.23 -5.15 -30.28
CA LEU E 295 -3.09 -6.44 -29.62
C LEU E 295 -3.85 -7.52 -30.36
N GLU E 296 -5.04 -7.19 -30.87
CA GLU E 296 -5.78 -8.12 -31.71
C GLU E 296 -4.92 -8.59 -32.88
N ASP E 297 -4.33 -7.64 -33.61
CA ASP E 297 -3.53 -7.98 -34.79
C ASP E 297 -2.34 -8.85 -34.41
N ILE E 298 -1.59 -8.43 -33.38
CA ILE E 298 -0.38 -9.17 -33.01
C ILE E 298 -0.72 -10.58 -32.56
N LEU E 299 -1.70 -10.72 -31.66
CA LEU E 299 -2.05 -12.06 -31.17
C LEU E 299 -2.75 -12.90 -32.24
N ALA E 300 -3.30 -12.27 -33.28
CA ALA E 300 -3.84 -13.05 -34.39
C ALA E 300 -2.72 -13.60 -35.27
N ASP E 301 -1.68 -12.81 -35.50
CA ASP E 301 -0.63 -13.24 -36.42
C ASP E 301 0.54 -13.94 -35.73
N ALA E 302 0.72 -13.74 -34.42
CA ALA E 302 1.88 -14.31 -33.74
C ALA E 302 1.77 -15.83 -33.65
N PRO E 303 2.91 -16.54 -33.65
CA PRO E 303 2.86 -17.99 -33.50
C PRO E 303 2.71 -18.42 -32.04
N GLU E 304 3.16 -17.59 -31.11
CA GLU E 304 2.98 -17.90 -29.69
C GLU E 304 1.50 -17.93 -29.32
N SER E 305 0.72 -16.99 -29.86
CA SER E 305 -0.73 -16.97 -29.64
C SER E 305 -1.41 -17.85 -30.69
N GLN E 306 -1.07 -19.13 -30.65
CA GLN E 306 -1.64 -20.12 -31.57
C GLN E 306 -2.86 -20.72 -30.91
N ASN E 307 -3.99 -20.02 -31.04
CA ASN E 307 -5.23 -20.37 -30.35
C ASN E 307 -5.00 -20.49 -28.85
N ASN E 308 -4.23 -19.54 -28.31
CA ASN E 308 -3.78 -19.60 -26.92
C ASN E 308 -4.29 -18.46 -26.05
N CYS E 309 -4.72 -17.34 -26.64
CA CYS E 309 -5.16 -16.20 -25.86
C CYS E 309 -6.41 -15.60 -26.50
N ARG E 310 -7.23 -14.98 -25.66
CA ARG E 310 -8.45 -14.30 -26.12
C ARG E 310 -8.58 -12.97 -25.40
N LEU E 311 -8.88 -11.92 -26.15
CA LEU E 311 -9.05 -10.57 -25.61
C LEU E 311 -10.54 -10.29 -25.44
N ILE E 312 -10.94 -10.02 -24.20
CA ILE E 312 -12.33 -9.75 -23.86
C ILE E 312 -12.45 -8.24 -23.67
N ALA E 313 -12.82 -7.54 -24.74
CA ALA E 313 -12.88 -6.08 -24.71
C ALA E 313 -14.31 -5.62 -24.48
N TYR E 314 -14.46 -4.62 -23.60
CA TYR E 314 -15.79 -4.11 -23.29
C TYR E 314 -15.70 -2.64 -22.94
N GLN E 315 -16.85 -1.97 -23.03
CA GLN E 315 -17.00 -0.57 -22.63
C GLN E 315 -18.21 -0.44 -21.73
N GLU E 316 -17.98 0.04 -20.52
CA GLU E 316 -19.06 0.14 -19.54
C GLU E 316 -20.02 1.27 -19.93
N PRO E 317 -21.33 1.01 -20.06
CA PRO E 317 -22.31 2.04 -20.40
C PRO E 317 -22.74 2.86 -19.20
N PHE E 323 -24.61 -3.70 -17.02
CA PHE E 323 -23.59 -4.50 -17.69
C PHE E 323 -23.15 -5.67 -16.81
N SER E 324 -22.81 -6.79 -17.44
CA SER E 324 -22.40 -8.01 -16.73
C SER E 324 -21.14 -8.55 -17.39
N LEU E 325 -19.98 -8.26 -16.78
CA LEU E 325 -18.71 -8.71 -17.34
C LEU E 325 -18.62 -10.24 -17.35
N SER E 326 -19.06 -10.88 -16.27
CA SER E 326 -18.98 -12.34 -16.19
C SER E 326 -19.80 -12.99 -17.29
N GLN E 327 -20.95 -12.39 -17.63
CA GLN E 327 -21.75 -12.93 -18.73
C GLN E 327 -20.98 -12.87 -20.05
N GLU E 328 -20.28 -11.76 -20.30
CA GLU E 328 -19.50 -11.64 -21.53
C GLU E 328 -18.37 -12.66 -21.57
N VAL E 329 -17.66 -12.83 -20.45
CA VAL E 329 -16.55 -13.78 -20.44
C VAL E 329 -17.07 -15.20 -20.61
N LEU E 330 -18.23 -15.50 -20.03
CA LEU E 330 -18.83 -16.82 -20.20
C LEU E 330 -19.28 -17.05 -21.64
N ARG E 331 -19.89 -16.04 -22.27
CA ARG E 331 -20.29 -16.19 -23.66
C ARG E 331 -19.09 -16.35 -24.58
N HIS E 332 -17.94 -15.77 -24.19
CA HIS E 332 -16.72 -16.00 -24.95
C HIS E 332 -16.14 -17.38 -24.66
N LEU E 333 -16.40 -17.93 -23.48
CA LEU E 333 -15.97 -19.29 -23.18
C LEU E 333 -16.64 -20.30 -24.10
N SER F 5 21.90 16.84 -22.53
CA SER F 5 22.94 16.73 -21.52
C SER F 5 23.24 15.27 -21.21
N LEU F 6 22.24 14.41 -21.41
CA LEU F 6 22.44 12.98 -21.16
C LEU F 6 23.46 12.38 -22.11
N HIS F 7 23.41 12.77 -23.38
CA HIS F 7 24.32 12.26 -24.39
C HIS F 7 24.36 13.25 -25.54
N PRO F 8 25.51 13.42 -26.19
CA PRO F 8 25.57 14.35 -27.34
C PRO F 8 24.61 14.01 -28.46
N SER F 9 24.35 12.72 -28.68
CA SER F 9 23.50 12.29 -29.79
C SER F 9 22.01 12.37 -29.47
N ILE F 10 21.64 12.68 -28.24
CA ILE F 10 20.23 12.82 -27.86
C ILE F 10 19.72 14.15 -28.40
N PRO F 11 18.67 14.15 -29.22
CA PRO F 11 18.18 15.42 -29.77
C PRO F 11 17.50 16.27 -28.71
N CYS F 12 17.74 17.58 -28.78
CA CYS F 12 17.05 18.52 -27.93
C CYS F 12 15.63 18.75 -28.41
N PRO F 13 14.73 19.20 -27.54
CA PRO F 13 13.37 19.51 -27.98
C PRO F 13 13.37 20.56 -29.08
N ARG F 14 12.43 20.41 -30.01
CA ARG F 14 12.38 21.27 -31.18
C ARG F 14 12.25 22.74 -30.77
N GLY F 15 13.09 23.58 -31.35
CA GLY F 15 13.11 24.99 -31.05
C GLY F 15 12.19 25.79 -31.95
N HIS F 16 12.67 26.97 -32.37
CA HIS F 16 11.92 27.86 -33.23
C HIS F 16 12.81 28.42 -34.33
N GLY F 17 13.71 27.59 -34.85
CA GLY F 17 14.55 28.01 -35.97
C GLY F 17 13.74 28.30 -37.22
N ALA F 18 12.64 27.58 -37.42
CA ALA F 18 11.76 27.87 -38.55
C ALA F 18 11.15 29.27 -38.43
N GLN F 19 10.89 29.73 -37.20
CA GLN F 19 10.41 31.08 -37.02
C GLN F 19 11.44 32.11 -37.45
N LYS F 20 12.71 31.87 -37.12
CA LYS F 20 13.77 32.78 -37.57
C LYS F 20 13.93 32.74 -39.08
N ALA F 21 13.81 31.55 -39.69
CA ALA F 21 13.87 31.46 -41.14
C ALA F 21 12.71 32.23 -41.79
N ALA F 22 11.51 32.12 -41.21
CA ALA F 22 10.37 32.88 -41.71
C ALA F 22 10.60 34.37 -41.55
N LEU F 23 11.21 34.77 -40.44
CA LEU F 23 11.55 36.19 -40.24
C LEU F 23 12.50 36.68 -41.32
N VAL F 24 13.53 35.90 -41.62
CA VAL F 24 14.49 36.29 -42.65
C VAL F 24 13.81 36.36 -44.02
N LEU F 25 12.96 35.38 -44.33
CA LEU F 25 12.25 35.39 -45.61
C LEU F 25 11.32 36.60 -45.71
N LEU F 26 10.62 36.93 -44.63
CA LEU F 26 9.76 38.10 -44.61
C LEU F 26 10.57 39.38 -44.80
N SER F 27 11.74 39.46 -44.15
CA SER F 27 12.59 40.63 -44.32
C SER F 27 13.04 40.77 -45.77
N ALA F 28 13.44 39.67 -46.41
CA ALA F 28 13.86 39.72 -47.80
C ALA F 28 12.70 40.13 -48.71
N CYS F 29 11.50 39.60 -48.46
CA CYS F 29 10.34 39.97 -49.26
C CYS F 29 10.01 41.44 -49.09
N LEU F 30 10.06 41.95 -47.86
CA LEU F 30 9.80 43.37 -47.64
C LEU F 30 10.86 44.22 -48.33
N VAL F 31 12.12 43.80 -48.29
CA VAL F 31 13.19 44.57 -48.94
C VAL F 31 12.96 44.62 -50.44
N THR F 32 12.61 43.49 -51.06
CA THR F 32 12.42 43.48 -52.51
C THR F 32 11.17 44.25 -52.92
N LEU F 33 10.11 44.19 -52.09
CA LEU F 33 8.91 44.97 -52.38
C LEU F 33 9.18 46.47 -52.27
N TRP F 34 9.95 46.88 -51.25
CA TRP F 34 10.31 48.29 -51.13
C TRP F 34 11.20 48.73 -52.29
N GLY F 35 12.12 47.87 -52.72
CA GLY F 35 12.96 48.23 -53.85
C GLY F 35 12.18 48.39 -55.14
N LEU F 36 11.29 47.44 -55.44
CA LEU F 36 10.50 47.52 -56.67
C LEU F 36 9.42 48.59 -56.56
N GLY F 37 8.70 48.62 -55.44
CA GLY F 37 7.66 49.61 -55.23
C GLY F 37 6.51 49.53 -56.21
N GLU F 38 6.11 48.31 -56.57
CA GLU F 38 4.99 48.09 -57.47
C GLU F 38 3.68 48.43 -56.76
N PRO F 39 2.68 48.91 -57.50
CA PRO F 39 1.40 49.30 -56.89
C PRO F 39 0.82 48.20 -56.02
N PRO F 40 0.25 48.56 -54.87
CA PRO F 40 -0.15 47.52 -53.91
C PRO F 40 -1.55 46.96 -54.11
N GLU F 41 -2.40 47.61 -54.91
CA GLU F 41 -3.75 47.08 -55.13
C GLU F 41 -3.69 45.74 -55.84
N HIS F 42 -2.87 45.63 -56.89
CA HIS F 42 -2.73 44.37 -57.60
C HIS F 42 -2.15 43.30 -56.70
N THR F 43 -1.14 43.66 -55.88
CA THR F 43 -0.55 42.70 -54.96
C THR F 43 -1.58 42.19 -53.97
N LEU F 44 -2.37 43.10 -53.41
CA LEU F 44 -3.40 42.70 -52.44
C LEU F 44 -4.44 41.80 -53.09
N ARG F 45 -4.89 42.15 -54.30
CA ARG F 45 -5.89 41.32 -54.97
C ARG F 45 -5.33 39.93 -55.28
N TYR F 46 -4.10 39.85 -55.77
CA TYR F 46 -3.50 38.56 -56.09
C TYR F 46 -3.31 37.72 -54.83
N LEU F 47 -2.84 38.34 -53.74
CA LEU F 47 -2.64 37.60 -52.50
C LEU F 47 -3.97 37.10 -51.94
N VAL F 48 -5.01 37.95 -52.01
CA VAL F 48 -6.33 37.54 -51.54
C VAL F 48 -6.86 36.37 -52.36
N LEU F 49 -6.71 36.44 -53.68
CA LEU F 49 -7.16 35.34 -54.53
C LEU F 49 -6.40 34.05 -54.24
N HIS F 50 -5.08 34.15 -54.02
CA HIS F 50 -4.29 32.97 -53.70
C HIS F 50 -4.72 32.36 -52.37
N LEU F 51 -4.96 33.21 -51.36
CA LEU F 51 -5.42 32.70 -50.06
C LEU F 51 -6.80 32.06 -50.18
N ALA F 52 -7.69 32.66 -50.96
CA ALA F 52 -9.02 32.08 -51.16
C ALA F 52 -8.92 30.74 -51.86
N SER F 53 -8.03 30.63 -52.85
CA SER F 53 -7.82 29.34 -53.51
C SER F 53 -7.29 28.30 -52.54
N LEU F 54 -6.37 28.69 -51.67
CA LEU F 54 -5.87 27.76 -50.65
C LEU F 54 -6.98 27.31 -49.72
N GLN F 55 -7.84 28.23 -49.29
CA GLN F 55 -8.95 27.88 -48.42
C GLN F 55 -9.93 26.93 -49.12
N LEU F 56 -10.24 27.19 -50.39
CA LEU F 56 -11.14 26.31 -51.11
C LEU F 56 -10.53 24.93 -51.31
N GLY F 57 -9.22 24.87 -51.57
CA GLY F 57 -8.56 23.58 -51.68
C GLY F 57 -8.60 22.80 -50.38
N LEU F 58 -8.36 23.48 -49.26
CA LEU F 58 -8.47 22.83 -47.96
C LEU F 58 -9.90 22.37 -47.71
N LEU F 59 -10.89 23.16 -48.16
CA LEU F 59 -12.28 22.77 -48.01
C LEU F 59 -12.59 21.50 -48.79
N LEU F 60 -12.10 21.41 -50.03
CA LEU F 60 -12.34 20.20 -50.82
C LEU F 60 -11.63 18.99 -50.23
N ASN F 61 -10.41 19.19 -49.73
CA ASN F 61 -9.71 18.10 -49.05
C ASN F 61 -10.49 17.63 -47.82
N GLY F 62 -11.03 18.58 -47.05
CA GLY F 62 -11.85 18.22 -45.92
C GLY F 62 -13.14 17.51 -46.30
N VAL F 63 -13.72 17.89 -47.45
CA VAL F 63 -14.91 17.20 -47.94
C VAL F 63 -14.57 15.74 -48.26
N CYS F 64 -13.44 15.51 -48.93
CA CYS F 64 -13.01 14.15 -49.20
C CYS F 64 -12.74 13.38 -47.90
N SER F 65 -12.12 14.05 -46.92
CA SER F 65 -11.89 13.41 -45.63
C SER F 65 -13.20 13.04 -44.95
N LEU F 66 -14.20 13.92 -45.04
CA LEU F 66 -15.52 13.62 -44.49
C LEU F 66 -16.15 12.42 -45.19
N ALA F 67 -16.00 12.35 -46.51
CA ALA F 67 -16.48 11.18 -47.25
C ALA F 67 -15.77 9.92 -46.77
N GLU F 68 -14.51 10.03 -46.38
CA GLU F 68 -13.78 8.88 -45.83
C GLU F 68 -14.32 8.49 -44.45
N GLU F 69 -14.51 9.48 -43.57
CA GLU F 69 -14.91 9.23 -42.19
C GLU F 69 -16.41 9.03 -42.00
N LEU F 70 -17.19 9.10 -43.09
CA LEU F 70 -18.61 8.80 -42.97
C LEU F 70 -18.87 7.38 -42.48
N ARG F 71 -17.90 6.49 -42.63
CA ARG F 71 -18.01 5.13 -42.10
C ARG F 71 -17.42 4.98 -40.71
N HIS F 72 -16.46 5.83 -40.35
CA HIS F 72 -15.85 5.82 -39.02
C HIS F 72 -16.58 6.72 -38.03
N ILE F 73 -17.65 7.40 -38.47
CA ILE F 73 -18.38 8.29 -37.57
C ILE F 73 -18.89 7.54 -36.35
N HIS F 74 -19.34 6.30 -36.51
CA HIS F 74 -19.92 5.53 -35.43
C HIS F 74 -18.89 4.77 -34.61
N SER F 75 -17.61 4.82 -34.98
CA SER F 75 -16.57 4.13 -34.25
C SER F 75 -15.59 5.11 -33.59
N ARG F 76 -14.97 6.00 -34.37
CA ARG F 76 -14.02 6.95 -33.82
C ARG F 76 -14.68 8.09 -33.06
N TYR F 77 -15.89 8.51 -33.46
CA TYR F 77 -16.48 9.73 -32.95
C TYR F 77 -17.81 9.49 -32.23
N ARG F 78 -18.16 8.23 -31.95
CA ARG F 78 -19.35 7.90 -31.17
C ARG F 78 -20.63 8.43 -31.81
N GLY F 79 -20.70 8.35 -33.14
CA GLY F 79 -21.90 8.70 -33.86
C GLY F 79 -22.36 10.14 -33.73
N SER F 80 -21.43 11.08 -33.85
CA SER F 80 -21.75 12.51 -33.80
C SER F 80 -21.17 13.18 -35.04
N TYR F 81 -22.05 13.71 -35.89
CA TYR F 81 -21.60 14.31 -37.14
C TYR F 81 -20.78 15.56 -36.90
N TRP F 82 -21.08 16.32 -35.83
CA TRP F 82 -20.35 17.56 -35.58
C TRP F 82 -18.87 17.29 -35.32
N ARG F 83 -18.57 16.27 -34.52
CA ARG F 83 -17.18 15.94 -34.25
C ARG F 83 -16.45 15.50 -35.52
N THR F 84 -17.14 14.72 -36.37
CA THR F 84 -16.52 14.29 -37.62
C THR F 84 -16.22 15.48 -38.53
N VAL F 85 -17.17 16.41 -38.65
CA VAL F 85 -16.95 17.58 -39.49
C VAL F 85 -15.83 18.44 -38.93
N ARG F 86 -15.77 18.59 -37.60
CA ARG F 86 -14.68 19.34 -36.99
C ARG F 86 -13.34 18.66 -37.25
N ALA F 87 -13.30 17.33 -37.15
CA ALA F 87 -12.05 16.61 -37.39
C ALA F 87 -11.58 16.77 -38.83
N CYS F 88 -12.50 16.71 -39.79
CA CYS F 88 -12.12 16.84 -41.18
C CYS F 88 -11.97 18.28 -41.65
N LEU F 89 -12.38 19.26 -40.84
CA LEU F 89 -12.33 20.66 -41.28
C LEU F 89 -11.75 21.57 -40.21
N GLY F 90 -10.98 21.03 -39.27
CA GLY F 90 -10.39 21.87 -38.25
C GLY F 90 -11.43 22.47 -37.31
N CYS F 91 -11.05 23.60 -36.71
CA CYS F 91 -11.95 24.29 -35.80
C CYS F 91 -13.22 24.70 -36.54
N PRO F 92 -14.41 24.35 -36.04
CA PRO F 92 -15.63 24.57 -36.81
C PRO F 92 -15.91 26.05 -37.08
N LEU F 93 -16.01 26.85 -36.01
CA LEU F 93 -16.38 28.25 -36.18
C LEU F 93 -15.27 29.04 -36.89
N ARG F 94 -14.03 28.87 -36.45
CA ARG F 94 -12.92 29.65 -37.02
C ARG F 94 -12.72 29.33 -38.50
N ARG F 95 -12.62 28.04 -38.83
CA ARG F 95 -12.38 27.67 -40.22
C ARG F 95 -13.61 27.93 -41.09
N GLY F 96 -14.82 27.77 -40.53
CA GLY F 96 -16.01 28.11 -41.30
C GLY F 96 -16.08 29.58 -41.63
N ALA F 97 -15.75 30.44 -40.66
CA ALA F 97 -15.72 31.88 -40.92
C ALA F 97 -14.63 32.22 -41.94
N LEU F 98 -13.47 31.55 -41.84
CA LEU F 98 -12.41 31.79 -42.81
C LEU F 98 -12.87 31.42 -44.22
N LEU F 99 -13.54 30.27 -44.36
CA LEU F 99 -14.00 29.84 -45.69
C LEU F 99 -15.06 30.80 -46.23
N LEU F 100 -16.00 31.21 -45.38
CA LEU F 100 -17.02 32.14 -45.82
C LEU F 100 -16.40 33.46 -46.26
N LEU F 101 -15.44 33.97 -45.49
CA LEU F 101 -14.79 35.23 -45.81
C LEU F 101 -14.00 35.13 -47.11
N SER F 102 -13.28 34.02 -47.30
CA SER F 102 -12.53 33.78 -48.53
C SER F 102 -13.44 33.69 -49.73
N ILE F 103 -14.60 33.04 -49.57
CA ILE F 103 -15.61 33.02 -50.62
C ILE F 103 -16.09 34.43 -50.93
N TYR F 104 -16.30 35.24 -49.90
CA TYR F 104 -16.80 36.60 -50.09
C TYR F 104 -15.82 37.44 -50.89
N PHE F 105 -14.53 37.38 -50.54
CA PHE F 105 -13.53 38.06 -51.37
C PHE F 105 -13.46 37.49 -52.77
N TYR F 106 -13.54 36.16 -52.92
CA TYR F 106 -13.42 35.57 -54.24
C TYR F 106 -14.55 36.02 -55.16
N TYR F 107 -15.78 36.09 -54.62
CA TYR F 107 -16.89 36.60 -55.42
C TYR F 107 -16.76 38.09 -55.66
N SER F 108 -16.31 38.85 -54.65
CA SER F 108 -16.20 40.30 -54.82
C SER F 108 -15.19 40.66 -55.89
N LEU F 109 -14.03 40.02 -55.89
CA LEU F 109 -13.01 40.29 -56.89
C LEU F 109 -13.39 39.61 -58.21
N PRO F 110 -13.45 40.34 -59.33
CA PRO F 110 -13.82 39.78 -60.64
C PRO F 110 -12.81 38.76 -61.14
N PRO F 116 -13.35 33.63 -66.21
CA PRO F 116 -14.65 33.12 -65.76
C PRO F 116 -14.69 32.85 -64.26
N PHE F 117 -15.82 32.33 -63.76
CA PHE F 117 -15.97 31.99 -62.36
C PHE F 117 -16.22 30.52 -62.13
N THR F 118 -17.20 29.94 -62.82
CA THR F 118 -17.47 28.51 -62.65
C THR F 118 -16.36 27.64 -63.21
N TRP F 119 -15.72 28.08 -64.30
CA TRP F 119 -14.58 27.35 -64.83
C TRP F 119 -13.44 27.30 -63.83
N MET F 120 -13.18 28.42 -63.14
CA MET F 120 -12.14 28.44 -62.13
C MET F 120 -12.46 27.48 -60.98
N LEU F 121 -13.73 27.44 -60.55
CA LEU F 121 -14.12 26.52 -59.49
C LEU F 121 -13.95 25.08 -59.91
N ALA F 122 -14.35 24.75 -61.15
CA ALA F 122 -14.19 23.38 -61.64
C ALA F 122 -12.72 23.01 -61.75
N LEU F 123 -11.88 23.95 -62.20
CA LEU F 123 -10.45 23.69 -62.29
C LEU F 123 -9.84 23.48 -60.91
N LEU F 124 -10.28 24.27 -59.92
CA LEU F 124 -9.78 24.09 -58.56
C LEU F 124 -10.21 22.74 -58.00
N GLY F 125 -11.44 22.32 -58.29
CA GLY F 125 -11.88 20.99 -57.86
C GLY F 125 -11.07 19.88 -58.50
N LEU F 126 -10.79 20.01 -59.80
CA LEU F 126 -9.95 19.01 -60.48
C LEU F 126 -8.54 18.99 -59.90
N SER F 127 -7.99 20.17 -59.60
CA SER F 127 -6.66 20.23 -59.00
C SER F 127 -6.64 19.56 -57.62
N GLN F 128 -7.69 19.78 -56.83
CA GLN F 128 -7.78 19.11 -55.52
C GLN F 128 -7.91 17.60 -55.68
N ALA F 129 -8.70 17.16 -56.66
CA ALA F 129 -8.84 15.73 -56.89
C ALA F 129 -7.50 15.10 -57.28
N LEU F 130 -6.74 15.77 -58.15
CA LEU F 130 -5.43 15.27 -58.52
C LEU F 130 -4.45 15.31 -57.35
N ASN F 131 -4.54 16.34 -56.50
CA ASN F 131 -3.67 16.42 -55.34
C ASN F 131 -3.95 15.27 -54.37
N ILE F 132 -5.22 14.96 -54.14
CA ILE F 132 -5.56 13.89 -53.21
C ILE F 132 -5.21 12.52 -53.80
N LEU F 133 -5.54 12.31 -55.08
CA LEU F 133 -5.36 10.98 -55.68
C LEU F 133 -3.88 10.61 -55.76
N LEU F 134 -3.04 11.54 -56.21
CA LEU F 134 -1.62 11.26 -56.36
C LEU F 134 -0.78 11.69 -55.16
N GLY F 135 -1.38 12.38 -54.19
CA GLY F 135 -0.65 12.76 -52.98
C GLY F 135 0.48 13.73 -53.23
N LEU F 136 0.24 14.77 -54.04
CA LEU F 136 1.28 15.75 -54.30
C LEU F 136 1.67 16.51 -53.03
N LYS F 137 0.68 16.91 -52.24
CA LYS F 137 0.93 17.66 -51.01
C LYS F 137 1.23 16.70 -49.85
N GLY F 138 2.24 15.88 -50.06
CA GLY F 138 2.63 14.92 -49.05
C GLY F 138 3.34 15.59 -47.88
N LEU F 139 3.28 14.93 -46.73
CA LEU F 139 3.89 15.43 -45.52
C LEU F 139 5.33 14.92 -45.43
N ALA F 140 6.28 15.85 -45.42
CA ALA F 140 7.68 15.49 -45.30
C ALA F 140 7.94 14.85 -43.94
N PRO F 141 8.91 13.94 -43.84
CA PRO F 141 9.18 13.30 -42.55
C PRO F 141 9.56 14.28 -41.45
N ALA F 142 10.19 15.41 -41.79
CA ALA F 142 10.51 16.40 -40.78
C ALA F 142 9.24 16.98 -40.16
N GLU F 143 8.24 17.28 -40.98
CA GLU F 143 6.98 17.82 -40.45
C GLU F 143 6.26 16.78 -39.60
N ILE F 144 6.29 15.50 -40.02
CA ILE F 144 5.67 14.45 -39.23
C ILE F 144 6.37 14.32 -37.88
N SER F 145 7.70 14.37 -37.88
CA SER F 145 8.45 14.30 -36.63
C SER F 145 8.13 15.48 -35.72
N ALA F 146 8.03 16.68 -36.30
CA ALA F 146 7.69 17.87 -35.52
C ALA F 146 6.30 17.73 -34.90
N VAL F 147 5.33 17.27 -35.67
CA VAL F 147 3.98 17.09 -35.15
C VAL F 147 3.97 16.04 -34.05
N CYS F 148 4.71 14.94 -34.25
CA CYS F 148 4.76 13.89 -33.24
C CYS F 148 5.39 14.38 -31.94
N GLU F 149 6.46 15.17 -32.05
CA GLU F 149 7.11 15.70 -30.85
C GLU F 149 6.29 16.82 -30.21
N LYS F 150 5.40 17.46 -30.98
CA LYS F 150 4.54 18.49 -30.41
C LYS F 150 3.35 17.88 -29.66
N GLY F 151 2.62 16.99 -30.32
CA GLY F 151 1.47 16.33 -29.74
C GLY F 151 1.75 15.06 -28.98
N ASN F 152 3.03 14.67 -28.85
CA ASN F 152 3.43 13.47 -28.11
C ASN F 152 2.79 12.21 -28.71
N PHE F 153 2.96 12.04 -30.02
CA PHE F 153 2.56 10.83 -30.72
C PHE F 153 3.84 10.05 -31.04
N ASN F 154 4.30 9.25 -30.07
CA ASN F 154 5.52 8.48 -30.27
C ASN F 154 5.43 7.16 -29.50
N VAL F 155 6.11 6.15 -30.03
CA VAL F 155 6.24 4.88 -29.31
C VAL F 155 7.10 5.07 -28.07
N ALA F 156 8.15 5.88 -28.17
CA ALA F 156 9.07 6.09 -27.06
C ALA F 156 8.36 6.71 -25.86
N HIS F 157 7.44 7.63 -26.10
CA HIS F 157 6.69 8.25 -25.02
C HIS F 157 5.95 7.19 -24.21
N GLY F 158 5.20 6.33 -24.89
CA GLY F 158 4.48 5.28 -24.18
C GLY F 158 5.41 4.30 -23.48
N LEU F 159 6.50 3.92 -24.15
CA LEU F 159 7.43 2.96 -23.55
C LEU F 159 8.04 3.51 -22.27
N ALA F 160 8.51 4.77 -22.32
CA ALA F 160 9.13 5.36 -21.13
C ALA F 160 8.13 5.58 -20.01
N TRP F 161 6.91 6.03 -20.36
CA TRP F 161 5.92 6.23 -19.32
C TRP F 161 5.52 4.91 -18.66
N SER F 162 5.38 3.86 -19.46
CA SER F 162 5.08 2.54 -18.88
C SER F 162 6.23 2.05 -18.01
N TYR F 163 7.47 2.28 -18.46
CA TYR F 163 8.63 1.88 -17.65
C TYR F 163 8.66 2.61 -16.33
N TYR F 164 8.34 3.90 -16.32
CA TYR F 164 8.30 4.64 -15.07
C TYR F 164 7.18 4.14 -14.17
N ILE F 165 5.96 4.05 -14.70
CA ILE F 165 4.81 3.73 -13.86
C ILE F 165 4.81 2.27 -13.39
N GLY F 166 5.49 1.38 -14.12
CA GLY F 166 5.42 -0.03 -13.78
C GLY F 166 6.60 -0.57 -12.99
N TYR F 167 7.80 -0.14 -13.33
CA TYR F 167 9.01 -0.71 -12.75
C TYR F 167 9.76 0.27 -11.85
N LEU F 168 10.12 1.44 -12.37
CA LEU F 168 10.94 2.37 -11.61
C LEU F 168 10.18 2.90 -10.39
N ARG F 169 8.93 3.29 -10.57
CA ARG F 169 8.14 3.85 -9.47
C ARG F 169 7.92 2.83 -8.35
N LEU F 170 8.14 1.55 -8.61
CA LEU F 170 7.91 0.51 -7.62
C LEU F 170 9.19 -0.05 -7.00
N ILE F 171 10.35 0.26 -7.56
CA ILE F 171 11.61 -0.22 -6.98
C ILE F 171 12.53 0.89 -6.53
N LEU F 172 12.34 2.14 -6.97
CA LEU F 172 13.19 3.22 -6.48
C LEU F 172 13.12 3.41 -4.96
N PRO F 173 11.95 3.37 -4.31
CA PRO F 173 11.95 3.58 -2.85
C PRO F 173 12.72 2.52 -2.06
N GLU F 174 12.39 1.25 -2.26
CA GLU F 174 12.97 0.18 -1.46
C GLU F 174 14.40 -0.17 -1.87
N LEU F 175 14.87 0.32 -3.02
CA LEU F 175 16.22 0.01 -3.45
C LEU F 175 17.25 0.56 -2.48
N GLN F 176 17.07 1.79 -2.01
CA GLN F 176 18.04 2.37 -1.09
C GLN F 176 18.04 1.63 0.24
N ALA F 177 16.86 1.19 0.71
CA ALA F 177 16.82 0.41 1.95
C ALA F 177 17.54 -0.92 1.81
N ARG F 178 17.30 -1.62 0.70
CA ARG F 178 17.98 -2.90 0.48
C ARG F 178 19.48 -2.68 0.33
N ILE F 179 19.88 -1.60 -0.33
CA ILE F 179 21.30 -1.30 -0.50
C ILE F 179 21.95 -1.00 0.85
N ARG F 180 21.25 -0.26 1.71
CA ARG F 180 21.77 0.02 3.04
C ARG F 180 21.89 -1.25 3.86
N THR F 181 20.92 -2.16 3.74
CA THR F 181 21.01 -3.44 4.44
C THR F 181 22.23 -4.23 3.97
N TYR F 182 22.41 -4.33 2.66
CA TYR F 182 23.57 -5.06 2.14
C TYR F 182 24.87 -4.36 2.53
N ASN F 183 24.86 -3.03 2.65
CA ASN F 183 26.05 -2.31 3.06
C ASN F 183 26.41 -2.61 4.51
N GLN F 184 25.43 -2.55 5.40
CA GLN F 184 25.64 -3.08 6.74
C GLN F 184 25.30 -4.56 6.81
N HIS F 185 25.74 -5.28 5.78
CA HIS F 185 25.84 -6.74 5.77
C HIS F 185 27.10 -7.23 5.08
N TYR F 186 27.86 -6.34 4.45
CA TYR F 186 28.99 -6.68 3.58
C TYR F 186 30.29 -6.26 4.24
N ASN F 187 31.26 -7.17 4.27
CA ASN F 187 32.55 -6.89 4.90
C ASN F 187 33.54 -6.28 3.92
N ASN F 188 33.85 -6.99 2.84
CA ASN F 188 34.76 -6.50 1.81
C ASN F 188 34.72 -7.39 0.58
N GLY F 192 34.42 -3.02 -0.11
CA GLY F 192 33.86 -1.77 -0.60
C GLY F 192 32.34 -1.73 -0.57
N ALA F 193 31.79 -0.69 0.05
CA ALA F 193 30.35 -0.55 0.12
C ALA F 193 29.76 -0.28 -1.26
N VAL F 194 28.55 -0.78 -1.47
CA VAL F 194 27.86 -0.61 -2.75
C VAL F 194 27.26 0.79 -2.82
N SER F 195 27.11 1.29 -4.03
CA SER F 195 26.49 2.60 -4.22
C SER F 195 25.01 2.53 -3.90
N GLN F 196 24.46 3.66 -3.45
CA GLN F 196 23.05 3.75 -3.05
C GLN F 196 22.15 4.18 -4.19
N ARG F 197 22.57 4.00 -5.44
CA ARG F 197 21.78 4.42 -6.59
C ARG F 197 21.73 3.31 -7.63
N LEU F 198 20.63 3.30 -8.40
CA LEU F 198 20.48 2.35 -9.50
C LEU F 198 21.10 2.94 -10.76
N TYR F 199 22.13 2.27 -11.28
CA TYR F 199 22.84 2.76 -12.46
C TYR F 199 22.23 2.11 -13.70
N ILE F 200 21.11 2.68 -14.14
CA ILE F 200 20.41 2.15 -15.31
C ILE F 200 21.24 2.44 -16.55
N LEU F 201 21.53 1.40 -17.32
CA LEU F 201 22.27 1.54 -18.56
C LEU F 201 21.29 1.73 -19.71
N LEU F 202 21.61 2.66 -20.61
CA LEU F 202 20.78 2.97 -21.76
C LEU F 202 21.62 2.86 -23.03
N PRO F 203 21.91 1.64 -23.48
CA PRO F 203 22.68 1.49 -24.71
C PRO F 203 21.88 1.93 -25.93
N LEU F 204 22.31 3.04 -26.55
CA LEU F 204 21.54 3.61 -27.65
C LEU F 204 21.52 2.70 -28.87
N ASP F 205 22.56 1.86 -29.04
CA ASP F 205 22.59 0.94 -30.17
C ASP F 205 21.53 -0.16 -30.07
N CYS F 206 20.90 -0.30 -28.91
CA CYS F 206 19.84 -1.28 -28.64
C CYS F 206 20.30 -2.72 -28.81
N GLY F 207 21.60 -2.95 -28.97
CA GLY F 207 22.13 -4.30 -28.93
C GLY F 207 22.50 -4.67 -27.51
N VAL F 208 21.61 -5.37 -26.82
CA VAL F 208 21.75 -5.65 -25.40
C VAL F 208 22.11 -7.12 -25.21
N PRO F 209 23.28 -7.43 -24.66
CA PRO F 209 23.57 -8.80 -24.28
C PRO F 209 22.71 -9.23 -23.10
N ASP F 210 22.56 -10.55 -22.96
CA ASP F 210 21.79 -11.09 -21.85
C ASP F 210 22.51 -10.92 -20.51
N ASN F 211 23.82 -10.67 -20.53
CA ASN F 211 24.60 -10.47 -19.31
C ASN F 211 25.64 -9.40 -19.55
N LEU F 212 26.11 -8.79 -18.46
CA LEU F 212 27.12 -7.74 -18.56
C LEU F 212 28.51 -8.31 -18.83
N SER F 213 28.72 -9.60 -18.61
CA SER F 213 30.02 -10.21 -18.89
C SER F 213 30.34 -10.13 -20.38
N MET F 214 29.34 -10.38 -21.23
CA MET F 214 29.56 -10.31 -22.67
C MET F 214 29.73 -8.87 -23.14
N ALA F 215 29.12 -7.91 -22.45
CA ALA F 215 29.25 -6.52 -22.85
C ALA F 215 30.70 -6.05 -22.74
N ASP F 216 31.37 -6.39 -21.64
CA ASP F 216 32.77 -6.06 -21.45
C ASP F 216 33.37 -6.94 -20.36
N PRO F 217 34.50 -7.59 -20.62
CA PRO F 217 35.12 -8.43 -19.58
C PRO F 217 35.60 -7.64 -18.38
N ASN F 218 35.78 -6.33 -18.50
CA ASN F 218 36.24 -5.51 -17.38
C ASN F 218 35.18 -5.32 -16.31
N ILE F 219 33.93 -5.72 -16.57
CA ILE F 219 32.85 -5.64 -15.60
C ILE F 219 32.46 -7.06 -15.21
N ARG F 220 32.41 -7.32 -13.90
CA ARG F 220 32.16 -8.65 -13.37
C ARG F 220 30.90 -8.66 -12.53
N PHE F 221 30.08 -9.70 -12.71
CA PHE F 221 28.93 -9.91 -11.84
C PHE F 221 29.39 -10.47 -10.50
N LEU F 222 28.87 -9.88 -9.41
CA LEU F 222 29.32 -10.23 -8.07
C LEU F 222 28.26 -10.93 -7.25
N ASP F 223 27.09 -10.32 -7.07
CA ASP F 223 26.10 -10.84 -6.13
C ASP F 223 24.71 -10.43 -6.56
N LYS F 224 23.71 -10.98 -5.86
CA LYS F 224 22.31 -10.67 -6.09
C LYS F 224 21.75 -9.97 -4.87
N LEU F 225 21.10 -8.83 -5.08
CA LEU F 225 20.50 -8.08 -3.99
C LEU F 225 19.31 -8.87 -3.41
N PRO F 226 19.12 -8.80 -2.09
CA PRO F 226 17.94 -9.45 -1.49
C PRO F 226 16.64 -8.88 -2.05
N GLN F 227 15.65 -9.75 -2.19
CA GLN F 227 14.35 -9.35 -2.72
C GLN F 227 13.56 -8.55 -1.69
N ARG F 238 6.57 -9.58 -5.43
CA ARG F 238 7.60 -8.94 -6.25
C ARG F 238 8.95 -9.61 -6.03
N VAL F 239 9.58 -9.99 -7.15
CA VAL F 239 10.79 -10.80 -7.15
C VAL F 239 11.92 -10.05 -7.85
N TYR F 240 11.97 -8.73 -7.68
CA TYR F 240 12.80 -7.87 -8.52
C TYR F 240 14.23 -8.38 -8.60
N SER F 241 14.85 -8.65 -7.45
CA SER F 241 16.13 -9.35 -7.38
C SER F 241 17.20 -8.68 -8.25
N ASN F 242 17.54 -7.45 -7.89
CA ASN F 242 18.59 -6.73 -8.59
C ASN F 242 19.95 -7.35 -8.30
N SER F 243 20.94 -6.97 -9.11
CA SER F 243 22.26 -7.56 -9.05
C SER F 243 23.32 -6.48 -8.83
N ILE F 244 24.37 -6.83 -8.08
CA ILE F 244 25.49 -5.95 -7.78
C ILE F 244 26.73 -6.50 -8.48
N TYR F 245 27.47 -5.63 -9.13
CA TYR F 245 28.58 -6.01 -9.99
C TYR F 245 29.90 -5.46 -9.46
N GLU F 246 31.00 -6.10 -9.87
CA GLU F 246 32.34 -5.64 -9.55
C GLU F 246 32.89 -4.83 -10.72
N LEU F 247 33.41 -3.65 -10.41
CA LEU F 247 33.95 -2.73 -11.42
C LEU F 247 35.47 -2.82 -11.39
N LEU F 248 36.04 -3.56 -12.34
CA LEU F 248 37.48 -3.74 -12.38
C LEU F 248 38.15 -2.57 -13.10
N GLU F 249 39.07 -1.92 -12.41
CA GLU F 249 39.98 -0.94 -12.99
C GLU F 249 41.40 -1.41 -12.72
N ASN F 250 42.19 -1.55 -13.78
CA ASN F 250 43.56 -2.05 -13.69
C ASN F 250 43.62 -3.42 -13.02
N GLY F 251 42.53 -4.17 -13.10
CA GLY F 251 42.45 -5.48 -12.49
C GLY F 251 42.01 -5.52 -11.04
N GLN F 252 41.81 -4.36 -10.41
CA GLN F 252 41.40 -4.29 -9.03
C GLN F 252 40.03 -3.62 -8.92
N ARG F 253 39.27 -4.01 -7.89
CA ARG F 253 37.94 -3.46 -7.72
C ARG F 253 38.02 -1.97 -7.35
N ALA F 254 37.28 -1.15 -8.08
CA ALA F 254 37.18 0.27 -7.80
C ALA F 254 35.84 0.67 -7.21
N GLY F 255 34.90 -0.26 -7.12
CA GLY F 255 33.59 0.04 -6.58
C GLY F 255 32.58 -0.98 -7.07
N THR F 256 31.40 -0.93 -6.45
CA THR F 256 30.31 -1.84 -6.78
C THR F 256 29.02 -1.04 -6.89
N CYS F 257 28.29 -1.25 -7.97
CA CYS F 257 27.04 -0.55 -8.22
C CYS F 257 26.00 -1.53 -8.73
N VAL F 258 24.73 -1.17 -8.56
CA VAL F 258 23.61 -2.02 -8.96
C VAL F 258 23.28 -1.67 -10.41
N LEU F 259 24.01 -2.29 -11.34
CA LEU F 259 23.75 -2.08 -12.75
C LEU F 259 22.52 -2.85 -13.20
N GLU F 260 21.79 -2.30 -14.16
CA GLU F 260 20.52 -2.88 -14.58
C GLU F 260 20.13 -2.27 -15.92
N TYR F 261 20.07 -3.11 -16.96
CA TYR F 261 19.71 -2.61 -18.29
C TYR F 261 18.29 -2.04 -18.32
N ALA F 262 18.05 -1.21 -19.33
CA ALA F 262 16.72 -0.69 -19.60
C ALA F 262 16.04 -1.65 -20.58
N THR F 263 15.12 -2.47 -20.05
CA THR F 263 14.44 -3.45 -20.89
C THR F 263 13.58 -2.83 -22.00
N PRO F 264 13.05 -1.60 -21.90
CA PRO F 264 12.38 -1.04 -23.08
C PRO F 264 13.27 -0.92 -24.30
N LEU F 265 14.59 -0.76 -24.12
CA LEU F 265 15.47 -0.75 -25.28
C LEU F 265 15.51 -2.12 -25.96
N GLN F 266 15.55 -3.19 -25.17
CA GLN F 266 15.45 -4.53 -25.75
C GLN F 266 14.10 -4.72 -26.42
N THR F 267 13.04 -4.16 -25.84
CA THR F 267 11.72 -4.23 -26.46
C THR F 267 11.71 -3.52 -27.81
N LEU F 268 12.36 -2.36 -27.89
CA LEU F 268 12.46 -1.64 -29.16
C LEU F 268 13.24 -2.45 -30.18
N PHE F 269 14.33 -3.09 -29.75
CA PHE F 269 15.11 -3.92 -30.68
C PHE F 269 14.28 -5.07 -31.21
N ALA F 270 13.59 -5.79 -30.32
CA ALA F 270 12.76 -6.92 -30.75
C ALA F 270 11.60 -6.45 -31.63
N MET F 271 11.06 -5.26 -31.35
CA MET F 271 10.04 -4.67 -32.20
C MET F 271 10.58 -4.40 -33.60
N SER F 272 11.79 -3.86 -33.69
CA SER F 272 12.40 -3.60 -34.98
C SER F 272 12.72 -4.89 -35.72
N GLN F 273 12.98 -5.98 -35.00
CA GLN F 273 13.26 -7.25 -35.65
C GLN F 273 12.06 -7.75 -36.44
N TYR F 274 10.87 -7.70 -35.85
CA TYR F 274 9.69 -8.27 -36.48
C TYR F 274 9.18 -7.40 -37.61
N SER F 275 8.43 -8.02 -38.52
CA SER F 275 7.92 -7.34 -39.71
C SER F 275 6.53 -6.75 -39.51
N GLN F 276 5.79 -7.18 -38.50
CA GLN F 276 4.47 -6.63 -38.25
C GLN F 276 4.50 -5.28 -37.58
N ALA F 277 5.66 -4.87 -37.05
CA ALA F 277 5.74 -3.62 -36.32
C ALA F 277 5.74 -2.40 -37.23
N GLY F 278 6.25 -2.53 -38.45
CA GLY F 278 6.50 -1.35 -39.25
C GLY F 278 7.50 -0.43 -38.61
N PHE F 279 8.58 -1.00 -38.06
CA PHE F 279 9.51 -0.29 -37.17
C PHE F 279 10.93 -0.53 -37.72
N SER F 280 11.38 0.38 -38.57
CA SER F 280 12.68 0.24 -39.21
C SER F 280 13.80 0.59 -38.23
N ARG F 281 15.05 0.36 -38.66
CA ARG F 281 16.20 0.64 -37.80
C ARG F 281 16.34 2.13 -37.52
N GLU F 282 16.07 2.97 -38.53
CA GLU F 282 16.12 4.42 -38.32
C GLU F 282 15.11 4.84 -37.27
N ASP F 283 13.86 4.36 -37.40
CA ASP F 283 12.84 4.64 -36.40
C ASP F 283 13.21 4.04 -35.06
N ARG F 284 13.86 2.87 -35.05
CA ARG F 284 14.28 2.27 -33.79
C ARG F 284 15.26 3.16 -33.06
N LEU F 285 16.27 3.68 -33.77
CA LEU F 285 17.23 4.58 -33.15
C LEU F 285 16.58 5.88 -32.70
N GLU F 286 15.70 6.43 -33.54
CA GLU F 286 15.00 7.66 -33.18
C GLU F 286 14.20 7.49 -31.90
N GLN F 287 13.45 6.39 -31.81
CA GLN F 287 12.63 6.16 -30.63
C GLN F 287 13.48 5.79 -29.42
N ALA F 288 14.64 5.16 -29.62
CA ALA F 288 15.51 4.93 -28.48
C ALA F 288 16.02 6.24 -27.89
N LYS F 289 16.43 7.17 -28.76
CA LYS F 289 16.88 8.47 -28.29
C LYS F 289 15.74 9.23 -27.59
N LEU F 290 14.56 9.24 -28.20
CA LEU F 290 13.41 9.90 -27.58
C LEU F 290 13.05 9.26 -26.25
N PHE F 291 13.11 7.93 -26.17
CA PHE F 291 12.80 7.23 -24.94
C PHE F 291 13.76 7.63 -23.83
N CYS F 292 15.05 7.67 -24.13
CA CYS F 292 16.02 8.10 -23.11
C CYS F 292 15.76 9.54 -22.68
N ARG F 293 15.49 10.43 -23.63
CA ARG F 293 15.28 11.83 -23.30
C ARG F 293 14.04 12.01 -22.42
N THR F 294 12.93 11.34 -22.78
CA THR F 294 11.71 11.52 -22.00
C THR F 294 11.78 10.78 -20.67
N LEU F 295 12.56 9.70 -20.59
CA LEU F 295 12.79 9.07 -19.29
C LEU F 295 13.55 9.99 -18.37
N GLU F 296 14.56 10.69 -18.90
CA GLU F 296 15.25 11.68 -18.08
C GLU F 296 14.32 12.81 -17.67
N ASP F 297 13.46 13.26 -18.59
CA ASP F 297 12.51 14.32 -18.27
C ASP F 297 11.56 13.89 -17.15
N ILE F 298 11.07 12.65 -17.22
CA ILE F 298 10.16 12.15 -16.20
C ILE F 298 10.87 12.00 -14.86
N LEU F 299 12.09 11.45 -14.88
CA LEU F 299 12.81 11.22 -13.64
C LEU F 299 13.29 12.52 -12.99
N ALA F 300 13.44 13.59 -13.77
CA ALA F 300 13.85 14.86 -13.19
C ALA F 300 12.80 15.37 -12.19
N ASP F 301 11.53 15.25 -12.54
CA ASP F 301 10.43 15.72 -11.69
C ASP F 301 9.75 14.59 -10.93
N ALA F 302 10.29 13.39 -10.97
CA ALA F 302 9.66 12.26 -10.30
C ALA F 302 9.87 12.34 -8.80
N PRO F 303 8.81 12.35 -8.00
CA PRO F 303 9.00 12.38 -6.53
C PRO F 303 9.74 11.17 -5.99
N GLU F 304 9.54 9.99 -6.59
CA GLU F 304 10.22 8.80 -6.11
C GLU F 304 11.72 8.85 -6.38
N SER F 305 12.16 9.63 -7.35
CA SER F 305 13.57 9.76 -7.68
C SER F 305 14.21 10.80 -6.76
N GLN F 306 15.06 10.34 -5.85
CA GLN F 306 15.78 11.23 -4.95
C GLN F 306 17.28 11.11 -5.21
N ASN F 307 17.65 11.15 -6.49
CA ASN F 307 19.03 10.91 -6.93
C ASN F 307 19.50 9.51 -6.54
N ASN F 308 18.59 8.55 -6.52
CA ASN F 308 18.91 7.14 -6.29
C ASN F 308 18.85 6.33 -7.58
N CYS F 309 18.85 7.00 -8.73
CA CYS F 309 18.84 6.32 -10.03
C CYS F 309 19.50 7.24 -11.04
N ARG F 310 20.71 6.89 -11.46
CA ARG F 310 21.49 7.71 -12.38
C ARG F 310 21.49 7.06 -13.76
N LEU F 311 20.87 7.73 -14.72
CA LEU F 311 20.80 7.21 -16.08
C LEU F 311 22.17 7.30 -16.75
N ILE F 312 22.52 6.24 -17.49
CA ILE F 312 23.77 6.18 -18.23
C ILE F 312 23.45 5.80 -19.67
N ALA F 313 23.96 6.58 -20.61
CA ALA F 313 23.77 6.34 -22.03
C ALA F 313 25.12 6.25 -22.72
N TYR F 314 25.24 5.31 -23.65
CA TYR F 314 26.52 5.09 -24.33
C TYR F 314 26.27 4.42 -25.67
N GLN F 315 27.02 4.85 -26.68
CA GLN F 315 26.95 4.27 -28.02
C GLN F 315 28.36 4.14 -28.57
N GLU F 316 28.70 2.95 -29.07
CA GLU F 316 30.02 2.75 -29.64
C GLU F 316 30.13 3.46 -30.97
N PRO F 317 31.16 4.30 -31.17
CA PRO F 317 31.36 5.05 -32.42
C PRO F 317 31.72 4.14 -33.60
N PHE F 323 34.64 1.69 -27.53
CA PHE F 323 34.08 2.25 -26.30
C PHE F 323 34.42 1.37 -25.10
N SER F 324 34.53 2.00 -23.93
CA SER F 324 34.85 1.31 -22.68
C SER F 324 33.67 1.48 -21.73
N LEU F 325 32.99 0.37 -21.43
CA LEU F 325 31.82 0.44 -20.54
C LEU F 325 32.25 0.65 -19.09
N SER F 326 33.29 -0.06 -18.65
CA SER F 326 33.72 0.07 -17.26
C SER F 326 34.20 1.49 -16.96
N GLN F 327 34.99 2.07 -17.85
CA GLN F 327 35.45 3.45 -17.64
C GLN F 327 34.28 4.42 -17.66
N GLU F 328 33.29 4.19 -18.53
CA GLU F 328 32.12 5.06 -18.58
C GLU F 328 31.33 5.00 -17.28
N VAL F 329 31.18 3.80 -16.71
CA VAL F 329 30.48 3.68 -15.43
C VAL F 329 31.28 4.33 -14.31
N LEU F 330 32.61 4.13 -14.31
CA LEU F 330 33.44 4.73 -13.29
C LEU F 330 33.45 6.25 -13.37
N ARG F 331 33.21 6.80 -14.56
CA ARG F 331 33.16 8.26 -14.70
C ARG F 331 32.01 8.84 -13.88
N HIS F 332 30.85 8.17 -13.88
CA HIS F 332 29.69 8.65 -13.16
C HIS F 332 29.83 8.48 -11.65
N LEU F 333 30.83 7.74 -11.18
CA LEU F 333 31.05 7.59 -9.75
C LEU F 333 31.88 8.73 -9.19
N SER G 5 32.37 -6.88 -48.22
CA SER G 5 33.70 -6.63 -47.71
C SER G 5 34.49 -7.94 -47.57
N LEU G 6 33.76 -9.05 -47.51
CA LEU G 6 34.40 -10.36 -47.41
C LEU G 6 35.27 -10.66 -48.62
N HIS G 7 34.74 -10.38 -49.82
CA HIS G 7 35.44 -10.60 -51.06
C HIS G 7 35.24 -9.39 -51.97
N PRO G 8 36.25 -9.01 -52.74
CA PRO G 8 36.07 -7.89 -53.67
C PRO G 8 35.06 -8.16 -54.77
N SER G 9 34.73 -9.42 -55.05
CA SER G 9 33.83 -9.77 -56.13
C SER G 9 32.37 -9.83 -55.72
N ILE G 10 32.06 -9.60 -54.45
CA ILE G 10 30.66 -9.60 -53.99
C ILE G 10 30.03 -8.27 -54.37
N PRO G 11 28.95 -8.27 -55.17
CA PRO G 11 28.35 -7.00 -55.58
C PRO G 11 27.73 -6.26 -54.41
N CYS G 12 27.79 -4.93 -54.48
CA CYS G 12 27.15 -4.08 -53.50
C CYS G 12 25.67 -3.91 -53.83
N PRO G 13 24.85 -3.60 -52.83
CA PRO G 13 23.43 -3.32 -53.12
C PRO G 13 23.29 -2.15 -54.08
N ARG G 14 22.28 -2.23 -54.94
CA ARG G 14 22.09 -1.22 -55.97
C ARG G 14 21.85 0.15 -55.34
N GLY G 15 22.51 1.16 -55.92
CA GLY G 15 22.34 2.53 -55.50
C GLY G 15 21.31 3.26 -56.34
N HIS G 16 21.49 4.58 -56.42
CA HIS G 16 20.61 5.45 -57.20
C HIS G 16 21.35 6.10 -58.37
N GLY G 17 22.30 5.38 -58.97
CA GLY G 17 23.03 5.91 -60.10
C GLY G 17 22.14 6.18 -61.30
N ALA G 18 21.16 5.30 -61.53
CA ALA G 18 20.22 5.51 -62.63
C ALA G 18 19.42 6.79 -62.43
N GLN G 19 18.98 7.05 -61.20
CA GLN G 19 18.25 8.28 -60.91
C GLN G 19 19.12 9.52 -61.11
N LYS G 20 20.39 9.45 -60.69
CA LYS G 20 21.30 10.57 -60.90
C LYS G 20 21.53 10.82 -62.39
N ALA G 21 21.71 9.75 -63.16
CA ALA G 21 21.88 9.90 -64.60
C ALA G 21 20.62 10.48 -65.24
N ALA G 22 19.44 10.07 -64.76
CA ALA G 22 18.20 10.63 -65.26
C ALA G 22 18.09 12.12 -64.95
N LEU G 23 18.50 12.52 -63.74
CA LEU G 23 18.48 13.92 -63.39
C LEU G 23 19.42 14.74 -64.27
N VAL G 24 20.62 14.20 -64.51
CA VAL G 24 21.58 14.89 -65.39
C VAL G 24 21.02 15.01 -66.80
N LEU G 25 20.41 13.93 -67.31
CA LEU G 25 19.81 13.96 -68.64
C LEU G 25 18.68 14.98 -68.70
N LEU G 26 17.87 15.06 -67.65
CA LEU G 26 16.78 16.04 -67.61
C LEU G 26 17.33 17.46 -67.64
N SER G 27 18.39 17.71 -66.87
CA SER G 27 18.99 19.05 -66.89
C SER G 27 19.57 19.39 -68.25
N ALA G 28 20.25 18.43 -68.88
CA ALA G 28 20.81 18.67 -70.21
C ALA G 28 19.71 18.90 -71.25
N CYS G 29 18.63 18.13 -71.16
CA CYS G 29 17.50 18.32 -72.09
C CYS G 29 16.85 19.68 -71.88
N LEU G 30 16.72 20.12 -70.63
CA LEU G 30 16.19 21.45 -70.37
C LEU G 30 17.09 22.53 -70.94
N VAL G 31 18.40 22.36 -70.80
CA VAL G 31 19.35 23.31 -71.37
C VAL G 31 19.21 23.36 -72.89
N THR G 32 19.10 22.19 -73.53
CA THR G 32 18.95 22.14 -74.98
C THR G 32 17.65 22.80 -75.43
N LEU G 33 16.55 22.54 -74.72
CA LEU G 33 15.27 23.14 -75.05
C LEU G 33 15.33 24.67 -74.91
N TRP G 34 15.98 25.15 -73.85
CA TRP G 34 16.15 26.59 -73.67
C TRP G 34 16.98 27.19 -74.80
N GLY G 35 18.05 26.49 -75.21
CA GLY G 35 18.90 27.00 -76.27
C GLY G 35 18.17 27.07 -77.61
N LEU G 36 17.39 26.03 -77.93
CA LEU G 36 16.65 26.03 -79.18
C LEU G 36 15.53 27.07 -79.17
N GLY G 37 14.94 27.30 -78.01
CA GLY G 37 13.88 28.29 -77.88
C GLY G 37 12.60 27.96 -78.63
N GLU G 38 12.22 26.69 -78.66
CA GLU G 38 10.96 26.30 -79.28
C GLU G 38 9.78 26.77 -78.43
N PRO G 39 8.60 26.91 -79.02
CA PRO G 39 7.42 27.32 -78.24
C PRO G 39 7.15 26.34 -77.11
N PRO G 40 7.21 26.81 -75.85
CA PRO G 40 7.00 25.91 -74.71
C PRO G 40 5.61 25.28 -74.70
N GLU G 41 4.60 25.96 -75.23
CA GLU G 41 3.25 25.39 -75.22
C GLU G 41 3.19 24.12 -76.06
N HIS G 42 3.84 24.12 -77.23
CA HIS G 42 3.87 22.91 -78.05
C HIS G 42 4.59 21.78 -77.34
N THR G 43 5.70 22.09 -76.66
CA THR G 43 6.43 21.08 -75.91
C THR G 43 5.56 20.49 -74.81
N LEU G 44 4.84 21.33 -74.08
CA LEU G 44 3.98 20.84 -73.00
C LEU G 44 2.86 19.97 -73.54
N ARG G 45 2.21 20.41 -74.63
CA ARG G 45 1.12 19.63 -75.20
C ARG G 45 1.62 18.28 -75.73
N TYR G 46 2.78 18.28 -76.40
CA TYR G 46 3.33 17.04 -76.92
C TYR G 46 3.73 16.09 -75.78
N LEU G 47 4.30 16.64 -74.71
CA LEU G 47 4.66 15.79 -73.57
C LEU G 47 3.43 15.19 -72.92
N VAL G 48 2.37 15.98 -72.74
CA VAL G 48 1.14 15.47 -72.14
C VAL G 48 0.54 14.38 -73.03
N LEU G 49 0.51 14.61 -74.34
CA LEU G 49 -0.06 13.61 -75.25
C LEU G 49 0.78 12.33 -75.26
N HIS G 50 2.11 12.46 -75.22
CA HIS G 50 2.97 11.28 -75.19
C HIS G 50 2.76 10.49 -73.90
N LEU G 51 2.66 11.17 -72.76
CA LEU G 51 2.38 10.47 -71.51
C LEU G 51 1.02 9.79 -71.55
N ALA G 52 0.03 10.47 -72.15
CA ALA G 52 -1.30 9.86 -72.30
C ALA G 52 -1.24 8.60 -73.15
N SER G 53 -0.49 8.65 -74.25
CA SER G 53 -0.35 7.47 -75.11
C SER G 53 0.35 6.34 -74.37
N LEU G 54 1.38 6.66 -73.59
CA LEU G 54 2.06 5.63 -72.80
C LEU G 54 1.11 4.99 -71.79
N GLN G 55 0.32 5.82 -71.10
CA GLN G 55 -0.63 5.27 -70.12
C GLN G 55 -1.68 4.40 -70.80
N LEU G 56 -2.18 4.82 -71.97
CA LEU G 56 -3.17 4.02 -72.68
C LEU G 56 -2.59 2.71 -73.17
N GLY G 57 -1.34 2.73 -73.65
CA GLY G 57 -0.68 1.49 -74.03
C GLY G 57 -0.49 0.55 -72.85
N LEU G 58 -0.12 1.11 -71.69
CA LEU G 58 -0.01 0.30 -70.49
C LEU G 58 -1.36 -0.28 -70.10
N LEU G 59 -2.43 0.49 -70.26
CA LEU G 59 -3.76 -0.02 -69.97
C LEU G 59 -4.13 -1.18 -70.90
N LEU G 60 -3.82 -1.04 -72.18
CA LEU G 60 -4.13 -2.12 -73.12
C LEU G 60 -3.31 -3.38 -72.80
N ASN G 61 -2.03 -3.20 -72.46
CA ASN G 61 -1.21 -4.34 -72.09
C ASN G 61 -1.74 -5.01 -70.82
N GLY G 62 -2.17 -4.20 -69.84
CA GLY G 62 -2.76 -4.76 -68.64
C GLY G 62 -4.07 -5.49 -68.90
N VAL G 63 -4.87 -4.99 -69.84
CA VAL G 63 -6.10 -5.69 -70.21
C VAL G 63 -5.76 -7.04 -70.84
N CYS G 64 -4.76 -7.07 -71.72
CA CYS G 64 -4.34 -8.32 -72.33
C CYS G 64 -3.83 -9.29 -71.26
N SER G 65 -3.09 -8.78 -70.28
CA SER G 65 -2.62 -9.63 -69.18
C SER G 65 -3.79 -10.15 -68.36
N LEU G 66 -4.79 -9.30 -68.10
CA LEU G 66 -5.97 -9.72 -67.35
C LEU G 66 -6.72 -10.81 -68.10
N ALA G 67 -6.70 -10.77 -69.43
CA ALA G 67 -7.38 -11.80 -70.21
C ALA G 67 -6.83 -13.20 -69.93
N GLU G 68 -5.58 -13.32 -69.50
CA GLU G 68 -5.03 -14.60 -69.06
C GLU G 68 -5.06 -14.79 -67.56
N GLU G 69 -5.00 -13.70 -66.78
CA GLU G 69 -5.05 -13.81 -65.33
C GLU G 69 -6.45 -14.15 -64.83
N LEU G 70 -7.48 -13.95 -65.65
CA LEU G 70 -8.84 -14.29 -65.23
C LEU G 70 -8.99 -15.77 -64.94
N ARG G 71 -8.27 -16.62 -65.65
CA ARG G 71 -8.32 -18.06 -65.40
C ARG G 71 -7.58 -18.46 -64.14
N HIS G 72 -6.79 -17.56 -63.56
CA HIS G 72 -6.05 -17.82 -62.33
C HIS G 72 -6.72 -17.19 -61.10
N ILE G 73 -7.95 -16.70 -61.24
CA ILE G 73 -8.59 -16.01 -60.13
C ILE G 73 -8.86 -16.97 -58.97
N HIS G 74 -9.21 -18.21 -59.28
CA HIS G 74 -9.54 -19.17 -58.23
C HIS G 74 -8.32 -19.58 -57.42
N SER G 75 -7.12 -19.50 -58.01
CA SER G 75 -5.92 -19.99 -57.35
C SER G 75 -4.93 -18.87 -57.03
N ARG G 76 -4.52 -18.09 -58.01
CA ARG G 76 -3.43 -17.14 -57.81
C ARG G 76 -3.89 -15.80 -57.22
N TYR G 77 -5.20 -15.54 -57.16
CA TYR G 77 -5.68 -14.25 -56.68
C TYR G 77 -6.89 -14.42 -55.78
N ARG G 78 -6.90 -15.48 -54.97
CA ARG G 78 -7.84 -15.70 -53.86
C ARG G 78 -9.29 -15.40 -54.25
N GLY G 79 -9.66 -15.64 -55.50
CA GLY G 79 -11.04 -15.53 -55.93
C GLY G 79 -11.63 -14.14 -55.83
N SER G 80 -10.91 -13.12 -56.30
CA SER G 80 -11.40 -11.76 -56.28
C SER G 80 -11.01 -11.05 -57.57
N TYR G 81 -11.97 -10.31 -58.14
CA TYR G 81 -11.72 -9.61 -59.40
C TYR G 81 -10.86 -8.37 -59.19
N TRP G 82 -11.10 -7.63 -58.09
CA TRP G 82 -10.38 -6.38 -57.88
C TRP G 82 -8.89 -6.62 -57.64
N ARG G 83 -8.55 -7.70 -56.95
CA ARG G 83 -7.14 -8.04 -56.76
C ARG G 83 -6.46 -8.30 -58.10
N THR G 84 -7.13 -9.04 -58.98
CA THR G 84 -6.57 -9.31 -60.30
C THR G 84 -6.43 -8.02 -61.10
N VAL G 85 -7.43 -7.14 -61.03
CA VAL G 85 -7.37 -5.87 -61.76
C VAL G 85 -6.20 -5.04 -61.26
N ARG G 86 -6.01 -4.98 -59.94
CA ARG G 86 -4.88 -4.24 -59.39
C ARG G 86 -3.56 -4.85 -59.82
N ALA G 87 -3.45 -6.18 -59.78
CA ALA G 87 -2.21 -6.83 -60.17
C ALA G 87 -1.90 -6.63 -61.64
N CYS G 88 -2.93 -6.43 -62.47
CA CYS G 88 -2.69 -6.22 -63.89
C CYS G 88 -2.46 -4.75 -64.23
N LEU G 89 -3.00 -3.82 -63.45
CA LEU G 89 -2.92 -2.40 -63.76
C LEU G 89 -2.27 -1.58 -62.65
N GLY G 90 -1.56 -2.23 -61.72
CA GLY G 90 -0.95 -1.47 -60.65
C GLY G 90 -2.00 -0.95 -59.67
N CYS G 91 -1.75 0.25 -59.14
CA CYS G 91 -2.71 0.88 -58.25
C CYS G 91 -3.99 1.17 -59.02
N PRO G 92 -5.14 0.68 -58.57
CA PRO G 92 -6.37 0.83 -59.37
C PRO G 92 -6.82 2.27 -59.54
N LEU G 93 -6.96 2.98 -58.43
CA LEU G 93 -7.55 4.32 -58.48
C LEU G 93 -6.59 5.32 -59.13
N ARG G 94 -5.30 5.24 -58.79
CA ARG G 94 -4.33 6.16 -59.39
C ARG G 94 -4.25 5.96 -60.91
N ARG G 95 -4.16 4.70 -61.35
CA ARG G 95 -4.07 4.43 -62.78
C ARG G 95 -5.37 4.79 -63.47
N GLY G 96 -6.51 4.57 -62.83
CA GLY G 96 -7.77 4.99 -63.42
C GLY G 96 -7.88 6.49 -63.59
N ALA G 97 -7.42 7.25 -62.59
CA ALA G 97 -7.42 8.70 -62.70
C ALA G 97 -6.47 9.16 -63.81
N LEU G 98 -5.30 8.55 -63.91
CA LEU G 98 -4.38 8.91 -64.98
C LEU G 98 -4.95 8.56 -66.35
N LEU G 99 -5.68 7.45 -66.45
CA LEU G 99 -6.32 7.08 -67.71
C LEU G 99 -7.42 8.06 -68.07
N LEU G 100 -8.20 8.51 -67.08
CA LEU G 100 -9.22 9.52 -67.35
C LEU G 100 -8.59 10.82 -67.81
N LEU G 101 -7.48 11.22 -67.18
CA LEU G 101 -6.76 12.41 -67.63
C LEU G 101 -6.26 12.23 -69.06
N SER G 102 -5.74 11.05 -69.39
CA SER G 102 -5.27 10.77 -70.74
C SER G 102 -6.40 10.88 -71.74
N ILE G 103 -7.56 10.31 -71.41
CA ILE G 103 -8.71 10.35 -72.31
C ILE G 103 -9.14 11.78 -72.54
N TYR G 104 -9.23 12.57 -71.46
CA TYR G 104 -9.65 13.96 -71.60
C TYR G 104 -8.64 14.76 -72.41
N PHE G 105 -7.34 14.57 -72.17
CA PHE G 105 -6.32 15.37 -72.82
C PHE G 105 -6.00 14.92 -74.23
N TYR G 106 -6.44 13.73 -74.63
CA TYR G 106 -6.30 13.32 -76.03
C TYR G 106 -7.55 13.58 -76.85
N TYR G 107 -8.73 13.36 -76.25
CA TYR G 107 -9.98 13.60 -76.98
C TYR G 107 -10.21 15.09 -77.24
N SER G 108 -9.78 15.95 -76.32
CA SER G 108 -10.01 17.39 -76.44
C SER G 108 -8.85 18.12 -77.10
N LEU G 109 -7.64 17.97 -76.56
CA LEU G 109 -6.50 18.68 -77.12
C LEU G 109 -6.14 18.11 -78.50
N PRO G 110 -5.85 18.97 -79.47
CA PRO G 110 -5.46 18.47 -80.79
C PRO G 110 -4.09 17.83 -80.76
N ASN G 111 -3.82 17.01 -81.78
CA ASN G 111 -2.55 16.31 -81.92
C ASN G 111 -2.04 16.53 -83.34
N ALA G 112 -1.18 17.54 -83.50
CA ALA G 112 -0.57 17.80 -84.81
C ALA G 112 0.26 16.62 -85.26
N VAL G 113 1.05 16.05 -84.36
CA VAL G 113 1.78 14.81 -84.63
C VAL G 113 1.14 13.66 -83.85
N GLY G 114 0.21 12.98 -84.50
CA GLY G 114 -0.54 11.93 -83.85
C GLY G 114 -1.90 11.72 -84.49
N PRO G 115 -2.37 10.47 -84.51
CA PRO G 115 -3.65 10.16 -85.14
C PRO G 115 -4.82 10.68 -84.33
N PRO G 116 -5.99 10.85 -84.95
CA PRO G 116 -7.20 11.18 -84.17
C PRO G 116 -7.55 10.08 -83.17
N PHE G 117 -8.58 10.31 -82.35
CA PHE G 117 -8.84 9.45 -81.21
C PHE G 117 -9.06 8.00 -81.64
N THR G 118 -9.95 7.78 -82.60
CA THR G 118 -10.21 6.41 -83.06
C THR G 118 -8.99 5.83 -83.77
N TRP G 119 -8.32 6.63 -84.60
CA TRP G 119 -7.11 6.15 -85.28
C TRP G 119 -5.99 5.91 -84.27
N MET G 120 -5.88 6.77 -83.26
CA MET G 120 -4.90 6.55 -82.20
C MET G 120 -5.17 5.24 -81.46
N LEU G 121 -6.44 4.98 -81.15
CA LEU G 121 -6.78 3.74 -80.46
C LEU G 121 -6.46 2.53 -81.32
N ALA G 122 -6.78 2.59 -82.61
CA ALA G 122 -6.50 1.47 -83.50
C ALA G 122 -5.00 1.21 -83.61
N LEU G 123 -4.22 2.27 -83.81
CA LEU G 123 -2.77 2.12 -83.95
C LEU G 123 -2.15 1.63 -82.65
N LEU G 124 -2.60 2.15 -81.51
CA LEU G 124 -2.07 1.71 -80.23
C LEU G 124 -2.40 0.24 -79.98
N GLY G 125 -3.61 -0.18 -80.30
CA GLY G 125 -3.96 -1.59 -80.14
C GLY G 125 -3.13 -2.49 -81.04
N LEU G 126 -2.92 -2.08 -82.29
CA LEU G 126 -2.08 -2.86 -83.19
C LEU G 126 -0.66 -2.96 -82.66
N SER G 127 -0.09 -1.84 -82.19
CA SER G 127 1.27 -1.84 -81.68
C SER G 127 1.38 -2.71 -80.43
N GLN G 128 0.39 -2.63 -79.53
CA GLN G 128 0.42 -3.45 -78.33
C GLN G 128 0.31 -4.93 -78.67
N ALA G 129 -0.55 -5.28 -79.62
CA ALA G 129 -0.68 -6.68 -80.03
C ALA G 129 0.61 -7.18 -80.64
N LEU G 130 1.26 -6.36 -81.49
CA LEU G 130 2.53 -6.77 -82.07
C LEU G 130 3.60 -6.94 -81.00
N ASN G 131 3.66 -6.02 -80.04
CA ASN G 131 4.64 -6.11 -78.97
C ASN G 131 4.44 -7.35 -78.13
N ILE G 132 3.17 -7.68 -77.82
CA ILE G 132 2.89 -8.85 -77.01
C ILE G 132 3.21 -10.13 -77.78
N LEU G 133 2.82 -10.20 -79.05
CA LEU G 133 3.02 -11.43 -79.82
C LEU G 133 4.50 -11.67 -80.10
N LEU G 134 5.22 -10.66 -80.57
CA LEU G 134 6.62 -10.82 -80.90
C LEU G 134 7.55 -10.68 -79.70
N GLY G 135 7.03 -10.22 -78.56
CA GLY G 135 7.90 -9.97 -77.42
C GLY G 135 8.93 -8.89 -77.66
N LEU G 136 8.59 -7.91 -78.50
CA LEU G 136 9.56 -6.86 -78.83
C LEU G 136 9.91 -6.01 -77.61
N LYS G 137 8.91 -5.69 -76.77
CA LYS G 137 9.14 -4.91 -75.56
C LYS G 137 9.64 -5.87 -74.48
N GLY G 138 10.90 -6.27 -74.62
CA GLY G 138 11.52 -7.19 -73.69
C GLY G 138 12.16 -6.47 -72.51
N LEU G 139 12.43 -7.24 -71.46
CA LEU G 139 13.04 -6.72 -70.24
C LEU G 139 14.53 -6.99 -70.27
N ALA G 140 15.33 -5.95 -70.03
CA ALA G 140 16.77 -6.12 -69.98
C ALA G 140 17.15 -6.96 -68.75
N PRO G 141 18.12 -7.86 -68.89
CA PRO G 141 18.51 -8.69 -67.73
C PRO G 141 19.01 -7.86 -66.55
N ALA G 142 19.62 -6.69 -66.79
CA ALA G 142 20.02 -5.84 -65.69
C ALA G 142 18.81 -5.36 -64.89
N GLU G 143 17.74 -4.96 -65.59
CA GLU G 143 16.52 -4.59 -64.89
C GLU G 143 15.89 -5.79 -64.20
N ILE G 144 16.02 -6.98 -64.76
CA ILE G 144 15.53 -8.18 -64.10
C ILE G 144 16.26 -8.40 -62.78
N SER G 145 17.59 -8.24 -62.80
CA SER G 145 18.37 -8.38 -61.58
C SER G 145 18.01 -7.29 -60.57
N ALA G 146 17.77 -6.06 -61.05
CA ALA G 146 17.37 -4.99 -60.14
C ALA G 146 16.04 -5.29 -59.48
N VAL G 147 15.07 -5.79 -60.24
CA VAL G 147 13.77 -6.15 -59.67
C VAL G 147 13.92 -7.30 -58.67
N CYS G 148 14.73 -8.30 -59.02
CA CYS G 148 14.94 -9.43 -58.12
C CYS G 148 15.59 -9.00 -56.82
N GLU G 149 16.58 -8.11 -56.88
CA GLU G 149 17.24 -7.63 -55.68
C GLU G 149 16.40 -6.63 -54.90
N LYS G 150 15.42 -6.01 -55.55
CA LYS G 150 14.53 -5.09 -54.86
C LYS G 150 13.38 -5.81 -54.18
N GLY G 151 12.76 -6.77 -54.87
CA GLY G 151 11.69 -7.57 -54.34
C GLY G 151 12.10 -8.88 -53.72
N ASN G 152 13.42 -9.11 -53.55
CA ASN G 152 13.94 -10.35 -52.97
C ASN G 152 13.48 -11.57 -53.76
N PHE G 153 13.51 -11.46 -55.09
CA PHE G 153 13.10 -12.55 -55.98
C PHE G 153 14.31 -13.32 -56.47
N ASN G 154 14.98 -13.99 -55.53
CA ASN G 154 16.16 -14.79 -55.86
C ASN G 154 16.18 -16.05 -54.99
N VAL G 155 16.72 -17.13 -55.56
CA VAL G 155 16.87 -18.37 -54.82
C VAL G 155 17.91 -18.23 -53.71
N ALA G 156 18.90 -17.35 -53.92
CA ALA G 156 19.93 -17.16 -52.90
C ALA G 156 19.35 -16.58 -51.63
N HIS G 157 18.37 -15.69 -51.75
CA HIS G 157 17.69 -15.16 -50.57
C HIS G 157 17.10 -16.28 -49.73
N GLY G 158 16.34 -17.17 -50.38
CA GLY G 158 15.75 -18.28 -49.65
C GLY G 158 16.78 -19.22 -49.08
N LEU G 159 17.83 -19.52 -49.84
CA LEU G 159 18.85 -20.45 -49.35
C LEU G 159 19.55 -19.88 -48.12
N ALA G 160 19.93 -18.59 -48.17
CA ALA G 160 20.59 -17.97 -47.02
C ALA G 160 19.67 -17.91 -45.81
N TRP G 161 18.40 -17.56 -46.02
CA TRP G 161 17.49 -17.45 -44.89
C TRP G 161 17.20 -18.82 -44.29
N SER G 162 17.09 -19.85 -45.12
CA SER G 162 16.92 -21.20 -44.60
C SER G 162 18.15 -21.66 -43.83
N TYR G 163 19.34 -21.35 -44.36
CA TYR G 163 20.57 -21.73 -43.66
C TYR G 163 20.66 -21.05 -42.31
N TYR G 164 20.21 -19.81 -42.22
CA TYR G 164 20.19 -19.12 -40.92
C TYR G 164 19.15 -19.73 -39.98
N ILE G 165 17.93 -19.92 -40.46
CA ILE G 165 16.84 -20.30 -39.56
C ILE G 165 16.99 -21.73 -39.07
N GLY G 166 17.41 -22.63 -39.95
CA GLY G 166 17.45 -24.04 -39.61
C GLY G 166 18.71 -24.52 -38.93
N TYR G 167 19.86 -24.00 -39.35
CA TYR G 167 21.15 -24.50 -38.89
C TYR G 167 21.88 -23.51 -38.00
N LEU G 168 22.11 -22.29 -38.49
CA LEU G 168 22.95 -21.34 -37.74
C LEU G 168 22.29 -20.93 -36.43
N ARG G 169 21.01 -20.57 -36.48
CA ARG G 169 20.32 -20.08 -35.29
C ARG G 169 20.17 -21.15 -34.22
N LEU G 170 20.40 -22.42 -34.55
CA LEU G 170 20.29 -23.51 -33.58
C LEU G 170 21.63 -23.96 -33.01
N ILE G 171 22.73 -23.70 -33.72
CA ILE G 171 24.04 -24.17 -33.27
C ILE G 171 24.92 -23.03 -32.75
N LEU G 172 24.70 -21.79 -33.17
CA LEU G 172 25.55 -20.69 -32.70
C LEU G 172 25.55 -20.52 -31.18
N PRO G 173 24.40 -20.57 -30.47
CA PRO G 173 24.46 -20.36 -29.01
C PRO G 173 25.33 -21.36 -28.26
N GLU G 174 25.04 -22.65 -28.38
CA GLU G 174 25.74 -23.67 -27.61
C GLU G 174 27.15 -23.94 -28.12
N LEU G 175 27.51 -23.41 -29.29
CA LEU G 175 28.83 -23.66 -29.84
C LEU G 175 29.93 -23.09 -28.97
N GLN G 176 29.72 -21.88 -28.43
CA GLN G 176 30.71 -21.28 -27.55
C GLN G 176 30.93 -22.12 -26.30
N ALA G 177 29.84 -22.60 -25.70
CA ALA G 177 29.97 -23.45 -24.52
C ALA G 177 30.70 -24.75 -24.83
N ARG G 178 30.37 -25.37 -25.97
CA ARG G 178 31.05 -26.62 -26.33
C ARG G 178 32.52 -26.39 -26.61
N ILE G 179 32.86 -25.30 -27.30
CA ILE G 179 34.26 -24.98 -27.57
C ILE G 179 35.01 -24.73 -26.27
N ARG G 180 34.39 -24.00 -25.34
CA ARG G 180 35.03 -23.73 -24.05
C ARG G 180 35.26 -25.03 -23.28
N THR G 181 34.27 -25.93 -23.31
CA THR G 181 34.44 -27.22 -22.63
C THR G 181 35.58 -28.01 -23.24
N TYR G 182 35.65 -28.06 -24.57
CA TYR G 182 36.72 -28.80 -25.23
C TYR G 182 38.08 -28.20 -24.92
N ASN G 183 38.19 -26.87 -24.91
CA ASN G 183 39.45 -26.23 -24.62
C ASN G 183 39.87 -26.46 -23.17
N GLN G 184 38.91 -26.40 -22.24
CA GLN G 184 39.22 -26.62 -20.83
C GLN G 184 39.67 -28.06 -20.59
N HIS G 185 39.02 -29.03 -21.25
CA HIS G 185 39.34 -30.43 -21.00
C HIS G 185 40.67 -30.81 -21.66
N TYR G 186 40.73 -30.69 -22.98
CA TYR G 186 41.88 -31.18 -23.75
C TYR G 186 42.94 -30.08 -23.84
N ASN G 187 44.08 -30.31 -23.19
CA ASN G 187 45.22 -29.39 -23.26
C ASN G 187 46.28 -30.04 -24.16
N ASN G 188 46.22 -29.72 -25.45
CA ASN G 188 47.15 -30.29 -26.42
C ASN G 188 47.77 -29.19 -27.29
N GLY G 192 47.41 -26.22 -28.51
CA GLY G 192 47.15 -25.77 -27.16
C GLY G 192 45.67 -25.58 -26.87
N ALA G 193 44.98 -24.89 -27.76
CA ALA G 193 43.56 -24.63 -27.59
C ALA G 193 42.94 -24.39 -28.96
N VAL G 194 41.60 -24.46 -29.00
CA VAL G 194 40.84 -24.27 -30.21
C VAL G 194 40.18 -22.90 -30.18
N SER G 195 40.05 -22.29 -31.36
CA SER G 195 39.42 -20.98 -31.46
C SER G 195 37.96 -21.05 -31.03
N GLN G 196 37.45 -19.92 -30.53
CA GLN G 196 36.12 -19.85 -29.94
C GLN G 196 35.06 -19.35 -30.91
N ARG G 197 35.31 -19.45 -32.21
CA ARG G 197 34.35 -19.01 -33.21
C ARG G 197 34.29 -20.02 -34.35
N LEU G 198 33.13 -20.10 -35.00
CA LEU G 198 32.94 -20.96 -36.14
C LEU G 198 33.34 -20.22 -37.41
N TYR G 199 34.31 -20.75 -38.13
CA TYR G 199 34.80 -20.16 -39.37
C TYR G 199 34.14 -20.89 -40.53
N ILE G 200 33.14 -20.27 -41.13
CA ILE G 200 32.37 -20.88 -42.21
C ILE G 200 33.03 -20.52 -43.53
N LEU G 201 33.46 -21.53 -44.26
CA LEU G 201 34.13 -21.31 -45.54
C LEU G 201 33.11 -21.11 -46.65
N LEU G 202 33.33 -20.09 -47.48
CA LEU G 202 32.43 -19.76 -48.58
C LEU G 202 33.24 -19.70 -49.86
N PRO G 203 33.37 -20.83 -50.55
CA PRO G 203 34.05 -20.84 -51.85
C PRO G 203 33.12 -20.35 -52.95
N LEU G 204 33.43 -19.17 -53.49
CA LEU G 204 32.59 -18.59 -54.53
C LEU G 204 32.61 -19.41 -55.82
N ASP G 205 33.63 -20.23 -56.02
CA ASP G 205 33.71 -21.09 -57.19
C ASP G 205 32.82 -22.32 -57.08
N CYS G 206 32.16 -22.52 -55.93
CA CYS G 206 31.28 -23.65 -55.67
C CYS G 206 32.01 -24.99 -55.76
N GLY G 207 33.33 -24.98 -55.53
CA GLY G 207 34.09 -26.21 -55.46
C GLY G 207 34.07 -26.80 -54.06
N VAL G 208 33.26 -27.83 -53.85
CA VAL G 208 33.06 -28.39 -52.52
C VAL G 208 33.54 -29.83 -52.49
N PRO G 209 34.78 -30.09 -52.12
CA PRO G 209 35.22 -31.48 -51.94
C PRO G 209 34.58 -32.11 -50.71
N ASP G 210 34.52 -33.44 -50.73
CA ASP G 210 33.92 -34.15 -49.61
C ASP G 210 34.74 -33.99 -48.34
N ASN G 211 36.06 -33.93 -48.47
CA ASN G 211 36.97 -33.78 -47.33
C ASN G 211 37.67 -32.43 -47.44
N LEU G 212 37.60 -31.64 -46.36
CA LEU G 212 38.27 -30.35 -46.33
C LEU G 212 39.78 -30.51 -46.23
N SER G 213 40.25 -31.58 -45.61
CA SER G 213 41.69 -31.79 -45.46
C SER G 213 42.39 -31.99 -46.79
N MET G 214 41.66 -32.39 -47.84
CA MET G 214 42.25 -32.56 -49.16
C MET G 214 42.37 -31.25 -49.93
N ALA G 215 41.72 -30.17 -49.47
CA ALA G 215 41.82 -28.90 -50.16
C ALA G 215 43.24 -28.35 -50.10
N ASP G 216 43.91 -28.47 -48.96
CA ASP G 216 45.26 -27.99 -48.79
C ASP G 216 45.96 -28.86 -47.75
N PRO G 217 47.21 -29.25 -47.99
CA PRO G 217 47.92 -30.07 -46.97
C PRO G 217 48.07 -29.36 -45.64
N ASN G 218 48.18 -28.04 -45.62
CA ASN G 218 48.34 -27.31 -44.37
C ASN G 218 47.14 -27.50 -43.45
N ILE G 219 45.94 -27.43 -44.01
CA ILE G 219 44.72 -27.68 -43.23
C ILE G 219 44.53 -29.17 -43.09
N ARG G 220 44.46 -29.65 -41.85
CA ARG G 220 44.26 -31.07 -41.62
C ARG G 220 43.28 -31.30 -40.48
N PHE G 221 42.37 -32.24 -40.68
CA PHE G 221 41.43 -32.63 -39.65
C PHE G 221 42.16 -33.21 -38.45
N LEU G 222 41.77 -32.79 -37.25
CA LEU G 222 42.39 -33.27 -36.02
C LEU G 222 41.44 -34.05 -35.13
N ASP G 223 40.29 -33.48 -34.82
CA ASP G 223 39.35 -34.12 -33.91
C ASP G 223 37.94 -33.62 -34.22
N LYS G 224 36.95 -34.38 -33.78
CA LYS G 224 35.56 -33.97 -33.87
C LYS G 224 35.13 -33.44 -32.51
N LEU G 225 34.66 -32.19 -32.49
CA LEU G 225 34.35 -31.54 -31.22
C LEU G 225 33.14 -32.22 -30.58
N PRO G 226 33.19 -32.51 -29.28
CA PRO G 226 32.10 -33.27 -28.64
C PRO G 226 30.78 -32.53 -28.69
N GLN G 227 29.70 -33.30 -28.79
CA GLN G 227 28.35 -32.75 -28.89
C GLN G 227 27.82 -32.35 -27.53
N ARG G 238 19.50 -32.63 -33.36
CA ARG G 238 20.08 -32.33 -32.05
C ARG G 238 21.49 -32.89 -31.94
N VAL G 239 21.93 -33.60 -32.98
CA VAL G 239 23.27 -34.18 -33.00
C VAL G 239 24.07 -33.53 -34.12
N TYR G 240 24.87 -32.52 -33.78
CA TYR G 240 25.71 -31.82 -34.74
C TYR G 240 27.15 -32.29 -34.56
N SER G 241 27.75 -32.80 -35.64
CA SER G 241 29.14 -33.26 -35.64
C SER G 241 30.00 -32.20 -36.29
N ASN G 242 30.90 -31.61 -35.51
CA ASN G 242 31.79 -30.56 -35.98
C ASN G 242 33.22 -31.07 -35.95
N SER G 243 33.86 -31.11 -37.11
CA SER G 243 35.23 -31.58 -37.23
C SER G 243 36.18 -30.39 -37.21
N ILE G 244 37.14 -30.40 -36.27
CA ILE G 244 38.07 -29.29 -36.13
C ILE G 244 39.30 -29.55 -36.99
N TYR G 245 39.86 -28.47 -37.55
CA TYR G 245 41.01 -28.55 -38.43
C TYR G 245 42.11 -27.65 -37.87
N GLU G 246 43.35 -28.13 -37.97
CA GLU G 246 44.52 -27.36 -37.59
C GLU G 246 45.28 -26.93 -38.84
N LEU G 247 45.94 -25.77 -38.73
CA LEU G 247 46.66 -25.16 -39.83
C LEU G 247 48.14 -25.47 -39.68
N LEU G 248 48.69 -26.25 -40.61
CA LEU G 248 50.12 -26.58 -40.58
C LEU G 248 50.87 -25.46 -41.27
N GLU G 249 51.43 -24.55 -40.47
CA GLU G 249 52.24 -23.44 -40.99
C GLU G 249 53.66 -23.96 -41.18
N ASN G 250 53.97 -24.39 -42.41
CA ASN G 250 55.27 -24.97 -42.75
C ASN G 250 55.60 -26.15 -41.83
N GLY G 251 54.59 -26.98 -41.55
CA GLY G 251 54.75 -28.13 -40.69
C GLY G 251 54.46 -27.88 -39.22
N GLN G 252 54.22 -26.63 -38.83
CA GLN G 252 53.93 -26.27 -37.45
C GLN G 252 52.50 -25.77 -37.34
N ARG G 253 51.79 -26.25 -36.32
CA ARG G 253 50.39 -25.87 -36.11
C ARG G 253 50.35 -24.47 -35.50
N ALA G 254 50.07 -23.48 -36.33
CA ALA G 254 49.89 -22.11 -35.84
C ALA G 254 48.55 -21.89 -35.18
N GLY G 255 47.63 -22.84 -35.31
CA GLY G 255 46.32 -22.71 -34.71
C GLY G 255 45.41 -23.83 -35.18
N THR G 256 44.25 -23.91 -34.52
CA THR G 256 43.24 -24.89 -34.88
C THR G 256 41.86 -24.31 -34.54
N CYS G 257 40.87 -24.68 -35.35
CA CYS G 257 39.54 -24.12 -35.18
C CYS G 257 38.52 -25.04 -35.83
N VAL G 258 37.26 -24.82 -35.47
CA VAL G 258 36.14 -25.54 -36.09
C VAL G 258 35.90 -24.92 -37.45
N LEU G 259 36.30 -25.63 -38.51
CA LEU G 259 36.22 -25.14 -39.88
C LEU G 259 35.30 -26.06 -40.68
N GLU G 260 34.36 -25.47 -41.41
CA GLU G 260 33.39 -26.25 -42.16
C GLU G 260 32.92 -25.45 -43.36
N TYR G 261 32.37 -26.17 -44.33
CA TYR G 261 31.88 -25.58 -45.57
C TYR G 261 30.50 -24.97 -45.38
N ALA G 262 29.99 -24.36 -46.44
CA ALA G 262 28.63 -23.83 -46.51
C ALA G 262 27.83 -24.73 -47.44
N THR G 263 26.96 -25.55 -46.85
CA THR G 263 26.15 -26.47 -47.64
C THR G 263 25.30 -25.80 -48.72
N PRO G 264 24.65 -24.65 -48.50
CA PRO G 264 23.83 -24.07 -49.58
C PRO G 264 24.59 -23.83 -50.87
N LEU G 265 25.89 -23.52 -50.80
CA LEU G 265 26.68 -23.39 -52.01
C LEU G 265 26.74 -24.72 -52.76
N GLN G 266 26.92 -25.82 -52.03
CA GLN G 266 26.92 -27.14 -52.65
C GLN G 266 25.56 -27.45 -53.27
N THR G 267 24.48 -27.09 -52.57
CA THR G 267 23.15 -27.30 -53.14
C THR G 267 22.94 -26.46 -54.40
N LEU G 268 23.47 -25.24 -54.42
CA LEU G 268 23.40 -24.40 -55.62
C LEU G 268 24.15 -25.04 -56.77
N PHE G 269 25.35 -25.58 -56.50
CA PHE G 269 26.11 -26.24 -57.55
C PHE G 269 25.37 -27.47 -58.07
N ALA G 270 24.77 -28.24 -57.17
CA ALA G 270 23.98 -29.40 -57.59
C ALA G 270 22.77 -28.97 -58.42
N MET G 271 22.14 -27.85 -58.05
CA MET G 271 21.05 -27.31 -58.84
C MET G 271 21.52 -26.98 -60.25
N SER G 272 22.69 -26.34 -60.36
CA SER G 272 23.24 -26.02 -61.67
C SER G 272 23.59 -27.29 -62.45
N GLN G 273 23.94 -28.37 -61.74
CA GLN G 273 24.28 -29.62 -62.42
C GLN G 273 23.10 -30.18 -63.20
N TYR G 274 21.92 -30.22 -62.57
CA TYR G 274 20.76 -30.82 -63.21
C TYR G 274 20.19 -29.91 -64.29
N SER G 275 19.51 -30.53 -65.26
CA SER G 275 18.91 -29.81 -66.36
C SER G 275 17.44 -29.48 -66.12
N GLN G 276 16.88 -29.88 -64.98
CA GLN G 276 15.48 -29.60 -64.68
C GLN G 276 15.30 -28.28 -63.92
N ALA G 277 16.32 -27.84 -63.20
CA ALA G 277 16.19 -26.61 -62.41
C ALA G 277 16.23 -25.36 -63.27
N GLY G 278 16.69 -25.45 -64.52
CA GLY G 278 16.83 -24.28 -65.36
C GLY G 278 17.76 -23.26 -64.75
N PHE G 279 18.92 -23.74 -64.29
CA PHE G 279 19.84 -22.95 -63.48
C PHE G 279 21.22 -22.98 -64.12
N SER G 280 21.61 -21.88 -64.73
CA SER G 280 22.87 -21.82 -65.47
C SER G 280 24.05 -21.57 -64.54
N ARG G 281 25.26 -21.80 -65.07
CA ARG G 281 26.47 -21.63 -64.27
C ARG G 281 26.69 -20.17 -63.88
N GLU G 282 26.44 -19.25 -64.81
CA GLU G 282 26.53 -17.83 -64.47
C GLU G 282 25.52 -17.45 -63.40
N ASP G 283 24.29 -17.96 -63.53
CA ASP G 283 23.29 -17.77 -62.48
C ASP G 283 23.76 -18.41 -61.18
N ARG G 284 24.44 -19.56 -61.27
CA ARG G 284 24.96 -20.20 -60.07
C ARG G 284 25.95 -19.30 -59.35
N LEU G 285 26.87 -18.69 -60.10
CA LEU G 285 27.84 -17.79 -59.49
C LEU G 285 27.17 -16.56 -58.90
N GLU G 286 26.21 -15.98 -59.63
CA GLU G 286 25.51 -14.80 -59.14
C GLU G 286 24.76 -15.11 -57.84
N GLN G 287 24.06 -16.25 -57.80
CA GLN G 287 23.36 -16.63 -56.59
C GLN G 287 24.31 -17.01 -55.46
N ALA G 288 25.50 -17.52 -55.79
CA ALA G 288 26.48 -17.79 -54.75
C ALA G 288 26.92 -16.50 -54.08
N LYS G 289 27.25 -15.49 -54.89
CA LYS G 289 27.65 -14.20 -54.33
C LYS G 289 26.52 -13.57 -53.54
N LEU G 290 25.29 -13.62 -54.07
CA LEU G 290 24.15 -13.04 -53.37
C LEU G 290 23.87 -13.78 -52.06
N PHE G 291 24.02 -15.11 -52.07
CA PHE G 291 23.85 -15.88 -50.84
C PHE G 291 24.87 -15.49 -49.80
N CYS G 292 26.14 -15.33 -50.22
CA CYS G 292 27.17 -14.91 -49.27
C CYS G 292 26.84 -13.54 -48.67
N ARG G 293 26.43 -12.60 -49.51
CA ARG G 293 26.10 -11.27 -49.02
C ARG G 293 24.90 -11.29 -48.08
N THR G 294 23.86 -12.04 -48.44
CA THR G 294 22.67 -12.11 -47.60
C THR G 294 22.98 -12.77 -46.26
N LEU G 295 23.79 -13.84 -46.27
CA LEU G 295 24.17 -14.48 -45.01
C LEU G 295 25.00 -13.54 -44.15
N GLU G 296 25.88 -12.77 -44.77
CA GLU G 296 26.65 -11.77 -44.02
C GLU G 296 25.72 -10.75 -43.38
N ASP G 297 24.73 -10.27 -44.13
CA ASP G 297 23.78 -9.30 -43.59
C ASP G 297 23.00 -9.88 -42.41
N ILE G 298 22.50 -11.10 -42.57
CA ILE G 298 21.72 -11.73 -41.50
C ILE G 298 22.57 -11.92 -40.26
N LEU G 299 23.80 -12.42 -40.44
CA LEU G 299 24.67 -12.64 -39.29
C LEU G 299 25.06 -11.34 -38.62
N ALA G 300 25.22 -10.26 -39.41
CA ALA G 300 25.50 -8.96 -38.81
C ALA G 300 24.33 -8.46 -37.99
N ASP G 301 23.11 -8.68 -38.46
CA ASP G 301 21.93 -8.15 -37.78
C ASP G 301 21.34 -9.12 -36.75
N ALA G 302 21.63 -10.41 -36.85
CA ALA G 302 21.01 -11.38 -35.96
C ALA G 302 21.51 -11.21 -34.53
N PRO G 303 20.66 -11.49 -33.53
CA PRO G 303 21.12 -11.43 -32.14
C PRO G 303 21.93 -12.64 -31.72
N GLU G 304 21.59 -13.81 -32.27
CA GLU G 304 22.34 -15.02 -31.93
C GLU G 304 23.79 -14.93 -32.40
N SER G 305 24.02 -14.36 -33.58
CA SER G 305 25.37 -14.18 -34.11
C SER G 305 26.03 -12.98 -33.41
N GLN G 306 26.30 -13.18 -32.12
CA GLN G 306 26.97 -12.16 -31.30
C GLN G 306 28.48 -12.27 -31.49
N ASN G 307 28.92 -11.89 -32.69
CA ASN G 307 30.32 -12.02 -33.09
C ASN G 307 30.80 -13.45 -32.90
N ASN G 308 29.94 -14.41 -33.25
CA ASN G 308 30.20 -15.82 -33.01
C ASN G 308 30.66 -16.58 -34.25
N CYS G 309 30.23 -16.15 -35.44
CA CYS G 309 30.56 -16.81 -36.68
C CYS G 309 31.31 -15.86 -37.60
N ARG G 310 32.42 -16.35 -38.17
CA ARG G 310 33.23 -15.58 -39.10
C ARG G 310 33.16 -16.23 -40.47
N LEU G 311 32.79 -15.44 -41.48
CA LEU G 311 32.66 -15.92 -42.84
C LEU G 311 33.98 -15.73 -43.57
N ILE G 312 34.60 -16.84 -43.99
CA ILE G 312 35.84 -16.80 -44.75
C ILE G 312 35.46 -17.05 -46.19
N ALA G 313 35.25 -15.96 -46.94
CA ALA G 313 34.84 -16.06 -48.32
C ALA G 313 36.04 -15.97 -49.24
N TYR G 314 36.09 -16.83 -50.25
CA TYR G 314 37.23 -16.85 -51.16
C TYR G 314 36.80 -17.35 -52.52
N GLN G 315 37.60 -17.02 -53.53
CA GLN G 315 37.42 -17.51 -54.89
C GLN G 315 38.78 -18.00 -55.39
N GLU G 316 38.86 -19.28 -55.72
CA GLU G 316 40.12 -19.85 -56.16
C GLU G 316 40.53 -19.28 -57.50
N PRO G 317 41.80 -18.88 -57.67
CA PRO G 317 42.31 -18.32 -58.92
C PRO G 317 42.57 -19.38 -60.00
N PHE G 323 47.82 -19.76 -53.87
CA PHE G 323 47.06 -19.33 -52.70
C PHE G 323 46.72 -20.52 -51.80
N SER G 324 47.05 -20.39 -50.52
CA SER G 324 46.76 -21.41 -49.53
C SER G 324 45.67 -20.91 -48.59
N LEU G 325 44.66 -21.74 -48.36
CA LEU G 325 43.54 -21.34 -47.51
C LEU G 325 43.97 -21.11 -46.07
N SER G 326 45.02 -21.79 -45.63
CA SER G 326 45.50 -21.63 -44.26
C SER G 326 45.93 -20.20 -43.98
N GLN G 327 46.53 -19.52 -44.97
CA GLN G 327 46.92 -18.13 -44.77
C GLN G 327 45.70 -17.24 -44.51
N GLU G 328 44.62 -17.45 -45.27
CA GLU G 328 43.40 -16.68 -45.04
C GLU G 328 42.79 -16.99 -43.68
N VAL G 329 42.77 -18.27 -43.31
CA VAL G 329 42.23 -18.63 -41.99
C VAL G 329 43.05 -17.97 -40.89
N LEU G 330 44.37 -17.97 -41.02
CA LEU G 330 45.23 -17.35 -40.02
C LEU G 330 45.03 -15.84 -39.97
N ARG G 331 44.94 -15.19 -41.12
CA ARG G 331 44.77 -13.74 -41.13
C ARG G 331 43.40 -13.34 -40.58
N HIS G 332 42.41 -14.22 -40.70
CA HIS G 332 41.14 -13.98 -40.03
C HIS G 332 41.21 -14.26 -38.53
N LEU G 333 42.05 -15.21 -38.12
CA LEU G 333 42.24 -15.48 -36.70
C LEU G 333 42.81 -14.26 -35.98
N SER H 5 -2.94 -30.01 -60.19
CA SER H 5 -3.68 -31.19 -59.78
C SER H 5 -3.45 -31.51 -58.32
N LEU H 6 -2.41 -30.90 -57.74
CA LEU H 6 -2.09 -31.13 -56.33
C LEU H 6 -3.19 -30.59 -55.43
N HIS H 7 -3.73 -29.42 -55.75
CA HIS H 7 -4.72 -28.75 -54.92
C HIS H 7 -5.43 -27.68 -55.73
N PRO H 8 -6.70 -27.39 -55.45
CA PRO H 8 -7.38 -26.31 -56.18
C PRO H 8 -6.71 -24.96 -56.01
N SER H 9 -6.07 -24.70 -54.86
CA SER H 9 -5.47 -23.41 -54.60
C SER H 9 -4.06 -23.27 -55.17
N ILE H 10 -3.45 -24.36 -55.64
CA ILE H 10 -2.12 -24.29 -56.23
C ILE H 10 -2.25 -23.71 -57.64
N PRO H 11 -1.59 -22.60 -57.94
CA PRO H 11 -1.68 -22.02 -59.29
C PRO H 11 -1.08 -22.96 -60.33
N CYS H 12 -1.73 -23.03 -61.48
CA CYS H 12 -1.21 -23.78 -62.60
C CYS H 12 -0.17 -22.96 -63.36
N PRO H 13 0.71 -23.61 -64.11
CA PRO H 13 1.65 -22.86 -64.96
C PRO H 13 0.90 -21.98 -65.93
N ARG H 14 1.46 -20.79 -66.19
CA ARG H 14 0.77 -19.80 -67.00
C ARG H 14 0.51 -20.32 -68.41
N GLY H 15 -0.71 -20.16 -68.87
CA GLY H 15 -1.08 -20.54 -70.23
C GLY H 15 -0.84 -19.42 -71.21
N HIS H 16 -1.23 -19.68 -72.46
CA HIS H 16 -1.08 -18.71 -73.55
C HIS H 16 -2.36 -17.94 -73.81
N GLY H 17 -3.15 -17.68 -72.77
CA GLY H 17 -4.32 -16.83 -72.92
C GLY H 17 -3.98 -15.42 -73.32
N ALA H 18 -2.82 -14.92 -72.88
CA ALA H 18 -2.36 -13.61 -73.29
C ALA H 18 -2.12 -13.57 -74.80
N GLN H 19 -1.55 -14.64 -75.36
CA GLN H 19 -1.35 -14.70 -76.81
C GLN H 19 -2.69 -14.72 -77.55
N LYS H 20 -3.67 -15.45 -77.02
CA LYS H 20 -5.00 -15.45 -77.64
C LYS H 20 -5.62 -14.06 -77.60
N ALA H 21 -5.49 -13.36 -76.47
CA ALA H 21 -6.00 -12.00 -76.37
C ALA H 21 -5.29 -11.07 -77.35
N ALA H 22 -3.98 -11.24 -77.50
CA ALA H 22 -3.23 -10.44 -78.46
C ALA H 22 -3.71 -10.70 -79.89
N LEU H 23 -3.96 -11.96 -80.22
CA LEU H 23 -4.47 -12.30 -81.55
C LEU H 23 -5.84 -11.69 -81.79
N VAL H 24 -6.72 -11.75 -80.77
CA VAL H 24 -8.05 -11.17 -80.91
C VAL H 24 -7.96 -9.65 -81.09
N LEU H 25 -7.10 -9.00 -80.31
CA LEU H 25 -6.92 -7.56 -80.43
C LEU H 25 -6.34 -7.19 -81.79
N LEU H 26 -5.40 -7.98 -82.30
CA LEU H 26 -4.84 -7.72 -83.62
C LEU H 26 -5.91 -7.87 -84.70
N SER H 27 -6.76 -8.89 -84.59
CA SER H 27 -7.85 -9.05 -85.54
C SER H 27 -8.81 -7.87 -85.49
N ALA H 28 -9.14 -7.42 -84.27
CA ALA H 28 -10.02 -6.26 -84.14
C ALA H 28 -9.39 -5.01 -84.74
N CYS H 29 -8.09 -4.83 -84.53
CA CYS H 29 -7.39 -3.68 -85.10
C CYS H 29 -7.38 -3.73 -86.62
N LEU H 30 -7.15 -4.91 -87.20
CA LEU H 30 -7.21 -5.05 -88.65
C LEU H 30 -8.61 -4.74 -89.16
N VAL H 31 -9.64 -5.21 -88.44
CA VAL H 31 -11.02 -4.97 -88.85
C VAL H 31 -11.32 -3.47 -88.83
N THR H 32 -10.89 -2.78 -87.78
CA THR H 32 -11.19 -1.35 -87.68
C THR H 32 -10.36 -0.53 -88.67
N LEU H 33 -9.14 -0.98 -88.98
CA LEU H 33 -8.36 -0.32 -90.02
C LEU H 33 -9.03 -0.48 -91.38
N TRP H 34 -9.56 -1.68 -91.66
CA TRP H 34 -10.30 -1.88 -92.90
C TRP H 34 -11.56 -1.03 -92.94
N GLY H 35 -12.26 -0.92 -91.81
CA GLY H 35 -13.48 -0.13 -91.77
C GLY H 35 -13.23 1.35 -91.97
N LEU H 36 -12.21 1.90 -91.31
CA LEU H 36 -11.91 3.32 -91.44
C LEU H 36 -11.50 3.68 -92.85
N GLY H 37 -10.68 2.85 -93.48
CA GLY H 37 -10.28 3.09 -94.86
C GLY H 37 -9.35 4.27 -95.05
N GLU H 38 -8.13 4.17 -94.52
CA GLU H 38 -7.11 5.17 -94.70
C GLU H 38 -5.92 4.58 -95.46
N PRO H 39 -5.24 5.39 -96.28
CA PRO H 39 -4.06 4.88 -96.99
C PRO H 39 -3.05 4.28 -96.03
N PRO H 40 -2.48 3.12 -96.37
CA PRO H 40 -1.61 2.43 -95.41
C PRO H 40 -0.23 3.04 -95.26
N GLU H 41 0.17 3.96 -96.13
CA GLU H 41 1.49 4.58 -96.00
C GLU H 41 1.56 5.42 -94.72
N HIS H 42 0.53 6.20 -94.44
CA HIS H 42 0.51 7.00 -93.22
C HIS H 42 0.47 6.14 -91.97
N THR H 43 -0.33 5.07 -91.99
CA THR H 43 -0.36 4.15 -90.86
C THR H 43 1.01 3.51 -90.65
N LEU H 44 1.67 3.10 -91.73
CA LEU H 44 2.98 2.48 -91.62
C LEU H 44 4.02 3.46 -91.07
N ARG H 45 4.00 4.71 -91.55
CA ARG H 45 4.97 5.68 -91.05
C ARG H 45 4.71 6.02 -89.59
N TYR H 46 3.44 6.12 -89.19
CA TYR H 46 3.14 6.35 -87.78
C TYR H 46 3.62 5.18 -86.91
N LEU H 47 3.37 3.95 -87.36
CA LEU H 47 3.82 2.79 -86.60
C LEU H 47 5.34 2.74 -86.50
N VAL H 48 6.03 3.07 -87.59
CA VAL H 48 7.49 3.05 -87.59
C VAL H 48 8.03 4.14 -86.67
N LEU H 49 7.41 5.32 -86.68
CA LEU H 49 7.83 6.38 -85.77
C LEU H 49 7.61 5.97 -84.32
N HIS H 50 6.48 5.31 -84.02
CA HIS H 50 6.23 4.83 -82.67
C HIS H 50 7.28 3.82 -82.23
N LEU H 51 7.62 2.88 -83.14
CA LEU H 51 8.64 1.88 -82.81
C LEU H 51 10.01 2.53 -82.60
N ALA H 52 10.34 3.53 -83.42
CA ALA H 52 11.61 4.22 -83.25
C ALA H 52 11.66 4.98 -81.94
N SER H 53 10.55 5.61 -81.55
CA SER H 53 10.49 6.29 -80.26
C SER H 53 10.65 5.30 -79.11
N LEU H 54 10.00 4.14 -79.22
CA LEU H 54 10.17 3.11 -78.19
C LEU H 54 11.62 2.64 -78.12
N GLN H 55 12.26 2.47 -79.26
CA GLN H 55 13.67 2.06 -79.29
C GLN H 55 14.55 3.12 -78.65
N LEU H 56 14.28 4.40 -78.92
CA LEU H 56 15.06 5.47 -78.31
C LEU H 56 14.87 5.52 -76.80
N GLY H 57 13.64 5.32 -76.34
CA GLY H 57 13.39 5.27 -74.91
C GLY H 57 14.10 4.10 -74.25
N LEU H 58 14.09 2.94 -74.91
CA LEU H 58 14.82 1.78 -74.40
C LEU H 58 16.31 2.06 -74.35
N LEU H 59 16.84 2.74 -75.37
CA LEU H 59 18.26 3.10 -75.38
C LEU H 59 18.60 4.03 -74.22
N LEU H 60 17.75 5.02 -73.96
CA LEU H 60 18.00 5.93 -72.84
C LEU H 60 17.94 5.19 -71.51
N ASN H 61 16.97 4.30 -71.35
CA ASN H 61 16.88 3.52 -70.11
C ASN H 61 18.10 2.63 -69.94
N GLY H 62 18.57 2.02 -71.03
CA GLY H 62 19.78 1.22 -70.97
C GLY H 62 21.01 2.03 -70.66
N VAL H 63 21.08 3.27 -71.15
CA VAL H 63 22.19 4.16 -70.82
C VAL H 63 22.18 4.48 -69.33
N CYS H 64 20.99 4.75 -68.78
CA CYS H 64 20.89 4.99 -67.34
C CYS H 64 21.30 3.75 -66.55
N SER H 65 20.88 2.56 -67.01
CA SER H 65 21.28 1.33 -66.34
C SER H 65 22.79 1.12 -66.41
N LEU H 66 23.41 1.45 -67.53
CA LEU H 66 24.86 1.36 -67.66
C LEU H 66 25.55 2.32 -66.70
N ALA H 67 25.01 3.55 -66.57
CA ALA H 67 25.54 4.48 -65.58
C ALA H 67 25.42 3.92 -64.18
N GLU H 68 24.35 3.18 -63.90
CA GLU H 68 24.20 2.53 -62.59
C GLU H 68 25.25 1.44 -62.39
N GLU H 69 25.45 0.60 -63.41
CA GLU H 69 26.34 -0.55 -63.31
C GLU H 69 27.81 -0.19 -63.47
N LEU H 70 28.13 1.06 -63.79
CA LEU H 70 29.53 1.45 -63.91
C LEU H 70 30.31 1.16 -62.63
N ARG H 71 29.67 1.26 -61.47
CA ARG H 71 30.35 0.97 -60.22
C ARG H 71 30.29 -0.51 -59.85
N HIS H 72 29.28 -1.23 -60.31
CA HIS H 72 29.18 -2.66 -60.05
C HIS H 72 30.02 -3.50 -61.01
N ILE H 73 30.56 -2.89 -62.07
CA ILE H 73 31.25 -3.64 -63.12
C ILE H 73 32.34 -4.56 -62.57
N HIS H 74 32.97 -4.19 -61.46
CA HIS H 74 34.06 -5.01 -60.93
C HIS H 74 33.57 -6.30 -60.28
N SER H 75 32.30 -6.37 -59.89
CA SER H 75 31.77 -7.53 -59.18
C SER H 75 30.68 -8.25 -59.97
N ARG H 76 29.67 -7.53 -60.44
CA ARG H 76 28.56 -8.16 -61.14
C ARG H 76 28.98 -8.76 -62.47
N TYR H 77 30.00 -8.18 -63.11
CA TYR H 77 30.38 -8.59 -64.47
C TYR H 77 31.86 -8.88 -64.59
N ARG H 78 32.56 -9.08 -63.47
CA ARG H 78 33.97 -9.46 -63.45
C ARG H 78 34.85 -8.45 -64.18
N GLY H 79 34.49 -7.17 -64.11
CA GLY H 79 35.28 -6.13 -64.77
C GLY H 79 35.28 -6.24 -66.28
N SER H 80 34.16 -6.67 -66.87
CA SER H 80 34.02 -6.79 -68.31
C SER H 80 32.91 -5.86 -68.77
N TYR H 81 33.26 -4.90 -69.62
CA TYR H 81 32.29 -3.90 -70.06
C TYR H 81 31.25 -4.49 -71.00
N TRP H 82 31.64 -5.47 -71.83
CA TRP H 82 30.70 -6.04 -72.79
C TRP H 82 29.54 -6.74 -72.09
N ARG H 83 29.82 -7.46 -71.01
CA ARG H 83 28.74 -8.09 -70.24
C ARG H 83 27.82 -7.04 -69.64
N THR H 84 28.38 -5.93 -69.16
CA THR H 84 27.55 -4.86 -68.63
C THR H 84 26.63 -4.28 -69.70
N VAL H 85 27.17 -4.04 -70.90
CA VAL H 85 26.36 -3.49 -71.98
C VAL H 85 25.28 -4.48 -72.39
N ARG H 86 25.63 -5.77 -72.45
CA ARG H 86 24.64 -6.80 -72.79
C ARG H 86 23.53 -6.86 -71.74
N ALA H 87 23.90 -6.77 -70.46
CA ALA H 87 22.89 -6.80 -69.41
C ALA H 87 21.98 -5.59 -69.48
N CYS H 88 22.54 -4.41 -69.74
CA CYS H 88 21.74 -3.20 -69.76
C CYS H 88 20.93 -3.02 -71.04
N LEU H 89 21.30 -3.70 -72.13
CA LEU H 89 20.62 -3.48 -73.40
C LEU H 89 20.39 -4.78 -74.17
N GLY H 90 20.22 -5.90 -73.45
CA GLY H 90 19.90 -7.14 -74.13
C GLY H 90 21.04 -7.64 -75.01
N CYS H 91 20.68 -8.42 -76.02
CA CYS H 91 21.66 -8.96 -76.94
C CYS H 91 22.36 -7.81 -77.67
N PRO H 92 23.70 -7.76 -77.67
CA PRO H 92 24.37 -6.59 -78.25
C PRO H 92 24.14 -6.43 -79.74
N LEU H 93 24.36 -7.48 -80.53
CA LEU H 93 24.24 -7.36 -81.98
C LEU H 93 22.81 -7.01 -82.40
N ARG H 94 21.83 -7.77 -81.90
CA ARG H 94 20.45 -7.55 -82.31
C ARG H 94 19.94 -6.19 -81.86
N ARG H 95 20.21 -5.81 -80.61
CA ARG H 95 19.75 -4.51 -80.12
C ARG H 95 20.42 -3.37 -80.86
N GLY H 96 21.73 -3.49 -81.14
CA GLY H 96 22.41 -2.46 -81.90
C GLY H 96 21.85 -2.31 -83.31
N ALA H 97 21.59 -3.45 -83.97
CA ALA H 97 21.00 -3.40 -85.31
C ALA H 97 19.61 -2.76 -85.27
N LEU H 98 18.80 -3.12 -84.28
CA LEU H 98 17.47 -2.53 -84.18
C LEU H 98 17.54 -1.03 -83.92
N LEU H 99 18.45 -0.60 -83.05
CA LEU H 99 18.58 0.82 -82.76
C LEU H 99 19.04 1.59 -83.99
N LEU H 100 20.04 1.06 -84.71
CA LEU H 100 20.51 1.72 -85.92
C LEU H 100 19.40 1.80 -86.97
N LEU H 101 18.64 0.72 -87.14
CA LEU H 101 17.54 0.72 -88.11
C LEU H 101 16.46 1.73 -87.73
N SER H 102 16.09 1.77 -86.45
CA SER H 102 15.05 2.70 -86.00
C SER H 102 15.51 4.14 -86.18
N ILE H 103 16.78 4.42 -85.87
CA ILE H 103 17.32 5.75 -86.10
C ILE H 103 17.29 6.09 -87.58
N TYR H 104 17.59 5.12 -88.44
CA TYR H 104 17.60 5.37 -89.88
C TYR H 104 16.20 5.73 -90.38
N PHE H 105 15.19 4.96 -89.98
CA PHE H 105 13.81 5.34 -90.33
C PHE H 105 13.42 6.68 -89.74
N TYR H 106 13.76 6.95 -88.48
CA TYR H 106 13.34 8.20 -87.86
C TYR H 106 13.98 9.40 -88.56
N TYR H 107 15.25 9.30 -88.94
CA TYR H 107 15.88 10.35 -89.72
C TYR H 107 15.24 10.48 -91.10
N SER H 108 14.92 9.35 -91.74
CA SER H 108 14.35 9.40 -93.07
C SER H 108 12.90 9.88 -93.04
N LEU H 109 12.10 9.36 -92.12
CA LEU H 109 10.70 9.74 -92.05
C LEU H 109 10.57 11.16 -91.50
N PRO H 110 9.58 11.94 -91.98
CA PRO H 110 9.34 13.30 -91.50
C PRO H 110 8.54 13.32 -90.19
N PRO H 116 10.26 19.05 -86.17
CA PRO H 116 11.73 19.04 -86.23
C PRO H 116 12.31 17.66 -85.94
N PHE H 117 13.63 17.59 -85.80
CA PHE H 117 14.32 16.34 -85.53
C PHE H 117 14.98 16.32 -84.16
N THR H 118 15.82 17.31 -83.86
CA THR H 118 16.50 17.34 -82.57
C THR H 118 15.58 17.77 -81.44
N TRP H 119 14.62 18.66 -81.70
CA TRP H 119 13.68 19.07 -80.66
C TRP H 119 12.83 17.90 -80.19
N MET H 120 12.33 17.10 -81.13
CA MET H 120 11.55 15.93 -80.76
C MET H 120 12.38 14.92 -79.99
N LEU H 121 13.64 14.73 -80.39
CA LEU H 121 14.53 13.83 -79.67
C LEU H 121 14.77 14.31 -78.24
N ALA H 122 14.99 15.61 -78.07
CA ALA H 122 15.19 16.16 -76.74
C ALA H 122 13.94 16.01 -75.88
N LEU H 123 12.76 16.24 -76.47
CA LEU H 123 11.52 16.05 -75.73
C LEU H 123 11.32 14.59 -75.32
N LEU H 124 11.64 13.67 -76.23
CA LEU H 124 11.54 12.25 -75.90
C LEU H 124 12.50 11.87 -74.78
N GLY H 125 13.72 12.41 -74.82
CA GLY H 125 14.66 12.16 -73.74
C GLY H 125 14.18 12.71 -72.40
N LEU H 126 13.60 13.91 -72.42
CA LEU H 126 13.06 14.48 -71.19
C LEU H 126 11.92 13.63 -70.65
N SER H 127 11.03 13.16 -71.54
CA SER H 127 9.94 12.29 -71.11
C SER H 127 10.47 10.99 -70.53
N GLN H 128 11.49 10.41 -71.15
CA GLN H 128 12.08 9.18 -70.64
C GLN H 128 12.71 9.40 -69.26
N ALA H 129 13.41 10.52 -69.08
CA ALA H 129 13.99 10.82 -67.77
C ALA H 129 12.92 11.01 -66.72
N LEU H 130 11.82 11.70 -67.08
CA LEU H 130 10.71 11.86 -66.15
C LEU H 130 10.10 10.51 -65.76
N ASN H 131 9.95 9.62 -66.74
CA ASN H 131 9.44 8.29 -66.45
C ASN H 131 10.39 7.52 -65.54
N ILE H 132 11.70 7.67 -65.76
CA ILE H 132 12.68 6.96 -64.93
C ILE H 132 12.62 7.45 -63.49
N LEU H 133 12.56 8.77 -63.30
CA LEU H 133 12.61 9.33 -61.95
C LEU H 133 11.31 9.09 -61.20
N LEU H 134 10.20 9.63 -61.71
CA LEU H 134 8.93 9.50 -61.02
C LEU H 134 8.46 8.06 -60.98
N GLY H 135 8.58 7.34 -62.10
CA GLY H 135 8.19 5.94 -62.15
C GLY H 135 6.77 5.73 -62.63
N LEU H 136 6.37 6.46 -63.68
CA LEU H 136 5.02 6.27 -64.23
C LEU H 136 4.85 4.89 -64.84
N LYS H 137 5.85 4.42 -65.59
CA LYS H 137 5.78 3.13 -66.26
C LYS H 137 6.19 2.00 -65.30
N GLY H 138 5.46 1.93 -64.19
CA GLY H 138 5.72 0.90 -63.21
C GLY H 138 5.33 -0.48 -63.71
N LEU H 139 6.04 -1.49 -63.21
CA LEU H 139 5.77 -2.87 -63.59
C LEU H 139 4.59 -3.41 -62.79
N ALA H 140 3.64 -4.02 -63.49
CA ALA H 140 2.49 -4.61 -62.82
C ALA H 140 2.94 -5.81 -61.98
N PRO H 141 2.36 -6.01 -60.79
CA PRO H 141 2.76 -7.17 -59.98
C PRO H 141 2.53 -8.49 -60.69
N ALA H 142 1.47 -8.60 -61.50
CA ALA H 142 1.25 -9.81 -62.27
C ALA H 142 2.38 -10.04 -63.27
N GLU H 143 2.85 -8.97 -63.92
CA GLU H 143 3.96 -9.10 -64.85
C GLU H 143 5.24 -9.51 -64.13
N ILE H 144 5.48 -8.96 -62.93
CA ILE H 144 6.65 -9.33 -62.15
C ILE H 144 6.59 -10.81 -61.79
N SER H 145 5.42 -11.27 -61.34
CA SER H 145 5.27 -12.68 -60.99
C SER H 145 5.46 -13.58 -62.20
N ALA H 146 4.91 -13.18 -63.36
CA ALA H 146 5.06 -13.97 -64.57
C ALA H 146 6.52 -14.06 -64.99
N VAL H 147 7.24 -12.93 -64.95
CA VAL H 147 8.65 -12.94 -65.34
C VAL H 147 9.46 -13.81 -64.38
N CYS H 148 9.19 -13.68 -63.08
CA CYS H 148 9.92 -14.49 -62.09
C CYS H 148 9.65 -15.97 -62.27
N GLU H 149 8.38 -16.33 -62.54
CA GLU H 149 8.05 -17.73 -62.77
C GLU H 149 8.70 -18.27 -64.04
N LYS H 150 8.73 -17.44 -65.10
CA LYS H 150 9.39 -17.86 -66.33
C LYS H 150 10.88 -18.08 -66.12
N GLY H 151 11.53 -17.16 -65.41
CA GLY H 151 12.95 -17.25 -65.15
C GLY H 151 13.34 -17.99 -63.89
N ASN H 152 12.36 -18.54 -63.15
CA ASN H 152 12.61 -19.26 -61.91
C ASN H 152 13.38 -18.39 -60.91
N PHE H 153 13.05 -17.10 -60.87
CA PHE H 153 13.64 -16.16 -59.92
C PHE H 153 12.77 -16.04 -58.67
N ASN H 154 12.56 -17.17 -57.99
CA ASN H 154 11.67 -17.22 -56.85
C ASN H 154 12.36 -17.89 -55.67
N VAL H 155 12.00 -17.43 -54.46
CA VAL H 155 12.51 -18.02 -53.23
C VAL H 155 12.07 -19.47 -53.11
N ALA H 156 10.82 -19.75 -53.48
CA ALA H 156 10.26 -21.08 -53.32
C ALA H 156 11.01 -22.11 -54.14
N HIS H 157 11.41 -21.74 -55.36
CA HIS H 157 12.15 -22.67 -56.21
C HIS H 157 13.46 -23.08 -55.55
N GLY H 158 14.20 -22.11 -55.01
CA GLY H 158 15.43 -22.44 -54.31
C GLY H 158 15.20 -23.29 -53.09
N LEU H 159 14.18 -22.95 -52.29
CA LEU H 159 13.91 -23.73 -51.08
C LEU H 159 13.55 -25.18 -51.43
N ALA H 160 12.69 -25.37 -52.44
CA ALA H 160 12.30 -26.72 -52.83
C ALA H 160 13.47 -27.52 -53.36
N TRP H 161 14.30 -26.90 -54.20
CA TRP H 161 15.44 -27.63 -54.75
C TRP H 161 16.44 -27.98 -53.65
N SER H 162 16.65 -27.08 -52.69
CA SER H 162 17.52 -27.40 -51.56
C SER H 162 16.94 -28.55 -50.74
N TYR H 163 15.63 -28.54 -50.51
CA TYR H 163 15.00 -29.62 -49.76
C TYR H 163 15.18 -30.96 -50.47
N TYR H 164 15.00 -30.97 -51.80
CA TYR H 164 15.16 -32.22 -52.54
C TYR H 164 16.62 -32.69 -52.50
N ILE H 165 17.56 -31.80 -52.78
CA ILE H 165 18.96 -32.20 -52.90
C ILE H 165 19.55 -32.61 -51.56
N GLY H 166 19.13 -31.96 -50.48
CA GLY H 166 19.77 -32.19 -49.20
C GLY H 166 19.11 -33.23 -48.31
N TYR H 167 17.78 -33.34 -48.36
CA TYR H 167 17.05 -34.20 -47.44
C TYR H 167 16.29 -35.31 -48.16
N LEU H 168 15.48 -35.00 -49.16
CA LEU H 168 14.68 -36.02 -49.82
C LEU H 168 15.56 -37.03 -50.54
N ARG H 169 16.50 -36.55 -51.34
CA ARG H 169 17.35 -37.45 -52.11
C ARG H 169 18.25 -38.30 -51.23
N LEU H 170 18.40 -37.94 -49.95
CA LEU H 170 19.29 -38.67 -49.07
C LEU H 170 18.58 -39.74 -48.25
N ILE H 171 17.26 -39.67 -48.11
CA ILE H 171 16.54 -40.65 -47.31
C ILE H 171 15.48 -41.42 -48.10
N LEU H 172 15.06 -40.95 -49.27
CA LEU H 172 14.07 -41.70 -50.03
C LEU H 172 14.51 -43.13 -50.35
N PRO H 173 15.75 -43.40 -50.75
CA PRO H 173 16.13 -44.82 -50.97
C PRO H 173 16.03 -45.68 -49.71
N GLU H 174 16.66 -45.26 -48.62
CA GLU H 174 16.69 -46.06 -47.40
C GLU H 174 15.36 -46.05 -46.65
N LEU H 175 14.44 -45.16 -47.00
CA LEU H 175 13.15 -45.12 -46.32
C LEU H 175 12.38 -46.42 -46.50
N GLN H 176 12.37 -46.96 -47.72
CA GLN H 176 11.65 -48.20 -47.97
C GLN H 176 12.28 -49.36 -47.22
N ALA H 177 13.62 -49.39 -47.14
CA ALA H 177 14.28 -50.46 -46.40
C ALA H 177 13.97 -50.39 -44.91
N ARG H 178 14.01 -49.19 -44.33
CA ARG H 178 13.70 -49.04 -42.91
C ARG H 178 12.24 -49.40 -42.64
N ILE H 179 11.34 -48.99 -43.55
CA ILE H 179 9.93 -49.33 -43.40
C ILE H 179 9.72 -50.84 -43.47
N ARG H 180 10.41 -51.50 -44.39
CA ARG H 180 10.31 -52.96 -44.50
C ARG H 180 10.81 -53.64 -43.24
N THR H 181 11.93 -53.17 -42.69
CA THR H 181 12.46 -53.74 -41.46
C THR H 181 11.48 -53.57 -40.31
N TYR H 182 10.94 -52.36 -40.14
CA TYR H 182 9.98 -52.12 -39.07
C TYR H 182 8.69 -52.91 -39.29
N ASN H 183 8.35 -53.20 -40.55
CA ASN H 183 7.14 -53.96 -40.83
C ASN H 183 7.30 -55.42 -40.44
N GLN H 184 8.42 -56.05 -40.78
CA GLN H 184 8.64 -57.42 -40.35
C GLN H 184 8.90 -57.53 -38.85
N HIS H 185 9.52 -56.52 -38.24
CA HIS H 185 9.75 -56.58 -36.80
C HIS H 185 8.44 -56.61 -36.01
N TYR H 186 7.44 -55.86 -36.47
CA TYR H 186 6.12 -55.84 -35.85
C TYR H 186 5.16 -56.72 -36.65
N ASN H 187 3.90 -56.72 -36.22
CA ASN H 187 2.84 -57.47 -36.91
C ASN H 187 1.50 -56.90 -36.46
N ASN H 188 0.42 -57.57 -36.86
CA ASN H 188 -0.93 -57.13 -36.47
C ASN H 188 -1.26 -57.58 -35.05
N GLY H 192 -1.45 -54.41 -38.51
CA GLY H 192 -1.00 -53.02 -38.43
C GLY H 192 0.37 -52.81 -39.04
N ALA H 193 0.41 -52.63 -40.36
CA ALA H 193 1.64 -52.41 -41.10
C ALA H 193 1.67 -51.00 -41.65
N VAL H 194 2.79 -50.30 -41.44
CA VAL H 194 2.91 -48.93 -41.91
C VAL H 194 3.01 -48.90 -43.42
N SER H 195 2.59 -47.79 -44.02
CA SER H 195 2.62 -47.65 -45.46
C SER H 195 4.06 -47.45 -45.95
N GLN H 196 4.27 -47.75 -47.22
CA GLN H 196 5.59 -47.70 -47.85
C GLN H 196 5.85 -46.35 -48.54
N ARG H 197 5.19 -45.29 -48.08
CA ARG H 197 5.37 -43.96 -48.65
C ARG H 197 5.60 -42.96 -47.54
N LEU H 198 6.38 -41.93 -47.85
CA LEU H 198 6.60 -40.81 -46.94
C LEU H 198 5.57 -39.72 -47.23
N TYR H 199 4.82 -39.34 -46.21
CA TYR H 199 3.72 -38.38 -46.36
C TYR H 199 4.18 -37.05 -45.78
N ILE H 200 4.61 -36.16 -46.66
CA ILE H 200 5.12 -34.84 -46.28
C ILE H 200 3.95 -33.88 -46.31
N LEU H 201 3.44 -33.52 -45.15
CA LEU H 201 2.33 -32.57 -45.07
C LEU H 201 2.79 -31.20 -45.53
N LEU H 202 1.94 -30.52 -46.31
CA LEU H 202 2.24 -29.19 -46.84
C LEU H 202 1.13 -28.24 -46.40
N PRO H 203 1.18 -27.74 -45.17
CA PRO H 203 0.18 -26.75 -44.75
C PRO H 203 0.38 -25.42 -45.46
N LEU H 204 -0.51 -25.11 -46.39
CA LEU H 204 -0.34 -23.92 -47.21
C LEU H 204 -0.42 -22.63 -46.40
N ASP H 205 -1.09 -22.66 -45.24
CA ASP H 205 -1.08 -21.51 -44.36
C ASP H 205 0.27 -21.33 -43.67
N CYS H 206 1.18 -22.29 -43.79
CA CYS H 206 2.53 -22.24 -43.26
C CYS H 206 2.55 -22.13 -41.73
N GLY H 207 1.44 -22.47 -41.08
CA GLY H 207 1.44 -22.59 -39.63
C GLY H 207 1.69 -24.02 -39.21
N VAL H 208 2.94 -24.34 -38.91
CA VAL H 208 3.34 -25.71 -38.59
C VAL H 208 3.47 -25.84 -37.07
N PRO H 209 2.66 -26.68 -36.43
CA PRO H 209 2.88 -26.95 -35.01
C PRO H 209 4.17 -27.69 -34.77
N ASP H 210 4.71 -27.55 -33.55
CA ASP H 210 5.96 -28.21 -33.21
C ASP H 210 5.85 -29.73 -33.30
N ASN H 211 4.65 -30.27 -33.06
CA ASN H 211 4.43 -31.71 -33.13
C ASN H 211 3.13 -31.98 -33.88
N LEU H 212 3.04 -33.17 -34.46
CA LEU H 212 1.84 -33.55 -35.19
C LEU H 212 0.64 -33.68 -34.25
N SER H 213 0.89 -34.12 -33.01
CA SER H 213 -0.19 -34.27 -32.05
C SER H 213 -0.84 -32.92 -31.72
N MET H 214 -0.02 -31.87 -31.59
CA MET H 214 -0.57 -30.54 -31.32
C MET H 214 -1.41 -30.04 -32.47
N ALA H 215 -1.09 -30.45 -33.71
CA ALA H 215 -1.91 -30.07 -34.85
C ALA H 215 -3.30 -30.66 -34.75
N ASP H 216 -3.40 -31.92 -34.34
CA ASP H 216 -4.68 -32.61 -34.24
C ASP H 216 -4.57 -33.78 -33.28
N PRO H 217 -5.41 -33.84 -32.23
CA PRO H 217 -5.40 -35.00 -31.33
C PRO H 217 -5.81 -36.29 -32.00
N ASN H 218 -6.45 -36.23 -33.17
CA ASN H 218 -6.84 -37.43 -33.89
C ASN H 218 -5.64 -38.19 -34.46
N ILE H 219 -4.45 -37.60 -34.43
CA ILE H 219 -3.23 -38.26 -34.85
C ILE H 219 -2.36 -38.49 -33.62
N ARG H 220 -1.97 -39.74 -33.38
CA ARG H 220 -1.21 -40.12 -32.21
C ARG H 220 0.19 -40.58 -32.61
N PHE H 221 1.19 -40.13 -31.86
CA PHE H 221 2.57 -40.51 -32.14
C PHE H 221 2.80 -41.94 -31.68
N LEU H 222 3.16 -42.81 -32.62
CA LEU H 222 3.34 -44.24 -32.29
C LEU H 222 4.76 -44.54 -31.83
N ASP H 223 5.75 -44.29 -32.70
CA ASP H 223 7.11 -44.72 -32.39
C ASP H 223 8.10 -43.96 -33.28
N LYS H 224 9.37 -44.33 -33.17
CA LYS H 224 10.45 -43.72 -33.95
C LYS H 224 11.05 -44.76 -34.89
N LEU H 225 11.15 -44.40 -36.16
CA LEU H 225 11.74 -45.29 -37.14
C LEU H 225 13.24 -45.47 -36.85
N PRO H 226 13.76 -46.69 -37.00
CA PRO H 226 15.19 -46.91 -36.75
C PRO H 226 16.06 -46.06 -37.66
N GLN H 227 17.16 -45.58 -37.09
CA GLN H 227 18.09 -44.72 -37.83
C GLN H 227 18.88 -45.51 -38.87
N ARG H 238 25.07 -39.67 -41.80
CA ARG H 238 24.27 -38.90 -40.87
C ARG H 238 23.01 -39.67 -40.46
N VAL H 239 22.52 -39.39 -39.26
CA VAL H 239 21.34 -40.06 -38.72
C VAL H 239 20.09 -39.38 -39.24
N TYR H 240 18.98 -40.12 -39.24
CA TYR H 240 17.68 -39.61 -39.67
C TYR H 240 16.63 -40.23 -38.77
N SER H 241 16.13 -39.46 -37.82
CA SER H 241 15.16 -39.94 -36.83
C SER H 241 13.76 -39.57 -37.29
N ASN H 242 13.20 -40.37 -38.18
CA ASN H 242 11.80 -40.20 -38.57
C ASN H 242 10.89 -40.76 -37.49
N SER H 243 9.60 -40.48 -37.64
CA SER H 243 8.61 -40.88 -36.65
C SER H 243 7.39 -41.47 -37.34
N ILE H 244 6.84 -42.53 -36.74
CA ILE H 244 5.62 -43.17 -37.21
C ILE H 244 4.49 -42.76 -36.27
N TYR H 245 3.39 -42.27 -36.85
CA TYR H 245 2.25 -41.76 -36.11
C TYR H 245 1.03 -42.62 -36.40
N GLU H 246 0.10 -42.63 -35.45
CA GLU H 246 -1.17 -43.34 -35.58
C GLU H 246 -2.23 -42.41 -36.16
N LEU H 247 -3.10 -42.98 -36.99
CA LEU H 247 -4.19 -42.24 -37.63
C LEU H 247 -5.52 -42.74 -37.03
N LEU H 248 -6.00 -42.06 -36.01
CA LEU H 248 -7.24 -42.44 -35.36
C LEU H 248 -8.44 -41.91 -36.15
N GLU H 249 -9.56 -42.62 -36.02
CA GLU H 249 -10.81 -42.26 -36.67
C GLU H 249 -11.93 -42.95 -35.91
N ASN H 250 -12.85 -42.16 -35.36
CA ASN H 250 -13.93 -42.67 -34.50
C ASN H 250 -13.38 -43.48 -33.34
N GLY H 251 -12.17 -43.15 -32.88
CA GLY H 251 -11.54 -43.85 -31.79
C GLY H 251 -10.82 -45.13 -32.16
N GLN H 252 -10.73 -45.46 -33.44
CA GLN H 252 -10.07 -46.69 -33.88
C GLN H 252 -9.01 -46.36 -34.91
N ARG H 253 -7.91 -47.12 -34.88
CA ARG H 253 -6.83 -46.92 -35.83
C ARG H 253 -7.31 -47.27 -37.24
N ALA H 254 -6.98 -46.42 -38.21
CA ALA H 254 -7.34 -46.66 -39.60
C ALA H 254 -6.14 -46.77 -40.52
N GLY H 255 -4.95 -46.40 -40.07
CA GLY H 255 -3.77 -46.50 -40.90
C GLY H 255 -2.57 -45.96 -40.16
N THR H 256 -1.39 -46.34 -40.65
CA THR H 256 -0.13 -45.89 -40.10
C THR H 256 0.81 -45.47 -41.22
N CYS H 257 1.49 -44.34 -41.02
CA CYS H 257 2.40 -43.83 -42.03
C CYS H 257 3.44 -42.94 -41.34
N VAL H 258 4.52 -42.69 -42.04
CA VAL H 258 5.61 -41.86 -41.53
C VAL H 258 5.31 -40.41 -41.91
N LEU H 259 4.93 -39.60 -40.93
CA LEU H 259 4.59 -38.21 -41.15
C LEU H 259 5.80 -37.32 -40.87
N GLU H 260 5.97 -36.28 -41.68
CA GLU H 260 7.08 -35.36 -41.52
C GLU H 260 6.73 -34.06 -42.22
N TYR H 261 6.65 -32.97 -41.46
CA TYR H 261 6.33 -31.67 -42.05
C TYR H 261 7.41 -31.24 -43.04
N ALA H 262 7.01 -30.40 -43.98
CA ALA H 262 7.95 -29.78 -44.92
C ALA H 262 8.55 -28.56 -44.22
N THR H 263 9.77 -28.71 -43.72
CA THR H 263 10.47 -27.65 -43.01
C THR H 263 10.72 -26.39 -43.85
N PRO H 264 10.77 -26.45 -45.19
CA PRO H 264 10.78 -25.19 -45.94
C PRO H 264 9.59 -24.30 -45.66
N LEU H 265 8.42 -24.86 -45.36
CA LEU H 265 7.27 -24.02 -45.01
C LEU H 265 7.49 -23.33 -43.67
N GLN H 266 8.07 -24.03 -42.69
CA GLN H 266 8.42 -23.39 -41.43
C GLN H 266 9.44 -22.29 -41.66
N THR H 267 10.41 -22.53 -42.55
CA THR H 267 11.38 -21.50 -42.89
C THR H 267 10.71 -20.29 -43.54
N LEU H 268 9.73 -20.53 -44.40
CA LEU H 268 9.00 -19.43 -45.02
C LEU H 268 8.22 -18.63 -43.98
N PHE H 269 7.59 -19.32 -43.03
CA PHE H 269 6.88 -18.62 -41.96
C PHE H 269 7.83 -17.76 -41.13
N ALA H 270 8.97 -18.33 -40.75
CA ALA H 270 9.94 -17.56 -39.97
C ALA H 270 10.53 -16.41 -40.78
N MET H 271 10.65 -16.59 -42.09
CA MET H 271 11.10 -15.50 -42.96
C MET H 271 10.08 -14.37 -42.96
N SER H 272 8.79 -14.71 -43.09
CA SER H 272 7.76 -13.69 -43.08
C SER H 272 7.67 -13.00 -41.72
N GLN H 273 8.02 -13.70 -40.64
CA GLN H 273 7.97 -13.10 -39.31
C GLN H 273 8.97 -11.95 -39.18
N TYR H 274 10.20 -12.16 -39.64
CA TYR H 274 11.23 -11.14 -39.51
C TYR H 274 11.03 -10.02 -40.53
N SER H 275 11.57 -8.85 -40.21
CA SER H 275 11.46 -7.68 -41.07
C SER H 275 12.60 -7.55 -42.06
N GLN H 276 13.75 -8.17 -41.78
CA GLN H 276 14.89 -8.08 -42.70
C GLN H 276 14.63 -8.84 -44.00
N ALA H 277 13.76 -9.85 -43.97
CA ALA H 277 13.51 -10.65 -45.16
C ALA H 277 12.73 -9.90 -46.23
N GLY H 278 11.96 -8.88 -45.85
CA GLY H 278 11.13 -8.19 -46.80
C GLY H 278 10.17 -9.12 -47.48
N PHE H 279 9.50 -9.97 -46.70
CA PHE H 279 8.76 -11.11 -47.21
C PHE H 279 7.38 -11.10 -46.56
N SER H 280 6.39 -10.59 -47.29
CA SER H 280 5.07 -10.33 -46.73
C SER H 280 4.23 -11.60 -46.68
N ARG H 281 3.09 -11.51 -45.99
CA ARG H 281 2.20 -12.65 -45.85
C ARG H 281 1.60 -13.07 -47.18
N GLU H 282 1.20 -12.11 -48.01
CA GLU H 282 0.73 -12.45 -49.35
C GLU H 282 1.82 -13.14 -50.16
N ASP H 283 3.04 -12.59 -50.11
CA ASP H 283 4.18 -13.26 -50.72
C ASP H 283 4.44 -14.59 -50.06
N ARG H 284 4.20 -14.70 -48.75
CA ARG H 284 4.39 -15.97 -48.06
C ARG H 284 3.47 -17.04 -48.64
N LEU H 285 2.19 -16.71 -48.83
CA LEU H 285 1.25 -17.68 -49.39
C LEU H 285 1.59 -18.00 -50.84
N GLU H 286 1.94 -16.99 -51.63
CA GLU H 286 2.28 -17.22 -53.03
C GLU H 286 3.50 -18.14 -53.14
N GLN H 287 4.53 -17.88 -52.32
CA GLN H 287 5.73 -18.69 -52.37
C GLN H 287 5.48 -20.09 -51.80
N ALA H 288 4.59 -20.23 -50.82
CA ALA H 288 4.25 -21.57 -50.36
C ALA H 288 3.59 -22.37 -51.48
N LYS H 289 2.68 -21.74 -52.22
CA LYS H 289 2.03 -22.42 -53.34
C LYS H 289 3.05 -22.81 -54.41
N LEU H 290 3.95 -21.88 -54.76
CA LEU H 290 4.97 -22.18 -55.76
C LEU H 290 5.90 -23.29 -55.27
N PHE H 291 6.26 -23.27 -53.99
CA PHE H 291 7.13 -24.31 -53.44
C PHE H 291 6.48 -25.68 -53.53
N CYS H 292 5.21 -25.76 -53.17
CA CYS H 292 4.51 -27.05 -53.28
C CYS H 292 4.44 -27.51 -54.73
N ARG H 293 4.12 -26.60 -55.65
CA ARG H 293 4.01 -26.98 -57.06
C ARG H 293 5.35 -27.46 -57.62
N THR H 294 6.44 -26.74 -57.32
CA THR H 294 7.73 -27.14 -57.87
C THR H 294 8.28 -28.37 -57.16
N LEU H 295 7.92 -28.60 -55.90
CA LEU H 295 8.27 -29.86 -55.26
C LEU H 295 7.56 -31.03 -55.92
N GLU H 296 6.28 -30.85 -56.25
CA GLU H 296 5.56 -31.88 -57.00
C GLU H 296 6.21 -32.13 -58.35
N ASP H 297 6.60 -31.06 -59.05
CA ASP H 297 7.26 -31.22 -60.35
C ASP H 297 8.59 -31.95 -60.20
N ILE H 298 9.35 -31.64 -59.15
CA ILE H 298 10.64 -32.30 -58.92
C ILE H 298 10.43 -33.79 -58.65
N LEU H 299 9.46 -34.11 -57.77
CA LEU H 299 9.21 -35.51 -57.45
C LEU H 299 8.59 -36.27 -58.62
N ALA H 300 8.01 -35.57 -59.60
CA ALA H 300 7.48 -36.25 -60.77
C ALA H 300 8.58 -36.97 -61.54
N ASP H 301 9.74 -36.32 -61.70
CA ASP H 301 10.85 -36.89 -62.47
C ASP H 301 11.99 -37.38 -61.60
N ALA H 302 11.88 -37.31 -60.28
CA ALA H 302 12.97 -37.73 -59.41
C ALA H 302 13.10 -39.26 -59.44
N PRO H 303 14.28 -39.80 -59.71
CA PRO H 303 14.44 -41.27 -59.71
C PRO H 303 14.12 -41.90 -58.36
N GLU H 304 14.42 -41.21 -57.25
CA GLU H 304 14.11 -41.75 -55.94
C GLU H 304 12.62 -41.77 -55.65
N SER H 305 11.84 -40.94 -56.33
CA SER H 305 10.38 -40.91 -56.16
C SER H 305 9.79 -42.05 -56.98
N GLN H 306 9.49 -43.16 -56.31
CA GLN H 306 8.95 -44.36 -56.93
C GLN H 306 7.71 -44.82 -56.18
N ASN H 307 6.77 -43.88 -55.99
CA ASN H 307 5.58 -44.05 -55.18
C ASN H 307 5.91 -44.26 -53.71
N ASN H 308 7.05 -43.76 -53.26
CA ASN H 308 7.46 -43.82 -51.86
C ASN H 308 7.39 -42.46 -51.18
N CYS H 309 6.84 -41.45 -51.84
CA CYS H 309 6.75 -40.11 -51.28
C CYS H 309 5.50 -39.44 -51.84
N ARG H 310 4.53 -39.18 -50.97
CA ARG H 310 3.27 -38.55 -51.37
C ARG H 310 3.10 -37.25 -50.60
N LEU H 311 2.66 -36.21 -51.31
CA LEU H 311 2.49 -34.88 -50.74
C LEU H 311 1.03 -34.67 -50.36
N ILE H 312 0.82 -34.21 -49.12
CA ILE H 312 -0.52 -33.88 -48.62
C ILE H 312 -0.54 -32.39 -48.36
N ALA H 313 -1.34 -31.66 -49.12
CA ALA H 313 -1.47 -30.22 -48.97
C ALA H 313 -2.87 -29.87 -48.52
N TYR H 314 -2.98 -29.09 -47.44
CA TYR H 314 -4.27 -28.72 -46.89
C TYR H 314 -4.24 -27.23 -46.54
N GLN H 315 -5.42 -26.62 -46.57
CA GLN H 315 -5.58 -25.20 -46.25
C GLN H 315 -6.87 -25.03 -45.48
N GLU H 316 -6.76 -24.69 -44.20
CA GLU H 316 -7.94 -24.50 -43.36
C GLU H 316 -8.65 -23.21 -43.74
N PRO H 317 -9.93 -23.26 -44.14
CA PRO H 317 -10.68 -22.05 -44.53
C PRO H 317 -11.29 -21.33 -43.34
N PHE H 323 -11.16 -27.98 -39.54
CA PHE H 323 -10.71 -28.80 -40.66
C PHE H 323 -10.41 -30.22 -40.19
N SER H 324 -10.50 -31.18 -41.11
CA SER H 324 -10.28 -32.59 -40.82
C SER H 324 -8.94 -32.99 -41.42
N LEU H 325 -7.86 -32.78 -40.66
CA LEU H 325 -6.53 -33.15 -41.13
C LEU H 325 -6.37 -34.66 -41.21
N SER H 326 -6.86 -35.38 -40.20
CA SER H 326 -6.76 -36.84 -40.21
C SER H 326 -7.54 -37.44 -41.37
N GLN H 327 -8.75 -36.92 -41.63
CA GLN H 327 -9.52 -37.39 -42.78
C GLN H 327 -8.83 -37.05 -44.09
N GLU H 328 -8.17 -35.88 -44.16
CA GLU H 328 -7.40 -35.54 -45.35
C GLU H 328 -6.27 -36.52 -45.57
N VAL H 329 -5.56 -36.91 -44.51
CA VAL H 329 -4.50 -37.90 -44.63
C VAL H 329 -5.06 -39.24 -45.08
N LEU H 330 -6.17 -39.66 -44.47
CA LEU H 330 -6.77 -40.95 -44.83
C LEU H 330 -7.30 -40.96 -46.25
N ARG H 331 -7.65 -39.79 -46.80
CA ARG H 331 -8.15 -39.74 -48.17
C ARG H 331 -7.10 -40.21 -49.17
N HIS H 332 -5.82 -40.04 -48.85
CA HIS H 332 -4.73 -40.55 -49.68
C HIS H 332 -4.37 -41.99 -49.34
N LEU H 333 -5.07 -42.60 -48.39
CA LEU H 333 -4.79 -43.97 -47.98
C LEU H 333 -6.00 -44.87 -48.20
N SER I 5 10.44 38.57 4.53
CA SER I 5 11.81 38.71 5.05
C SER I 5 12.42 37.35 5.36
N LEU I 6 11.63 36.29 5.18
CA LEU I 6 12.16 34.93 5.37
C LEU I 6 13.27 34.63 4.37
N HIS I 7 13.07 35.04 3.11
CA HIS I 7 14.02 34.78 2.04
C HIS I 7 13.89 35.94 1.07
N PRO I 8 14.98 36.37 0.43
CA PRO I 8 14.89 37.51 -0.49
C PRO I 8 13.98 37.25 -1.69
N SER I 9 13.69 36.00 -2.01
CA SER I 9 12.89 35.68 -3.19
C SER I 9 11.39 35.59 -2.89
N ILE I 10 10.97 35.83 -1.66
CA ILE I 10 9.56 35.78 -1.27
C ILE I 10 8.97 37.17 -1.42
N PRO I 11 7.87 37.33 -2.17
CA PRO I 11 7.32 38.66 -2.42
C PRO I 11 6.75 39.30 -1.17
N CYS I 12 6.76 40.63 -1.17
CA CYS I 12 6.13 41.45 -0.14
C CYS I 12 4.71 41.83 -0.56
N PRO I 13 3.85 42.14 0.41
CA PRO I 13 2.48 42.53 0.06
C PRO I 13 2.45 43.78 -0.81
N ARG I 14 1.43 43.85 -1.68
CA ARG I 14 1.30 44.98 -2.59
C ARG I 14 1.13 46.28 -1.82
N GLY I 15 1.80 47.32 -2.30
CA GLY I 15 1.71 48.64 -1.72
C GLY I 15 0.70 49.52 -2.44
N HIS I 16 0.89 50.84 -2.29
CA HIS I 16 0.05 51.84 -2.93
C HIS I 16 0.77 52.57 -4.05
N GLY I 17 1.75 51.92 -4.68
CA GLY I 17 2.51 52.55 -5.74
C GLY I 17 1.67 52.95 -6.93
N ALA I 18 0.65 52.15 -7.26
CA ALA I 18 -0.25 52.50 -8.36
C ALA I 18 -0.98 53.80 -8.06
N GLN I 19 -1.42 53.99 -6.82
CA GLN I 19 -2.09 55.23 -6.44
C GLN I 19 -1.14 56.42 -6.56
N LYS I 20 0.12 56.25 -6.15
CA LYS I 20 1.09 57.35 -6.26
C LYS I 20 1.35 57.69 -7.72
N ALA I 21 1.50 56.67 -8.58
CA ALA I 21 1.69 56.92 -10.00
C ALA I 21 0.48 57.61 -10.61
N ALA I 22 -0.72 57.21 -10.19
CA ALA I 22 -1.93 57.87 -10.68
C ALA I 22 -1.97 59.33 -10.25
N LEU I 23 -1.56 59.61 -9.01
CA LEU I 23 -1.52 60.99 -8.54
C LEU I 23 -0.52 61.82 -9.34
N VAL I 24 0.66 61.25 -9.61
CA VAL I 24 1.66 61.98 -10.39
C VAL I 24 1.16 62.24 -11.81
N LEU I 25 0.52 61.23 -12.41
CA LEU I 25 -0.04 61.41 -13.75
C LEU I 25 -1.14 62.47 -13.76
N LEU I 26 -1.98 62.46 -12.73
CA LEU I 26 -3.03 63.48 -12.62
C LEU I 26 -2.44 64.87 -12.50
N SER I 27 -1.40 65.02 -11.69
CA SER I 27 -0.75 66.33 -11.56
C SER I 27 -0.15 66.78 -12.89
N ALA I 28 0.51 65.86 -13.60
CA ALA I 28 1.08 66.21 -14.90
C ALA I 28 0.01 66.61 -15.90
N CYS I 29 -1.11 65.86 -15.92
CA CYS I 29 -2.20 66.19 -16.82
C CYS I 29 -2.82 67.55 -16.48
N LEU I 30 -2.98 67.85 -15.20
CA LEU I 30 -3.49 69.15 -14.80
C LEU I 30 -2.55 70.27 -15.21
N VAL I 31 -1.24 70.05 -15.06
CA VAL I 31 -0.25 71.05 -15.48
C VAL I 31 -0.33 71.28 -16.98
N THR I 32 -0.44 70.21 -17.76
CA THR I 32 -0.56 70.34 -19.21
C THR I 32 -1.84 71.07 -19.59
N LEU I 33 -2.95 70.76 -18.92
CA LEU I 33 -4.22 71.43 -19.21
C LEU I 33 -4.13 72.92 -18.90
N TRP I 34 -3.51 73.27 -17.78
CA TRP I 34 -3.35 74.69 -17.44
C TRP I 34 -2.43 75.39 -18.45
N GLY I 35 -1.37 74.71 -18.89
CA GLY I 35 -0.47 75.33 -19.84
C GLY I 35 -1.10 75.56 -21.20
N LEU I 36 -1.91 74.60 -21.66
CA LEU I 36 -2.53 74.74 -22.97
C LEU I 36 -3.59 75.84 -22.99
N GLY I 37 -4.26 76.06 -21.86
CA GLY I 37 -5.22 77.15 -21.77
C GLY I 37 -6.53 76.93 -22.51
N GLU I 38 -6.90 75.67 -22.76
CA GLU I 38 -8.17 75.38 -23.40
C GLU I 38 -9.32 75.69 -22.44
N PRO I 39 -10.50 76.00 -22.97
CA PRO I 39 -11.65 76.31 -22.10
C PRO I 39 -11.97 75.17 -21.16
N PRO I 40 -12.32 75.47 -19.91
CA PRO I 40 -12.59 74.40 -18.94
C PRO I 40 -13.99 73.84 -19.00
N GLU I 41 -14.97 74.59 -19.54
CA GLU I 41 -16.34 74.09 -19.63
C GLU I 41 -16.39 72.85 -20.52
N HIS I 42 -15.73 72.90 -21.68
CA HIS I 42 -15.68 71.75 -22.57
C HIS I 42 -14.98 70.58 -21.89
N THR I 43 -13.90 70.85 -21.15
CA THR I 43 -13.20 69.80 -20.44
C THR I 43 -14.11 69.10 -19.45
N LEU I 44 -14.83 69.87 -18.63
CA LEU I 44 -15.73 69.29 -17.64
C LEU I 44 -16.84 68.50 -18.31
N ARG I 45 -17.45 69.06 -19.36
CA ARG I 45 -18.54 68.37 -20.04
C ARG I 45 -18.07 67.07 -20.66
N TYR I 46 -16.91 67.09 -21.32
CA TYR I 46 -16.38 65.88 -21.95
C TYR I 46 -16.01 64.83 -20.92
N LEU I 47 -15.41 65.24 -19.80
CA LEU I 47 -15.07 64.29 -18.74
C LEU I 47 -16.34 63.65 -18.16
N VAL I 48 -17.37 64.46 -17.92
CA VAL I 48 -18.62 63.92 -17.39
C VAL I 48 -19.25 62.95 -18.39
N LEU I 49 -19.23 63.30 -19.68
CA LEU I 49 -19.79 62.40 -20.68
C LEU I 49 -19.02 61.11 -20.77
N HIS I 50 -17.69 61.18 -20.68
CA HIS I 50 -16.86 59.98 -20.73
C HIS I 50 -17.15 59.07 -19.54
N LEU I 51 -17.24 59.66 -18.35
CA LEU I 51 -17.56 58.86 -17.17
C LEU I 51 -18.95 58.27 -17.26
N ALA I 52 -19.91 59.03 -17.80
CA ALA I 52 -21.26 58.51 -17.98
C ALA I 52 -21.28 57.33 -18.95
N SER I 53 -20.52 57.45 -20.04
CA SER I 53 -20.44 56.34 -21.00
C SER I 53 -19.81 55.11 -20.36
N LEU I 54 -18.77 55.30 -19.54
CA LEU I 54 -18.16 54.18 -18.84
C LEU I 54 -19.14 53.53 -17.88
N GLN I 55 -19.91 54.34 -17.15
CA GLN I 55 -20.91 53.78 -16.24
C GLN I 55 -21.98 53.01 -17.00
N LEU I 56 -22.44 53.54 -18.13
CA LEU I 56 -23.45 52.82 -18.91
C LEU I 56 -22.89 51.52 -19.49
N GLY I 57 -21.63 51.53 -19.91
CA GLY I 57 -21.02 50.29 -20.37
C GLY I 57 -20.89 49.26 -19.26
N LEU I 58 -20.54 49.71 -18.06
CA LEU I 58 -20.50 48.82 -16.91
C LEU I 58 -21.89 48.26 -16.61
N LEU I 59 -22.92 49.10 -16.73
CA LEU I 59 -24.29 48.63 -16.54
C LEU I 59 -24.65 47.55 -17.56
N LEU I 60 -24.31 47.78 -18.83
CA LEU I 60 -24.64 46.80 -19.86
C LEU I 60 -23.89 45.49 -19.66
N ASN I 61 -22.61 45.57 -19.29
CA ASN I 61 -21.85 44.35 -18.98
C ASN I 61 -22.43 43.63 -17.78
N GLY I 62 -22.85 44.38 -16.76
CA GLY I 62 -23.47 43.75 -15.61
C GLY I 62 -24.79 43.08 -15.93
N VAL I 63 -25.57 43.68 -16.83
CA VAL I 63 -26.82 43.05 -17.27
C VAL I 63 -26.54 41.78 -18.05
N CYS I 64 -25.53 41.83 -18.92
CA CYS I 64 -25.15 40.63 -19.67
C CYS I 64 -24.71 39.51 -18.73
N SER I 65 -23.94 39.86 -17.69
CA SER I 65 -23.56 38.86 -16.69
C SER I 65 -24.78 38.36 -15.92
N LEU I 66 -25.69 39.27 -15.57
CA LEU I 66 -26.92 38.90 -14.87
C LEU I 66 -27.74 37.89 -15.67
N ALA I 67 -27.67 37.98 -17.00
CA ALA I 67 -28.43 37.04 -17.82
C ALA I 67 -28.02 35.60 -17.54
N GLU I 68 -26.72 35.32 -17.43
CA GLU I 68 -26.28 33.98 -17.06
C GLU I 68 -26.43 33.73 -15.55
N GLU I 69 -26.27 34.77 -14.73
CA GLU I 69 -26.33 34.58 -13.29
C GLU I 69 -27.73 34.20 -12.83
N LEU I 70 -28.76 34.58 -13.60
CA LEU I 70 -30.13 34.27 -13.22
C LEU I 70 -30.39 32.76 -13.12
N ARG I 71 -29.63 31.95 -13.86
CA ARG I 71 -29.75 30.51 -13.72
C ARG I 71 -28.99 29.98 -12.51
N HIS I 72 -28.10 30.78 -11.93
CA HIS I 72 -27.36 30.42 -10.73
C HIS I 72 -27.99 30.99 -9.46
N ILE I 73 -29.14 31.66 -9.57
CA ILE I 73 -29.70 32.34 -8.42
C ILE I 73 -30.19 31.35 -7.36
N HIS I 74 -30.65 30.17 -7.79
CA HIS I 74 -31.15 29.19 -6.82
C HIS I 74 -30.02 28.52 -6.03
N SER I 75 -28.80 28.49 -6.57
CA SER I 75 -27.71 27.74 -5.95
C SER I 75 -26.64 28.66 -5.37
N ARG I 76 -26.09 29.57 -6.17
CA ARG I 76 -24.99 30.41 -5.73
C ARG I 76 -25.44 31.69 -5.03
N TYR I 77 -26.75 31.98 -5.01
CA TYR I 77 -27.21 33.25 -4.47
C TYR I 77 -28.45 33.09 -3.61
N ARG I 78 -28.59 31.93 -2.95
CA ARG I 78 -29.63 31.66 -1.95
C ARG I 78 -31.02 32.11 -2.38
N GLY I 79 -31.28 32.09 -3.70
CA GLY I 79 -32.60 32.40 -4.20
C GLY I 79 -33.08 33.81 -3.94
N SER I 80 -32.20 34.80 -4.12
CA SER I 80 -32.56 36.20 -3.97
C SER I 80 -32.05 36.99 -5.16
N TYR I 81 -32.88 37.92 -5.65
CA TYR I 81 -32.55 38.62 -6.89
C TYR I 81 -31.67 39.84 -6.64
N TRP I 82 -31.92 40.55 -5.54
CA TRP I 82 -31.10 41.73 -5.25
C TRP I 82 -29.66 41.36 -4.95
N ARG I 83 -29.43 40.20 -4.33
CA ARG I 83 -28.06 39.72 -4.15
C ARG I 83 -27.36 39.54 -5.48
N THR I 84 -28.04 38.92 -6.45
CA THR I 84 -27.45 38.71 -7.77
C THR I 84 -27.20 40.03 -8.47
N VAL I 85 -28.14 40.97 -8.37
CA VAL I 85 -27.95 42.28 -8.99
C VAL I 85 -26.76 43.00 -8.38
N ARG I 86 -26.62 42.94 -7.05
CA ARG I 86 -25.48 43.56 -6.40
C ARG I 86 -24.16 42.90 -6.82
N ALA I 87 -24.15 41.57 -6.91
CA ALA I 87 -22.94 40.87 -7.33
C ALA I 87 -22.58 41.18 -8.77
N CYS I 88 -23.58 41.51 -9.60
CA CYS I 88 -23.30 41.83 -11.00
C CYS I 88 -22.95 43.29 -11.23
N LEU I 89 -23.42 44.19 -10.36
CA LEU I 89 -23.24 45.63 -10.58
C LEU I 89 -22.57 46.34 -9.40
N GLY I 90 -21.98 45.61 -8.47
CA GLY I 90 -21.38 46.25 -7.31
C GLY I 90 -22.45 46.77 -6.35
N CYS I 91 -22.17 47.92 -5.74
CA CYS I 91 -23.15 48.51 -4.83
C CYS I 91 -24.41 48.87 -5.60
N PRO I 92 -25.58 48.38 -5.18
CA PRO I 92 -26.79 48.60 -5.99
C PRO I 92 -27.21 50.06 -6.06
N LEU I 93 -27.34 50.71 -4.90
CA LEU I 93 -27.88 52.06 -4.87
C LEU I 93 -26.88 53.09 -5.38
N ARG I 94 -25.60 52.93 -5.05
CA ARG I 94 -24.58 53.84 -5.57
C ARG I 94 -24.49 53.75 -7.08
N ARG I 95 -24.48 52.53 -7.62
CA ARG I 95 -24.43 52.37 -9.07
C ARG I 95 -25.70 52.90 -9.72
N GLY I 96 -26.86 52.72 -9.07
CA GLY I 96 -28.09 53.27 -9.60
C GLY I 96 -28.06 54.79 -9.65
N ALA I 97 -27.53 55.43 -8.60
CA ALA I 97 -27.39 56.87 -8.61
C ALA I 97 -26.44 57.33 -9.71
N LEU I 98 -25.33 56.61 -9.90
CA LEU I 98 -24.40 56.95 -10.97
C LEU I 98 -25.06 56.81 -12.34
N LEU I 99 -25.87 55.76 -12.52
CA LEU I 99 -26.59 55.57 -13.78
C LEU I 99 -27.59 56.68 -14.01
N LEU I 100 -28.30 57.10 -12.96
CA LEU I 100 -29.25 58.20 -13.09
C LEU I 100 -28.52 59.49 -13.48
N LEU I 101 -27.37 59.74 -12.86
CA LEU I 101 -26.56 60.90 -13.25
C LEU I 101 -26.14 60.81 -14.70
N SER I 102 -25.71 59.62 -15.14
CA SER I 102 -25.30 59.43 -16.53
C SER I 102 -26.45 59.73 -17.48
N ILE I 103 -27.63 59.20 -17.18
CA ILE I 103 -28.79 59.41 -18.04
C ILE I 103 -29.14 60.90 -18.10
N TYR I 104 -29.18 61.56 -16.94
CA TYR I 104 -29.55 62.96 -16.89
C TYR I 104 -28.55 63.84 -17.63
N PHE I 105 -27.25 63.56 -17.47
CA PHE I 105 -26.22 64.40 -18.04
C PHE I 105 -25.85 64.02 -19.47
N TYR I 106 -26.38 62.91 -19.99
CA TYR I 106 -26.20 62.61 -21.41
C TYR I 106 -27.42 62.95 -22.25
N TYR I 107 -28.64 62.76 -21.70
CA TYR I 107 -29.84 63.12 -22.44
C TYR I 107 -30.04 64.62 -22.53
N SER I 108 -29.28 65.42 -21.78
CA SER I 108 -29.46 66.86 -21.74
C SER I 108 -28.25 67.64 -22.25
N LEU I 109 -27.06 67.32 -21.78
CA LEU I 109 -25.88 68.08 -22.16
C LEU I 109 -25.56 67.89 -23.64
N PRO I 110 -25.03 68.91 -24.30
CA PRO I 110 -24.65 68.78 -25.72
C PRO I 110 -23.52 67.77 -25.88
N ASN I 111 -23.48 67.15 -27.06
CA ASN I 111 -22.49 66.11 -27.37
C ASN I 111 -21.81 66.48 -28.69
N ALA I 112 -20.75 67.29 -28.60
CA ALA I 112 -19.98 67.60 -29.81
C ALA I 112 -19.13 66.40 -30.23
N VAL I 113 -18.48 65.75 -29.27
CA VAL I 113 -17.70 64.54 -29.54
C VAL I 113 -18.44 63.37 -28.87
N GLY I 114 -19.20 62.64 -29.66
CA GLY I 114 -20.00 61.55 -29.16
C GLY I 114 -21.33 61.42 -29.88
N PRO I 115 -21.87 60.20 -29.91
CA PRO I 115 -23.13 59.96 -30.62
C PRO I 115 -24.32 60.52 -29.85
N PRO I 116 -25.47 60.68 -30.51
CA PRO I 116 -26.69 61.03 -29.78
C PRO I 116 -27.10 59.92 -28.83
N PHE I 117 -28.07 60.24 -27.97
CA PHE I 117 -28.36 59.41 -26.80
C PHE I 117 -28.64 57.96 -27.17
N THR I 118 -29.71 57.72 -27.92
CA THR I 118 -30.09 56.34 -28.24
C THR I 118 -29.08 55.69 -29.18
N TRP I 119 -28.50 56.47 -30.10
CA TRP I 119 -27.48 55.92 -30.98
C TRP I 119 -26.21 55.61 -30.21
N MET I 120 -25.85 56.45 -29.22
CA MET I 120 -24.73 56.13 -28.36
C MET I 120 -24.99 54.86 -27.55
N LEU I 121 -26.22 54.70 -27.07
CA LEU I 121 -26.55 53.49 -26.32
C LEU I 121 -26.43 52.26 -27.20
N ALA I 122 -26.91 52.34 -28.43
CA ALA I 122 -26.80 51.21 -29.36
C ALA I 122 -25.34 50.88 -29.67
N LEU I 123 -24.53 51.91 -29.93
CA LEU I 123 -23.12 51.68 -30.24
C LEU I 123 -22.38 51.12 -29.03
N LEU I 124 -22.71 51.60 -27.83
CA LEU I 124 -22.07 51.10 -26.62
C LEU I 124 -22.46 49.66 -26.36
N GLY I 125 -23.72 49.30 -26.60
CA GLY I 125 -24.12 47.91 -26.51
C GLY I 125 -23.39 47.03 -27.50
N LEU I 126 -23.21 47.53 -28.73
CA LEU I 126 -22.44 46.79 -29.73
C LEU I 126 -21.00 46.58 -29.26
N SER I 127 -20.38 47.64 -28.71
CA SER I 127 -19.01 47.52 -28.23
C SER I 127 -18.91 46.56 -27.06
N GLN I 128 -19.89 46.58 -26.16
CA GLN I 128 -19.89 45.66 -25.02
C GLN I 128 -20.06 44.22 -25.49
N ALA I 129 -20.93 43.99 -26.47
CA ALA I 129 -21.09 42.64 -27.01
C ALA I 129 -19.80 42.17 -27.67
N LEU I 130 -19.13 43.05 -28.42
CA LEU I 130 -17.86 42.69 -29.03
C LEU I 130 -16.81 42.37 -27.97
N ASN I 131 -16.76 43.17 -26.91
CA ASN I 131 -15.81 42.91 -25.83
C ASN I 131 -16.08 41.57 -25.16
N ILE I 132 -17.36 41.25 -24.93
CA ILE I 132 -17.71 39.99 -24.30
C ILE I 132 -17.33 38.82 -25.20
N LEU I 133 -17.66 38.91 -26.49
CA LEU I 133 -17.43 37.79 -27.40
C LEU I 133 -15.93 37.57 -27.64
N LEU I 134 -15.20 38.65 -27.92
CA LEU I 134 -13.78 38.53 -28.25
C LEU I 134 -12.86 38.58 -27.03
N GLY I 135 -13.40 38.87 -25.85
CA GLY I 135 -12.58 38.95 -24.65
C GLY I 135 -11.54 40.04 -24.67
N LEU I 136 -11.87 41.19 -25.27
CA LEU I 136 -10.90 42.28 -25.33
C LEU I 136 -10.66 42.88 -23.95
N LYS I 137 -11.73 43.12 -23.20
CA LYS I 137 -11.61 43.72 -21.86
C LYS I 137 -11.31 42.63 -20.85
N GLY I 138 -10.11 42.07 -20.96
CA GLY I 138 -9.63 41.05 -20.04
C GLY I 138 -8.83 41.65 -18.89
N LEU I 139 -8.37 40.76 -18.03
CA LEU I 139 -7.57 41.13 -16.87
C LEU I 139 -6.13 40.66 -17.06
N ALA I 140 -5.19 41.60 -17.02
CA ALA I 140 -3.79 41.23 -17.06
C ALA I 140 -3.40 40.51 -15.77
N PRO I 141 -2.37 39.67 -15.81
CA PRO I 141 -2.01 38.90 -14.61
C PRO I 141 -1.68 39.76 -13.39
N ALA I 142 -1.25 41.00 -13.57
CA ALA I 142 -1.00 41.87 -12.41
C ALA I 142 -2.28 42.16 -11.66
N GLU I 143 -3.35 42.51 -12.39
CA GLU I 143 -4.64 42.76 -11.73
C GLU I 143 -5.19 41.51 -11.09
N ILE I 144 -5.05 40.36 -11.75
CA ILE I 144 -5.53 39.10 -11.17
C ILE I 144 -4.76 38.79 -9.89
N SER I 145 -3.45 38.98 -9.90
CA SER I 145 -2.65 38.73 -8.70
C SER I 145 -3.04 39.68 -7.58
N ALA I 146 -3.27 40.96 -7.90
CA ALA I 146 -3.67 41.93 -6.89
C ALA I 146 -5.02 41.55 -6.27
N VAL I 147 -5.97 41.15 -7.10
CA VAL I 147 -7.28 40.74 -6.59
C VAL I 147 -7.14 39.49 -5.73
N CYS I 148 -6.33 38.54 -6.18
CA CYS I 148 -6.15 37.30 -5.42
C CYS I 148 -5.51 37.56 -4.06
N GLU I 149 -4.50 38.43 -4.02
CA GLU I 149 -3.78 38.72 -2.79
C GLU I 149 -4.48 39.78 -1.94
N LYS I 150 -5.55 40.40 -2.44
CA LYS I 150 -6.33 41.35 -1.67
C LYS I 150 -7.49 40.67 -0.95
N GLY I 151 -8.32 39.95 -1.69
CA GLY I 151 -9.44 39.22 -1.15
C GLY I 151 -9.13 37.82 -0.69
N ASN I 152 -7.85 37.43 -0.68
CA ASN I 152 -7.43 36.10 -0.26
C ASN I 152 -8.04 35.02 -1.16
N PHE I 153 -7.87 35.19 -2.47
CA PHE I 153 -8.30 34.19 -3.45
C PHE I 153 -7.07 33.43 -3.92
N ASN I 154 -6.65 32.46 -3.11
CA ASN I 154 -5.44 31.69 -3.38
C ASN I 154 -5.68 30.25 -2.95
N VAL I 155 -4.69 29.40 -3.20
CA VAL I 155 -4.62 28.09 -2.57
C VAL I 155 -3.55 28.05 -1.48
N ALA I 156 -2.52 28.89 -1.58
CA ALA I 156 -1.54 28.99 -0.51
C ALA I 156 -2.18 29.51 0.77
N HIS I 157 -3.12 30.45 0.64
CA HIS I 157 -3.84 30.94 1.81
C HIS I 157 -4.55 29.80 2.53
N GLY I 158 -5.29 28.99 1.77
CA GLY I 158 -5.99 27.86 2.37
C GLY I 158 -5.05 26.85 2.98
N LEU I 159 -3.95 26.54 2.29
CA LEU I 159 -3.01 25.55 2.81
C LEU I 159 -2.35 26.05 4.09
N ALA I 160 -1.95 27.32 4.14
CA ALA I 160 -1.31 27.87 5.33
C ALA I 160 -2.28 27.91 6.51
N TRP I 161 -3.51 28.37 6.26
CA TRP I 161 -4.47 28.42 7.35
C TRP I 161 -4.82 27.03 7.85
N SER I 162 -4.93 26.06 6.94
CA SER I 162 -5.17 24.69 7.38
C SER I 162 -3.99 24.14 8.18
N TYR I 163 -2.76 24.46 7.76
CA TYR I 163 -1.59 24.02 8.51
C TYR I 163 -1.60 24.59 9.91
N TYR I 164 -1.95 25.86 10.05
CA TYR I 164 -2.00 26.46 11.38
C TYR I 164 -3.10 25.85 12.23
N ILE I 165 -4.32 25.80 11.69
CA ILE I 165 -5.48 25.39 12.49
C ILE I 165 -5.43 23.91 12.83
N GLY I 166 -4.79 23.10 11.99
CA GLY I 166 -4.86 21.66 12.18
C GLY I 166 -3.68 21.02 12.88
N TYR I 167 -2.47 21.52 12.61
CA TYR I 167 -1.27 20.85 13.12
C TYR I 167 -0.48 21.73 14.08
N LEU I 168 -0.12 22.95 13.68
CA LEU I 168 0.75 23.77 14.52
C LEU I 168 0.07 24.16 15.82
N ARG I 169 -1.18 24.62 15.74
CA ARG I 169 -1.90 25.11 16.91
C ARG I 169 -2.16 23.98 17.90
N LEU I 170 -1.94 22.74 17.46
CA LEU I 170 -2.12 21.57 18.30
C LEU I 170 -0.85 21.08 18.98
N ILE I 171 0.31 21.25 18.35
CA ILE I 171 1.55 20.73 18.93
C ILE I 171 2.43 21.81 19.53
N LEU I 172 2.22 23.08 19.20
CA LEU I 172 3.06 24.13 19.78
C LEU I 172 3.04 24.16 21.30
N PRO I 173 1.91 24.00 22.01
CA PRO I 173 1.96 24.01 23.48
C PRO I 173 2.78 22.89 24.08
N GLU I 174 2.45 21.63 23.73
CA GLU I 174 3.12 20.48 24.31
C GLU I 174 4.57 20.34 23.88
N LEU I 175 4.98 21.05 22.83
CA LEU I 175 6.35 20.92 22.32
C LEU I 175 7.37 21.32 23.37
N GLN I 176 7.16 22.46 24.03
CA GLN I 176 8.12 22.93 25.02
C GLN I 176 8.22 21.96 26.19
N ALA I 177 7.08 21.46 26.66
CA ALA I 177 7.09 20.51 27.78
C ALA I 177 7.81 19.23 27.40
N ARG I 178 7.54 18.70 26.20
CA ARG I 178 8.19 17.46 25.78
C ARG I 178 9.69 17.66 25.60
N ILE I 179 10.10 18.79 25.04
CA ILE I 179 11.54 19.05 24.87
C ILE I 179 12.22 19.18 26.23
N ARG I 180 11.57 19.86 27.17
CA ARG I 180 12.14 19.98 28.52
C ARG I 180 12.25 18.63 29.20
N THR I 181 11.22 17.78 29.05
CA THR I 181 11.27 16.44 29.63
C THR I 181 12.40 15.61 29.02
N TYR I 182 12.56 15.69 27.69
CA TYR I 182 13.64 14.96 27.05
C TYR I 182 15.01 15.45 27.51
N ASN I 183 15.16 16.77 27.66
CA ASN I 183 16.43 17.32 28.13
C ASN I 183 16.72 16.89 29.55
N GLN I 184 15.70 16.88 30.42
CA GLN I 184 15.91 16.54 31.82
C GLN I 184 16.23 15.05 31.97
N HIS I 185 15.45 14.19 31.31
CA HIS I 185 15.61 12.75 31.50
C HIS I 185 16.94 12.24 30.96
N TYR I 186 17.38 12.77 29.83
CA TYR I 186 18.57 12.29 29.14
C TYR I 186 19.67 13.33 29.26
N ASN I 187 20.68 13.04 30.07
CA ASN I 187 21.85 13.91 30.23
C ASN I 187 23.00 13.40 29.36
N ASN I 188 22.77 13.41 28.05
CA ASN I 188 23.77 12.94 27.09
C ASN I 188 23.51 13.54 25.71
N GLY I 192 24.47 16.58 26.03
CA GLY I 192 24.37 17.85 25.33
C GLY I 192 23.10 18.61 25.65
N ALA I 193 22.71 19.50 24.75
CA ALA I 193 21.51 20.31 24.92
C ALA I 193 20.72 20.34 23.62
N VAL I 194 19.41 20.52 23.75
CA VAL I 194 18.50 20.58 22.61
C VAL I 194 17.78 21.93 22.66
N SER I 195 17.76 22.63 21.52
CA SER I 195 17.05 23.89 21.45
C SER I 195 15.55 23.67 21.59
N GLN I 196 14.88 24.61 22.26
CA GLN I 196 13.50 24.46 22.66
C GLN I 196 12.51 24.98 21.61
N ARG I 197 12.91 25.04 20.34
CA ARG I 197 12.04 25.53 19.28
C ARG I 197 12.06 24.58 18.10
N LEU I 198 10.89 24.24 17.59
CA LEU I 198 10.78 23.44 16.38
C LEU I 198 11.08 24.31 15.16
N TYR I 199 12.02 23.86 14.33
CA TYR I 199 12.43 24.60 13.14
C TYR I 199 11.73 23.98 11.94
N ILE I 200 10.68 24.65 11.48
CA ILE I 200 9.91 24.16 10.33
C ILE I 200 10.64 24.59 9.06
N LEU I 201 11.08 23.62 8.28
CA LEU I 201 11.77 23.90 7.04
C LEU I 201 10.78 24.19 5.93
N LEU I 202 11.12 25.17 5.08
CA LEU I 202 10.26 25.60 3.98
C LEU I 202 11.08 25.60 2.71
N PRO I 203 11.15 24.47 2.00
CA PRO I 203 11.81 24.43 0.69
C PRO I 203 10.95 25.12 -0.34
N LEU I 204 11.43 26.28 -0.82
CA LEU I 204 10.65 27.06 -1.77
C LEU I 204 10.40 26.30 -3.06
N ASP I 205 11.41 25.58 -3.55
CA ASP I 205 11.27 24.81 -4.78
C ASP I 205 10.32 23.62 -4.64
N CYS I 206 9.72 23.42 -3.47
CA CYS I 206 8.73 22.36 -3.22
C CYS I 206 9.31 20.98 -3.46
N GLY I 207 10.63 20.83 -3.31
CA GLY I 207 11.24 19.52 -3.35
C GLY I 207 11.38 18.92 -1.96
N VAL I 208 10.44 18.06 -1.60
CA VAL I 208 10.37 17.53 -0.23
C VAL I 208 10.62 16.03 -0.26
N PRO I 209 11.84 15.58 0.03
CA PRO I 209 12.07 14.14 0.16
C PRO I 209 11.47 13.60 1.45
N ASP I 210 11.15 12.30 1.43
CA ASP I 210 10.64 11.66 2.63
C ASP I 210 11.70 11.56 3.72
N ASN I 211 12.97 11.44 3.32
CA ASN I 211 14.07 11.39 4.26
C ASN I 211 14.76 12.75 4.31
N LEU I 212 14.74 13.38 5.50
CA LEU I 212 15.35 14.69 5.66
C LEU I 212 16.87 14.62 5.59
N SER I 213 17.46 13.51 6.02
CA SER I 213 18.91 13.40 6.06
C SER I 213 19.55 13.46 4.69
N MET I 214 18.80 13.16 3.62
CA MET I 214 19.35 13.20 2.28
C MET I 214 19.57 14.62 1.76
N ALA I 215 18.96 15.62 2.40
CA ALA I 215 19.19 17.00 1.99
C ALA I 215 20.65 17.40 2.17
N ASP I 216 21.26 17.01 3.29
CA ASP I 216 22.65 17.26 3.56
C ASP I 216 23.10 16.21 4.55
N PRO I 217 24.24 15.54 4.33
CA PRO I 217 24.67 14.48 5.23
C PRO I 217 24.92 14.93 6.65
N ASN I 218 25.18 16.21 6.88
CA ASN I 218 25.43 16.70 8.23
C ASN I 218 24.20 16.55 9.12
N ILE I 219 23.02 16.87 8.59
CA ILE I 219 21.77 16.68 9.34
C ILE I 219 21.54 15.18 9.46
N ARG I 220 21.63 14.65 10.68
CA ARG I 220 21.43 13.22 10.87
C ARG I 220 20.46 12.95 12.01
N PHE I 221 19.57 11.98 11.78
CA PHE I 221 18.56 11.61 12.77
C PHE I 221 19.22 11.07 14.03
N LEU I 222 18.69 11.46 15.19
CA LEU I 222 19.24 11.03 16.47
C LEU I 222 18.26 10.21 17.30
N ASP I 223 17.03 10.70 17.48
CA ASP I 223 16.09 10.04 18.39
C ASP I 223 14.68 10.54 18.10
N LYS I 224 13.71 9.63 18.22
CA LYS I 224 12.31 10.03 18.16
C LYS I 224 11.91 10.68 19.47
N LEU I 225 11.44 11.92 19.40
CA LEU I 225 11.12 12.67 20.60
C LEU I 225 9.93 12.02 21.30
N PRO I 226 10.01 11.75 22.60
CA PRO I 226 8.93 11.03 23.28
C PRO I 226 7.66 11.85 23.36
N GLN I 227 6.53 11.14 23.41
CA GLN I 227 5.22 11.78 23.47
C GLN I 227 4.90 12.22 24.90
N ARG I 238 -3.30 12.66 17.60
CA ARG I 238 -2.84 12.94 18.96
C ARG I 238 -1.52 12.23 19.26
N VAL I 239 -1.02 11.50 18.27
CA VAL I 239 0.26 10.81 18.39
C VAL I 239 1.26 11.46 17.45
N TYR I 240 2.01 12.44 17.96
CA TYR I 240 2.96 13.19 17.16
C TYR I 240 4.36 12.65 17.38
N SER I 241 5.02 12.24 16.28
CA SER I 241 6.39 11.75 16.32
C SER I 241 7.26 12.77 15.59
N ASN I 242 8.12 13.45 16.35
CA ASN I 242 9.00 14.48 15.80
C ASN I 242 10.44 13.99 15.96
N SER I 243 11.02 13.51 14.87
CA SER I 243 12.41 13.06 14.89
C SER I 243 13.34 14.25 15.08
N ILE I 244 14.24 14.15 16.05
CA ILE I 244 15.22 15.19 16.29
C ILE I 244 16.47 14.87 15.49
N TYR I 245 17.16 15.91 15.04
CA TYR I 245 18.33 15.75 14.19
C TYR I 245 19.50 16.54 14.77
N GLU I 246 20.67 15.93 14.73
CA GLU I 246 21.91 16.59 15.12
C GLU I 246 22.62 17.13 13.89
N LEU I 247 23.35 18.22 14.09
CA LEU I 247 23.96 19.00 13.01
C LEU I 247 25.48 18.84 13.10
N LEU I 248 26.07 18.17 12.12
CA LEU I 248 27.51 17.95 12.09
C LEU I 248 28.19 19.15 11.44
N GLU I 249 29.06 19.82 12.18
CA GLU I 249 29.87 20.91 11.66
C GLU I 249 31.29 20.40 11.51
N ASN I 250 31.71 20.15 10.26
CA ASN I 250 33.00 19.56 9.95
C ASN I 250 33.19 18.22 10.67
N GLY I 251 32.11 17.45 10.73
CA GLY I 251 32.13 16.15 11.39
C GLY I 251 31.83 16.17 12.87
N GLN I 252 31.67 17.36 13.47
CA GLN I 252 31.39 17.48 14.89
C GLN I 252 30.01 18.09 15.10
N ARG I 253 29.27 17.54 16.06
CA ARG I 253 27.90 17.96 16.31
C ARG I 253 27.91 19.33 17.00
N ALA I 254 27.57 20.37 16.23
CA ALA I 254 27.43 21.70 16.80
C ALA I 254 26.16 21.87 17.62
N GLY I 255 25.26 20.89 17.56
CA GLY I 255 24.02 20.97 18.30
C GLY I 255 23.00 20.02 17.69
N THR I 256 21.77 20.13 18.20
CA THR I 256 20.67 19.32 17.70
C THR I 256 19.38 20.07 17.90
N CYS I 257 18.37 19.71 17.09
CA CYS I 257 17.10 20.42 17.14
C CYS I 257 16.00 19.53 16.58
N VAL I 258 14.77 19.89 16.91
CA VAL I 258 13.59 19.23 16.36
C VAL I 258 13.34 19.82 14.98
N LEU I 259 13.61 19.04 13.93
CA LEU I 259 13.58 19.53 12.57
C LEU I 259 12.59 18.71 11.75
N GLU I 260 11.86 19.39 10.86
CA GLU I 260 10.89 18.72 10.00
C GLU I 260 10.58 19.61 8.82
N TYR I 261 9.95 19.01 7.80
CA TYR I 261 9.55 19.74 6.60
C TYR I 261 8.18 20.36 6.80
N ALA I 262 7.67 20.99 5.73
CA ALA I 262 6.34 21.56 5.70
C ALA I 262 5.51 20.76 4.70
N THR I 263 4.58 19.96 5.20
CA THR I 263 3.79 19.10 4.32
C THR I 263 2.90 19.85 3.32
N PRO I 264 2.37 21.04 3.59
CA PRO I 264 1.62 21.73 2.53
C PRO I 264 2.43 21.98 1.27
N LEU I 265 3.75 22.16 1.39
CA LEU I 265 4.57 22.28 0.18
C LEU I 265 4.58 20.97 -0.60
N GLN I 266 4.63 19.84 0.11
CA GLN I 266 4.54 18.54 -0.56
C GLN I 266 3.20 18.38 -1.26
N THR I 267 2.11 18.80 -0.61
CA THR I 267 0.81 18.75 -1.26
C THR I 267 0.74 19.68 -2.47
N LEU I 268 1.41 20.83 -2.41
CA LEU I 268 1.48 21.71 -3.56
C LEU I 268 2.21 21.05 -4.73
N PHE I 269 3.33 20.38 -4.43
CA PHE I 269 4.06 19.67 -5.48
C PHE I 269 3.22 18.57 -6.09
N ALA I 270 2.54 17.78 -5.25
CA ALA I 270 1.69 16.72 -5.77
C ALA I 270 0.50 17.28 -6.56
N MET I 271 0.01 18.45 -6.17
CA MET I 271 -1.00 19.13 -6.98
C MET I 271 -0.45 19.48 -8.35
N SER I 272 0.77 20.00 -8.40
CA SER I 272 1.39 20.34 -9.68
C SER I 272 1.60 19.12 -10.54
N GLN I 273 1.90 17.96 -9.94
CA GLN I 273 2.12 16.75 -10.72
C GLN I 273 0.84 16.32 -11.45
N TYR I 274 -0.31 16.39 -10.78
CA TYR I 274 -1.54 15.86 -11.36
C TYR I 274 -2.06 16.77 -12.46
N SER I 275 -2.98 16.21 -13.27
CA SER I 275 -3.56 16.92 -14.39
C SER I 275 -4.97 17.44 -14.10
N GLN I 276 -5.58 17.04 -12.99
CA GLN I 276 -6.89 17.56 -12.59
C GLN I 276 -6.77 18.75 -11.66
N ALA I 277 -5.68 19.51 -11.76
CA ALA I 277 -5.45 20.67 -10.90
C ALA I 277 -5.37 21.98 -11.66
N GLY I 278 -4.85 21.96 -12.89
CA GLY I 278 -4.60 23.20 -13.61
C GLY I 278 -3.63 24.07 -12.85
N PHE I 279 -2.55 23.46 -12.39
CA PHE I 279 -1.66 24.09 -11.40
C PHE I 279 -0.23 23.81 -11.84
N SER I 280 0.38 24.77 -12.54
CA SER I 280 1.66 24.57 -13.19
C SER I 280 2.82 24.90 -12.27
N ARG I 281 4.04 24.68 -12.76
CA ARG I 281 5.23 24.89 -11.93
C ARG I 281 5.41 26.35 -11.57
N GLU I 282 5.12 27.26 -12.50
CA GLU I 282 5.15 28.68 -12.17
C GLU I 282 4.17 29.00 -11.06
N ASP I 283 2.93 28.53 -11.21
CA ASP I 283 1.93 28.72 -10.16
C ASP I 283 2.34 27.99 -8.88
N ARG I 284 2.99 26.84 -9.01
CA ARG I 284 3.43 26.11 -7.83
C ARG I 284 4.45 26.91 -7.03
N LEU I 285 5.42 27.52 -7.71
CA LEU I 285 6.40 28.33 -7.00
C LEU I 285 5.77 29.58 -6.42
N GLU I 286 4.87 30.22 -7.17
CA GLU I 286 4.16 31.39 -6.65
C GLU I 286 3.40 31.04 -5.37
N GLN I 287 2.68 29.93 -5.38
CA GLN I 287 1.93 29.52 -4.20
C GLN I 287 2.85 29.08 -3.07
N ALA I 288 4.01 28.50 -3.38
CA ALA I 288 4.94 28.14 -2.31
C ALA I 288 5.43 29.39 -1.60
N LYS I 289 5.80 30.42 -2.35
CA LYS I 289 6.24 31.68 -1.74
C LYS I 289 5.10 32.31 -0.93
N LEU I 290 3.90 32.34 -1.50
CA LEU I 290 2.77 32.95 -0.81
C LEU I 290 2.41 32.19 0.46
N PHE I 291 2.49 30.85 0.42
CA PHE I 291 2.23 30.05 1.60
C PHE I 291 3.27 30.31 2.69
N CYS I 292 4.54 30.41 2.30
CA CYS I 292 5.56 30.72 3.29
C CYS I 292 5.31 32.07 3.94
N ARG I 293 4.97 33.08 3.14
CA ARG I 293 4.71 34.41 3.70
C ARG I 293 3.48 34.39 4.62
N THR I 294 2.42 33.72 4.20
CA THR I 294 1.20 33.68 5.01
C THR I 294 1.44 32.93 6.32
N LEU I 295 2.18 31.83 6.27
CA LEU I 295 2.49 31.11 7.50
C LEU I 295 3.37 31.96 8.41
N GLU I 296 4.29 32.73 7.84
CA GLU I 296 5.08 33.66 8.64
C GLU I 296 4.16 34.64 9.37
N ASP I 297 3.21 35.21 8.64
CA ASP I 297 2.27 36.16 9.26
C ASP I 297 1.49 35.51 10.39
N ILE I 298 0.92 34.33 10.13
CA ILE I 298 0.07 33.67 11.14
C ILE I 298 0.89 33.31 12.38
N LEU I 299 2.09 32.75 12.18
CA LEU I 299 2.92 32.40 13.33
C LEU I 299 3.40 33.64 14.08
N ALA I 300 3.65 34.74 13.38
CA ALA I 300 4.04 35.98 14.04
C ALA I 300 2.91 36.49 14.93
N ASP I 301 1.67 36.41 14.44
CA ASP I 301 0.52 36.92 15.19
C ASP I 301 -0.27 35.83 15.89
N ALA I 302 0.37 34.71 16.25
CA ALA I 302 -0.39 33.69 16.97
C ALA I 302 0.00 33.67 18.44
N PRO I 303 -0.93 33.30 19.34
CA PRO I 303 -0.58 33.23 20.76
C PRO I 303 0.27 32.02 21.10
N GLU I 304 0.01 30.89 20.42
CA GLU I 304 0.81 29.70 20.64
C GLU I 304 2.26 29.91 20.22
N SER I 305 2.46 30.55 19.07
CA SER I 305 3.81 30.78 18.54
C SER I 305 4.37 32.04 19.18
N GLN I 306 4.92 31.87 20.38
CA GLN I 306 5.59 32.95 21.11
C GLN I 306 6.93 32.37 21.60
N ASN I 307 7.99 32.61 20.83
CA ASN I 307 9.29 31.98 21.05
C ASN I 307 9.16 30.44 21.04
N ASN I 308 8.28 29.93 20.18
CA ASN I 308 7.94 28.52 20.16
C ASN I 308 8.42 27.81 18.91
N CYS I 309 8.08 28.32 17.72
CA CYS I 309 8.48 27.71 16.46
C CYS I 309 9.18 28.74 15.58
N ARG I 310 10.11 28.25 14.77
CA ARG I 310 10.91 29.11 13.90
C ARG I 310 10.83 28.60 12.47
N LEU I 311 10.49 29.49 11.54
CA LEU I 311 10.40 29.13 10.13
C LEU I 311 11.75 29.35 9.46
N ILE I 312 12.18 28.35 8.70
CA ILE I 312 13.46 28.40 7.99
C ILE I 312 13.15 28.17 6.51
N ALA I 313 12.96 29.26 5.77
CA ALA I 313 12.68 29.17 4.35
C ALA I 313 13.97 29.19 3.55
N TYR I 314 14.07 28.32 2.55
CA TYR I 314 15.29 28.22 1.76
C TYR I 314 14.97 27.72 0.37
N GLN I 315 15.73 28.20 -0.61
CA GLN I 315 15.64 27.77 -2.00
C GLN I 315 17.00 27.24 -2.44
N GLU I 316 17.01 26.02 -2.97
CA GLU I 316 18.26 25.42 -3.40
C GLU I 316 18.70 26.03 -4.73
N PRO I 317 19.92 26.58 -4.82
CA PRO I 317 20.43 27.21 -6.04
C PRO I 317 20.94 26.19 -7.05
N PHE I 323 25.60 26.04 -0.93
CA PHE I 323 24.47 26.03 -0.01
C PHE I 323 24.33 24.70 0.72
N SER I 324 24.25 24.76 2.04
CA SER I 324 23.98 23.60 2.88
C SER I 324 22.92 23.97 3.90
N LEU I 325 21.98 23.05 4.13
CA LEU I 325 20.88 23.32 5.06
C LEU I 325 21.39 23.53 6.48
N SER I 326 22.42 22.78 6.87
CA SER I 326 22.93 22.85 8.23
C SER I 326 23.42 24.25 8.57
N GLN I 327 24.00 24.95 7.60
CA GLN I 327 24.50 26.29 7.88
C GLN I 327 23.38 27.25 8.24
N GLU I 328 22.27 27.22 7.48
CA GLU I 328 21.15 28.09 7.80
C GLU I 328 20.48 27.68 9.11
N VAL I 329 20.32 26.38 9.34
CA VAL I 329 19.73 25.93 10.60
C VAL I 329 20.58 26.40 11.78
N LEU I 330 21.90 26.33 11.64
CA LEU I 330 22.79 26.75 12.72
C LEU I 330 22.77 28.27 12.90
N ARG I 331 22.77 29.03 11.82
CA ARG I 331 22.75 30.48 11.95
C ARG I 331 21.44 30.95 12.56
N HIS I 332 20.35 30.22 12.35
CA HIS I 332 19.11 30.52 13.06
C HIS I 332 19.15 30.03 14.50
N LEU I 333 19.90 28.95 14.77
CA LEU I 333 20.04 28.46 16.13
C LEU I 333 20.73 29.49 17.02
N SER J 5 -27.46 16.84 -8.82
CA SER J 5 -26.10 16.34 -8.68
C SER J 5 -25.79 15.97 -7.23
N LEU J 6 -24.71 16.52 -6.69
CA LEU J 6 -24.36 16.27 -5.30
C LEU J 6 -25.43 16.83 -4.35
N HIS J 7 -25.90 18.04 -4.63
CA HIS J 7 -26.93 18.68 -3.83
C HIS J 7 -27.52 19.82 -4.64
N PRO J 8 -28.83 20.10 -4.50
CA PRO J 8 -29.41 21.21 -5.27
C PRO J 8 -28.76 22.55 -4.99
N SER J 9 -28.28 22.79 -3.77
CA SER J 9 -27.68 24.07 -3.43
C SER J 9 -26.29 24.24 -4.03
N ILE J 10 -25.59 23.15 -4.29
CA ILE J 10 -24.24 23.21 -4.84
C ILE J 10 -24.29 23.82 -6.24
N PRO J 11 -23.57 24.91 -6.49
CA PRO J 11 -23.64 25.55 -7.81
C PRO J 11 -22.94 24.71 -8.86
N CYS J 12 -23.66 24.42 -9.95
CA CYS J 12 -23.07 23.74 -11.08
C CYS J 12 -22.06 24.66 -11.76
N PRO J 13 -21.13 24.10 -12.52
CA PRO J 13 -20.15 24.94 -13.22
C PRO J 13 -20.85 25.94 -14.14
N ARG J 14 -20.24 27.12 -14.26
CA ARG J 14 -20.87 28.23 -14.96
C ARG J 14 -21.20 27.86 -16.40
N GLY J 15 -22.44 28.15 -16.80
CA GLY J 15 -22.86 27.91 -18.17
C GLY J 15 -22.46 29.05 -19.08
N HIS J 16 -22.85 28.91 -20.35
CA HIS J 16 -22.56 29.89 -21.38
C HIS J 16 -23.72 30.87 -21.60
N GLY J 17 -24.48 31.15 -20.54
CA GLY J 17 -25.56 32.13 -20.66
C GLY J 17 -25.06 33.51 -21.00
N ALA J 18 -23.82 33.84 -20.62
CA ALA J 18 -23.23 35.11 -21.01
C ALA J 18 -23.07 35.19 -22.52
N GLN J 19 -22.68 34.09 -23.16
CA GLN J 19 -22.57 34.09 -24.62
C GLN J 19 -23.93 34.25 -25.29
N LYS J 20 -24.96 33.62 -24.74
CA LYS J 20 -26.31 33.80 -25.29
C LYS J 20 -26.77 35.24 -25.12
N ALA J 21 -26.48 35.85 -23.97
CA ALA J 21 -26.82 37.25 -23.77
C ALA J 21 -26.07 38.15 -24.75
N ALA J 22 -24.79 37.85 -24.99
CA ALA J 22 -24.01 38.62 -25.94
C ALA J 22 -24.59 38.50 -27.34
N LEU J 23 -25.00 37.29 -27.73
CA LEU J 23 -25.62 37.10 -29.04
C LEU J 23 -26.92 37.88 -29.16
N VAL J 24 -27.76 37.84 -28.11
CA VAL J 24 -29.03 38.56 -28.14
C VAL J 24 -28.79 40.06 -28.24
N LEU J 25 -27.83 40.57 -27.45
CA LEU J 25 -27.53 42.00 -27.48
C LEU J 25 -26.96 42.41 -28.84
N LEU J 26 -26.11 41.57 -29.43
CA LEU J 26 -25.58 41.86 -30.75
C LEU J 26 -26.68 41.90 -31.79
N SER J 27 -27.63 40.96 -31.71
CA SER J 27 -28.76 40.97 -32.64
C SER J 27 -29.59 42.24 -32.48
N ALA J 28 -29.86 42.63 -31.23
CA ALA J 28 -30.64 43.84 -30.99
C ALA J 28 -29.91 45.08 -31.50
N CYS J 29 -28.59 45.15 -31.27
CA CYS J 29 -27.82 46.30 -31.74
C CYS J 29 -27.80 46.36 -33.26
N LEU J 30 -27.64 45.21 -33.93
CA LEU J 30 -27.69 45.20 -35.39
C LEU J 30 -29.06 45.65 -35.88
N VAL J 31 -30.12 45.18 -35.23
CA VAL J 31 -31.48 45.56 -35.64
C VAL J 31 -31.68 47.06 -35.51
N THR J 32 -31.25 47.64 -34.39
CA THR J 32 -31.50 49.06 -34.18
C THR J 32 -30.62 49.93 -35.08
N LEU J 33 -29.36 49.49 -35.32
CA LEU J 33 -28.51 50.23 -36.26
C LEU J 33 -29.07 50.18 -37.68
N TRP J 34 -29.61 49.03 -38.09
CA TRP J 34 -30.25 48.95 -39.39
C TRP J 34 -31.51 49.82 -39.44
N GLY J 35 -32.25 49.87 -38.34
CA GLY J 35 -33.45 50.70 -38.31
C GLY J 35 -33.16 52.18 -38.43
N LEU J 36 -32.17 52.68 -37.66
CA LEU J 36 -31.83 54.09 -37.73
C LEU J 36 -31.30 54.48 -39.11
N GLY J 37 -30.43 53.65 -39.69
CA GLY J 37 -29.98 53.88 -41.04
C GLY J 37 -29.08 55.09 -41.22
N GLU J 38 -27.88 55.04 -40.67
CA GLU J 38 -26.89 56.10 -40.83
C GLU J 38 -25.65 55.55 -41.55
N PRO J 39 -24.98 56.38 -42.36
CA PRO J 39 -23.81 55.90 -43.10
C PRO J 39 -22.77 55.28 -42.17
N PRO J 40 -22.13 54.18 -42.60
CA PRO J 40 -21.28 53.42 -41.68
C PRO J 40 -19.87 53.95 -41.51
N GLU J 41 -19.45 54.94 -42.30
CA GLU J 41 -18.12 55.51 -42.10
C GLU J 41 -18.02 56.20 -40.75
N HIS J 42 -19.05 56.97 -40.37
CA HIS J 42 -19.06 57.62 -39.07
C HIS J 42 -19.07 56.59 -37.95
N THR J 43 -19.87 55.52 -38.11
CA THR J 43 -19.90 54.47 -37.11
C THR J 43 -18.54 53.81 -36.96
N LEU J 44 -17.88 53.53 -38.07
CA LEU J 44 -16.56 52.90 -38.02
C LEU J 44 -15.55 53.81 -37.33
N ARG J 45 -15.56 55.11 -37.67
CA ARG J 45 -14.63 56.03 -37.04
C ARG J 45 -14.88 56.12 -35.54
N TYR J 46 -16.15 56.23 -35.14
CA TYR J 46 -16.48 56.35 -33.73
C TYR J 46 -16.09 55.10 -32.96
N LEU J 47 -16.35 53.92 -33.53
CA LEU J 47 -16.00 52.68 -32.84
C LEU J 47 -14.48 52.50 -32.75
N VAL J 48 -13.76 52.84 -33.82
CA VAL J 48 -12.30 52.75 -33.77
C VAL J 48 -11.75 53.69 -32.71
N LEU J 49 -12.31 54.90 -32.62
CA LEU J 49 -11.89 55.83 -31.57
C LEU J 49 -12.21 55.28 -30.18
N HIS J 50 -13.35 54.61 -30.04
CA HIS J 50 -13.71 54.04 -28.74
C HIS J 50 -12.72 52.96 -28.32
N LEU J 51 -12.39 52.04 -29.23
CA LEU J 51 -11.38 51.03 -28.88
C LEU J 51 -10.01 51.65 -28.66
N ALA J 52 -9.68 52.72 -29.39
CA ALA J 52 -8.40 53.39 -29.16
C ALA J 52 -8.36 53.99 -27.76
N SER J 53 -9.45 54.61 -27.31
CA SER J 53 -9.49 55.16 -25.97
C SER J 53 -9.41 54.07 -24.93
N LEU J 54 -10.10 52.94 -25.15
CA LEU J 54 -10.04 51.82 -24.22
C LEU J 54 -8.62 51.26 -24.13
N GLN J 55 -7.95 51.12 -25.27
CA GLN J 55 -6.58 50.61 -25.26
C GLN J 55 -5.63 51.58 -24.57
N LEU J 56 -5.83 52.88 -24.78
CA LEU J 56 -5.00 53.87 -24.08
C LEU J 56 -5.23 53.82 -22.58
N GLY J 57 -6.48 53.63 -22.15
CA GLY J 57 -6.76 53.46 -20.74
C GLY J 57 -6.11 52.22 -20.15
N LEU J 58 -6.16 51.12 -20.90
CA LEU J 58 -5.48 49.90 -20.46
C LEU J 58 -3.97 50.13 -20.37
N LEU J 59 -3.41 50.88 -21.31
CA LEU J 59 -1.98 51.19 -21.27
C LEU J 59 -1.62 52.02 -20.04
N LEU J 60 -2.45 53.02 -19.72
CA LEU J 60 -2.19 53.82 -18.53
C LEU J 60 -2.32 53.00 -17.26
N ASN J 61 -3.32 52.11 -17.19
CA ASN J 61 -3.43 51.21 -16.05
C ASN J 61 -2.21 50.31 -15.94
N GLY J 62 -1.72 49.81 -17.07
CA GLY J 62 -0.51 49.01 -17.04
C GLY J 62 0.72 49.80 -16.61
N VAL J 63 0.78 51.07 -17.00
CA VAL J 63 1.87 51.93 -16.55
C VAL J 63 1.84 52.10 -15.03
N CYS J 64 0.65 52.33 -14.48
CA CYS J 64 0.52 52.44 -13.03
C CYS J 64 0.90 51.13 -12.34
N SER J 65 0.46 50.00 -12.91
CA SER J 65 0.83 48.70 -12.33
C SER J 65 2.33 48.46 -12.42
N LEU J 66 2.97 48.95 -13.48
CA LEU J 66 4.42 48.86 -13.59
C LEU J 66 5.11 49.68 -12.51
N ALA J 67 4.61 50.89 -12.26
CA ALA J 67 5.15 51.71 -11.18
C ALA J 67 4.95 51.03 -9.83
N GLU J 68 3.87 50.26 -9.68
CA GLU J 68 3.66 49.51 -8.45
C GLU J 68 4.63 48.34 -8.34
N GLU J 69 4.83 47.61 -9.44
CA GLU J 69 5.66 46.41 -9.44
C GLU J 69 7.15 46.71 -9.55
N LEU J 70 7.53 47.98 -9.69
CA LEU J 70 8.96 48.32 -9.69
C LEU J 70 9.66 47.86 -8.42
N ARG J 71 8.92 47.74 -7.32
CA ARG J 71 9.51 47.30 -6.05
C ARG J 71 9.34 45.81 -5.79
N HIS J 72 8.56 45.10 -6.61
CA HIS J 72 8.42 43.65 -6.49
C HIS J 72 9.02 42.89 -7.67
N ILE J 73 9.65 43.60 -8.62
CA ILE J 73 10.23 42.94 -9.79
C ILE J 73 11.28 41.92 -9.38
N HIS J 74 12.11 42.26 -8.38
CA HIS J 74 13.25 41.41 -8.05
C HIS J 74 12.85 40.13 -7.30
N SER J 75 11.63 40.06 -6.77
CA SER J 75 11.18 38.89 -6.02
C SER J 75 10.06 38.13 -6.71
N ARG J 76 9.05 38.83 -7.24
CA ARG J 76 7.95 38.15 -7.91
C ARG J 76 8.36 37.58 -9.25
N TYR J 77 9.09 38.36 -10.05
CA TYR J 77 9.37 38.03 -11.44
C TYR J 77 10.84 37.72 -11.70
N ARG J 78 11.54 37.22 -10.68
CA ARG J 78 12.92 36.75 -10.81
C ARG J 78 13.87 37.88 -11.21
N GLY J 79 13.47 39.12 -10.98
CA GLY J 79 14.30 40.26 -11.37
C GLY J 79 14.45 40.43 -12.86
N SER J 80 13.37 40.26 -13.62
CA SER J 80 13.38 40.44 -15.07
C SER J 80 12.31 41.45 -15.45
N TYR J 81 12.68 42.44 -16.26
CA TYR J 81 11.73 43.47 -16.64
C TYR J 81 10.70 42.95 -17.64
N TRP J 82 11.06 41.97 -18.46
CA TRP J 82 10.12 41.42 -19.43
C TRP J 82 8.90 40.82 -18.73
N ARG J 83 9.13 40.03 -17.68
CA ARG J 83 8.03 39.42 -16.95
C ARG J 83 7.16 40.48 -16.29
N THR J 84 7.78 41.52 -15.72
CA THR J 84 7.00 42.57 -15.07
C THR J 84 6.13 43.31 -16.07
N VAL J 85 6.69 43.65 -17.23
CA VAL J 85 5.92 44.36 -18.25
C VAL J 85 4.79 43.48 -18.77
N ARG J 86 5.06 42.20 -18.98
CA ARG J 86 4.02 41.28 -19.43
C ARG J 86 2.91 41.16 -18.38
N ALA J 87 3.28 41.09 -17.10
CA ALA J 87 2.26 40.98 -16.05
C ALA J 87 1.40 42.24 -15.99
N CYS J 88 2.02 43.42 -16.08
CA CYS J 88 1.26 44.66 -15.96
C CYS J 88 0.50 45.02 -17.22
N LEU J 89 0.87 44.50 -18.39
CA LEU J 89 0.26 44.91 -19.65
C LEU J 89 -0.21 43.73 -20.50
N GLY J 90 -0.37 42.55 -19.90
CA GLY J 90 -0.78 41.42 -20.69
C GLY J 90 0.32 40.94 -21.63
N CYS J 91 -0.09 40.21 -22.66
CA CYS J 91 0.88 39.67 -23.61
C CYS J 91 1.65 40.82 -24.25
N PRO J 92 2.98 40.78 -24.26
CA PRO J 92 3.76 41.93 -24.74
C PRO J 92 3.54 42.22 -26.22
N LEU J 93 3.73 41.21 -27.06
CA LEU J 93 3.63 41.41 -28.51
C LEU J 93 2.20 41.79 -28.91
N ARG J 94 1.20 41.04 -28.43
CA ARG J 94 -0.17 41.27 -28.83
C ARG J 94 -0.67 42.64 -28.37
N ARG J 95 -0.47 42.94 -27.09
CA ARG J 95 -0.93 44.23 -26.57
C ARG J 95 -0.16 45.39 -27.19
N GLY J 96 1.15 45.22 -27.41
CA GLY J 96 1.91 46.26 -28.08
C GLY J 96 1.42 46.53 -29.49
N ALA J 97 1.16 45.47 -30.26
CA ALA J 97 0.64 45.66 -31.61
C ALA J 97 -0.73 46.32 -31.58
N LEU J 98 -1.59 45.90 -30.65
CA LEU J 98 -2.92 46.50 -30.56
C LEU J 98 -2.83 47.99 -30.22
N LEU J 99 -1.97 48.35 -29.26
CA LEU J 99 -1.80 49.75 -28.89
C LEU J 99 -1.21 50.57 -30.05
N LEU J 100 -0.24 50.01 -30.76
CA LEU J 100 0.33 50.74 -31.90
C LEU J 100 -0.70 50.96 -32.99
N LEU J 101 -1.50 49.93 -33.30
CA LEU J 101 -2.55 50.08 -34.31
C LEU J 101 -3.60 51.10 -33.86
N SER J 102 -3.99 51.05 -32.58
CA SER J 102 -4.97 52.01 -32.07
C SER J 102 -4.42 53.43 -32.13
N ILE J 103 -3.15 53.62 -31.79
CA ILE J 103 -2.55 54.95 -31.84
C ILE J 103 -2.48 55.45 -33.28
N TYR J 104 -2.11 54.57 -34.21
CA TYR J 104 -2.04 54.97 -35.61
C TYR J 104 -3.40 55.38 -36.14
N PHE J 105 -4.44 54.60 -35.84
CA PHE J 105 -5.78 54.95 -36.27
C PHE J 105 -6.27 56.22 -35.60
N TYR J 106 -5.96 56.39 -34.32
CA TYR J 106 -6.38 57.58 -33.58
C TYR J 106 -5.75 58.84 -34.15
N TYR J 107 -4.46 58.79 -34.49
CA TYR J 107 -3.81 59.93 -35.12
C TYR J 107 -4.35 60.16 -36.53
N SER J 108 -4.58 59.08 -37.29
CA SER J 108 -5.07 59.23 -38.66
C SER J 108 -6.50 59.76 -38.67
N LEU J 109 -7.38 59.19 -37.85
CA LEU J 109 -8.77 59.62 -37.82
C LEU J 109 -8.86 61.01 -37.19
N PRO J 110 -9.57 61.95 -37.83
CA PRO J 110 -9.73 63.31 -37.31
C PRO J 110 -10.62 63.37 -36.07
N PRO J 116 -8.34 69.29 -31.30
CA PRO J 116 -7.31 69.10 -30.28
C PRO J 116 -6.61 67.75 -30.41
N PHE J 117 -5.29 67.74 -30.20
CA PHE J 117 -4.50 66.51 -30.30
C PHE J 117 -3.92 66.10 -28.96
N THR J 118 -3.19 66.98 -28.28
CA THR J 118 -2.64 66.65 -26.97
C THR J 118 -3.63 66.92 -25.84
N TRP J 119 -4.60 67.81 -26.06
CA TRP J 119 -5.61 68.07 -25.05
C TRP J 119 -6.45 66.82 -24.78
N MET J 120 -6.80 66.09 -25.83
CA MET J 120 -7.54 64.84 -25.65
C MET J 120 -6.71 63.83 -24.87
N LEU J 121 -5.41 63.74 -25.16
CA LEU J 121 -4.54 62.84 -24.40
C LEU J 121 -4.47 63.22 -22.93
N ALA J 122 -4.36 64.53 -22.65
CA ALA J 122 -4.33 64.97 -21.25
C ALA J 122 -5.64 64.65 -20.55
N LEU J 123 -6.78 64.86 -21.23
CA LEU J 123 -8.07 64.54 -20.64
C LEU J 123 -8.20 63.04 -20.37
N LEU J 124 -7.74 62.21 -21.30
CA LEU J 124 -7.79 60.77 -21.10
C LEU J 124 -6.91 60.34 -19.93
N GLY J 125 -5.72 60.94 -19.82
CA GLY J 125 -4.86 60.63 -18.69
C GLY J 125 -5.48 61.02 -17.36
N LEU J 126 -6.09 62.20 -17.31
CA LEU J 126 -6.78 62.63 -16.10
C LEU J 126 -7.93 61.68 -15.75
N SER J 127 -8.71 61.27 -16.76
CA SER J 127 -9.82 60.37 -16.52
C SER J 127 -9.33 59.02 -15.99
N GLN J 128 -8.25 58.50 -16.57
CA GLN J 128 -7.72 57.21 -16.10
C GLN J 128 -7.13 57.32 -14.70
N ALA J 129 -6.47 58.44 -14.39
CA ALA J 129 -5.96 58.64 -13.04
C ALA J 129 -7.09 58.70 -12.03
N LEU J 130 -8.17 59.41 -12.36
CA LEU J 130 -9.32 59.46 -11.47
C LEU J 130 -9.96 58.09 -11.31
N ASN J 131 -10.05 57.32 -12.40
CA ASN J 131 -10.62 55.98 -12.32
C ASN J 131 -9.78 55.08 -11.42
N ILE J 132 -8.46 55.16 -11.54
CA ILE J 132 -7.60 54.31 -10.73
C ILE J 132 -7.65 54.73 -9.26
N LEU J 133 -7.58 56.02 -8.99
CA LEU J 133 -7.52 56.50 -7.61
C LEU J 133 -8.84 56.28 -6.88
N LEU J 134 -9.91 56.91 -7.36
CA LEU J 134 -11.20 56.75 -6.70
C LEU J 134 -11.72 55.33 -6.81
N GLY J 135 -11.58 54.70 -7.97
CA GLY J 135 -12.05 53.34 -8.16
C GLY J 135 -13.45 53.26 -8.74
N LEU J 136 -13.71 54.04 -9.79
CA LEU J 136 -15.03 54.03 -10.41
C LEU J 136 -15.30 52.71 -11.12
N LYS J 137 -14.33 52.23 -11.91
CA LYS J 137 -14.50 50.99 -12.67
C LYS J 137 -14.11 49.78 -11.81
N GLY J 138 -14.85 49.62 -10.72
CA GLY J 138 -14.61 48.49 -9.84
C GLY J 138 -15.06 47.18 -10.45
N LEU J 139 -14.44 46.10 -9.98
CA LEU J 139 -14.76 44.76 -10.45
C LEU J 139 -15.95 44.22 -9.67
N ALA J 140 -17.00 43.83 -10.38
CA ALA J 140 -18.18 43.29 -9.73
C ALA J 140 -17.86 41.95 -9.07
N PRO J 141 -18.50 41.65 -7.94
CA PRO J 141 -18.22 40.38 -7.25
C PRO J 141 -18.46 39.15 -8.12
N ALA J 142 -19.48 39.17 -8.97
CA ALA J 142 -19.73 38.03 -9.84
C ALA J 142 -18.60 37.82 -10.82
N GLU J 143 -18.07 38.91 -11.40
CA GLU J 143 -16.94 38.79 -12.32
C GLU J 143 -15.71 38.25 -11.61
N ILE J 144 -15.45 38.73 -10.38
CA ILE J 144 -14.31 38.24 -9.62
C ILE J 144 -14.45 36.75 -9.32
N SER J 145 -15.66 36.33 -8.90
CA SER J 145 -15.87 34.92 -8.62
C SER J 145 -15.69 34.06 -9.87
N ALA J 146 -16.24 34.52 -11.00
CA ALA J 146 -16.09 33.76 -12.24
C ALA J 146 -14.63 33.65 -12.66
N VAL J 147 -13.88 34.75 -12.58
CA VAL J 147 -12.48 34.73 -12.98
C VAL J 147 -11.68 33.82 -12.06
N CYS J 148 -11.91 33.91 -10.75
CA CYS J 148 -11.18 33.08 -9.80
C CYS J 148 -11.50 31.60 -10.01
N GLU J 149 -12.76 31.27 -10.25
CA GLU J 149 -13.13 29.88 -10.50
C GLU J 149 -12.52 29.37 -11.79
N LYS J 150 -12.52 30.19 -12.84
CA LYS J 150 -11.94 29.76 -14.11
C LYS J 150 -10.44 29.55 -13.98
N GLY J 151 -9.75 30.42 -13.25
CA GLY J 151 -8.32 30.32 -13.05
C GLY J 151 -7.90 29.52 -11.84
N ASN J 152 -8.83 28.83 -11.18
CA ASN J 152 -8.55 28.02 -9.99
C ASN J 152 -7.91 28.86 -8.88
N PHE J 153 -8.31 30.12 -8.79
CA PHE J 153 -7.84 31.00 -7.73
C PHE J 153 -8.86 31.04 -6.59
N ASN J 154 -9.11 29.88 -5.99
CA ASN J 154 -10.05 29.76 -4.90
C ASN J 154 -9.45 28.90 -3.78
N VAL J 155 -9.84 29.23 -2.54
CA VAL J 155 -9.31 28.53 -1.37
C VAL J 155 -9.82 27.10 -1.32
N ALA J 156 -11.09 26.89 -1.68
CA ALA J 156 -11.68 25.57 -1.58
C ALA J 156 -10.94 24.56 -2.46
N HIS J 157 -10.49 24.99 -3.63
CA HIS J 157 -9.74 24.10 -4.51
C HIS J 157 -8.49 23.57 -3.82
N GLY J 158 -7.70 24.48 -3.23
CA GLY J 158 -6.50 24.06 -2.53
C GLY J 158 -6.80 23.18 -1.34
N LEU J 159 -7.83 23.53 -0.56
CA LEU J 159 -8.17 22.72 0.61
C LEU J 159 -8.59 21.31 0.21
N ALA J 160 -9.42 21.19 -0.82
CA ALA J 160 -9.87 19.87 -1.25
C ALA J 160 -8.73 19.05 -1.83
N TRP J 161 -7.87 19.68 -2.63
CA TRP J 161 -6.75 18.93 -3.20
C TRP J 161 -5.80 18.46 -2.11
N SER J 162 -5.53 19.29 -1.12
CA SER J 162 -4.70 18.86 0.00
C SER J 162 -5.36 17.74 0.79
N TYR J 163 -6.68 17.82 0.97
CA TYR J 163 -7.41 16.77 1.66
C TYR J 163 -7.27 15.44 0.93
N TYR J 164 -7.41 15.46 -0.40
CA TYR J 164 -7.27 14.24 -1.17
C TYR J 164 -5.84 13.71 -1.11
N ILE J 165 -4.85 14.59 -1.28
CA ILE J 165 -3.47 14.14 -1.38
C ILE J 165 -2.95 13.61 -0.05
N GLY J 166 -3.35 14.23 1.06
CA GLY J 166 -2.77 13.90 2.34
C GLY J 166 -3.46 12.77 3.10
N TYR J 167 -4.78 12.76 3.10
CA TYR J 167 -5.54 11.82 3.92
C TYR J 167 -6.30 10.79 3.10
N LEU J 168 -7.11 11.22 2.13
CA LEU J 168 -7.95 10.28 1.40
C LEU J 168 -7.10 9.29 0.61
N ARG J 169 -6.09 9.78 -0.10
CA ARG J 169 -5.27 8.92 -0.95
C ARG J 169 -4.51 7.89 -0.12
N LEU J 170 -4.30 8.14 1.17
CA LEU J 170 -3.52 7.25 2.02
C LEU J 170 -4.36 6.26 2.81
N ILE J 171 -5.68 6.44 2.88
CA ILE J 171 -6.51 5.55 3.68
C ILE J 171 -7.53 4.81 2.82
N LEU J 172 -7.92 5.41 1.68
CA LEU J 172 -8.88 4.73 0.81
C LEU J 172 -8.39 3.38 0.30
N PRO J 173 -7.14 3.21 -0.15
CA PRO J 173 -6.71 1.86 -0.57
C PRO J 173 -6.83 0.81 0.53
N GLU J 174 -6.55 1.16 1.78
CA GLU J 174 -6.58 0.21 2.88
C GLU J 174 -7.90 0.21 3.65
N LEU J 175 -8.80 1.14 3.34
CA LEU J 175 -10.08 1.20 4.05
C LEU J 175 -10.90 -0.07 3.81
N GLN J 176 -10.97 -0.51 2.55
CA GLN J 176 -11.75 -1.70 2.24
C GLN J 176 -11.13 -2.94 2.88
N ALA J 177 -9.80 -3.03 2.88
CA ALA J 177 -9.13 -4.16 3.53
C ALA J 177 -9.40 -4.18 5.02
N ARG J 178 -9.33 -3.03 5.68
CA ARG J 178 -9.61 -2.98 7.11
C ARG J 178 -11.06 -3.30 7.40
N ILE J 179 -11.99 -2.83 6.55
CA ILE J 179 -13.40 -3.13 6.74
C ILE J 179 -13.65 -4.63 6.58
N ARG J 180 -13.04 -5.25 5.58
CA ARG J 180 -13.19 -6.69 5.40
C ARG J 180 -12.59 -7.47 6.58
N THR J 181 -11.45 -7.02 7.10
CA THR J 181 -10.88 -7.67 8.27
C THR J 181 -11.81 -7.56 9.47
N TYR J 182 -12.42 -6.38 9.66
CA TYR J 182 -13.39 -6.21 10.74
C TYR J 182 -14.61 -7.11 10.54
N ASN J 183 -15.05 -7.26 9.30
CA ASN J 183 -16.22 -8.09 9.02
C ASN J 183 -15.92 -9.57 9.26
N GLN J 184 -14.72 -10.02 8.90
CA GLN J 184 -14.34 -11.40 9.19
C GLN J 184 -13.86 -11.61 10.61
N HIS J 185 -13.73 -10.54 11.40
CA HIS J 185 -13.38 -10.67 12.81
C HIS J 185 -14.58 -10.55 13.74
N TYR J 186 -15.68 -9.95 13.28
CA TYR J 186 -16.87 -9.79 14.11
C TYR J 186 -18.10 -9.79 13.22
N ASN J 187 -19.24 -10.11 13.83
CA ASN J 187 -20.51 -10.18 13.11
C ASN J 187 -21.59 -9.57 14.00
N ASN J 188 -22.85 -9.81 13.66
CA ASN J 188 -23.98 -9.29 14.42
C ASN J 188 -23.95 -9.77 15.86
N GLY J 192 -25.54 -7.08 11.59
CA GLY J 192 -24.58 -6.00 11.75
C GLY J 192 -23.45 -6.02 10.74
N ALA J 193 -23.75 -5.58 9.52
CA ALA J 193 -22.79 -5.53 8.43
C ALA J 193 -22.43 -4.09 8.13
N VAL J 194 -21.15 -3.76 8.20
CA VAL J 194 -20.68 -2.41 7.93
C VAL J 194 -20.53 -2.21 6.42
N SER J 195 -20.91 -1.03 5.95
CA SER J 195 -20.78 -0.72 4.53
C SER J 195 -19.31 -0.52 4.17
N GLN J 196 -18.96 -0.94 2.96
CA GLN J 196 -17.59 -0.85 2.47
C GLN J 196 -17.25 0.51 1.88
N ARG J 197 -18.03 1.54 2.17
CA ARG J 197 -17.80 2.88 1.66
C ARG J 197 -17.66 3.86 2.81
N LEU J 198 -16.63 4.70 2.74
CA LEU J 198 -16.45 5.76 3.72
C LEU J 198 -17.43 6.89 3.44
N TYR J 199 -18.41 7.06 4.33
CA TYR J 199 -19.45 8.07 4.14
C TYR J 199 -18.93 9.39 4.71
N ILE J 200 -18.33 10.20 3.86
CA ILE J 200 -17.78 11.49 4.27
C ILE J 200 -18.91 12.51 4.24
N LEU J 201 -19.14 13.16 5.38
CA LEU J 201 -20.20 14.15 5.49
C LEU J 201 -19.67 15.53 5.10
N LEU J 202 -20.53 16.32 4.47
CA LEU J 202 -20.18 17.67 4.04
C LEU J 202 -21.26 18.64 4.53
N PRO J 203 -21.22 19.00 5.81
CA PRO J 203 -22.20 19.97 6.32
C PRO J 203 -21.94 21.37 5.78
N LEU J 204 -22.86 21.85 4.93
CA LEU J 204 -22.65 23.15 4.29
C LEU J 204 -22.66 24.30 5.28
N ASP J 205 -23.39 24.15 6.40
CA ASP J 205 -23.36 25.15 7.44
C ASP J 205 -22.02 25.22 8.15
N CYS J 206 -21.15 24.21 7.97
CA CYS J 206 -19.80 24.16 8.51
C CYS J 206 -19.76 24.17 10.03
N GLY J 207 -20.90 23.88 10.68
CA GLY J 207 -20.90 23.70 12.12
C GLY J 207 -20.74 22.24 12.48
N VAL J 208 -19.52 21.83 12.79
CA VAL J 208 -19.20 20.42 13.02
C VAL J 208 -19.00 20.20 14.51
N PRO J 209 -19.87 19.43 15.17
CA PRO J 209 -19.56 18.99 16.54
C PRO J 209 -18.41 18.01 16.51
N ASP J 210 -17.69 17.94 17.64
CA ASP J 210 -16.56 17.03 17.75
C ASP J 210 -16.98 15.56 17.76
N ASN J 211 -18.26 15.27 17.94
CA ASN J 211 -18.77 13.90 17.91
C ASN J 211 -20.04 13.85 17.08
N LEU J 212 -20.19 12.76 16.32
CA LEU J 212 -21.40 12.58 15.52
C LEU J 212 -22.64 12.47 16.39
N SER J 213 -22.54 11.72 17.49
CA SER J 213 -23.70 11.53 18.36
C SER J 213 -24.20 12.84 18.94
N MET J 214 -23.27 13.77 19.23
CA MET J 214 -23.69 15.08 19.72
C MET J 214 -24.49 15.84 18.67
N ALA J 215 -24.10 15.71 17.40
CA ALA J 215 -24.82 16.41 16.33
C ALA J 215 -26.25 15.90 16.20
N ASP J 216 -26.44 14.58 16.32
CA ASP J 216 -27.75 13.99 16.16
C ASP J 216 -27.89 12.79 17.09
N PRO J 217 -28.88 12.80 17.99
CA PRO J 217 -29.08 11.63 18.86
C PRO J 217 -29.47 10.38 18.10
N ASN J 218 -29.96 10.51 16.87
CA ASN J 218 -30.29 9.35 16.04
C ASN J 218 -29.05 8.61 15.57
N ILE J 219 -27.85 9.16 15.77
CA ILE J 219 -26.60 8.55 15.36
C ILE J 219 -25.84 8.15 16.61
N ARG J 220 -25.37 6.91 16.65
CA ARG J 220 -24.66 6.37 17.81
C ARG J 220 -23.29 5.86 17.40
N PHE J 221 -22.30 6.08 18.26
CA PHE J 221 -20.99 5.49 18.07
C PHE J 221 -21.03 4.00 18.39
N LEU J 222 -20.34 3.20 17.58
CA LEU J 222 -20.30 1.76 17.76
C LEU J 222 -18.92 1.25 18.13
N ASP J 223 -17.90 1.52 17.32
CA ASP J 223 -16.58 0.94 17.55
C ASP J 223 -15.54 1.75 16.79
N LYS J 224 -14.29 1.32 16.90
CA LYS J 224 -13.16 1.95 16.23
C LYS J 224 -12.48 0.95 15.31
N LEU J 225 -12.27 1.35 14.05
CA LEU J 225 -11.63 0.49 13.08
C LEU J 225 -10.16 0.27 13.48
N PRO J 226 -9.62 -0.93 13.20
CA PRO J 226 -8.19 -1.15 13.41
C PRO J 226 -7.34 -0.20 12.57
N GLN J 227 -6.23 0.23 13.14
CA GLN J 227 -5.34 1.17 12.46
C GLN J 227 -4.45 0.46 11.45
N ARG J 238 2.34 5.82 10.64
CA ARG J 238 1.36 6.69 11.28
C ARG J 238 0.01 6.00 11.40
N VAL J 239 -0.76 6.36 12.41
CA VAL J 239 -2.03 5.71 12.69
C VAL J 239 -3.15 6.46 11.97
N TYR J 240 -4.15 5.70 11.53
CA TYR J 240 -5.35 6.24 10.88
C TYR J 240 -6.56 5.60 11.56
N SER J 241 -7.02 6.20 12.65
CA SER J 241 -8.12 5.66 13.40
C SER J 241 -9.45 6.13 12.82
N ASN J 242 -10.32 5.18 12.49
CA ASN J 242 -11.65 5.47 11.97
C ASN J 242 -12.70 4.87 12.89
N SER J 243 -13.85 5.54 12.98
CA SER J 243 -14.89 5.18 13.91
C SER J 243 -16.13 4.70 13.14
N ILE J 244 -16.59 3.50 13.47
CA ILE J 244 -17.80 2.94 12.90
C ILE J 244 -18.97 3.30 13.81
N TYR J 245 -20.04 3.82 13.22
CA TYR J 245 -21.17 4.36 13.96
C TYR J 245 -22.43 3.54 13.72
N GLU J 246 -23.31 3.54 14.72
CA GLU J 246 -24.62 2.91 14.61
C GLU J 246 -25.63 3.95 14.13
N LEU J 247 -26.45 3.56 13.15
CA LEU J 247 -27.50 4.43 12.63
C LEU J 247 -28.84 3.94 13.16
N LEU J 248 -29.57 4.81 13.84
CA LEU J 248 -30.84 4.45 14.46
C LEU J 248 -32.01 4.94 13.64
N GLU J 249 -33.12 4.21 13.74
CA GLU J 249 -34.39 4.63 13.16
C GLU J 249 -35.49 4.02 14.01
N ASN J 250 -36.25 4.88 14.70
CA ASN J 250 -37.30 4.44 15.62
C ASN J 250 -36.76 3.48 16.68
N GLY J 251 -35.49 3.64 17.04
CA GLY J 251 -34.86 2.79 18.02
C GLY J 251 -34.24 1.52 17.49
N GLN J 252 -34.36 1.24 16.19
CA GLN J 252 -33.81 0.03 15.60
C GLN J 252 -32.59 0.37 14.76
N ARG J 253 -31.57 -0.49 14.80
CA ARG J 253 -30.37 -0.28 14.00
C ARG J 253 -30.68 -0.53 12.55
N ALA J 254 -30.54 0.50 11.71
CA ALA J 254 -30.77 0.37 10.28
C ALA J 254 -29.52 0.00 9.51
N GLY J 255 -28.37 0.55 9.88
CA GLY J 255 -27.12 0.23 9.21
C GLY J 255 -25.95 0.82 9.96
N THR J 256 -24.76 0.41 9.55
CA THR J 256 -23.51 0.90 10.14
C THR J 256 -22.56 1.30 9.03
N CYS J 257 -22.03 2.52 9.12
CA CYS J 257 -21.12 3.05 8.12
C CYS J 257 -20.01 3.82 8.83
N VAL J 258 -18.91 4.01 8.12
CA VAL J 258 -17.73 4.71 8.67
C VAL J 258 -17.95 6.19 8.41
N LEU J 259 -18.69 6.83 9.30
CA LEU J 259 -18.96 8.26 9.18
C LEU J 259 -17.74 9.06 9.58
N GLU J 260 -17.50 10.16 8.87
CA GLU J 260 -16.29 10.95 9.10
C GLU J 260 -16.50 12.34 8.50
N TYR J 261 -16.48 13.37 9.34
CA TYR J 261 -16.59 14.75 8.85
C TYR J 261 -15.42 15.12 7.97
N ALA J 262 -15.70 15.96 6.97
CA ALA J 262 -14.64 16.54 6.14
C ALA J 262 -14.02 17.68 6.92
N THR J 263 -12.84 17.43 7.48
CA THR J 263 -12.17 18.43 8.30
C THR J 263 -11.85 19.74 7.56
N PRO J 264 -11.69 19.80 6.23
CA PRO J 264 -11.56 21.11 5.58
C PRO J 264 -12.72 22.05 5.84
N LEU J 265 -13.93 21.53 6.03
CA LEU J 265 -15.04 22.42 6.38
C LEU J 265 -14.88 23.00 7.77
N GLN J 266 -14.40 22.18 8.71
CA GLN J 266 -14.07 22.70 10.04
C GLN J 266 -12.99 23.76 9.97
N THR J 267 -11.98 23.54 9.12
CA THR J 267 -10.93 24.52 8.95
C THR J 267 -11.46 25.80 8.31
N LEU J 268 -12.42 25.69 7.38
CA LEU J 268 -13.06 26.88 6.83
C LEU J 268 -13.82 27.65 7.90
N PHE J 269 -14.53 26.92 8.77
CA PHE J 269 -15.24 27.58 9.86
C PHE J 269 -14.28 28.32 10.78
N ALA J 270 -13.17 27.67 11.13
CA ALA J 270 -12.17 28.32 11.99
C ALA J 270 -11.52 29.50 11.28
N MET J 271 -11.32 29.40 9.96
CA MET J 271 -10.80 30.53 9.20
C MET J 271 -11.75 31.71 9.28
N SER J 272 -13.05 31.45 9.13
CA SER J 272 -14.04 32.51 9.26
C SER J 272 -14.11 33.05 10.68
N GLN J 273 -13.71 32.24 11.67
CA GLN J 273 -13.69 32.73 13.04
C GLN J 273 -12.63 33.80 13.26
N TYR J 274 -11.41 33.55 12.80
CA TYR J 274 -10.30 34.45 13.05
C TYR J 274 -10.39 35.69 12.15
N SER J 275 -9.75 36.77 12.62
CA SER J 275 -9.75 38.04 11.91
C SER J 275 -8.61 38.17 10.91
N GLN J 276 -7.53 37.41 11.09
CA GLN J 276 -6.38 37.49 10.19
C GLN J 276 -6.66 36.86 8.83
N ALA J 277 -7.77 36.12 8.68
CA ALA J 277 -8.04 35.43 7.43
C ALA J 277 -8.79 36.31 6.43
N GLY J 278 -9.58 37.27 6.91
CA GLY J 278 -10.39 38.07 6.02
C GLY J 278 -11.35 37.21 5.22
N PHE J 279 -12.01 36.27 5.90
CA PHE J 279 -12.78 35.21 5.28
C PHE J 279 -14.19 35.26 5.85
N SER J 280 -15.08 35.97 5.16
CA SER J 280 -16.41 36.27 5.69
C SER J 280 -17.31 35.03 5.62
N ARG J 281 -18.47 35.15 6.29
CA ARG J 281 -19.41 34.04 6.35
C ARG J 281 -19.97 33.69 4.98
N GLU J 282 -20.31 34.71 4.17
CA GLU J 282 -20.76 34.43 2.81
C GLU J 282 -19.67 33.74 2.00
N ASP J 283 -18.43 34.24 2.13
CA ASP J 283 -17.31 33.56 1.51
C ASP J 283 -17.15 32.16 2.07
N ARG J 284 -17.42 31.98 3.36
CA ARG J 284 -17.31 30.65 3.95
C ARG J 284 -18.28 29.67 3.32
N LEU J 285 -19.54 30.08 3.16
CA LEU J 285 -20.52 29.19 2.53
C LEU J 285 -20.18 28.94 1.06
N GLU J 286 -19.77 29.98 0.34
CA GLU J 286 -19.41 29.80 -1.06
C GLU J 286 -18.25 28.83 -1.21
N GLN J 287 -17.22 28.98 -0.37
CA GLN J 287 -16.08 28.08 -0.45
C GLN J 287 -16.43 26.68 0.04
N ALA J 288 -17.38 26.54 0.96
CA ALA J 288 -17.85 25.21 1.31
C ALA J 288 -18.49 24.53 0.12
N LYS J 289 -19.34 25.25 -0.63
CA LYS J 289 -19.96 24.68 -1.82
C LYS J 289 -18.90 24.30 -2.85
N LEU J 290 -17.94 25.20 -3.10
CA LEU J 290 -16.89 24.90 -4.06
C LEU J 290 -16.06 23.71 -3.62
N PHE J 291 -15.76 23.62 -2.32
CA PHE J 291 -14.97 22.50 -1.81
C PHE J 291 -15.69 21.18 -2.02
N CYS J 292 -16.99 21.14 -1.73
CA CYS J 292 -17.75 19.90 -1.97
C CYS J 292 -17.76 19.54 -3.45
N ARG J 293 -17.97 20.53 -4.32
CA ARG J 293 -18.01 20.24 -5.75
C ARG J 293 -16.68 19.74 -6.27
N THR J 294 -15.57 20.38 -5.88
CA THR J 294 -14.27 19.96 -6.38
C THR J 294 -13.82 18.65 -5.76
N LEU J 295 -14.27 18.35 -4.53
CA LEU J 295 -14.02 17.02 -3.98
C LEU J 295 -14.77 15.96 -4.77
N GLU J 296 -16.01 16.26 -5.18
CA GLU J 296 -16.73 15.37 -6.07
C GLU J 296 -15.95 15.14 -7.36
N ASP J 297 -15.45 16.23 -7.96
CA ASP J 297 -14.73 16.11 -9.22
C ASP J 297 -13.44 15.31 -9.06
N ILE J 298 -12.72 15.52 -7.95
CA ILE J 298 -11.48 14.78 -7.72
C ILE J 298 -11.77 13.30 -7.50
N LEU J 299 -12.79 12.99 -6.69
CA LEU J 299 -13.08 11.59 -6.38
C LEU J 299 -13.71 10.86 -7.56
N ALA J 300 -14.30 11.59 -8.52
CA ALA J 300 -14.90 10.93 -9.66
C ALA J 300 -13.86 10.18 -10.50
N ASP J 301 -12.71 10.81 -10.74
CA ASP J 301 -11.68 10.25 -11.60
C ASP J 301 -10.48 9.71 -10.84
N ALA J 302 -10.53 9.70 -9.51
CA ALA J 302 -9.39 9.25 -8.73
C ALA J 302 -9.27 7.73 -8.80
N PRO J 303 -8.10 7.20 -9.16
CA PRO J 303 -7.93 5.73 -9.14
C PRO J 303 -8.13 5.13 -7.77
N GLU J 304 -7.78 5.84 -6.70
CA GLU J 304 -7.98 5.33 -5.35
C GLU J 304 -9.45 5.30 -4.96
N SER J 305 -10.31 6.05 -5.67
CA SER J 305 -11.74 6.07 -5.41
C SER J 305 -12.42 5.15 -6.40
N GLN J 306 -12.94 4.03 -5.90
CA GLN J 306 -13.62 3.01 -6.69
C GLN J 306 -15.00 2.73 -6.10
N ASN J 307 -15.75 3.80 -5.85
CA ASN J 307 -17.06 3.75 -5.19
C ASN J 307 -16.95 3.26 -3.74
N ASN J 308 -15.79 3.48 -3.12
CA ASN J 308 -15.58 3.16 -1.72
C ASN J 308 -15.64 4.39 -0.83
N CYS J 309 -16.12 5.51 -1.35
CA CYS J 309 -16.22 6.74 -0.57
C CYS J 309 -17.33 7.59 -1.18
N ARG J 310 -18.43 7.75 -0.44
CA ARG J 310 -19.59 8.51 -0.90
C ARG J 310 -19.72 9.79 -0.09
N LEU J 311 -19.87 10.91 -0.77
CA LEU J 311 -19.94 12.21 -0.12
C LEU J 311 -21.40 12.62 0.08
N ILE J 312 -21.70 13.13 1.27
CA ILE J 312 -23.05 13.55 1.63
C ILE J 312 -23.01 15.04 1.95
N ALA J 313 -23.86 15.81 1.29
CA ALA J 313 -23.98 17.24 1.52
C ALA J 313 -25.40 17.55 1.98
N TYR J 314 -25.51 18.29 3.08
CA TYR J 314 -26.82 18.64 3.64
C TYR J 314 -26.76 20.05 4.21
N GLN J 315 -27.84 20.80 4.00
CA GLN J 315 -27.94 22.18 4.47
C GLN J 315 -29.14 22.28 5.41
N GLU J 316 -28.89 22.54 6.68
CA GLU J 316 -29.97 22.65 7.65
C GLU J 316 -30.75 23.94 7.41
N PRO J 317 -32.07 23.88 7.20
CA PRO J 317 -32.89 25.07 6.99
C PRO J 317 -33.27 25.77 8.29
N PHE J 323 -33.86 19.42 10.61
CA PHE J 323 -33.25 18.42 9.75
C PHE J 323 -32.83 17.19 10.54
N SER J 324 -32.93 16.03 9.90
CA SER J 324 -32.53 14.75 10.48
C SER J 324 -31.36 14.19 9.67
N LEU J 325 -30.16 14.26 10.25
CA LEU J 325 -28.97 13.81 9.53
C LEU J 325 -29.00 12.31 9.28
N SER J 326 -29.53 11.54 10.24
CA SER J 326 -29.56 10.08 10.08
C SER J 326 -30.40 9.67 8.88
N GLN J 327 -31.52 10.36 8.65
CA GLN J 327 -32.35 10.06 7.48
C GLN J 327 -31.57 10.31 6.19
N GLU J 328 -30.82 11.42 6.14
CA GLU J 328 -30.01 11.72 4.96
C GLU J 328 -28.94 10.66 4.74
N VAL J 329 -28.30 10.21 5.82
CA VAL J 329 -27.28 9.17 5.70
C VAL J 329 -27.89 7.87 5.18
N LEU J 330 -29.05 7.50 5.73
CA LEU J 330 -29.71 6.27 5.29
C LEU J 330 -30.18 6.36 3.84
N ARG J 331 -30.62 7.54 3.40
CA ARG J 331 -31.11 7.69 2.04
C ARG J 331 -30.03 7.38 1.00
N HIS J 332 -28.76 7.54 1.38
CA HIS J 332 -27.65 7.20 0.50
C HIS J 332 -27.22 5.74 0.64
N LEU J 333 -27.87 4.98 1.52
CA LEU J 333 -27.55 3.57 1.70
C LEU J 333 -28.48 2.68 0.89
N SER K 5 -35.01 40.84 18.15
CA SER K 5 -35.86 39.65 18.21
C SER K 5 -36.09 39.23 19.65
N LEU K 6 -35.09 39.47 20.51
CA LEU K 6 -35.23 39.12 21.92
C LEU K 6 -36.35 39.92 22.58
N HIS K 7 -36.42 41.21 22.31
CA HIS K 7 -37.43 42.09 22.87
C HIS K 7 -37.83 43.10 21.81
N PRO K 8 -39.11 43.51 21.81
CA PRO K 8 -39.53 44.53 20.83
C PRO K 8 -38.83 45.88 21.00
N SER K 9 -38.28 46.16 22.18
CA SER K 9 -37.64 47.44 22.43
C SER K 9 -36.17 47.48 22.03
N ILE K 10 -35.58 46.35 21.68
CA ILE K 10 -34.18 46.32 21.25
C ILE K 10 -34.12 46.80 19.81
N PRO K 11 -33.33 47.84 19.51
CA PRO K 11 -33.29 48.37 18.14
C PRO K 11 -32.59 47.42 17.20
N CYS K 12 -33.17 47.24 16.01
CA CYS K 12 -32.55 46.45 14.97
C CYS K 12 -31.38 47.21 14.36
N PRO K 13 -30.42 46.51 13.75
CA PRO K 13 -29.32 47.20 13.08
C PRO K 13 -29.83 48.10 11.98
N ARG K 14 -29.17 49.25 11.82
CA ARG K 14 -29.59 50.23 10.84
C ARG K 14 -29.57 49.66 9.44
N GLY K 15 -30.67 49.86 8.70
CA GLY K 15 -30.77 49.39 7.33
C GLY K 15 -30.31 50.43 6.34
N HIS K 16 -30.47 50.08 5.05
CA HIS K 16 -30.14 50.98 3.96
C HIS K 16 -31.31 51.86 3.55
N GLY K 17 -32.28 52.06 4.46
CA GLY K 17 -33.40 52.93 4.14
C GLY K 17 -33.01 54.37 3.92
N ALA K 18 -31.94 54.81 4.57
CA ALA K 18 -31.46 56.18 4.35
C ALA K 18 -31.02 56.38 2.91
N GLN K 19 -30.29 55.42 2.34
CA GLN K 19 -29.92 55.52 0.94
C GLN K 19 -31.12 55.35 0.02
N LYS K 20 -32.12 54.57 0.44
CA LYS K 20 -33.35 54.49 -0.34
C LYS K 20 -34.04 55.85 -0.44
N ALA K 21 -34.17 56.53 0.70
CA ALA K 21 -34.75 57.87 0.70
C ALA K 21 -33.88 58.85 -0.07
N ALA K 22 -32.56 58.71 0.00
CA ALA K 22 -31.68 59.56 -0.78
C ALA K 22 -31.89 59.36 -2.27
N LEU K 23 -32.04 58.12 -2.71
CA LEU K 23 -32.30 57.85 -4.12
C LEU K 23 -33.66 58.40 -4.54
N VAL K 24 -34.67 58.27 -3.68
CA VAL K 24 -35.99 58.82 -3.97
C VAL K 24 -35.91 60.34 -4.13
N LEU K 25 -35.19 61.00 -3.21
CA LEU K 25 -35.03 62.45 -3.29
C LEU K 25 -34.25 62.85 -4.53
N LEU K 26 -33.24 62.06 -4.91
CA LEU K 26 -32.48 62.35 -6.12
C LEU K 26 -33.36 62.22 -7.35
N SER K 27 -34.22 61.20 -7.39
CA SER K 27 -35.15 61.06 -8.51
C SER K 27 -36.12 62.23 -8.57
N ALA K 28 -36.63 62.67 -7.42
CA ALA K 28 -37.53 63.81 -7.39
C ALA K 28 -36.83 65.07 -7.85
N CYS K 29 -35.57 65.27 -7.43
CA CYS K 29 -34.81 66.45 -7.85
C CYS K 29 -34.54 66.40 -9.34
N LEU K 30 -34.23 65.22 -9.89
CA LEU K 30 -34.02 65.10 -11.33
C LEU K 30 -35.29 65.41 -12.10
N VAL K 31 -36.45 64.95 -11.60
CA VAL K 31 -37.72 65.26 -12.23
C VAL K 31 -37.99 66.76 -12.20
N THR K 32 -37.70 67.39 -11.06
CA THR K 32 -37.89 68.84 -10.95
C THR K 32 -36.98 69.58 -11.92
N LEU K 33 -35.71 69.18 -12.01
CA LEU K 33 -34.78 69.82 -12.93
C LEU K 33 -35.23 69.66 -14.38
N TRP K 34 -35.70 68.47 -14.74
CA TRP K 34 -36.19 68.25 -16.09
C TRP K 34 -37.42 69.10 -16.37
N GLY K 35 -38.31 69.25 -15.39
CA GLY K 35 -39.46 70.11 -15.57
C GLY K 35 -39.09 71.56 -15.76
N LEU K 36 -38.20 72.09 -14.92
CA LEU K 36 -37.75 73.46 -15.09
C LEU K 36 -36.95 73.64 -16.37
N GLY K 37 -36.12 72.67 -16.71
CA GLY K 37 -35.36 72.73 -17.95
C GLY K 37 -34.30 73.83 -18.01
N GLU K 38 -33.61 74.06 -16.89
CA GLU K 38 -32.53 75.03 -16.88
C GLU K 38 -31.32 74.47 -17.67
N PRO K 39 -30.43 75.35 -18.11
CA PRO K 39 -29.23 74.88 -18.83
C PRO K 39 -28.46 73.87 -18.00
N PRO K 40 -28.33 72.63 -18.51
CA PRO K 40 -27.66 71.58 -17.73
C PRO K 40 -26.22 71.90 -17.39
N GLU K 41 -25.52 72.64 -18.25
CA GLU K 41 -24.13 73.00 -17.96
C GLU K 41 -24.04 73.85 -16.70
N HIS K 42 -24.99 74.77 -16.51
CA HIS K 42 -25.02 75.56 -15.28
C HIS K 42 -25.19 74.68 -14.06
N THR K 43 -26.10 73.70 -14.14
CA THR K 43 -26.33 72.78 -13.02
C THR K 43 -25.06 71.98 -12.71
N LEU K 44 -24.41 71.45 -13.74
CA LEU K 44 -23.20 70.66 -13.52
C LEU K 44 -22.08 71.50 -12.93
N ARG K 45 -21.89 72.72 -13.46
CA ARG K 45 -20.85 73.60 -12.94
C ARG K 45 -21.12 73.98 -11.50
N TYR K 46 -22.37 74.30 -11.17
CA TYR K 46 -22.71 74.65 -9.79
C TYR K 46 -22.51 73.47 -8.85
N LEU K 47 -22.87 72.27 -9.27
CA LEU K 47 -22.65 71.09 -8.44
C LEU K 47 -21.15 70.85 -8.22
N VAL K 48 -20.35 71.01 -9.27
CA VAL K 48 -18.90 70.82 -9.14
C VAL K 48 -18.32 71.86 -8.18
N LEU K 49 -18.75 73.12 -8.31
CA LEU K 49 -18.24 74.16 -7.42
C LEU K 49 -18.68 73.93 -5.97
N HIS K 50 -19.92 73.46 -5.77
CA HIS K 50 -20.38 73.16 -4.42
C HIS K 50 -19.56 72.03 -3.79
N LEU K 51 -19.29 70.98 -4.57
CA LEU K 51 -18.47 69.89 -4.07
C LEU K 51 -17.05 70.35 -3.79
N ALA K 52 -16.52 71.24 -4.62
CA ALA K 52 -15.19 71.81 -4.38
C ALA K 52 -15.16 72.61 -3.09
N SER K 53 -16.20 73.42 -2.85
CA SER K 53 -16.26 74.17 -1.61
C SER K 53 -16.35 73.25 -0.40
N LEU K 54 -17.14 72.18 -0.50
CA LEU K 54 -17.23 71.22 0.59
C LEU K 54 -15.88 70.56 0.85
N GLN K 55 -15.16 70.20 -0.23
CA GLN K 55 -13.85 69.58 -0.06
C GLN K 55 -12.85 70.54 0.58
N LEU K 56 -12.88 71.81 0.18
CA LEU K 56 -11.98 72.79 0.78
C LEU K 56 -12.31 73.03 2.24
N GLY K 57 -13.61 73.06 2.59
CA GLY K 57 -13.98 73.17 3.98
C GLY K 57 -13.52 71.98 4.80
N LEU K 58 -13.64 70.78 4.24
CA LEU K 58 -13.13 69.59 4.90
C LEU K 58 -11.62 69.67 5.08
N LEU K 59 -10.91 70.20 4.08
CA LEU K 59 -9.47 70.39 4.20
C LEU K 59 -9.14 71.35 5.34
N LEU K 60 -9.86 72.45 5.44
CA LEU K 60 -9.60 73.42 6.52
C LEU K 60 -9.87 72.79 7.88
N ASN K 61 -10.98 72.04 8.00
CA ASN K 61 -11.29 71.37 9.26
C ASN K 61 -10.22 70.34 9.61
N GLY K 62 -9.74 69.60 8.61
CA GLY K 62 -8.69 68.62 8.86
C GLY K 62 -7.38 69.26 9.27
N VAL K 63 -7.06 70.42 8.69
CA VAL K 63 -5.86 71.14 9.09
C VAL K 63 -5.98 71.60 10.53
N CYS K 64 -7.15 72.12 10.90
CA CYS K 64 -7.37 72.54 12.28
C CYS K 64 -7.26 71.36 13.24
N SER K 65 -7.80 70.20 12.84
CA SER K 65 -7.69 69.00 13.66
C SER K 65 -6.24 68.54 13.79
N LEU K 66 -5.48 68.59 12.70
CA LEU K 66 -4.07 68.26 12.75
C LEU K 66 -3.33 69.18 13.70
N ALA K 67 -3.74 70.45 13.77
CA ALA K 67 -3.09 71.41 14.64
C ALA K 67 -3.15 71.00 16.11
N GLU K 68 -4.12 70.19 16.51
CA GLU K 68 -4.13 69.65 17.86
C GLU K 68 -3.65 68.20 17.93
N GLU K 69 -3.77 67.45 16.84
CA GLU K 69 -3.33 66.06 16.86
C GLU K 69 -1.82 65.94 16.81
N LEU K 70 -1.13 66.97 16.31
CA LEU K 70 0.32 66.90 16.19
C LEU K 70 1.00 66.81 17.55
N ARG K 71 0.41 67.41 18.59
CA ARG K 71 1.01 67.31 19.92
C ARG K 71 0.88 65.92 20.52
N HIS K 72 0.07 65.04 19.92
CA HIS K 72 -0.09 63.67 20.37
C HIS K 72 0.67 62.67 19.49
N ILE K 73 1.59 63.17 18.66
CA ILE K 73 2.27 62.29 17.70
C ILE K 73 3.18 61.30 18.42
N HIS K 74 3.81 61.74 19.51
CA HIS K 74 4.80 60.89 20.18
C HIS K 74 4.15 59.68 20.84
N SER K 75 2.89 59.81 21.27
CA SER K 75 2.20 58.75 22.01
C SER K 75 1.07 58.13 21.21
N ARG K 76 0.13 58.95 20.73
CA ARG K 76 -1.06 58.42 20.08
C ARG K 76 -0.80 57.90 18.67
N TYR K 77 0.28 58.34 18.03
CA TYR K 77 0.55 57.97 16.64
C TYR K 77 1.96 57.41 16.48
N ARG K 78 2.50 56.79 17.53
CA ARG K 78 3.79 56.10 17.50
C ARG K 78 4.90 56.92 16.84
N GLY K 79 4.79 58.25 16.93
CA GLY K 79 5.83 59.13 16.42
C GLY K 79 6.01 59.12 14.92
N SER K 80 4.92 59.15 14.16
CA SER K 80 4.97 59.21 12.71
C SER K 80 4.00 60.27 12.20
N TYR K 81 4.48 61.12 11.31
CA TYR K 81 3.63 62.18 10.77
C TYR K 81 2.61 61.66 9.77
N TRP K 82 2.96 60.59 9.04
CA TRP K 82 2.04 60.05 8.05
C TRP K 82 0.78 59.51 8.71
N ARG K 83 0.93 58.86 9.86
CA ARG K 83 -0.25 58.36 10.59
C ARG K 83 -1.17 59.50 10.99
N THR K 84 -0.59 60.59 11.51
CA THR K 84 -1.40 61.74 11.91
C THR K 84 -2.11 62.36 10.72
N VAL K 85 -1.40 62.50 9.59
CA VAL K 85 -2.01 63.08 8.40
C VAL K 85 -3.14 62.20 7.90
N ARG K 86 -2.94 60.88 7.90
CA ARG K 86 -4.00 59.96 7.47
C ARG K 86 -5.19 60.02 8.40
N ALA K 87 -4.96 60.08 9.70
CA ALA K 87 -6.06 60.13 10.66
C ALA K 87 -6.79 61.47 10.66
N CYS K 88 -6.14 62.53 10.19
CA CYS K 88 -6.80 63.83 10.18
C CYS K 88 -7.48 64.14 8.85
N LEU K 89 -6.92 63.68 7.73
CA LEU K 89 -7.45 64.01 6.41
C LEU K 89 -7.97 62.80 5.67
N GLY K 90 -8.28 61.71 6.37
CA GLY K 90 -8.74 60.52 5.70
C GLY K 90 -7.64 59.87 4.87
N CYS K 91 -8.05 59.18 3.81
CA CYS K 91 -7.09 58.57 2.91
C CYS K 91 -6.22 59.64 2.27
N PRO K 92 -4.89 59.55 2.36
CA PRO K 92 -4.05 60.67 1.91
C PRO K 92 -4.14 60.94 0.41
N LEU K 93 -3.92 59.93 -0.43
CA LEU K 93 -3.85 60.17 -1.87
C LEU K 93 -5.22 60.49 -2.45
N ARG K 94 -6.27 59.81 -1.98
CA ARG K 94 -7.62 60.10 -2.46
C ARG K 94 -8.03 61.53 -2.12
N ARG K 95 -7.77 61.94 -0.87
CA ARG K 95 -8.10 63.30 -0.46
C ARG K 95 -7.27 64.33 -1.22
N GLY K 96 -5.99 64.02 -1.46
CA GLY K 96 -5.17 64.93 -2.24
C GLY K 96 -5.66 65.08 -3.66
N ALA K 97 -6.07 63.97 -4.29
CA ALA K 97 -6.64 64.04 -5.63
C ALA K 97 -7.92 64.86 -5.66
N LEU K 98 -8.79 64.67 -4.66
CA LEU K 98 -10.02 65.45 -4.61
C LEU K 98 -9.71 66.94 -4.42
N LEU K 99 -8.73 67.25 -3.57
CA LEU K 99 -8.34 68.63 -3.35
C LEU K 99 -7.78 69.26 -4.62
N LEU K 100 -6.94 68.53 -5.35
CA LEU K 100 -6.40 69.03 -6.60
C LEU K 100 -7.51 69.25 -7.63
N LEU K 101 -8.46 68.33 -7.70
CA LEU K 101 -9.61 68.51 -8.59
C LEU K 101 -10.37 69.78 -8.23
N SER K 102 -10.64 69.98 -6.94
CA SER K 102 -11.37 71.16 -6.50
C SER K 102 -10.63 72.44 -6.84
N ILE K 103 -9.32 72.47 -6.58
CA ILE K 103 -8.52 73.66 -6.84
C ILE K 103 -8.50 73.97 -8.34
N TYR K 104 -8.26 72.94 -9.16
CA TYR K 104 -8.20 73.15 -10.60
C TYR K 104 -9.54 73.63 -11.15
N PHE K 105 -10.64 73.03 -10.69
CA PHE K 105 -11.94 73.39 -11.23
C PHE K 105 -12.37 74.79 -10.77
N TYR K 106 -12.08 75.16 -9.52
CA TYR K 106 -12.45 76.48 -9.06
C TYR K 106 -11.58 77.56 -9.70
N TYR K 107 -10.29 77.28 -9.88
CA TYR K 107 -9.38 78.27 -10.45
C TYR K 107 -9.65 78.54 -11.92
N SER K 108 -10.39 77.67 -12.61
CA SER K 108 -10.61 77.80 -14.03
C SER K 108 -12.07 78.06 -14.41
N LEU K 109 -13.00 77.29 -13.86
CA LEU K 109 -14.40 77.42 -14.25
C LEU K 109 -14.96 78.77 -13.81
N PRO K 110 -15.72 79.47 -14.66
CA PRO K 110 -16.39 80.68 -14.21
C PRO K 110 -17.50 80.36 -13.22
N ASN K 111 -17.85 81.35 -12.41
CA ASN K 111 -18.88 81.19 -11.39
C ASN K 111 -19.76 82.44 -11.37
N ALA K 112 -21.00 82.30 -11.85
CA ALA K 112 -21.94 83.41 -11.77
C ALA K 112 -22.27 83.76 -10.33
N VAL K 113 -22.45 82.75 -9.47
CA VAL K 113 -22.69 82.93 -8.05
C VAL K 113 -21.53 82.26 -7.30
N GLY K 114 -20.56 83.07 -6.87
CA GLY K 114 -19.39 82.55 -6.20
C GLY K 114 -18.26 83.56 -6.14
N PRO K 115 -17.58 83.61 -5.00
CA PRO K 115 -16.48 84.56 -4.83
C PRO K 115 -15.27 84.16 -5.65
N PRO K 116 -14.35 85.09 -5.92
CA PRO K 116 -13.08 84.72 -6.55
C PRO K 116 -12.26 83.83 -5.63
N PHE K 117 -11.19 83.27 -6.20
CA PHE K 117 -10.46 82.19 -5.54
C PHE K 117 -9.96 82.60 -4.15
N THR K 118 -9.22 83.70 -4.08
CA THR K 118 -8.67 84.12 -2.79
C THR K 118 -9.78 84.61 -1.85
N TRP K 119 -10.77 85.33 -2.37
CA TRP K 119 -11.86 85.81 -1.53
C TRP K 119 -12.75 84.65 -1.08
N MET K 120 -12.98 83.67 -1.95
CA MET K 120 -13.71 82.47 -1.54
C MET K 120 -12.94 81.72 -0.46
N LEU K 121 -11.61 81.62 -0.61
CA LEU K 121 -10.81 80.95 0.41
C LEU K 121 -10.91 81.67 1.75
N ALA K 122 -10.83 83.01 1.73
CA ALA K 122 -10.94 83.77 2.98
C ALA K 122 -12.31 83.59 3.62
N LEU K 123 -13.38 83.67 2.81
CA LEU K 123 -14.72 83.53 3.36
C LEU K 123 -14.95 82.12 3.91
N LEU K 124 -14.46 81.10 3.20
CA LEU K 124 -14.62 79.73 3.67
C LEU K 124 -13.81 79.48 4.94
N GLY K 125 -12.61 80.08 5.03
CA GLY K 125 -11.86 79.98 6.28
C GLY K 125 -12.57 80.64 7.43
N LEU K 126 -13.19 81.80 7.19
CA LEU K 126 -13.98 82.46 8.23
C LEU K 126 -15.14 81.57 8.66
N SER K 127 -15.84 80.97 7.69
CA SER K 127 -16.97 80.10 8.01
C SER K 127 -16.51 78.87 8.81
N GLN K 128 -15.38 78.28 8.42
CA GLN K 128 -14.86 77.12 9.13
C GLN K 128 -14.45 77.49 10.55
N ALA K 129 -13.81 78.64 10.74
CA ALA K 129 -13.46 79.08 12.08
C ALA K 129 -14.69 79.31 12.93
N LEU K 130 -15.72 79.93 12.36
CA LEU K 130 -16.97 80.13 13.09
C LEU K 130 -17.60 78.79 13.47
N ASN K 131 -17.62 77.84 12.54
CA ASN K 131 -18.20 76.54 12.83
C ASN K 131 -17.43 75.81 13.93
N ILE K 132 -16.10 75.90 13.89
CA ILE K 132 -15.28 75.22 14.89
C ILE K 132 -15.46 75.84 16.27
N LEU K 133 -15.41 77.18 16.34
CA LEU K 133 -15.47 77.85 17.63
C LEU K 133 -16.87 77.75 18.24
N LEU K 134 -17.90 78.04 17.46
CA LEU K 134 -19.27 78.07 17.98
C LEU K 134 -19.94 76.71 17.94
N GLY K 135 -19.34 75.71 17.31
CA GLY K 135 -20.00 74.42 17.16
C GLY K 135 -21.27 74.51 16.34
N LEU K 136 -21.26 75.35 15.30
CA LEU K 136 -22.47 75.55 14.50
C LEU K 136 -22.88 74.26 13.80
N LYS K 137 -21.91 73.52 13.25
CA LYS K 137 -22.19 72.25 12.59
C LYS K 137 -22.42 71.18 13.65
N GLY K 138 -23.52 71.32 14.37
CA GLY K 138 -23.85 70.41 15.45
C GLY K 138 -24.15 69.02 14.92
N LEU K 139 -23.45 68.01 15.44
CA LEU K 139 -23.72 66.64 15.03
C LEU K 139 -24.97 66.13 15.74
N ALA K 140 -26.00 65.84 14.96
CA ALA K 140 -27.24 65.34 15.54
C ALA K 140 -27.00 63.97 16.16
N PRO K 141 -27.63 63.67 17.30
CA PRO K 141 -27.32 62.41 18.00
C PRO K 141 -27.62 61.16 17.18
N ALA K 142 -28.54 61.22 16.22
CA ALA K 142 -28.85 60.04 15.43
C ALA K 142 -27.65 59.59 14.60
N GLU K 143 -27.00 60.53 13.91
CA GLU K 143 -25.83 60.18 13.12
C GLU K 143 -24.66 59.79 14.01
N ILE K 144 -24.54 60.40 15.19
CA ILE K 144 -23.50 60.00 16.14
C ILE K 144 -23.70 58.55 16.56
N SER K 145 -24.94 58.19 16.89
CA SER K 145 -25.22 56.81 17.26
C SER K 145 -24.99 55.86 16.09
N ALA K 146 -25.35 56.28 14.88
CA ALA K 146 -25.13 55.44 13.71
C ALA K 146 -23.64 55.18 13.49
N VAL K 147 -22.83 56.23 13.59
CA VAL K 147 -21.38 56.07 13.40
C VAL K 147 -20.79 55.19 14.50
N CYS K 148 -21.20 55.42 15.75
CA CYS K 148 -20.68 54.62 16.86
C CYS K 148 -21.05 53.16 16.70
N GLU K 149 -22.30 52.87 16.32
CA GLU K 149 -22.73 51.49 16.13
C GLU K 149 -22.04 50.83 14.95
N LYS K 150 -21.83 51.57 13.86
CA LYS K 150 -21.15 51.02 12.70
C LYS K 150 -19.70 50.68 13.01
N GLY K 151 -19.01 51.57 13.73
CA GLY K 151 -17.61 51.39 14.05
C GLY K 151 -17.33 50.79 15.42
N ASN K 152 -18.33 50.20 16.08
CA ASN K 152 -18.14 49.57 17.39
C ASN K 152 -17.62 50.57 18.42
N PHE K 153 -18.09 51.81 18.35
CA PHE K 153 -17.69 52.86 19.28
C PHE K 153 -18.70 52.99 20.42
N ASN K 154 -18.90 51.90 21.15
CA ASN K 154 -19.81 51.91 22.29
C ASN K 154 -19.27 50.98 23.38
N VAL K 155 -19.49 51.38 24.64
CA VAL K 155 -18.99 50.59 25.76
C VAL K 155 -19.70 49.25 25.84
N ALA K 156 -20.94 49.16 25.34
CA ALA K 156 -21.70 47.92 25.40
C ALA K 156 -21.01 46.81 24.63
N HIS K 157 -20.47 47.13 23.45
CA HIS K 157 -19.77 46.13 22.65
C HIS K 157 -18.57 45.57 23.41
N GLY K 158 -17.77 46.46 24.00
CA GLY K 158 -16.63 46.01 24.76
C GLY K 158 -17.02 45.16 25.96
N LEU K 159 -18.06 45.57 26.69
CA LEU K 159 -18.48 44.80 27.85
C LEU K 159 -19.03 43.44 27.44
N ALA K 160 -19.77 43.38 26.34
CA ALA K 160 -20.28 42.09 25.86
C ALA K 160 -19.14 41.17 25.46
N TRP K 161 -18.16 41.70 24.74
CA TRP K 161 -17.04 40.86 24.33
C TRP K 161 -16.23 40.40 25.53
N SER K 162 -16.04 41.26 26.53
CA SER K 162 -15.36 40.87 27.75
C SER K 162 -16.15 39.78 28.49
N TYR K 163 -17.47 39.92 28.54
CA TYR K 163 -18.31 38.92 29.19
C TYR K 163 -18.17 37.57 28.50
N TYR K 164 -18.15 37.56 27.16
CA TYR K 164 -18.01 36.30 26.45
C TYR K 164 -16.62 35.70 26.64
N ILE K 165 -15.58 36.50 26.51
CA ILE K 165 -14.22 35.97 26.51
C ILE K 165 -13.81 35.50 27.90
N GLY K 166 -14.14 36.27 28.93
CA GLY K 166 -13.66 35.98 30.27
C GLY K 166 -14.45 34.92 31.02
N TYR K 167 -15.78 34.93 30.86
CA TYR K 167 -16.65 34.09 31.68
C TYR K 167 -17.36 33.02 30.88
N LEU K 168 -18.10 33.40 29.83
CA LEU K 168 -18.94 32.43 29.12
C LEU K 168 -18.10 31.39 28.40
N ARG K 169 -17.03 31.81 27.72
CA ARG K 169 -16.22 30.88 26.94
C ARG K 169 -15.47 29.90 27.82
N LEU K 170 -15.39 30.13 29.13
CA LEU K 170 -14.69 29.24 30.03
C LEU K 170 -15.61 28.26 30.76
N ILE K 171 -16.91 28.54 30.82
CA ILE K 171 -17.84 27.68 31.53
C ILE K 171 -18.81 26.96 30.61
N LEU K 172 -19.14 27.53 29.45
CA LEU K 172 -20.11 26.88 28.56
C LEU K 172 -19.70 25.48 28.14
N PRO K 173 -18.43 25.17 27.79
CA PRO K 173 -18.09 23.78 27.46
C PRO K 173 -18.39 22.79 28.57
N GLU K 174 -17.84 23.03 29.77
CA GLU K 174 -18.01 22.12 30.89
C GLU K 174 -19.39 22.22 31.54
N LEU K 175 -20.21 23.20 31.15
CA LEU K 175 -21.53 23.36 31.74
C LEU K 175 -22.40 22.15 31.46
N GLN K 176 -22.38 21.64 30.23
CA GLN K 176 -23.20 20.48 29.89
C GLN K 176 -22.80 19.26 30.70
N ALA K 177 -21.50 19.03 30.84
CA ALA K 177 -21.03 17.89 31.63
C ALA K 177 -21.42 18.04 33.09
N ARG K 178 -21.29 19.24 33.65
CA ARG K 178 -21.64 19.45 35.05
C ARG K 178 -23.14 19.26 35.27
N ILE K 179 -23.96 19.77 34.36
CA ILE K 179 -25.41 19.60 34.50
C ILE K 179 -25.79 18.14 34.38
N ARG K 180 -25.17 17.41 33.44
CA ARG K 180 -25.47 15.99 33.30
C ARG K 180 -25.05 15.21 34.54
N THR K 181 -23.90 15.54 35.12
CA THR K 181 -23.48 14.88 36.35
C THR K 181 -24.43 15.17 37.49
N TYR K 182 -24.86 16.42 37.64
CA TYR K 182 -25.79 16.77 38.71
C TYR K 182 -27.13 16.07 38.52
N ASN K 183 -27.59 15.96 37.27
CA ASN K 183 -28.81 15.20 37.01
C ASN K 183 -28.63 13.73 37.34
N GLN K 184 -27.43 13.20 37.08
CA GLN K 184 -27.14 11.81 37.44
C GLN K 184 -27.23 11.58 38.94
N HIS K 185 -26.67 12.50 39.72
CA HIS K 185 -26.65 12.30 41.18
C HIS K 185 -28.03 12.50 41.78
N TYR K 186 -28.59 13.70 41.67
CA TYR K 186 -29.80 14.07 42.39
C TYR K 186 -31.01 13.89 41.47
N ASN K 187 -31.77 12.83 41.70
CA ASN K 187 -33.02 12.59 40.96
C ASN K 187 -34.21 13.05 41.81
N ASN K 188 -34.24 14.35 42.06
CA ASN K 188 -35.29 14.95 42.88
C ASN K 188 -35.81 16.25 42.26
N GLY K 192 -37.62 16.40 39.58
CA GLY K 192 -37.64 16.68 38.16
C GLY K 192 -36.26 16.65 37.52
N ALA K 193 -36.12 17.35 36.40
CA ALA K 193 -34.87 17.42 35.67
C ALA K 193 -34.53 18.86 35.35
N VAL K 194 -33.24 19.16 35.30
CA VAL K 194 -32.74 20.51 35.05
C VAL K 194 -32.42 20.66 33.58
N SER K 195 -32.82 21.79 33.00
CA SER K 195 -32.55 22.06 31.60
C SER K 195 -31.05 22.15 31.35
N GLN K 196 -30.63 21.67 30.19
CA GLN K 196 -29.21 21.61 29.82
C GLN K 196 -28.72 22.90 29.17
N ARG K 197 -29.43 24.01 29.36
CA ARG K 197 -29.04 25.29 28.79
C ARG K 197 -29.02 26.35 29.88
N LEU K 198 -27.93 27.11 29.95
CA LEU K 198 -27.84 28.20 30.91
C LEU K 198 -28.66 29.39 30.43
N TYR K 199 -29.50 29.92 31.32
CA TYR K 199 -30.36 31.05 31.01
C TYR K 199 -29.77 32.29 31.65
N ILE K 200 -29.52 33.32 30.85
CA ILE K 200 -28.89 34.56 31.30
C ILE K 200 -29.95 35.65 31.25
N LEU K 201 -30.22 36.26 32.40
CA LEU K 201 -31.22 37.30 32.49
C LEU K 201 -30.63 38.65 32.11
N LEU K 202 -31.37 39.42 31.33
CA LEU K 202 -30.94 40.73 30.84
C LEU K 202 -32.00 41.75 31.21
N PRO K 203 -31.90 42.35 32.39
CA PRO K 203 -32.83 43.42 32.78
C PRO K 203 -32.48 44.71 32.04
N LEU K 204 -33.35 45.09 31.10
CA LEU K 204 -33.10 46.31 30.33
C LEU K 204 -33.12 47.54 31.22
N ASP K 205 -33.87 47.51 32.32
CA ASP K 205 -33.88 48.62 33.26
C ASP K 205 -32.62 48.70 34.09
N CYS K 206 -31.72 47.70 33.97
CA CYS K 206 -30.43 47.69 34.65
C CYS K 206 -30.58 47.63 36.16
N GLY K 207 -31.69 47.09 36.64
CA GLY K 207 -31.87 46.87 38.06
C GLY K 207 -31.52 45.44 38.45
N VAL K 208 -30.32 45.23 38.98
CA VAL K 208 -29.83 43.90 39.28
C VAL K 208 -29.65 43.74 40.79
N PRO K 209 -30.59 43.09 41.48
CA PRO K 209 -30.38 42.79 42.90
C PRO K 209 -29.29 41.76 43.10
N ASP K 210 -28.68 41.79 44.28
CA ASP K 210 -27.62 40.84 44.60
C ASP K 210 -28.14 39.42 44.61
N ASN K 211 -29.36 39.21 45.11
CA ASN K 211 -29.97 37.89 45.18
C ASN K 211 -31.04 37.77 44.11
N LEU K 212 -30.97 36.69 43.32
CA LEU K 212 -31.96 36.47 42.28
C LEU K 212 -33.31 36.09 42.85
N SER K 213 -33.34 35.45 44.03
CA SER K 213 -34.60 35.02 44.62
C SER K 213 -35.50 36.21 44.94
N MET K 214 -34.91 37.29 45.45
CA MET K 214 -35.69 38.48 45.82
C MET K 214 -36.31 39.18 44.63
N ALA K 215 -35.89 38.86 43.40
CA ALA K 215 -36.47 39.50 42.23
C ALA K 215 -37.96 39.15 42.09
N ASP K 216 -38.32 37.89 42.32
CA ASP K 216 -39.71 37.46 42.19
C ASP K 216 -39.92 36.23 43.04
N PRO K 217 -41.02 36.14 43.79
CA PRO K 217 -41.24 34.95 44.63
C PRO K 217 -41.32 33.64 43.85
N ASN K 218 -41.83 33.68 42.61
CA ASN K 218 -42.00 32.45 41.84
C ASN K 218 -40.66 31.81 41.51
N ILE K 219 -39.59 32.60 41.45
CA ILE K 219 -38.24 32.07 41.23
C ILE K 219 -37.59 31.86 42.58
N ARG K 220 -37.20 30.62 42.88
CA ARG K 220 -36.56 30.35 44.16
C ARG K 220 -35.33 29.47 43.96
N PHE K 221 -34.27 29.80 44.70
CA PHE K 221 -33.01 29.09 44.58
C PHE K 221 -33.12 27.70 45.20
N LEU K 222 -32.68 26.69 44.46
CA LEU K 222 -32.83 25.29 44.89
C LEU K 222 -31.54 24.71 45.44
N ASP K 223 -30.46 24.73 44.63
CA ASP K 223 -29.23 24.07 45.02
C ASP K 223 -28.07 24.73 44.28
N LYS K 224 -26.86 24.50 44.78
CA LYS K 224 -25.64 24.98 44.14
C LYS K 224 -25.08 23.88 43.25
N LEU K 225 -24.93 24.18 41.98
CA LEU K 225 -24.44 23.19 41.03
C LEU K 225 -22.97 22.90 41.30
N PRO K 226 -22.58 21.62 41.44
CA PRO K 226 -21.20 21.31 41.79
C PRO K 226 -20.22 21.70 40.70
N GLN K 227 -19.01 22.07 41.12
CA GLN K 227 -17.96 22.48 40.19
C GLN K 227 -17.44 21.29 39.41
N ARG K 238 -10.32 28.21 39.75
CA ARG K 238 -11.51 28.84 39.19
C ARG K 238 -12.78 28.25 39.77
N VAL K 239 -13.45 29.01 40.64
CA VAL K 239 -14.69 28.57 41.26
C VAL K 239 -15.89 29.09 40.47
N TYR K 240 -16.47 28.23 39.65
CA TYR K 240 -17.66 28.56 38.87
C TYR K 240 -18.94 28.09 39.54
N SER K 241 -19.20 28.55 40.77
CA SER K 241 -20.41 28.15 41.47
C SER K 241 -21.63 28.83 40.86
N ASN K 242 -22.53 28.02 40.32
CA ASN K 242 -23.77 28.51 39.73
C ASN K 242 -24.95 27.95 40.50
N SER K 243 -25.86 28.82 40.93
CA SER K 243 -27.03 28.42 41.69
C SER K 243 -28.19 28.14 40.75
N ILE K 244 -28.80 26.97 40.88
CA ILE K 244 -29.95 26.61 40.07
C ILE K 244 -31.21 27.15 40.75
N TYR K 245 -32.19 27.51 39.93
CA TYR K 245 -33.42 28.11 40.41
C TYR K 245 -34.61 27.36 39.82
N GLU K 246 -35.65 27.19 40.62
CA GLU K 246 -36.89 26.56 40.19
C GLU K 246 -37.99 27.61 40.12
N LEU K 247 -38.97 27.34 39.25
CA LEU K 247 -40.05 28.25 38.94
C LEU K 247 -41.34 27.73 39.57
N LEU K 248 -42.01 28.59 40.34
CA LEU K 248 -43.25 28.23 41.02
C LEU K 248 -44.42 28.61 40.12
N GLU K 249 -44.93 27.65 39.36
CA GLU K 249 -46.12 27.85 38.55
C GLU K 249 -47.33 27.43 39.38
N ASN K 250 -48.03 28.43 39.91
CA ASN K 250 -49.17 28.20 40.81
C ASN K 250 -48.78 27.30 41.98
N GLY K 251 -47.58 27.53 42.52
CA GLY K 251 -47.07 26.75 43.62
C GLY K 251 -46.43 25.43 43.24
N GLN K 252 -46.32 25.14 41.95
CA GLN K 252 -45.74 23.89 41.47
C GLN K 252 -44.44 24.16 40.73
N ARG K 253 -43.44 23.31 40.96
CA ARG K 253 -42.15 23.44 40.30
C ARG K 253 -42.30 22.92 38.88
N ALA K 254 -42.74 23.79 37.98
CA ALA K 254 -42.91 23.41 36.58
C ALA K 254 -41.56 23.19 35.91
N GLY K 255 -40.57 24.02 36.23
CA GLY K 255 -39.25 23.89 35.64
C GLY K 255 -38.17 24.33 36.60
N THR K 256 -36.95 23.90 36.30
CA THR K 256 -35.76 24.30 37.05
C THR K 256 -34.59 24.42 36.08
N CYS K 257 -33.74 25.41 36.30
CA CYS K 257 -32.65 25.68 35.37
C CYS K 257 -31.57 26.48 36.06
N VAL K 258 -30.39 26.50 35.45
CA VAL K 258 -29.28 27.31 35.93
C VAL K 258 -29.54 28.74 35.46
N LEU K 259 -29.94 29.60 36.40
CA LEU K 259 -30.33 30.97 36.08
C LEU K 259 -29.50 31.95 36.89
N GLU K 260 -29.02 33.01 36.22
CA GLU K 260 -28.25 34.05 36.89
C GLU K 260 -28.33 35.32 36.05
N TYR K 261 -28.00 36.44 36.69
CA TYR K 261 -28.03 37.72 36.03
C TYR K 261 -26.79 37.92 35.16
N ALA K 262 -26.80 38.99 34.37
CA ALA K 262 -25.67 39.39 33.55
C ALA K 262 -24.92 40.50 34.30
N THR K 263 -23.76 40.16 34.83
CA THR K 263 -22.98 41.15 35.60
C THR K 263 -22.56 42.37 34.80
N PRO K 264 -22.34 42.33 33.48
CA PRO K 264 -22.09 43.59 32.76
C PRO K 264 -23.18 44.62 32.93
N LEU K 265 -24.44 44.20 33.03
CA LEU K 265 -25.50 45.17 33.29
C LEU K 265 -25.40 45.77 34.68
N GLN K 266 -24.97 44.98 35.66
CA GLN K 266 -24.73 45.52 36.99
C GLN K 266 -23.61 46.55 36.96
N THR K 267 -22.54 46.26 36.21
CA THR K 267 -21.46 47.25 36.08
C THR K 267 -21.93 48.49 35.34
N LEU K 268 -22.82 48.34 34.35
CA LEU K 268 -23.39 49.50 33.68
C LEU K 268 -24.20 50.36 34.65
N PHE K 269 -25.00 49.72 35.51
CA PHE K 269 -25.77 50.48 36.49
C PHE K 269 -24.85 51.18 37.48
N ALA K 270 -23.78 50.51 37.91
CA ALA K 270 -22.81 51.15 38.80
C ALA K 270 -22.13 52.33 38.11
N MET K 271 -21.80 52.18 36.83
CA MET K 271 -21.23 53.29 36.06
C MET K 271 -22.20 54.47 36.02
N SER K 272 -23.48 54.19 35.81
CA SER K 272 -24.48 55.25 35.81
C SER K 272 -24.60 55.91 37.18
N GLN K 273 -24.39 55.15 38.26
CA GLN K 273 -24.40 55.74 39.60
C GLN K 273 -23.24 56.73 39.76
N TYR K 274 -22.05 56.36 39.28
CA TYR K 274 -20.88 57.20 39.47
C TYR K 274 -20.96 58.45 38.57
N SER K 275 -20.34 59.53 39.04
CA SER K 275 -20.28 60.78 38.30
C SER K 275 -19.01 60.92 37.46
N GLN K 276 -18.08 59.97 37.56
CA GLN K 276 -16.84 60.03 36.80
C GLN K 276 -16.93 59.31 35.46
N ALA K 277 -18.12 58.80 35.10
CA ALA K 277 -18.29 58.09 33.84
C ALA K 277 -19.05 58.87 32.79
N GLY K 278 -19.82 59.87 33.17
CA GLY K 278 -20.63 60.60 32.21
C GLY K 278 -21.61 59.70 31.48
N PHE K 279 -22.26 58.80 32.23
CA PHE K 279 -23.02 57.69 31.66
C PHE K 279 -24.45 57.81 32.17
N SER K 280 -25.29 58.55 31.45
CA SER K 280 -26.61 58.94 31.95
C SER K 280 -27.62 57.80 31.79
N ARG K 281 -28.87 58.09 32.17
CA ARG K 281 -29.91 57.06 32.17
C ARG K 281 -30.35 56.67 30.77
N GLU K 282 -30.57 57.67 29.89
CA GLU K 282 -30.91 57.35 28.51
C GLU K 282 -29.78 56.59 27.82
N ASP K 283 -28.55 57.05 28.04
CA ASP K 283 -27.39 56.31 27.55
C ASP K 283 -27.30 54.94 28.20
N ARG K 284 -27.68 54.83 29.48
CA ARG K 284 -27.67 53.53 30.13
C ARG K 284 -28.62 52.56 29.46
N LEU K 285 -29.84 53.03 29.13
CA LEU K 285 -30.80 52.19 28.43
C LEU K 285 -30.29 51.80 27.04
N GLU K 286 -29.77 52.77 26.30
CA GLU K 286 -29.28 52.48 24.96
C GLU K 286 -28.14 51.47 25.00
N GLN K 287 -27.21 51.64 25.93
CA GLN K 287 -26.09 50.70 26.04
C GLN K 287 -26.54 49.34 26.52
N ALA K 288 -27.55 49.27 27.40
CA ALA K 288 -28.08 47.98 27.81
C ALA K 288 -28.67 47.23 26.63
N LYS K 289 -29.45 47.93 25.80
CA LYS K 289 -30.02 47.28 24.61
C LYS K 289 -28.93 46.84 23.64
N LEU K 290 -27.93 47.70 23.42
CA LEU K 290 -26.85 47.35 22.50
C LEU K 290 -26.03 46.17 23.02
N PHE K 291 -25.79 46.13 24.34
CA PHE K 291 -25.10 44.98 24.95
C PHE K 291 -25.89 43.71 24.76
N CYS K 292 -27.21 43.76 24.97
CA CYS K 292 -28.04 42.57 24.79
C CYS K 292 -27.95 42.08 23.33
N ARG K 293 -28.05 43.00 22.38
CA ARG K 293 -28.01 42.58 20.98
C ARG K 293 -26.64 42.04 20.59
N THR K 294 -25.56 42.67 21.05
CA THR K 294 -24.22 42.20 20.74
C THR K 294 -23.96 40.83 21.33
N LEU K 295 -24.38 40.61 22.58
CA LEU K 295 -24.24 39.29 23.18
C LEU K 295 -25.08 38.26 22.43
N GLU K 296 -26.26 38.66 21.96
CA GLU K 296 -27.07 37.77 21.14
C GLU K 296 -26.31 37.33 19.89
N ASP K 297 -25.69 38.30 19.19
CA ASP K 297 -24.94 37.96 17.98
C ASP K 297 -23.77 37.03 18.29
N ILE K 298 -23.01 37.37 19.33
CA ILE K 298 -21.83 36.57 19.67
C ILE K 298 -22.24 35.14 20.01
N LEU K 299 -23.27 34.99 20.85
CA LEU K 299 -23.71 33.64 21.20
C LEU K 299 -24.34 32.93 20.01
N ALA K 300 -24.90 33.67 19.06
CA ALA K 300 -25.46 33.05 17.87
C ALA K 300 -24.36 32.44 17.01
N ASP K 301 -23.23 33.14 16.86
CA ASP K 301 -22.19 32.64 15.96
C ASP K 301 -21.06 31.90 16.66
N ALA K 302 -20.94 32.01 17.98
CA ALA K 302 -19.83 31.36 18.67
C ALA K 302 -20.00 29.83 18.65
N PRO K 303 -18.89 29.08 18.66
CA PRO K 303 -19.00 27.62 18.69
C PRO K 303 -19.35 27.08 20.07
N GLU K 304 -18.87 27.76 21.13
CA GLU K 304 -19.19 27.32 22.48
C GLU K 304 -20.68 27.41 22.76
N SER K 305 -21.33 28.48 22.30
CA SER K 305 -22.77 28.66 22.47
C SER K 305 -23.54 27.91 21.38
N GLN K 306 -23.24 26.61 21.27
CA GLN K 306 -23.91 25.73 20.31
C GLN K 306 -25.18 25.19 20.96
N ASN K 307 -26.21 26.03 20.98
CA ASN K 307 -27.46 25.74 21.67
C ASN K 307 -27.20 25.42 23.14
N ASN K 308 -26.27 26.14 23.75
CA ASN K 308 -25.89 25.93 25.14
C ASN K 308 -26.38 27.02 26.08
N CYS K 309 -26.69 28.21 25.57
CA CYS K 309 -27.13 29.31 26.40
C CYS K 309 -28.30 30.01 25.73
N ARG K 310 -29.19 30.55 26.56
CA ARG K 310 -30.33 31.33 26.08
C ARG K 310 -30.43 32.62 26.89
N LEU K 311 -30.69 33.72 26.20
CA LEU K 311 -30.77 35.04 26.82
C LEU K 311 -32.22 35.45 26.97
N ILE K 312 -32.59 35.84 28.19
CA ILE K 312 -33.93 36.32 28.48
C ILE K 312 -33.86 37.80 28.77
N ALA K 313 -34.10 38.63 27.75
CA ALA K 313 -34.05 40.08 27.90
C ALA K 313 -35.44 40.61 28.22
N TYR K 314 -35.56 41.35 29.31
CA TYR K 314 -36.86 41.86 29.74
C TYR K 314 -36.72 43.26 30.31
N GLN K 315 -37.83 43.99 30.29
CA GLN K 315 -37.92 45.31 30.89
C GLN K 315 -39.22 45.40 31.68
N GLU K 316 -39.11 45.77 32.95
CA GLU K 316 -40.30 45.89 33.80
C GLU K 316 -41.06 47.16 33.44
N PRO K 317 -42.33 47.08 33.04
CA PRO K 317 -43.13 48.24 32.67
C PRO K 317 -43.59 49.06 33.88
N PHE K 323 -46.66 41.88 34.69
CA PHE K 323 -45.45 41.23 34.18
C PHE K 323 -44.78 40.39 35.26
N SER K 324 -44.59 39.11 34.97
CA SER K 324 -43.93 38.18 35.86
C SER K 324 -42.75 37.53 35.15
N LEU K 325 -41.59 37.53 35.81
CA LEU K 325 -40.39 36.96 35.21
C LEU K 325 -40.54 35.46 34.99
N SER K 326 -41.20 34.77 35.92
CA SER K 326 -41.32 33.32 35.84
C SER K 326 -42.08 32.91 34.58
N GLN K 327 -43.08 33.69 34.17
CA GLN K 327 -43.81 33.36 32.95
C GLN K 327 -42.90 33.40 31.73
N GLU K 328 -42.06 34.45 31.63
CA GLU K 328 -41.14 34.54 30.50
C GLU K 328 -40.12 33.42 30.52
N VAL K 329 -39.58 33.10 31.71
CA VAL K 329 -38.60 32.01 31.79
C VAL K 329 -39.24 30.68 31.40
N LEU K 330 -40.47 30.45 31.84
CA LEU K 330 -41.17 29.21 31.48
C LEU K 330 -41.44 29.15 29.99
N ARG K 331 -41.89 30.26 29.39
CA ARG K 331 -42.18 30.26 27.97
C ARG K 331 -40.92 30.07 27.14
N HIS K 332 -39.78 30.53 27.64
CA HIS K 332 -38.52 30.23 26.95
C HIS K 332 -38.09 28.79 27.18
N LEU K 333 -38.43 28.21 28.35
CA LEU K 333 -38.14 26.80 28.59
C LEU K 333 -38.89 25.90 27.62
N SER L 5 2.32 60.74 32.47
CA SER L 5 3.13 60.44 33.65
C SER L 5 3.26 58.93 33.85
N LEU L 6 2.17 58.20 33.59
CA LEU L 6 2.19 56.75 33.73
C LEU L 6 3.17 56.12 32.74
N HIS L 7 3.15 56.60 31.49
CA HIS L 7 4.08 56.11 30.47
C HIS L 7 4.17 57.17 29.38
N PRO L 8 5.34 57.40 28.80
CA PRO L 8 5.46 58.43 27.75
C PRO L 8 4.64 58.14 26.51
N SER L 9 4.24 56.89 26.28
CA SER L 9 3.51 56.52 25.07
C SER L 9 2.00 56.48 25.27
N ILE L 10 1.51 56.90 26.43
CA ILE L 10 0.07 56.97 26.69
C ILE L 10 -0.41 58.36 26.29
N PRO L 11 -1.38 58.48 25.39
CA PRO L 11 -1.80 59.82 24.94
C PRO L 11 -2.56 60.55 26.03
N CYS L 12 -2.17 61.80 26.26
CA CYS L 12 -2.87 62.64 27.22
C CYS L 12 -4.22 63.06 26.64
N PRO L 13 -5.17 63.42 27.52
CA PRO L 13 -6.46 63.91 27.02
C PRO L 13 -6.28 65.14 26.14
N ARG L 14 -7.13 65.25 25.12
CA ARG L 14 -7.02 66.33 24.16
C ARG L 14 -7.19 67.68 24.85
N GLY L 15 -6.34 68.64 24.47
CA GLY L 15 -6.45 69.99 24.99
C GLY L 15 -7.38 70.84 24.17
N HIS L 16 -6.90 72.00 23.72
CA HIS L 16 -7.70 72.90 22.89
C HIS L 16 -6.86 73.45 21.74
N GLY L 17 -6.05 72.59 21.13
CA GLY L 17 -5.26 73.01 19.98
C GLY L 17 -6.12 73.41 18.80
N ALA L 18 -7.27 72.75 18.64
CA ALA L 18 -8.20 73.15 17.59
C ALA L 18 -8.71 74.56 17.81
N GLN L 19 -8.94 74.94 19.07
CA GLN L 19 -9.35 76.31 19.37
C GLN L 19 -8.28 77.32 18.98
N LYS L 20 -7.02 77.01 19.28
CA LYS L 20 -5.93 77.91 18.89
C LYS L 20 -5.83 78.00 17.37
N ALA L 21 -5.99 76.87 16.67
CA ALA L 21 -5.95 76.89 15.21
C ALA L 21 -7.10 77.72 14.64
N ALA L 22 -8.29 77.58 15.21
CA ALA L 22 -9.43 78.38 14.77
C ALA L 22 -9.19 79.86 15.00
N LEU L 23 -8.59 80.21 16.15
CA LEU L 23 -8.27 81.61 16.42
C LEU L 23 -7.27 82.15 15.42
N VAL L 24 -6.23 81.37 15.10
CA VAL L 24 -5.23 81.80 14.12
C VAL L 24 -5.88 81.97 12.74
N LEU L 25 -6.74 81.02 12.36
CA LEU L 25 -7.42 81.12 11.07
C LEU L 25 -8.33 82.34 11.02
N LEU L 26 -9.03 82.62 12.12
CA LEU L 26 -9.89 83.80 12.17
C LEU L 26 -9.07 85.08 12.07
N SER L 27 -7.93 85.13 12.76
CA SER L 27 -7.07 86.31 12.67
C SER L 27 -6.55 86.51 11.25
N ALA L 28 -6.13 85.42 10.60
CA ALA L 28 -5.68 85.51 9.22
C ALA L 28 -6.80 85.96 8.29
N CYS L 29 -8.01 85.45 8.51
CA CYS L 29 -9.15 85.87 7.69
C CYS L 29 -9.46 87.35 7.88
N LEU L 30 -9.43 87.82 9.12
CA LEU L 30 -9.65 89.25 9.35
C LEU L 30 -8.57 90.08 8.67
N VAL L 31 -7.31 89.63 8.77
CA VAL L 31 -6.20 90.35 8.14
C VAL L 31 -6.41 90.43 6.63
N THR L 32 -6.82 89.32 6.00
CA THR L 32 -6.90 89.31 4.54
C THR L 32 -8.12 90.08 4.04
N LEU L 33 -9.27 89.99 4.72
CA LEU L 33 -10.37 90.86 4.33
C LEU L 33 -10.03 92.33 4.54
N TRP L 34 -9.27 92.67 5.58
CA TRP L 34 -8.83 94.05 5.70
C TRP L 34 -7.90 94.44 4.56
N GLY L 35 -7.03 93.52 4.15
CA GLY L 35 -6.10 93.81 3.06
C GLY L 35 -6.81 94.05 1.73
N LEU L 36 -7.75 93.18 1.38
CA LEU L 36 -8.52 93.41 0.15
C LEU L 36 -9.40 94.63 0.27
N GLY L 37 -10.00 94.85 1.44
CA GLY L 37 -10.86 96.01 1.64
C GLY L 37 -12.13 95.98 0.81
N GLU L 38 -12.72 94.80 0.66
CA GLU L 38 -13.95 94.63 -0.08
C GLU L 38 -15.13 95.17 0.72
N PRO L 39 -16.17 95.67 0.05
CA PRO L 39 -17.36 96.15 0.77
C PRO L 39 -17.94 95.06 1.65
N PRO L 40 -18.44 95.42 2.84
CA PRO L 40 -18.86 94.41 3.80
C PRO L 40 -20.27 93.88 3.58
N GLU L 41 -21.10 94.64 2.87
CA GLU L 41 -22.47 94.19 2.62
C GLU L 41 -22.50 92.93 1.77
N HIS L 42 -21.71 92.89 0.70
CA HIS L 42 -21.65 91.69 -0.13
C HIS L 42 -21.06 90.52 0.64
N THR L 43 -20.04 90.78 1.46
CA THR L 43 -19.45 89.74 2.29
C THR L 43 -20.50 89.14 3.22
N LEU L 44 -21.27 89.99 3.90
CA LEU L 44 -22.29 89.50 4.82
C LEU L 44 -23.38 88.74 4.06
N ARG L 45 -23.79 89.24 2.90
CA ARG L 45 -24.84 88.57 2.13
C ARG L 45 -24.38 87.18 1.70
N TYR L 46 -23.16 87.07 1.18
CA TYR L 46 -22.65 85.77 0.77
C TYR L 46 -22.45 84.83 1.96
N LEU L 47 -21.99 85.35 3.10
CA LEU L 47 -21.85 84.50 4.29
C LEU L 47 -23.20 83.98 4.75
N VAL L 48 -24.22 84.84 4.77
CA VAL L 48 -25.55 84.41 5.17
C VAL L 48 -26.12 83.39 4.19
N LEU L 49 -25.88 83.59 2.90
CA LEU L 49 -26.33 82.63 1.90
C LEU L 49 -25.65 81.27 2.09
N HIS L 50 -24.34 81.28 2.35
CA HIS L 50 -23.62 80.03 2.57
C HIS L 50 -24.13 79.32 3.83
N LEU L 51 -24.36 80.07 4.90
CA LEU L 51 -24.90 79.47 6.12
C LEU L 51 -26.30 78.92 5.91
N ALA L 52 -27.13 79.62 5.14
CA ALA L 52 -28.47 79.12 4.84
C ALA L 52 -28.40 77.85 4.01
N SER L 53 -27.49 77.78 3.04
CA SER L 53 -27.32 76.57 2.25
C SER L 53 -26.87 75.41 3.12
N LEU L 54 -25.93 75.66 4.05
CA LEU L 54 -25.49 74.62 4.97
C LEU L 54 -26.64 74.16 5.86
N GLN L 55 -27.47 75.10 6.33
CA GLN L 55 -28.62 74.73 7.14
C GLN L 55 -29.61 73.88 6.36
N LEU L 56 -29.86 74.23 5.09
CA LEU L 56 -30.77 73.44 4.26
C LEU L 56 -30.20 72.05 4.01
N GLY L 57 -28.89 71.96 3.78
CA GLY L 57 -28.28 70.65 3.62
C GLY L 57 -28.39 69.80 4.88
N LEU L 58 -28.18 70.41 6.04
CA LEU L 58 -28.36 69.69 7.30
C LEU L 58 -29.81 69.26 7.47
N LEU L 59 -30.75 70.09 7.06
CA LEU L 59 -32.16 69.73 7.13
C LEU L 59 -32.48 68.53 6.24
N LEU L 60 -31.93 68.52 5.03
CA LEU L 60 -32.15 67.38 4.13
C LEU L 60 -31.51 66.11 4.69
N ASN L 61 -30.31 66.23 5.27
CA ASN L 61 -29.68 65.07 5.90
C ASN L 61 -30.52 64.56 7.07
N GLY L 62 -31.08 65.48 7.86
CA GLY L 62 -31.97 65.08 8.93
C GLY L 62 -33.24 64.43 8.43
N VAL L 63 -33.76 64.89 7.30
CA VAL L 63 -34.93 64.26 6.69
C VAL L 63 -34.61 62.82 6.29
N CYS L 64 -33.44 62.62 5.67
CA CYS L 64 -33.03 61.25 5.32
C CYS L 64 -32.85 60.40 6.56
N SER L 65 -32.26 60.97 7.62
CA SER L 65 -32.09 60.23 8.86
C SER L 65 -33.44 59.86 9.47
N LEU L 66 -34.41 60.78 9.41
CA LEU L 66 -35.75 60.49 9.93
C LEU L 66 -36.40 59.38 9.11
N ALA L 67 -36.21 59.41 7.79
CA ALA L 67 -36.71 58.31 6.96
C ALA L 67 -36.08 56.99 7.35
N GLU L 68 -34.81 57.02 7.75
CA GLU L 68 -34.15 55.79 8.22
C GLU L 68 -34.72 55.32 9.55
N GLU L 69 -34.93 56.24 10.49
CA GLU L 69 -35.37 55.88 11.84
C GLU L 69 -36.88 55.74 11.97
N LEU L 70 -37.65 55.97 10.90
CA LEU L 70 -39.08 55.73 10.96
C LEU L 70 -39.40 54.29 11.35
N ARG L 71 -38.55 53.34 10.95
CA ARG L 71 -38.76 51.96 11.35
C ARG L 71 -38.18 51.64 12.72
N HIS L 72 -37.22 52.44 13.20
CA HIS L 72 -36.64 52.24 14.52
C HIS L 72 -37.41 52.95 15.62
N ILE L 73 -38.37 53.82 15.25
CA ILE L 73 -39.09 54.64 16.23
C ILE L 73 -39.71 53.80 17.35
N HIS L 74 -40.06 52.54 17.07
CA HIS L 74 -40.69 51.71 18.08
C HIS L 74 -39.73 51.26 19.16
N SER L 75 -38.44 51.15 18.85
CA SER L 75 -37.45 50.64 19.79
C SER L 75 -36.50 51.70 20.29
N ARG L 76 -35.89 52.47 19.39
CA ARG L 76 -34.91 53.48 19.79
C ARG L 76 -35.55 54.58 20.63
N TYR L 77 -36.76 55.03 20.25
CA TYR L 77 -37.39 56.17 20.89
C TYR L 77 -38.74 55.82 21.50
N ARG L 78 -39.02 54.54 21.70
CA ARG L 78 -40.24 54.08 22.38
C ARG L 78 -41.50 54.63 21.73
N GLY L 79 -41.53 54.61 20.40
CA GLY L 79 -42.72 55.03 19.68
C GLY L 79 -43.10 56.49 19.88
N SER L 80 -42.11 57.38 19.87
CA SER L 80 -42.35 58.81 20.02
C SER L 80 -41.72 59.54 18.85
N TYR L 81 -42.51 60.36 18.16
CA TYR L 81 -42.01 61.09 17.01
C TYR L 81 -41.16 62.29 17.40
N TRP L 82 -41.49 62.93 18.53
CA TRP L 82 -40.72 64.10 18.96
C TRP L 82 -39.26 63.75 19.23
N ARG L 83 -39.03 62.64 19.95
CA ARG L 83 -37.67 62.22 20.22
C ARG L 83 -36.93 61.82 18.95
N THR L 84 -37.64 61.19 18.01
CA THR L 84 -37.02 60.84 16.73
C THR L 84 -36.58 62.08 15.97
N VAL L 85 -37.44 63.10 15.92
CA VAL L 85 -37.11 64.33 15.22
C VAL L 85 -35.94 65.02 15.91
N ARG L 86 -35.94 65.04 17.25
CA ARG L 86 -34.83 65.65 17.98
C ARG L 86 -33.52 64.92 17.71
N ALA L 87 -33.55 63.59 17.69
CA ALA L 87 -32.34 62.82 17.42
C ALA L 87 -31.83 63.07 16.01
N CYS L 88 -32.73 63.13 15.03
CA CYS L 88 -32.32 63.30 13.64
C CYS L 88 -32.02 64.74 13.28
N LEU L 89 -32.38 65.72 14.12
CA LEU L 89 -32.18 67.11 13.77
C LEU L 89 -31.66 67.95 14.94
N GLY L 90 -31.01 67.33 15.94
CA GLY L 90 -30.51 68.09 17.05
C GLY L 90 -31.63 68.70 17.89
N CYS L 91 -31.33 69.84 18.51
CA CYS L 91 -32.33 70.53 19.31
C CYS L 91 -33.52 70.92 18.44
N PRO L 92 -34.74 70.52 18.79
CA PRO L 92 -35.87 70.77 17.88
C PRO L 92 -36.17 72.24 17.68
N LEU L 93 -36.36 72.98 18.77
CA LEU L 93 -36.73 74.39 18.67
C LEU L 93 -35.61 75.20 18.04
N ARG L 94 -34.37 74.98 18.49
CA ARG L 94 -33.24 75.76 17.99
C ARG L 94 -33.00 75.51 16.51
N ARG L 95 -32.95 74.24 16.11
CA ARG L 95 -32.72 73.91 14.70
C ARG L 95 -33.88 74.39 13.84
N GLY L 96 -35.12 74.25 14.32
CA GLY L 96 -36.25 74.73 13.55
C GLY L 96 -36.21 76.23 13.35
N ALA L 97 -35.90 76.98 14.40
CA ALA L 97 -35.80 78.43 14.27
C ALA L 97 -34.66 78.82 13.34
N LEU L 98 -33.52 78.12 13.43
CA LEU L 98 -32.40 78.43 12.55
C LEU L 98 -32.75 78.16 11.09
N LEU L 99 -33.42 77.04 10.81
CA LEU L 99 -33.82 76.73 9.45
C LEU L 99 -34.84 77.73 8.92
N LEU L 100 -35.81 78.11 9.76
CA LEU L 100 -36.81 79.10 9.32
C LEU L 100 -36.15 80.44 9.02
N LEU L 101 -35.22 80.88 9.89
CA LEU L 101 -34.52 82.13 9.65
C LEU L 101 -33.66 82.06 8.38
N SER L 102 -33.00 80.92 8.17
CA SER L 102 -32.19 80.76 6.97
C SER L 102 -33.04 80.80 5.72
N ILE L 103 -34.20 80.13 5.73
CA ILE L 103 -35.10 80.16 4.57
C ILE L 103 -35.61 81.56 4.33
N TYR L 104 -35.98 82.29 5.39
CA TYR L 104 -36.47 83.65 5.23
C TYR L 104 -35.39 84.56 4.65
N PHE L 105 -34.15 84.43 5.14
CA PHE L 105 -33.06 85.24 4.61
C PHE L 105 -32.76 84.89 3.16
N TYR L 106 -32.79 83.59 2.82
CA TYR L 106 -32.54 83.19 1.44
C TYR L 106 -33.60 83.73 0.51
N TYR L 107 -34.86 83.72 0.96
CA TYR L 107 -35.93 84.33 0.18
C TYR L 107 -35.71 85.83 0.03
N SER L 108 -35.29 86.50 1.11
CA SER L 108 -35.07 87.94 1.05
C SER L 108 -33.83 88.27 0.22
N LEU L 109 -32.74 87.54 0.42
CA LEU L 109 -31.51 87.82 -0.31
C LEU L 109 -31.65 87.38 -1.76
N PRO L 110 -31.37 88.27 -2.73
CA PRO L 110 -31.45 87.94 -4.16
C PRO L 110 -30.36 86.98 -4.61
N PRO L 116 -32.38 82.39 -9.56
CA PRO L 116 -33.36 81.31 -9.38
C PRO L 116 -33.55 80.93 -7.91
N PHE L 117 -34.75 80.50 -7.55
CA PHE L 117 -35.05 80.08 -6.18
C PHE L 117 -35.38 78.59 -6.09
N THR L 118 -36.36 78.11 -6.87
CA THR L 118 -36.70 76.69 -6.83
C THR L 118 -35.63 75.84 -7.50
N TRP L 119 -34.99 76.36 -8.55
CA TRP L 119 -33.90 75.63 -9.19
C TRP L 119 -32.75 75.42 -8.22
N MET L 120 -32.41 76.45 -7.44
CA MET L 120 -31.34 76.32 -6.46
C MET L 120 -31.70 75.32 -5.38
N LEU L 121 -32.97 75.32 -4.93
CA LEU L 121 -33.39 74.35 -3.92
C LEU L 121 -33.31 72.93 -4.46
N ALA L 122 -33.77 72.71 -5.70
CA ALA L 122 -33.68 71.38 -6.29
C ALA L 122 -32.23 70.94 -6.44
N LEU L 123 -31.35 71.85 -6.87
CA LEU L 123 -29.94 71.52 -7.00
C LEU L 123 -29.30 71.20 -5.66
N LEU L 124 -29.68 71.94 -4.61
CA LEU L 124 -29.17 71.65 -3.28
C LEU L 124 -29.65 70.30 -2.79
N GLY L 125 -30.91 69.96 -3.07
CA GLY L 125 -31.40 68.63 -2.73
C GLY L 125 -30.64 67.54 -3.46
N LEU L 126 -30.37 67.74 -4.75
CA LEU L 126 -29.59 66.76 -5.51
C LEU L 126 -28.19 66.63 -4.95
N SER L 127 -27.56 67.75 -4.58
CA SER L 127 -26.22 67.69 -4.01
C SER L 127 -26.21 66.95 -2.68
N GLN L 128 -27.22 67.18 -1.84
CA GLN L 128 -27.31 66.45 -0.59
C GLN L 128 -27.54 64.96 -0.81
N ALA L 129 -28.38 64.62 -1.79
CA ALA L 129 -28.59 63.21 -2.11
C ALA L 129 -27.30 62.55 -2.59
N LEU L 130 -26.52 63.26 -3.41
CA LEU L 130 -25.24 62.72 -3.86
C LEU L 130 -24.27 62.58 -2.71
N ASN L 131 -24.24 63.55 -1.79
CA ASN L 131 -23.35 63.48 -0.64
C ASN L 131 -23.69 62.29 0.24
N ILE L 132 -24.99 62.05 0.47
CA ILE L 132 -25.40 60.93 1.32
C ILE L 132 -25.14 59.61 0.62
N LEU L 133 -25.43 59.53 -0.68
CA LEU L 133 -25.30 58.27 -1.40
C LEU L 133 -23.83 57.86 -1.55
N LEU L 134 -23.03 58.69 -2.23
CA LEU L 134 -21.63 58.34 -2.45
C LEU L 134 -20.82 58.41 -1.16
N GLY L 135 -21.06 59.43 -0.34
CA GLY L 135 -20.35 59.59 0.90
C GLY L 135 -19.18 60.55 0.80
N LEU L 136 -19.38 61.68 0.12
CA LEU L 136 -18.32 62.67 -0.01
C LEU L 136 -17.98 63.30 1.34
N LYS L 137 -19.00 63.61 2.15
CA LYS L 137 -18.80 64.26 3.44
C LYS L 137 -18.30 63.22 4.45
N GLY L 138 -17.07 62.77 4.24
CA GLY L 138 -16.47 61.79 5.12
C GLY L 138 -16.11 62.38 6.47
N LEU L 139 -15.99 61.48 7.45
CA LEU L 139 -15.65 61.86 8.82
C LEU L 139 -14.17 61.58 9.07
N ALA L 140 -13.45 62.61 9.52
CA ALA L 140 -12.03 62.45 9.80
C ALA L 140 -11.85 61.49 10.97
N PRO L 141 -10.98 60.48 10.83
CA PRO L 141 -10.75 59.56 11.97
C PRO L 141 -10.30 60.26 13.23
N ALA L 142 -9.50 61.33 13.13
CA ALA L 142 -9.11 62.08 14.31
C ALA L 142 -10.33 62.72 14.97
N GLU L 143 -11.25 63.27 14.17
CA GLU L 143 -12.47 63.84 14.73
C GLU L 143 -13.34 62.77 15.39
N ILE L 144 -13.41 61.59 14.77
CA ILE L 144 -14.16 60.49 15.36
C ILE L 144 -13.56 60.09 16.71
N SER L 145 -12.23 60.00 16.77
CA SER L 145 -11.57 59.64 18.02
C SER L 145 -11.81 60.70 19.08
N ALA L 146 -11.74 61.98 18.70
CA ALA L 146 -11.99 63.06 19.66
C ALA L 146 -13.42 63.01 20.17
N VAL L 147 -14.39 62.78 19.28
CA VAL L 147 -15.79 62.69 19.69
C VAL L 147 -16.00 61.51 20.63
N CYS L 148 -15.39 60.37 20.31
CA CYS L 148 -15.53 59.19 21.17
C CYS L 148 -14.92 59.44 22.55
N GLU L 149 -13.74 60.07 22.59
CA GLU L 149 -13.10 60.36 23.87
C GLU L 149 -13.93 61.36 24.68
N LYS L 150 -14.51 62.36 24.03
CA LYS L 150 -15.29 63.37 24.74
C LYS L 150 -16.58 62.77 25.28
N GLY L 151 -17.32 62.04 24.44
CA GLY L 151 -18.61 61.48 24.80
C GLY L 151 -18.56 60.08 25.39
N ASN L 152 -17.36 59.57 25.69
CA ASN L 152 -17.19 58.22 26.25
C ASN L 152 -17.79 57.16 25.33
N PHE L 153 -17.61 57.34 24.02
CA PHE L 153 -17.99 56.31 23.04
C PHE L 153 -16.80 55.42 22.72
N ASN L 154 -16.25 54.83 23.78
CA ASN L 154 -15.06 54.00 23.70
C ASN L 154 -15.38 52.56 24.06
N VAL L 155 -14.35 51.72 23.96
CA VAL L 155 -14.40 50.35 24.46
C VAL L 155 -13.57 50.18 25.71
N ALA L 156 -12.38 50.78 25.72
CA ALA L 156 -11.52 50.75 26.90
C ALA L 156 -12.18 51.41 28.10
N HIS L 157 -13.04 52.39 27.86
CA HIS L 157 -13.79 53.00 28.96
C HIS L 157 -14.60 51.95 29.71
N GLY L 158 -15.41 51.18 28.97
CA GLY L 158 -16.17 50.12 29.60
C GLY L 158 -15.30 49.03 30.21
N LEU L 159 -14.23 48.65 29.50
CA LEU L 159 -13.33 47.62 30.03
C LEU L 159 -12.74 48.02 31.37
N ALA L 160 -12.20 49.24 31.46
CA ALA L 160 -11.56 49.67 32.69
C ALA L 160 -12.58 49.92 33.80
N TRP L 161 -13.75 50.46 33.46
CA TRP L 161 -14.76 50.68 34.50
C TRP L 161 -15.23 49.34 35.07
N SER L 162 -15.39 48.34 34.22
CA SER L 162 -15.75 47.01 34.72
C SER L 162 -14.64 46.42 35.57
N TYR L 163 -13.38 46.58 35.14
CA TYR L 163 -12.27 46.02 35.91
C TYR L 163 -12.17 46.66 37.29
N TYR L 164 -12.38 47.98 37.36
CA TYR L 164 -12.35 48.66 38.66
C TYR L 164 -13.53 48.23 39.52
N ILE L 165 -14.74 48.27 38.96
CA ILE L 165 -15.92 47.99 39.75
C ILE L 165 -16.00 46.52 40.13
N GLY L 166 -15.65 45.62 39.21
CA GLY L 166 -15.80 44.21 39.44
C GLY L 166 -14.75 43.56 40.33
N TYR L 167 -13.48 43.93 40.15
CA TYR L 167 -12.39 43.21 40.77
C TYR L 167 -11.55 44.06 41.71
N LEU L 168 -11.10 45.24 41.28
CA LEU L 168 -10.26 46.07 42.13
C LEU L 168 -11.02 46.53 43.37
N ARG L 169 -12.28 46.95 43.19
CA ARG L 169 -13.07 47.46 44.30
C ARG L 169 -13.32 46.41 45.37
N LEU L 170 -13.23 45.12 45.02
CA LEU L 170 -13.51 44.05 45.96
C LEU L 170 -12.27 43.50 46.65
N ILE L 171 -11.07 43.82 46.15
CA ILE L 171 -9.85 43.30 46.75
C ILE L 171 -8.99 44.38 47.39
N LEU L 172 -9.09 45.63 46.92
CA LEU L 172 -8.19 46.66 47.45
C LEU L 172 -8.28 46.85 48.95
N PRO L 173 -9.45 46.91 49.58
CA PRO L 173 -9.48 47.03 51.05
C PRO L 173 -8.82 45.86 51.78
N GLU L 174 -8.98 44.64 51.27
CA GLU L 174 -8.50 43.45 51.97
C GLU L 174 -7.08 43.04 51.59
N LEU L 175 -6.54 43.58 50.50
CA LEU L 175 -5.21 43.17 50.05
C LEU L 175 -4.15 43.55 51.08
N GLN L 176 -4.22 44.77 51.62
CA GLN L 176 -3.24 45.18 52.62
C GLN L 176 -3.35 44.34 53.88
N ALA L 177 -4.58 44.02 54.30
CA ALA L 177 -4.77 43.21 55.49
C ALA L 177 -4.18 41.81 55.31
N ARG L 178 -4.43 41.20 54.15
CA ARG L 178 -3.88 39.86 53.91
C ARG L 178 -2.36 39.91 53.76
N ILE L 179 -1.83 40.98 53.16
CA ILE L 179 -0.38 41.13 53.05
C ILE L 179 0.24 41.23 54.44
N ARG L 180 -0.37 42.01 55.33
CA ARG L 180 0.14 42.11 56.70
C ARG L 180 0.04 40.78 57.42
N THR L 181 -1.06 40.05 57.21
CA THR L 181 -1.20 38.74 57.85
C THR L 181 -0.10 37.80 57.39
N TYR L 182 0.19 37.78 56.09
CA TYR L 182 1.28 36.95 55.59
C TYR L 182 2.63 37.42 56.11
N ASN L 183 2.80 38.73 56.31
CA ASN L 183 4.06 39.25 56.82
C ASN L 183 4.30 38.80 58.25
N GLN L 184 3.30 38.96 59.13
CA GLN L 184 3.45 38.46 60.51
C GLN L 184 3.58 36.95 60.56
N HIS L 185 2.87 36.22 59.69
CA HIS L 185 3.02 34.77 59.66
C HIS L 185 4.44 34.37 59.26
N TYR L 186 5.00 35.05 58.28
CA TYR L 186 6.36 34.77 57.81
C TYR L 186 7.36 35.55 58.65
N ASN L 187 8.62 35.58 58.21
CA ASN L 187 9.67 36.33 58.90
C ASN L 187 10.36 37.29 57.94
N ASN L 188 11.45 37.91 58.39
CA ASN L 188 12.20 38.83 57.56
C ASN L 188 12.79 38.14 56.33
N GLY L 192 12.98 39.86 53.62
CA GLY L 192 12.29 41.02 53.08
C GLY L 192 10.77 40.87 53.09
N ALA L 193 10.10 41.80 53.77
CA ALA L 193 8.65 41.78 53.86
C ALA L 193 8.03 42.11 52.51
N VAL L 194 6.89 41.49 52.22
CA VAL L 194 6.20 41.73 50.95
C VAL L 194 5.68 43.16 50.92
N SER L 195 5.74 43.78 49.75
CA SER L 195 5.28 45.15 49.59
C SER L 195 3.77 45.22 49.77
N GLN L 196 3.30 46.27 50.46
CA GLN L 196 1.89 46.47 50.73
C GLN L 196 1.15 47.11 49.56
N ARG L 197 1.73 47.11 48.36
CA ARG L 197 1.09 47.68 47.18
C ARG L 197 1.01 46.63 46.08
N LEU L 198 -0.05 46.72 45.29
CA LEU L 198 -0.27 45.81 44.17
C LEU L 198 0.36 46.42 42.92
N TYR L 199 1.39 45.75 42.39
CA TYR L 199 2.09 46.23 41.20
C TYR L 199 1.46 45.59 39.98
N ILE L 200 0.35 46.17 39.52
CA ILE L 200 -0.38 45.65 38.38
C ILE L 200 0.39 46.01 37.12
N LEU L 201 0.93 45.01 36.45
CA LEU L 201 1.62 45.23 35.18
C LEU L 201 0.60 45.52 34.09
N LEU L 202 0.96 46.40 33.17
CA LEU L 202 0.10 46.79 32.05
C LEU L 202 0.88 46.70 30.74
N PRO L 203 1.16 45.48 30.27
CA PRO L 203 1.87 45.33 28.99
C PRO L 203 1.03 45.82 27.82
N LEU L 204 1.45 46.92 27.20
CA LEU L 204 0.66 47.53 26.13
C LEU L 204 0.64 46.70 24.86
N ASP L 205 1.52 45.71 24.72
CA ASP L 205 1.46 44.82 23.56
C ASP L 205 0.31 43.81 23.66
N CYS L 206 -0.34 43.73 24.82
CA CYS L 206 -1.49 42.86 25.07
C CYS L 206 -1.17 41.38 24.96
N GLY L 207 0.11 41.02 24.82
CA GLY L 207 0.50 39.62 24.83
C GLY L 207 0.92 39.18 26.22
N VAL L 208 0.02 38.56 26.97
CA VAL L 208 0.25 38.21 28.36
C VAL L 208 0.40 36.69 28.44
N PRO L 209 1.59 36.17 28.72
CA PRO L 209 1.73 34.75 29.04
C PRO L 209 1.07 34.43 30.37
N ASP L 210 0.64 33.17 30.51
CA ASP L 210 -0.03 32.75 31.73
C ASP L 210 0.90 32.74 32.94
N ASN L 211 2.22 32.74 32.72
CA ASN L 211 3.19 32.70 33.80
C ASN L 211 4.21 33.81 33.62
N LEU L 212 4.58 34.44 34.74
CA LEU L 212 5.58 35.51 34.70
C LEU L 212 6.97 35.01 34.34
N SER L 213 7.27 33.74 34.62
CA SER L 213 8.58 33.19 34.29
C SER L 213 8.81 33.20 32.78
N MET L 214 7.77 32.88 32.00
CA MET L 214 7.90 32.88 30.55
C MET L 214 8.18 34.28 30.02
N ALA L 215 7.51 35.29 30.60
CA ALA L 215 7.76 36.68 30.18
C ALA L 215 9.18 37.10 30.50
N ASP L 216 9.68 36.74 31.68
CA ASP L 216 11.04 37.08 32.09
C ASP L 216 11.59 36.02 33.03
N PRO L 217 12.69 35.36 32.66
CA PRO L 217 13.26 34.34 33.55
C PRO L 217 13.75 34.88 34.88
N ASN L 218 14.05 36.18 34.95
CA ASN L 218 14.54 36.77 36.19
C ASN L 218 13.45 36.92 37.25
N ILE L 219 12.19 36.72 36.88
CA ILE L 219 11.06 36.77 37.82
C ILE L 219 10.59 35.35 38.06
N ARG L 220 10.49 34.97 39.34
CA ARG L 220 10.16 33.62 39.73
C ARG L 220 8.96 33.61 40.68
N PHE L 221 8.09 32.62 40.49
CA PHE L 221 6.99 32.40 41.42
C PHE L 221 7.53 31.91 42.76
N LEU L 222 7.01 32.46 43.86
CA LEU L 222 7.48 32.11 45.19
C LEU L 222 6.38 31.47 46.04
N ASP L 223 5.22 32.11 46.17
CA ASP L 223 4.19 31.59 47.07
C ASP L 223 2.83 32.15 46.66
N LYS L 224 1.79 31.68 47.34
CA LYS L 224 0.43 32.14 47.12
C LYS L 224 -0.11 32.78 48.39
N LEU L 225 -0.82 33.89 48.23
CA LEU L 225 -1.40 34.59 49.38
C LEU L 225 -2.53 33.75 49.99
N PRO L 226 -2.66 33.73 51.31
CA PRO L 226 -3.81 33.05 51.92
C PRO L 226 -5.11 33.75 51.56
N GLN L 227 -6.18 32.95 51.49
CA GLN L 227 -7.50 33.46 51.13
C GLN L 227 -8.04 34.42 52.19
N ARG L 238 -15.09 32.75 45.63
CA ARG L 238 -14.97 34.08 46.21
C ARG L 238 -13.55 34.31 46.74
N VAL L 239 -12.61 33.49 46.28
CA VAL L 239 -11.23 33.54 46.75
C VAL L 239 -10.36 34.10 45.65
N TYR L 240 -9.47 35.04 46.01
CA TYR L 240 -8.49 35.60 45.10
C TYR L 240 -7.12 35.05 45.49
N SER L 241 -6.52 34.27 44.59
CA SER L 241 -5.24 33.64 44.86
C SER L 241 -4.10 34.51 44.30
N ASN L 242 -3.97 35.69 44.89
CA ASN L 242 -2.87 36.58 44.52
C ASN L 242 -1.54 35.93 44.87
N SER L 243 -0.58 36.02 43.96
CA SER L 243 0.70 35.37 44.11
C SER L 243 1.77 36.34 44.59
N ILE L 244 2.81 35.80 45.21
CA ILE L 244 3.98 36.55 45.64
C ILE L 244 5.18 35.99 44.91
N TYR L 245 5.94 36.86 44.26
CA TYR L 245 7.00 36.47 43.33
C TYR L 245 8.36 36.87 43.87
N GLU L 246 9.37 36.09 43.51
CA GLU L 246 10.76 36.46 43.78
C GLU L 246 11.21 37.54 42.81
N LEU L 247 11.73 38.64 43.34
CA LEU L 247 12.22 39.75 42.51
C LEU L 247 13.74 39.66 42.48
N LEU L 248 14.25 38.86 41.54
CA LEU L 248 15.68 38.60 41.43
C LEU L 248 16.35 39.68 40.59
N GLU L 249 17.28 40.41 41.21
CA GLU L 249 18.20 41.29 40.50
C GLU L 249 19.59 40.70 40.63
N ASN L 250 20.25 40.48 39.49
CA ASN L 250 21.57 39.85 39.45
C ASN L 250 21.59 38.50 40.16
N GLY L 251 20.44 37.82 40.18
CA GLY L 251 20.32 36.54 40.83
C GLY L 251 20.07 36.57 42.32
N GLN L 252 19.87 37.75 42.91
CA GLN L 252 19.61 37.87 44.34
C GLN L 252 18.29 38.57 44.57
N ARG L 253 17.54 38.11 45.56
CA ARG L 253 16.21 38.67 45.82
C ARG L 253 16.34 40.07 46.41
N ALA L 254 15.91 41.08 45.65
CA ALA L 254 15.94 42.46 46.11
C ALA L 254 14.63 42.88 46.78
N GLY L 255 13.63 42.02 46.79
CA GLY L 255 12.36 42.34 47.42
C GLY L 255 11.30 41.35 47.01
N THR L 256 10.14 41.50 47.64
CA THR L 256 8.98 40.67 47.35
C THR L 256 7.73 41.54 47.30
N CYS L 257 6.82 41.19 46.39
CA CYS L 257 5.58 41.93 46.21
C CYS L 257 4.58 41.01 45.53
N VAL L 258 3.45 41.60 45.12
CA VAL L 258 2.37 40.87 44.46
C VAL L 258 2.29 41.38 43.03
N LEU L 259 2.58 40.49 42.08
CA LEU L 259 2.53 40.82 40.65
C LEU L 259 1.25 40.24 40.05
N GLU L 260 0.58 41.03 39.21
CA GLU L 260 -0.72 40.63 38.68
C GLU L 260 -0.94 41.34 37.36
N TYR L 261 -1.00 40.58 36.27
CA TYR L 261 -1.30 41.14 34.96
C TYR L 261 -2.68 41.78 34.94
N ALA L 262 -2.89 42.64 33.95
CA ALA L 262 -4.20 43.22 33.69
C ALA L 262 -4.93 42.33 32.70
N THR L 263 -6.00 41.68 33.16
CA THR L 263 -6.80 40.79 32.34
C THR L 263 -7.60 41.50 31.24
N PRO L 264 -8.00 42.77 31.39
CA PRO L 264 -8.57 43.48 30.24
C PRO L 264 -7.65 43.53 29.04
N LEU L 265 -6.34 43.54 29.25
CA LEU L 265 -5.43 43.47 28.12
C LEU L 265 -5.57 42.15 27.37
N GLN L 266 -5.68 41.04 28.10
CA GLN L 266 -5.90 39.75 27.45
C GLN L 266 -7.25 39.72 26.74
N THR L 267 -8.27 40.33 27.35
CA THR L 267 -9.58 40.40 26.71
C THR L 267 -9.51 41.19 25.40
N LEU L 268 -8.77 42.31 25.41
CA LEU L 268 -8.60 43.10 24.19
C LEU L 268 -7.83 42.31 23.13
N PHE L 269 -6.83 41.54 23.56
CA PHE L 269 -6.10 40.68 22.64
C PHE L 269 -7.02 39.67 21.98
N ALA L 270 -7.88 39.02 22.79
CA ALA L 270 -8.81 38.04 22.24
C ALA L 270 -9.84 38.70 21.33
N MET L 271 -10.27 39.92 21.66
CA MET L 271 -11.15 40.66 20.77
C MET L 271 -10.49 40.92 19.42
N SER L 272 -9.22 41.33 19.45
CA SER L 272 -8.50 41.59 18.21
C SER L 272 -8.29 40.30 17.41
N GLN L 273 -8.18 39.16 18.10
CA GLN L 273 -8.01 37.90 17.38
C GLN L 273 -9.23 37.54 16.56
N TYR L 274 -10.42 37.73 17.11
CA TYR L 274 -11.65 37.27 16.47
C TYR L 274 -12.12 38.24 15.39
N SER L 275 -12.84 37.70 14.41
CA SER L 275 -13.38 38.48 13.31
C SER L 275 -14.79 39.00 13.57
N GLN L 276 -15.41 38.59 14.68
CA GLN L 276 -16.75 39.05 15.03
C GLN L 276 -16.74 40.28 15.92
N ALA L 277 -15.61 40.97 16.03
CA ALA L 277 -15.51 42.15 16.86
C ALA L 277 -15.44 43.45 16.08
N GLY L 278 -15.04 43.40 14.81
CA GLY L 278 -14.77 44.63 14.09
C GLY L 278 -13.70 45.46 14.76
N PHE L 279 -12.67 44.80 15.28
CA PHE L 279 -11.71 45.41 16.20
C PHE L 279 -10.31 44.97 15.78
N SER L 280 -9.52 45.91 15.25
CA SER L 280 -8.24 45.60 14.65
C SER L 280 -7.09 45.84 15.61
N ARG L 281 -5.88 45.48 15.18
CA ARG L 281 -4.70 45.60 16.02
C ARG L 281 -4.38 47.05 16.34
N GLU L 282 -4.53 47.95 15.37
CA GLU L 282 -4.36 49.37 15.65
C GLU L 282 -5.35 49.84 16.70
N ASP L 283 -6.61 49.45 16.54
CA ASP L 283 -7.61 49.73 17.56
C ASP L 283 -7.27 49.03 18.87
N ARG L 284 -6.64 47.85 18.80
CA ARG L 284 -6.25 47.15 20.01
C ARG L 284 -5.24 47.96 20.82
N LEU L 285 -4.21 48.48 20.16
CA LEU L 285 -3.24 49.33 20.85
C LEU L 285 -3.88 50.62 21.33
N GLU L 286 -4.74 51.22 20.51
CA GLU L 286 -5.43 52.44 20.92
C GLU L 286 -6.23 52.23 22.19
N GLN L 287 -6.98 51.12 22.25
CA GLN L 287 -7.79 50.84 23.42
C GLN L 287 -6.94 50.40 24.61
N ALA L 288 -5.79 49.77 24.38
CA ALA L 288 -4.89 49.51 25.51
C ALA L 288 -4.42 50.82 26.13
N LYS L 289 -4.05 51.78 25.28
CA LYS L 289 -3.66 53.11 25.76
C LYS L 289 -4.78 53.74 26.56
N LEU L 290 -5.98 53.78 25.99
CA LEU L 290 -7.11 54.42 26.67
C LEU L 290 -7.47 53.70 27.96
N PHE L 291 -7.40 52.37 27.97
CA PHE L 291 -7.71 51.61 29.17
C PHE L 291 -6.74 51.93 30.29
N CYS L 292 -5.45 51.95 29.98
CA CYS L 292 -4.47 52.30 31.00
C CYS L 292 -4.71 53.72 31.52
N ARG L 293 -4.96 54.66 30.60
CA ARG L 293 -5.16 56.05 31.00
C ARG L 293 -6.37 56.19 31.94
N THR L 294 -7.51 55.64 31.54
CA THR L 294 -8.72 55.83 32.34
C THR L 294 -8.69 54.98 33.61
N LEU L 295 -8.00 53.85 33.60
CA LEU L 295 -7.85 53.09 34.84
C LEU L 295 -7.00 53.85 35.85
N GLU L 296 -5.91 54.48 35.38
CA GLU L 296 -5.14 55.32 36.29
C GLU L 296 -5.97 56.49 36.79
N ASP L 297 -6.76 57.09 35.90
CA ASP L 297 -7.63 58.20 36.32
C ASP L 297 -8.62 57.76 37.38
N ILE L 298 -9.19 56.56 37.23
CA ILE L 298 -10.15 56.05 38.22
C ILE L 298 -9.45 55.78 39.54
N LEU L 299 -8.30 55.09 39.49
CA LEU L 299 -7.61 54.74 40.72
C LEU L 299 -7.05 55.96 41.44
N ALA L 300 -6.82 57.06 40.73
CA ALA L 300 -6.39 58.29 41.39
C ALA L 300 -7.45 58.80 42.35
N ASP L 301 -8.72 58.75 41.95
CA ASP L 301 -9.83 59.26 42.74
C ASP L 301 -10.63 58.16 43.43
N ALA L 302 -10.17 56.92 43.38
CA ALA L 302 -10.93 55.82 43.96
C ALA L 302 -10.86 55.88 45.48
N PRO L 303 -12.00 55.95 46.19
CA PRO L 303 -11.95 55.95 47.66
C PRO L 303 -11.35 54.68 48.22
N GLU L 304 -11.58 53.54 47.59
CA GLU L 304 -11.00 52.28 48.08
C GLU L 304 -9.49 52.28 47.95
N SER L 305 -8.95 52.96 46.95
CA SER L 305 -7.51 53.01 46.72
C SER L 305 -6.90 54.13 47.55
N GLN L 306 -5.91 53.78 48.36
CA GLN L 306 -5.17 54.73 49.19
C GLN L 306 -3.67 54.58 48.91
N ASN L 307 -3.32 54.58 47.63
CA ASN L 307 -1.96 54.29 47.17
C ASN L 307 -1.51 52.89 47.59
N ASN L 308 -2.46 51.97 47.70
CA ASN L 308 -2.19 50.57 47.97
C ASN L 308 -2.08 49.75 46.69
N CYS L 309 -2.16 50.39 45.53
CA CYS L 309 -2.02 49.70 44.25
C CYS L 309 -1.34 50.64 43.28
N ARG L 310 -0.18 50.23 42.77
CA ARG L 310 0.62 51.07 41.87
C ARG L 310 0.55 50.47 40.48
N LEU L 311 0.12 51.28 39.50
CA LEU L 311 0.01 50.83 38.13
C LEU L 311 1.35 50.94 37.43
N ILE L 312 1.78 49.86 36.79
CA ILE L 312 3.04 49.81 36.06
C ILE L 312 2.71 49.48 34.61
N ALA L 313 3.13 50.35 33.70
CA ALA L 313 2.87 50.18 32.28
C ALA L 313 4.18 50.27 31.50
N TYR L 314 4.23 49.59 30.37
CA TYR L 314 5.42 49.58 29.54
C TYR L 314 5.05 49.17 28.13
N GLN L 315 5.90 49.56 27.19
CA GLN L 315 5.75 49.19 25.78
C GLN L 315 7.05 48.55 25.32
N GLU L 316 6.95 47.33 24.78
CA GLU L 316 8.14 46.62 24.34
C GLU L 316 8.65 47.21 23.03
N PRO L 317 9.91 47.66 22.97
CA PRO L 317 10.48 48.25 21.74
C PRO L 317 10.79 47.21 20.68
N PHE L 323 14.07 44.73 26.62
CA PHE L 323 13.50 45.43 27.76
C PHE L 323 13.61 44.58 29.02
N SER L 324 13.96 45.22 30.13
CA SER L 324 14.13 44.55 31.42
C SER L 324 12.88 44.78 32.26
N LEU L 325 12.07 43.74 32.41
CA LEU L 325 10.86 43.85 33.21
C LEU L 325 11.17 43.92 34.69
N SER L 326 12.13 43.12 35.16
CA SER L 326 12.48 43.12 36.58
C SER L 326 13.01 44.47 37.02
N GLN L 327 13.88 45.08 36.22
CA GLN L 327 14.40 46.40 36.55
C GLN L 327 13.30 47.44 36.56
N GLU L 328 12.37 47.36 35.61
CA GLU L 328 11.25 48.30 35.59
C GLU L 328 10.39 48.17 36.83
N VAL L 329 10.11 46.94 37.27
CA VAL L 329 9.35 46.74 38.50
C VAL L 329 10.13 47.28 39.70
N LEU L 330 11.44 47.02 39.74
CA LEU L 330 12.26 47.54 40.84
C LEU L 330 12.30 49.06 40.86
N ARG L 331 12.11 49.71 39.70
CA ARG L 331 12.09 51.16 39.67
C ARG L 331 10.93 51.72 40.48
N HIS L 332 9.76 51.08 40.37
CA HIS L 332 8.59 51.50 41.14
C HIS L 332 8.61 50.99 42.57
N LEU L 333 9.49 50.05 42.89
CA LEU L 333 9.58 49.52 44.25
C LEU L 333 10.18 50.55 45.20
C25 A1AZ0 M . 0.71 -35.32 3.87
C12 A1AZ0 M . 9.28 -35.33 7.52
C14 A1AZ0 M . 9.50 -33.30 6.75
C15 A1AZ0 M . 8.97 -34.05 5.76
C17 A1AZ0 M . 8.29 -36.52 5.55
C26 A1AZ0 M . 1.70 -34.31 3.81
C01 A1AZ0 M . 8.37 -39.82 8.32
C02 A1AZ0 M . 9.85 -39.58 8.75
C04 A1AZ0 M . 9.96 -37.86 10.55
C05 A1AZ0 M . 10.00 -37.87 11.92
C06 A1AZ0 M . 9.96 -39.21 12.33
C08 A1AZ0 M . 9.98 -39.72 13.80
C09 A1AZ0 M . 9.98 -36.57 9.67
C18 A1AZ0 M . 6.75 -36.42 5.43
C19 A1AZ0 M . 6.20 -35.57 6.34
C20 A1AZ0 M . 4.97 -34.84 7.00
C22 A1AZ0 M . 2.85 -35.35 5.68
C23 A1AZ0 M . 1.90 -36.32 5.75
C24 A1AZ0 M . 0.80 -36.34 4.84
C27 A1AZ0 M . 2.78 -34.30 4.70
C29 A1AZ0 M . 3.30 -31.95 4.86
C30 A1AZ0 M . 3.94 -31.45 6.20
C31 A1AZ0 M . 5.13 -30.48 5.97
C33 A1AZ0 M . 6.25 -31.20 7.69
C34 A1AZ0 M . 7.01 -30.80 8.98
C36 A1AZ0 M . 7.07 -28.56 8.24
C37 A1AZ0 M . 6.54 -29.08 6.91
C38 A1AZ0 M . -0.46 -35.30 2.87
C42 A1AZ0 M . 3.35 -36.74 7.32
C44 A1AZ0 M . 3.80 -38.73 8.91
C46 A1AZ0 M . 4.58 -39.32 10.13
C47 A1AZ0 M . 4.85 -40.66 10.32
C48 A1AZ0 M . 5.54 -40.78 11.50
C51 A1AZ0 M . 5.02 -37.23 11.39
C52 A1AZ0 M . 6.05 -36.81 12.48
C53 A1AZ0 M . 6.05 -42.07 12.12
C54 A1AZ0 M . 8.67 -33.48 4.48
C55 A1AZ0 M . 8.93 -32.12 4.28
C56 A1AZ0 M . 9.49 -31.33 5.30
C57 A1AZ0 M . 9.77 -31.90 6.54
C58 A1AZ0 M . 9.77 -29.83 5.05
C62 A1AZ0 M . 6.84 -33.79 3.02
N03 A1AZ0 M . 9.90 -39.13 10.13
N07 A1AZ0 M . 9.90 -39.97 11.23
N11 A1AZ0 M . 9.27 -36.53 8.38
N13 A1AZ0 M . 9.69 -34.09 7.85
N16 A1AZ0 M . 8.83 -35.33 6.26
N21 A1AZ0 M . 3.75 -35.61 6.67
N32 A1AZ0 M . 5.64 -30.12 7.09
N40 A1AZ0 M . -1.27 -36.50 2.67
N41 A1AZ0 M . 2.21 -37.18 6.76
N43 A1AZ0 M . 4.06 -37.34 8.46
N49 A1AZ0 M . 5.67 -39.54 12.03
N50 A1AZ0 M . 5.07 -38.67 11.17
N60 A1AZ0 M . 9.32 -29.21 3.80
O10 A1AZ0 M . 10.58 -35.60 10.05
O28 A1AZ0 M . 3.78 -33.29 4.63
O35 A1AZ0 M . 6.91 -29.44 9.31
O39 A1AZ0 M . -0.72 -34.31 2.27
O45 A1AZ0 M . 2.99 -39.40 8.34
O59 A1AZ0 M . 10.33 -29.20 5.87
O61 A1AZ0 M . 8.12 -34.24 3.45
C11 9IM N . 20.58 -74.96 47.81
C12 9IM N . 20.67 -76.20 48.41
C13 9IM N . 19.52 -76.85 48.84
C14 9IM N . 18.29 -76.25 48.66
C16 9IM N . 16.67 -73.28 50.30
C17 9IM N . 17.83 -72.53 50.48
C23 9IM N . 22.46 -70.72 49.61
C24 9IM N . 22.53 -72.01 49.13
C27 9IM N . 24.00 -71.29 47.39
C29 9IM N . 23.93 -69.99 47.86
C30 9IM N . 23.14 -69.70 48.97
C01 9IM N . 13.26 -73.41 50.83
C02 9IM N . 14.56 -74.21 50.85
C03 9IM N . 14.42 -75.42 51.79
C04 9IM N . 14.88 -74.68 49.50
C07 9IM N . 16.83 -74.35 47.85
C08 9IM N . 18.19 -75.01 48.06
C09 9IM N . 19.34 -74.36 47.63
C18 9IM N . 18.03 -71.84 51.68
C19 9IM N . 19.34 -71.05 51.77
C22 9IM N . 21.59 -70.41 50.83
C26 9IM N . 23.32 -72.30 48.02
C32 9IM N . 17.07 -71.90 52.70
C33 9IM N . 15.91 -72.65 52.52
C34 9IM N . 15.70 -73.34 51.33
F10 9IM N . 19.57 -73.16 47.02
F25 9IM N . 21.85 -73.00 49.76
F28 9IM N . 24.77 -71.56 46.29
F31 9IM N . 23.31 -68.36 49.12
N06 9IM N . 16.16 -74.12 49.13
N21 9IM N . 20.35 -71.16 50.73
O05 9IM N . 14.20 -75.39 48.83
O20 9IM N . 19.54 -70.35 52.70
CL1 9IM N . 17.09 -77.39 49.33
C11 9IM O . 3.30 -54.90 75.44
C12 9IM O . 4.14 -55.56 76.33
C13 9IM O . 5.49 -55.35 76.27
C14 9IM O . 6.03 -54.50 75.33
C16 9IM O . 6.24 -54.89 71.70
C17 9IM O . 5.02 -55.54 71.56
C23 9IM O . 0.12 -55.79 71.35
C24 9IM O . 0.13 -55.05 72.52
C27 9IM O . -1.54 -53.59 71.61
C29 9IM O . -1.55 -54.34 70.44
C30 9IM O . -0.72 -55.44 70.31
C01 9IM O . 9.05 -53.78 70.08
C02 9IM O . 8.53 -54.45 71.35
C03 9IM O . 9.65 -55.27 72.00
C04 9IM O . 8.05 -53.43 72.28
C07 9IM O . 5.79 -52.90 73.39
C08 9IM O . 5.19 -53.84 74.44
C09 9IM O . 3.83 -54.04 74.49
C18 9IM O . 4.92 -56.66 70.73
C19 9IM O . 3.52 -57.26 70.67
C22 9IM O . 1.05 -57.00 71.22
C26 9IM O . -0.70 -53.95 72.65
C32 9IM O . 6.04 -57.13 70.03
C33 9IM O . 7.26 -56.47 70.17
C34 9IM O . 7.37 -55.35 71.00
F10 9IM O . 2.77 -53.55 73.78
F25 9IM O . 0.96 -55.40 73.54
F28 9IM O . -2.36 -52.51 71.73
F31 9IM O . -1.01 -55.89 69.06
N06 9IM O . 6.65 -53.67 72.52
N21 9IM O . 2.41 -56.50 71.23
O05 9IM O . 8.71 -52.56 72.76
O20 9IM O . 3.33 -58.33 70.19
CL1 9IM O . 7.80 -54.51 75.57
C25 A1AZ0 P . -11.57 -11.82 29.81
C12 A1AZ0 P . -3.45 -12.23 33.40
C14 A1AZ0 P . -3.12 -10.21 32.60
C15 A1AZ0 P . -3.74 -10.94 31.63
C17 A1AZ0 P . -4.58 -13.35 31.45
C26 A1AZ0 P . -10.43 -11.00 29.92
C01 A1AZ0 P . -4.61 -16.61 34.16
C02 A1AZ0 P . -3.12 -16.47 34.58
C04 A1AZ0 P . -2.89 -14.79 36.40
C05 A1AZ0 P . -2.84 -14.85 37.78
C06 A1AZ0 P . -2.95 -16.19 38.16
C08 A1AZ0 P . -2.95 -16.73 39.61
C09 A1AZ0 P . -2.80 -13.50 35.54
C18 A1AZ0 P . -6.11 -13.12 31.39
C19 A1AZ0 P . -6.60 -12.64 32.58
C20 A1AZ0 P . -7.77 -12.13 33.50
C22 A1AZ0 P . -9.74 -12.26 31.89
C23 A1AZ0 P . -10.84 -13.06 31.79
C24 A1AZ0 P . -11.80 -12.87 30.73
C27 A1AZ0 P . -9.51 -11.19 30.95
C29 A1AZ0 P . -8.68 -8.98 31.33
C30 A1AZ0 P . -8.10 -8.61 32.73
C31 A1AZ0 P . -6.88 -7.65 32.65
C33 A1AZ0 P . -6.05 -8.23 34.59
C34 A1AZ0 P . -5.56 -7.73 35.95
C36 A1AZ0 P . -5.17 -5.64 35.05
C37 A1AZ0 P . -5.67 -6.15 33.68
C38 A1AZ0 P . -12.58 -11.60 28.67
C42 A1AZ0 P . -9.72 -13.74 33.53
C44 A1AZ0 P . -8.23 -15.50 34.63
C46 A1AZ0 P . -7.79 -16.26 35.92
C47 A1AZ0 P . -7.80 -17.62 36.12
C48 A1AZ0 P . -7.32 -17.85 37.41
C51 A1AZ0 P . -7.17 -14.26 37.22
C52 A1AZ0 P . -6.81 -13.97 38.69
C53 A1AZ0 P . -7.16 -19.20 38.08
C54 A1AZ0 P . -4.05 -10.35 30.36
C55 A1AZ0 P . -3.70 -9.02 30.14
C56 A1AZ0 P . -3.07 -8.26 31.13
C57 A1AZ0 P . -2.77 -8.83 32.38
C58 A1AZ0 P . -2.71 -6.79 30.86
C62 A1AZ0 P . -5.84 -10.50 28.83
N03 A1AZ0 P . -3.02 -16.06 35.96
N07 A1AZ0 P . -3.06 -16.92 37.04
N11 A1AZ0 P . -3.50 -13.42 34.26
N13 A1AZ0 P . -2.95 -11.01 33.69
N16 A1AZ0 P . -3.94 -12.20 32.14
N21 A1AZ0 P . -9.04 -12.68 32.98
N32 A1AZ0 P . -6.56 -7.21 33.80
N40 A1AZ0 P . -12.28 -12.06 27.32
N41 A1AZ0 P . -10.82 -13.97 32.80
N43 A1AZ0 P . -9.29 -14.48 34.72
N49 A1AZ0 P . -7.04 -16.65 37.95
N50 A1AZ0 P . -7.34 -15.69 37.02
N60 A1AZ0 P . -3.56 -6.00 29.96
O10 A1AZ0 P . -2.17 -12.57 35.93
O28 A1AZ0 P . -8.37 -10.35 31.06
O35 A1AZ0 P . -4.67 -6.66 35.83
O39 A1AZ0 P . -13.61 -11.05 28.89
O45 A1AZ0 P . -7.71 -15.74 33.58
O59 A1AZ0 P . -1.76 -6.30 31.39
O61 A1AZ0 P . -4.67 -11.10 29.35
C25 A1AZ0 Q . 12.55 -7.52 -13.07
C12 A1AZ0 Q . 4.34 -7.59 -16.92
C14 A1AZ0 Q . 3.36 -8.81 -15.38
C15 A1AZ0 Q . 4.58 -9.35 -15.61
C17 A1AZ0 Q . 6.52 -8.79 -17.16
C26 A1AZ0 Q . 11.36 -8.12 -12.64
C01 A1AZ0 Q . 7.15 -5.66 -20.00
C02 A1AZ0 Q . 5.88 -6.02 -20.82
C04 A1AZ0 Q . 3.87 -4.95 -19.83
C05 A1AZ0 Q . 3.15 -3.79 -20.07
C06 A1AZ0 Q . 3.77 -3.11 -21.12
C08 A1AZ0 Q . 3.30 -1.75 -21.72
C09 A1AZ0 Q . 3.55 -6.03 -18.76
C18 A1AZ0 Q . 7.60 -8.40 -16.13
C19 A1AZ0 Q . 7.31 -7.22 -15.50
C20 A1AZ0 Q . 7.65 -6.08 -14.46
C22 A1AZ0 Q . 10.11 -6.51 -14.00
C23 A1AZ0 Q . 11.28 -5.94 -14.40
C24 A1AZ0 Q . 12.55 -6.43 -13.95
C27 A1AZ0 Q . 10.11 -7.63 -13.10
C29 A1AZ0 Q . 8.80 -8.41 -11.25
C30 A1AZ0 Q . 7.49 -7.70 -10.78
C31 A1AZ0 Q . 6.22 -8.58 -10.98
C33 A1AZ0 Q . 4.96 -6.84 -11.40
C34 A1AZ0 Q . 3.63 -6.12 -11.05
C36 A1AZ0 Q . 2.76 -8.13 -10.29
C37 A1AZ0 Q . 4.08 -8.83 -10.63
C38 A1AZ0 Q . 13.91 -8.08 -12.57
C42 A1AZ0 Q . 9.66 -4.84 -15.36
C44 A1AZ0 Q . 9.36 -3.56 -17.54
C46 A1AZ0 Q . 8.62 -2.52 -18.46
C47 A1AZ0 Q . 8.97 -2.25 -19.75
C48 A1AZ0 Q . 8.11 -1.29 -20.24
C51 A1AZ0 Q . 6.87 -1.69 -16.90
C52 A1AZ0 Q . 5.84 -2.84 -16.79
C53 A1AZ0 Q . 8.12 -0.68 -21.64
C54 A1AZ0 Q . 5.01 -10.52 -14.89
C55 A1AZ0 Q . 4.16 -11.08 -13.94
C56 A1AZ0 Q . 2.88 -10.52 -13.70
C57 A1AZ0 Q . 2.47 -9.39 -14.40
C58 A1AZ0 Q . 1.95 -11.14 -12.65
C62 A1AZ0 Q . 7.08 -11.21 -13.96
N03 A1AZ0 Q . 4.88 -4.97 -20.71
N07 A1AZ0 Q . 4.83 -3.84 -21.51
N11 A1AZ0 Q . 4.63 -6.56 -17.93
N13 A1AZ0 Q . 3.21 -7.72 -16.19
N16 A1AZ0 Q . 5.18 -8.58 -16.57
N21 A1AZ0 Q . 9.10 -5.82 -14.59
N32 A1AZ0 Q . 5.17 -7.96 -10.62
N40 A1AZ0 Q . 15.04 -7.18 -12.38
N41 A1AZ0 Q . 10.99 -4.90 -15.25
N43 A1AZ0 Q . 8.92 -3.86 -16.17
N49 A1AZ0 Q . 7.26 -0.98 -19.25
N50 A1AZ0 Q . 7.58 -1.75 -18.16
N60 A1AZ0 Q . 2.43 -12.25 -11.81
O10 A1AZ0 Q . 2.44 -6.40 -18.61
O28 A1AZ0 Q . 8.91 -8.25 -12.67
O35 A1AZ0 Q . 2.56 -7.00 -11.08
O39 A1AZ0 Q . 14.02 -9.24 -12.32
O45 A1AZ0 Q . 10.33 -4.12 -17.98
O59 A1AZ0 Q . 0.84 -10.74 -12.52
O61 A1AZ0 Q . 6.28 -11.09 -15.12
C11 9IM R . -3.74 34.32 -58.10
C12 9IM R . -4.66 35.03 -58.85
C13 9IM R . -5.86 34.44 -59.22
C14 9IM R . -6.13 33.14 -58.85
C16 9IM R . -4.25 29.91 -59.78
C17 9IM R . -2.96 30.44 -59.76
C23 9IM R . 1.21 32.56 -57.84
C24 9IM R . 0.45 33.61 -57.33
C27 9IM R . 1.62 33.43 -55.25
C29 9IM R . 2.38 32.39 -55.75
C30 9IM R . 2.17 31.95 -57.05
C01 9IM R . -6.16 27.11 -60.36
C02 9IM R . -6.07 28.62 -60.58
C03 9IM R . -6.90 29.04 -61.78
C04 9IM R . -6.55 29.32 -59.38
C07 9IM R . -5.51 30.97 -57.70
C08 9IM R . -5.20 32.42 -58.10
C09 9IM R . -4.01 33.01 -57.73
C18 9IM R . -2.04 30.07 -60.74
C19 9IM R . -0.66 30.72 -60.60
C22 9IM R . 0.99 32.08 -59.27
C26 9IM R . 0.66 34.05 -56.04
C32 9IM R . -2.40 29.17 -61.75
C33 9IM R . -3.69 28.65 -61.77
C34 9IM R . -4.62 29.01 -60.80
F10 9IM R . -2.94 32.58 -57.01
F25 9IM R . -0.50 34.20 -58.11
F28 9IM R . 1.82 33.86 -53.96
F31 9IM R . 3.08 30.95 -57.18
N06 9IM R . -5.46 30.12 -58.88
N21 9IM R . -0.32 31.46 -59.39
O05 9IM R . -7.64 29.24 -58.92
O20 9IM R . 0.13 30.61 -61.47
CL1 9IM R . -7.74 32.75 -59.53
C25 A1AZ0 S . 25.15 -30.84 -39.33
C12 A1AZ0 S . 16.96 -31.62 -42.91
C14 A1AZ0 S . 16.22 -32.83 -41.23
C15 A1AZ0 S . 17.44 -33.28 -41.54
C17 A1AZ0 S . 19.21 -32.65 -43.28
C26 A1AZ0 S . 23.99 -31.54 -38.94
C01 A1AZ0 S . 19.32 -28.97 -47.48
C02 A1AZ0 S . 18.15 -29.64 -46.70
C04 A1AZ0 S . 16.15 -28.70 -45.52
C05 A1AZ0 S . 15.33 -27.62 -45.72
C06 A1AZ0 S . 15.79 -26.92 -46.84
C08 A1AZ0 S . 15.18 -25.63 -47.44
C09 A1AZ0 S . 15.98 -29.75 -44.38
C18 A1AZ0 S . 20.33 -32.06 -42.38
C19 A1AZ0 S . 19.92 -30.94 -41.73
C20 A1AZ0 S . 20.17 -29.73 -40.75
C22 A1AZ0 S . 22.66 -29.99 -40.27
C23 A1AZ0 S . 23.78 -29.32 -40.65
C24 A1AZ0 S . 25.08 -29.74 -40.19
C27 A1AZ0 S . 22.73 -31.12 -39.39
C29 A1AZ0 S . 21.25 -31.69 -37.59
C30 A1AZ0 S . 19.78 -31.17 -37.45
C31 A1AZ0 S . 18.85 -32.24 -36.78
C33 A1AZ0 S . 17.03 -31.44 -37.68
C34 A1AZ0 S . 15.56 -31.05 -37.44
C36 A1AZ0 S . 15.62 -32.05 -35.31
C37 A1AZ0 S . 16.98 -32.65 -35.75
C38 A1AZ0 S . 26.53 -31.32 -38.82
C42 A1AZ0 S . 22.09 -28.33 -41.61
C44 A1AZ0 S . 21.65 -27.02 -43.78
C46 A1AZ0 S . 20.78 -26.03 -44.62
C47 A1AZ0 S . 20.98 -25.76 -45.95
C48 A1AZ0 S . 20.03 -24.84 -46.35
C51 A1AZ0 S . 19.14 -25.25 -42.90
C52 A1AZ0 S . 18.12 -26.39 -42.72
C53 A1AZ0 S . 19.88 -24.24 -47.75
C54 A1AZ0 S . 18.04 -34.38 -40.82
C55 A1AZ0 S . 17.30 -34.96 -39.77
C56 A1AZ0 S . 16.01 -34.49 -39.45
C57 A1AZ0 S . 15.45 -33.43 -40.17
C58 A1AZ0 S . 15.22 -35.15 -38.30
C62 A1AZ0 S . 20.21 -34.87 -40.02
N03 A1AZ0 S . 17.07 -28.68 -46.49
N07 A1AZ0 S . 16.86 -27.59 -47.31
N11 A1AZ0 S . 17.09 -30.63 -43.98
N13 A1AZ0 S . 15.91 -31.80 -42.07
N16 A1AZ0 S . 17.90 -32.52 -42.59
N21 A1AZ0 S . 21.60 -29.36 -40.86
N32 A1AZ0 S . 17.70 -31.75 -36.52
N40 A1AZ0 S . 27.75 -30.73 -39.34
N41 A1AZ0 S . 23.43 -28.29 -41.48
N43 A1AZ0 S . 21.27 -27.40 -42.40
N49 A1AZ0 S . 19.26 -24.56 -45.28
N50 A1AZ0 S . 19.73 -25.30 -44.22
N60 A1AZ0 S . 15.23 -36.61 -38.15
O10 A1AZ0 S . 14.94 -29.83 -43.81
O28 A1AZ0 S . 21.56 -31.82 -38.99
O35 A1AZ0 S . 15.19 -31.00 -36.10
O39 A1AZ0 S . 26.59 -32.18 -37.99
O45 A1AZ0 S . 22.65 -27.48 -44.25
O59 A1AZ0 S . 14.59 -34.48 -37.56
O61 A1AZ0 S . 19.31 -34.87 -41.12
C11 9IM T . 4.08 8.40 -83.39
C12 9IM T . 4.24 9.29 -84.43
C13 9IM T . 5.18 10.31 -84.32
C14 9IM T . 5.96 10.41 -83.18
C16 9IM T . 5.09 11.51 -79.81
C17 9IM T . 3.79 11.03 -79.89
C23 9IM T . 0.05 7.77 -80.73
C24 9IM T . 0.65 7.61 -81.96
C27 9IM T . 0.32 5.25 -81.84
C29 9IM T . -0.28 5.40 -80.59
C30 9IM T . -0.41 6.66 -80.05
C01 9IM T . 7.35 13.20 -77.86
C02 9IM T . 6.82 13.03 -79.27
C03 9IM T . 7.11 14.28 -80.10
C04 9IM T . 7.47 11.87 -79.90
C07 9IM T . 6.65 9.63 -80.89
C08 9IM T . 5.79 9.52 -82.14
C09 9IM T . 4.85 8.51 -82.24
C18 9IM T . 2.73 11.78 -79.41
C19 9IM T . 1.34 11.15 -79.56
C22 9IM T . -0.09 9.17 -80.13
C26 9IM T . 0.79 6.35 -82.52
C32 9IM T . 2.97 13.04 -78.84
C33 9IM T . 4.28 13.54 -78.75
C34 9IM T . 5.34 12.77 -79.23
F10 9IM T . 4.47 7.50 -81.41
F25 9IM T . 1.11 8.71 -82.65
F28 9IM T . 0.45 4.00 -82.38
F31 9IM T . -1.04 6.41 -78.86
N06 9IM T . 6.43 10.92 -80.24
N21 9IM T . 1.23 9.77 -79.98
O05 9IM T . 8.63 11.74 -80.10
O20 9IM T . 0.37 11.78 -79.33
CL1 9IM T . 7.03 11.82 -83.44
C25 A1AZ0 U . 2.59 14.55 12.34
C12 A1AZ0 U . -5.79 14.41 8.34
C14 A1AZ0 U . -6.57 12.98 9.81
C15 A1AZ0 U . -5.33 12.57 9.46
C17 A1AZ0 U . -3.54 13.42 7.85
C26 A1AZ0 U . 1.43 13.85 12.74
C01 A1AZ0 U . -3.35 16.92 5.22
C02 A1AZ0 U . -4.72 16.56 4.58
C04 A1AZ0 U . -6.63 17.44 5.90
C05 A1AZ0 U . -7.39 18.59 5.88
C06 A1AZ0 U . -6.92 19.40 4.84
C08 A1AZ0 U . -7.46 20.79 4.43
C09 A1AZ0 U . -6.81 16.25 6.89
C18 A1AZ0 U . -2.40 13.73 8.84
C19 A1AZ0 U . -2.75 14.70 9.74
C20 A1AZ0 U . -2.42 15.64 10.95
C22 A1AZ0 U . 0.08 15.40 11.42
C23 A1AZ0 U . 1.20 16.07 11.04
C24 A1AZ0 U . 2.49 15.67 11.50
C27 A1AZ0 U . 0.17 14.25 12.30
C29 A1AZ0 U . -1.15 13.35 14.11
C30 A1AZ0 U . -2.55 13.93 14.51
C31 A1AZ0 U . -3.71 12.94 14.23
C33 A1AZ0 U . -5.15 14.54 13.80
C34 A1AZ0 U . -6.56 15.08 14.07
C36 A1AZ0 U . -7.19 12.98 14.94
C37 A1AZ0 U . -5.83 12.47 14.45
C38 A1AZ0 U . 3.98 14.09 12.85
C42 A1AZ0 U . -0.51 17.06 10.10
C44 A1AZ0 U . -0.78 18.82 8.24
C46 A1AZ0 U . -1.68 19.79 7.41
C47 A1AZ0 U . -1.45 20.15 6.10
C48 A1AZ0 U . -2.45 21.03 5.72
C51 A1AZ0 U . -3.38 20.36 9.13
C52 A1AZ0 U . -4.46 19.24 9.16
C53 A1AZ0 U . -2.60 21.69 4.36
C54 A1AZ0 U . -4.78 11.37 10.04
C55 A1AZ0 U . -5.53 10.66 10.97
C56 A1AZ0 U . -6.82 11.09 11.34
C57 A1AZ0 U . -7.36 12.25 10.78
C58 A1AZ0 U . -7.63 10.29 12.38
C62 A1AZ0 U . -2.61 10.78 10.80
N03 A1AZ0 U . -5.73 17.55 4.92
N07 A1AZ0 U . -5.89 18.75 4.25
N11 A1AZ0 U . -5.65 15.54 7.41
N13 A1AZ0 U . -6.86 14.13 9.11
N16 A1AZ0 U . -4.85 13.45 8.53
N21 A1AZ0 U . -0.99 16.01 10.84
N32 A1AZ0 U . -4.84 13.44 14.57
N40 A1AZ0 U . 5.13 14.96 12.69
N41 A1AZ0 U . 0.83 17.10 10.22
N43 A1AZ0 U . -1.35 17.98 9.32
N49 A1AZ0 U . -3.26 21.20 6.79
N50 A1AZ0 U . -2.76 20.43 7.82
N60 A1AZ0 U . -6.99 9.21 13.14
O10 A1AZ0 U . -7.91 15.93 7.22
O28 A1AZ0 U . -1.00 13.54 12.69
O35 A1AZ0 U . -7.27 14.37 15.04
O39 A1AZ0 U . 4.10 13.03 13.36
O45 A1AZ0 U . 0.39 18.74 7.99
O59 A1AZ0 U . -8.78 10.54 12.55
O61 A1AZ0 U . -3.49 10.92 9.68
C11 9IM V . -15.33 58.30 -29.56
C12 9IM V . -15.08 59.38 -30.41
C13 9IM V . -14.06 60.26 -30.12
C14 9IM V . -13.27 60.08 -29.00
C16 9IM V . -14.12 60.40 -25.37
C17 9IM V . -15.41 59.89 -25.43
C23 9IM V . -19.39 56.90 -26.62
C24 9IM V . -18.74 56.99 -27.83
C27 9IM V . -19.45 54.76 -28.38
C29 9IM V . -20.09 54.67 -27.16
C30 9IM V . -20.06 55.74 -26.27
C01 9IM V . -11.70 61.78 -23.36
C02 9IM V . -12.36 61.85 -24.73
C03 9IM V . -12.18 63.25 -25.33
C04 9IM V . -11.77 60.85 -25.61
C07 9IM V . -12.64 58.81 -26.92
C08 9IM V . -13.51 59.02 -28.15
C09 9IM V . -14.54 58.13 -28.43
C18 9IM V . -16.43 60.52 -24.72
C19 9IM V . -17.82 59.89 -24.86
C22 9IM V . -19.35 58.07 -25.64
C26 9IM V . -18.76 55.92 -28.72
C32 9IM V . -16.16 61.66 -23.95
C33 9IM V . -14.86 62.17 -23.89
C34 9IM V . -13.84 61.54 -24.60
F10 9IM V . -15.01 57.01 -27.81
F25 9IM V . -18.07 58.13 -28.17
F28 9IM V . -19.48 53.71 -29.25
F31 9IM V . -20.79 55.28 -25.22
N06 9IM V . -12.82 59.95 -26.03
N21 9IM V . -18.01 58.63 -25.54
O05 9IM V . -10.62 60.80 -25.93
O20 9IM V . -18.76 60.43 -24.38
CL1 9IM V . -12.08 61.41 -29.01
C25 A1AZ0 W . -8.73 36.16 40.27
C12 A1AZ0 W . -16.97 36.66 36.17
C14 A1AZ0 W . -18.07 35.30 37.49
C15 A1AZ0 W . -16.82 34.78 37.30
C17 A1AZ0 W . -14.76 35.49 35.98
C26 A1AZ0 W . -10.00 35.64 40.62
C01 A1AZ0 W . -14.09 38.65 33.28
C02 A1AZ0 W . -15.30 38.48 32.33
C04 A1AZ0 W . -17.29 39.49 33.42
C05 A1AZ0 W . -17.98 40.67 33.31
C06 A1AZ0 W . -17.35 41.46 32.34
C08 A1AZ0 W . -17.78 42.88 31.88
C09 A1AZ0 W . -17.62 38.30 34.36
C18 A1AZ0 W . -13.77 35.72 37.16
C19 A1AZ0 W . -13.89 36.95 37.73
C20 A1AZ0 W . -13.48 38.04 38.79
C22 A1AZ0 W . -11.06 37.40 39.30
C23 A1AZ0 W . -9.84 37.89 38.96
C24 A1AZ0 W . -8.64 37.29 39.42
C27 A1AZ0 W . -11.17 36.25 40.16
C29 A1AZ0 W . -12.43 34.70 41.51
C30 A1AZ0 W . -13.87 34.57 42.09
C31 A1AZ0 W . -14.54 35.95 42.34
C33 A1AZ0 W . -16.53 35.04 42.44
C34 A1AZ0 W . -17.99 35.15 41.95
C36 A1AZ0 W . -17.70 37.42 41.62
C37 A1AZ0 W . -16.24 37.30 42.08
C38 A1AZ0 W . -7.44 35.48 40.78
C42 A1AZ0 W . -11.34 39.15 37.99
C44 A1AZ0 W . -11.64 40.47 35.80
C46 A1AZ0 W . -12.34 41.61 34.99
C47 A1AZ0 W . -11.95 41.98 33.72
C48 A1AZ0 W . -12.77 43.03 33.32
C51 A1AZ0 W . -14.08 42.39 36.60
C52 A1AZ0 W . -15.11 41.24 36.61
C53 A1AZ0 W . -12.72 43.75 31.98
C54 A1AZ0 W . -16.45 33.54 37.93
C55 A1AZ0 W . -17.39 32.89 38.74
C56 A1AZ0 W . -18.68 33.43 38.93
C57 A1AZ0 W . -19.03 34.63 38.32
C58 A1AZ0 W . -19.70 32.70 39.82
C62 A1AZ0 W . -14.49 32.69 38.96
N03 A1AZ0 W . -16.28 39.54 32.54
N07 A1AZ0 W . -16.30 40.75 31.87
N11 A1AZ0 W . -16.62 37.80 35.30
N13 A1AZ0 W . -18.15 36.47 36.78
N16 A1AZ0 W . -16.15 35.63 36.47
N21 A1AZ0 W . -12.00 38.19 38.72
N32 A1AZ0 W . -15.72 36.02 41.88
N40 A1AZ0 W . -6.55 34.80 39.86
N41 A1AZ0 W . -10.02 38.99 38.14
N43 A1AZ0 W . -11.99 40.21 37.21
N49 A1AZ0 W . -13.63 43.28 34.33
N50 A1AZ0 W . -13.34 42.41 35.34
N60 A1AZ0 W . -19.30 31.49 40.56
O10 A1AZ0 W . -18.70 37.80 34.31
O28 A1AZ0 W . -12.45 35.73 40.52
O35 A1AZ0 W . -18.50 36.43 42.15
O39 A1AZ0 W . -7.19 35.51 41.94
O45 A1AZ0 W . -10.80 39.80 35.27
O59 A1AZ0 W . -20.80 33.12 39.92
O61 A1AZ0 W . -15.17 32.98 37.75
C11 9IM X . -23.20 81.32 -1.54
C12 9IM X . -24.08 82.13 -2.26
C13 9IM X . -25.19 81.58 -2.86
C14 9IM X . -25.44 80.21 -2.75
C16 9IM X . -23.35 77.23 -4.01
C17 9IM X . -22.09 77.77 -3.77
C23 9IM X . -18.33 80.00 -1.25
C24 9IM X . -19.25 80.99 -0.94
C27 9IM X . -18.45 81.03 1.32
C29 9IM X . -17.54 80.04 1.02
C30 9IM X . -17.48 79.52 -0.27
C01 9IM X . -25.07 74.51 -5.19
C02 9IM X . -25.02 76.03 -5.17
C03 9IM X . -25.76 76.60 -6.38
C04 9IM X . -25.63 76.52 -3.94
C07 9IM X . -24.84 77.91 -1.93
C08 9IM X . -24.57 79.41 -2.04
C09 9IM X . -23.45 79.96 -1.43
C18 9IM X . -21.06 77.59 -4.70
C19 9IM X . -19.72 78.23 -4.32
C22 9IM X . -18.27 79.42 -2.66
C26 9IM X . -19.31 81.51 0.34
C32 9IM X . -21.30 76.86 -5.87
C33 9IM X . -22.56 76.31 -6.11
C34 9IM X . -23.58 76.49 -5.18
F10 9IM X . -22.44 79.43 -0.69
F25 9IM X . -20.10 81.45 -1.91
F28 9IM X . -18.51 81.54 2.58
F31 9IM X . -16.48 78.60 -0.19
N06 9IM X . -24.64 77.26 -3.20
N21 9IM X . -19.53 78.81 -3.01
O05 9IM X . -26.76 76.34 -3.60
O20 9IM X . -18.85 78.26 -5.11
CL1 9IM X . -26.95 79.91 -3.65
#